data_6CNK
#
_entry.id   6CNK
#
_cell.length_a   1.0
_cell.length_b   1.0
_cell.length_c   1.0
_cell.angle_alpha   90.00
_cell.angle_beta   90.00
_cell.angle_gamma   90.00
#
_symmetry.space_group_name_H-M   'P 1'
#
loop_
_entity.id
_entity.type
_entity.pdbx_description
1 polymer 'Neuronal acetylcholine receptor subunit alpha-4'
2 polymer 'Neuronal acetylcholine receptor subunit beta-2'
3 polymer 'IgG1 Kappa Light Chain'
4 polymer 'IgG1 Heavy Chain'
5 branched beta-D-mannopyranose-(1-4)-2-acetamido-2-deoxy-beta-D-glucopyranose-(1-4)-2-acetamido-2-deoxy-beta-D-glucopyranose
6 non-polymer 2-acetamido-2-deoxy-beta-D-glucopyranose
7 non-polymer 'CHOLESTEROL HEMISUCCINATE'
8 non-polymer 'SODIUM ION'
9 non-polymer (S)-3-(1-METHYLPYRROLIDIN-2-YL)PYRIDINE
#
loop_
_entity_poly.entity_id
_entity_poly.type
_entity_poly.pdbx_seq_one_letter_code
_entity_poly.pdbx_strand_id
1 'polypeptide(L)'
;SSHVETRAHAEERLLKKLFSGYNKWSRPVANISDVVLVRFGLSIAQLIDVDEKNQMMTTNVWVKQEWHDYKLRWDPADYE
NVTSIRIPSELIWRPDIVLYNNADGDFAVTHLTKAHLFHDGRVQWTPPAIYKSSCSIDVTFFPFDQQNCTMKFGSWTYDK
AKIDLVNMHSRVDQLDFWESGEWVIVDAVGTYNTRKYECCAEIYPDITYAFVIRRLPLFYTINLIIPCLLISCLTVLVFY
LPSECGEKITLCISVLLSLTVFLLLITEIIPSTSLVIPLIGEYLLFTMIFVTLSIVITVFVLNVHHRSPRTHTMPTWVRR
VFLDIVPRLLLMKRPSVVDTDFERSVKEDWKYVAMVIDRIFLWMFIIVCLLGTVGLFLPPWLAGMI
;
A,B,D
2 'polypeptide(L)'
;TDTEERLVEHLLDPSRYNKLIRPATNGSELVTVQLMVSLAQLISVHEREQIMTTNVWLTQEWEDYRLTWKPEEFDNMKKV
RLPSKHIWLPDVVLYNNADGMYEVSFYSNAVVSYDGSIFWLPPAIYKSACKIEVKHFPFDQQNCTMKFRSWTYDRTEIDL
VLKSEVASLDDFTPSGEWDIVALPGRRNENPDDSTYVDITYDFIIRRKPLFYTINLIIPCVLITSLAILVFYLPSDCGEK
MTLCISVLLALTVFLLLISKIVPPTSLDVPLVGKYLMFTMVLVTFSIVTSVCVLNVHHRSPTTHTMAPWVKVVFLEKLPA
LLFMQQPRHHDDDQERSVSEDWKYVAMVIDRLFLWIFVFVCVFGTIGMFLQPLFQNYTTTTFLHSDHSAPSSKSAWSHPQ
FEK
;
C,E
3 'polypeptide(L)'
;MKLPVRLLVLMFWIPASSSDVLMTQTPLSLPVSLGDQASISCRSSQSIVHSNGNTYLEWYLQKPGQSPKLLIYKVSNRFS
GVPDRFSGSGSGTDFTLKISRVEAEDLGVYYCFQGSHVPWTFGGGTKLEIKRADAAPTVSIFPPSSEQLTSGGASVVCFL
NNFYPKDINVKWKIDGSERQNGVLNSWTDQDSKDSTYSMSSTLTLTKDEYERHNSYTCEATHKTSTSPIVKSFNRNEC
;
F,J
4 'polypeptide(L)'
;MEWTWVFLFLLSVTAGVHSQVQLQQSGAEVMKPGASVKISCKGTGYTFSSYWIEWVKQRPGHGLERIGEILPGSGSTNYN
EKFRGKATFTADKSSKTAYMQLSSLTSEDSAVYYCARYLPYYYAMDYWGQGTSVTVSSAKTTPPSVYPLAPGSAAQTNSM
VTLGCLVKGYFPEPVTVTWNSGSLSSGVHTFPAVLQSDLYTLSSSVTVPSSTWPSETVTCNVAHPASSTKVDKKIVPRDC
GCKPCICTVPEVSSVFIFPPKPKDVLTITLTPKVTCVVVDISKDDPEVQFSWFVDDVEVHTAQTQPREEQFNSTFRSVSE
LPIMHQDWLNGKEFKCRVNSAAFPAPIEKTISKTKGRPKAPQVYTIPPPKEQMAKDKVSLTCMITDFFPEDITVEWQWNG
QPAENYKNTQPIMDTDGSYFVYSKLNVQKSNWEAGNTFTCSVLHEGLHNHHTEKSLSHSPGK
;
G,K
#
loop_
_chem_comp.id
_chem_comp.type
_chem_comp.name
_chem_comp.formula
BMA D-saccharide, beta linking beta-D-mannopyranose 'C6 H12 O6'
NA non-polymer 'SODIUM ION' 'Na 1'
NAG D-saccharide, beta linking 2-acetamido-2-deoxy-beta-D-glucopyranose 'C8 H15 N O6'
NCT non-polymer (S)-3-(1-METHYLPYRROLIDIN-2-YL)PYRIDINE 'C10 H14 N2'
Y01 non-polymer 'CHOLESTEROL HEMISUCCINATE' 'C31 H50 O4'
#
# COMPACT_ATOMS: atom_id res chain seq x y z
N GLU A 5 7.80 36.43 -50.33
CA GLU A 5 9.24 36.68 -50.32
C GLU A 5 9.83 36.40 -48.95
N THR A 6 8.98 36.18 -47.96
CA THR A 6 9.46 35.82 -46.65
C THR A 6 9.94 34.38 -46.63
N ARG A 7 10.74 34.06 -45.60
CA ARG A 7 11.33 32.73 -45.51
C ARG A 7 10.25 31.67 -45.39
N ALA A 8 9.17 31.97 -44.68
CA ALA A 8 8.10 31.00 -44.49
C ALA A 8 7.46 30.61 -45.81
N HIS A 9 7.22 31.60 -46.69
CA HIS A 9 6.61 31.30 -47.97
C HIS A 9 7.51 30.39 -48.81
N ALA A 10 8.81 30.67 -48.83
CA ALA A 10 9.73 29.86 -49.60
C ALA A 10 9.79 28.44 -49.04
N GLU A 11 9.86 28.29 -47.72
CA GLU A 11 9.92 26.96 -47.14
C GLU A 11 8.64 26.19 -47.40
N GLU A 12 7.49 26.88 -47.35
CA GLU A 12 6.22 26.21 -47.64
C GLU A 12 6.18 25.74 -49.08
N ARG A 13 6.63 26.59 -50.02
CA ARG A 13 6.64 26.19 -51.42
C ARG A 13 7.57 24.99 -51.64
N LEU A 14 8.74 25.00 -50.98
CA LEU A 14 9.65 23.88 -51.11
C LEU A 14 9.06 22.60 -50.55
N LEU A 15 8.44 22.68 -49.37
CA LEU A 15 7.82 21.51 -48.77
C LEU A 15 6.68 20.99 -49.62
N LYS A 16 5.94 21.88 -50.28
CA LYS A 16 4.90 21.43 -51.19
C LYS A 16 5.50 20.77 -52.42
N LYS A 17 6.65 21.26 -52.89
CA LYS A 17 7.24 20.72 -54.10
C LYS A 17 7.81 19.32 -53.87
N LEU A 18 8.55 19.14 -52.79
CA LEU A 18 9.27 17.88 -52.60
C LEU A 18 8.43 16.81 -51.91
N PHE A 19 7.18 17.09 -51.58
CA PHE A 19 6.25 16.09 -51.07
C PHE A 19 5.10 15.80 -52.04
N SER A 20 5.29 16.07 -53.33
CA SER A 20 4.19 15.91 -54.28
C SER A 20 3.81 14.44 -54.43
N GLY A 21 4.72 13.62 -54.92
CA GLY A 21 4.41 12.22 -55.17
C GLY A 21 5.39 11.26 -54.50
N TYR A 22 5.80 11.60 -53.28
CA TYR A 22 6.78 10.79 -52.57
C TYR A 22 6.08 9.73 -51.72
N ASN A 23 6.58 8.50 -51.80
CA ASN A 23 6.09 7.40 -50.99
C ASN A 23 7.02 7.19 -49.80
N LYS A 24 6.43 6.76 -48.68
CA LYS A 24 7.20 6.55 -47.47
C LYS A 24 7.86 5.18 -47.44
N TRP A 25 7.07 4.12 -47.65
CA TRP A 25 7.56 2.77 -47.44
C TRP A 25 8.56 2.33 -48.50
N SER A 26 8.77 3.12 -49.55
CA SER A 26 9.77 2.79 -50.55
C SER A 26 11.16 3.05 -49.99
N ARG A 27 11.98 2.01 -49.97
CA ARG A 27 13.35 2.11 -49.45
C ARG A 27 14.18 3.02 -50.34
N PRO A 28 14.53 4.24 -49.89
CA PRO A 28 15.15 5.22 -50.79
C PRO A 28 16.60 4.89 -51.07
N VAL A 29 16.86 4.38 -52.28
CA VAL A 29 18.22 4.06 -52.72
C VAL A 29 18.32 4.42 -54.20
N ALA A 30 19.52 4.84 -54.60
CA ALA A 30 19.76 5.18 -56.01
C ALA A 30 19.35 4.05 -56.93
N ASN A 31 19.93 2.87 -56.72
CA ASN A 31 19.54 1.68 -57.48
C ASN A 31 19.24 0.56 -56.50
N ILE A 32 18.59 -0.49 -57.00
CA ILE A 32 18.23 -1.61 -56.15
C ILE A 32 19.48 -2.33 -55.66
N SER A 33 20.51 -2.43 -56.51
CA SER A 33 21.73 -3.11 -56.13
C SER A 33 22.48 -2.37 -55.04
N ASP A 34 22.44 -1.03 -55.06
CA ASP A 34 23.18 -0.25 -54.09
C ASP A 34 22.58 -0.36 -52.70
N VAL A 35 23.42 -0.15 -51.70
CA VAL A 35 23.02 -0.25 -50.30
C VAL A 35 23.02 1.15 -49.70
N VAL A 36 22.47 1.27 -48.49
CA VAL A 36 22.46 2.52 -47.76
C VAL A 36 23.37 2.39 -46.55
N LEU A 37 23.73 3.54 -45.99
CA LEU A 37 24.56 3.61 -44.80
C LEU A 37 23.79 4.30 -43.70
N VAL A 38 23.90 3.79 -42.48
CA VAL A 38 23.24 4.37 -41.31
C VAL A 38 24.30 4.60 -40.25
N ARG A 39 24.79 5.83 -40.16
CA ARG A 39 25.73 6.19 -39.11
C ARG A 39 24.98 6.24 -37.79
N PHE A 40 25.51 5.56 -36.78
CA PHE A 40 24.76 5.31 -35.56
C PHE A 40 25.56 5.74 -34.34
N GLY A 41 24.86 6.25 -33.33
CA GLY A 41 25.52 6.63 -32.10
C GLY A 41 24.53 6.82 -30.98
N LEU A 42 25.05 6.83 -29.75
CA LEU A 42 24.22 7.05 -28.58
C LEU A 42 24.80 8.15 -27.69
N SER A 43 23.93 8.67 -26.83
CA SER A 43 24.33 9.54 -25.73
C SER A 43 23.50 9.16 -24.52
N ILE A 44 24.10 9.26 -23.34
CA ILE A 44 23.44 8.88 -22.10
C ILE A 44 23.02 10.13 -21.36
N ALA A 45 21.71 10.29 -21.16
CA ALA A 45 21.24 11.40 -20.34
C ALA A 45 21.46 11.12 -18.88
N GLN A 46 21.02 9.96 -18.40
CA GLN A 46 21.22 9.57 -17.01
C GLN A 46 21.01 8.08 -16.88
N LEU A 47 21.75 7.47 -15.95
CA LEU A 47 21.61 6.05 -15.65
C LEU A 47 20.48 5.92 -14.64
N ILE A 48 19.28 5.60 -15.14
CA ILE A 48 18.09 5.64 -14.30
C ILE A 48 18.20 4.65 -13.15
N ASP A 49 18.31 3.36 -13.47
CA ASP A 49 18.34 2.38 -12.39
C ASP A 49 19.00 1.10 -12.85
N VAL A 50 19.56 0.38 -11.90
CA VAL A 50 20.11 -0.96 -12.12
C VAL A 50 19.51 -1.85 -11.04
N ASP A 51 18.38 -2.49 -11.36
CA ASP A 51 17.74 -3.41 -10.41
C ASP A 51 18.41 -4.77 -10.57
N GLU A 52 19.35 -5.06 -9.67
CA GLU A 52 20.06 -6.33 -9.75
C GLU A 52 19.18 -7.49 -9.33
N LYS A 53 18.15 -7.24 -8.52
CA LYS A 53 17.24 -8.32 -8.13
C LYS A 53 16.47 -8.84 -9.34
N ASN A 54 15.92 -7.93 -10.15
CA ASN A 54 15.22 -8.31 -11.36
C ASN A 54 16.12 -8.35 -12.57
N GLN A 55 17.40 -7.97 -12.42
CA GLN A 55 18.37 -7.98 -13.50
C GLN A 55 17.89 -7.11 -14.67
N MET A 56 17.70 -5.82 -14.38
CA MET A 56 17.23 -4.90 -15.39
C MET A 56 17.95 -3.57 -15.26
N MET A 57 18.50 -3.09 -16.36
CA MET A 57 19.10 -1.76 -16.43
C MET A 57 18.16 -0.83 -17.20
N THR A 58 17.62 0.16 -16.51
CA THR A 58 16.79 1.19 -17.13
C THR A 58 17.65 2.41 -17.37
N THR A 59 17.72 2.85 -18.62
CA THR A 59 18.57 3.96 -19.03
C THR A 59 17.77 4.95 -19.86
N ASN A 60 18.25 6.19 -19.87
CA ASN A 60 17.71 7.27 -20.68
C ASN A 60 18.74 7.60 -21.75
N VAL A 61 18.40 7.34 -23.01
CA VAL A 61 19.38 7.37 -24.09
C VAL A 61 18.86 8.21 -25.24
N TRP A 62 19.69 9.16 -25.68
CA TRP A 62 19.49 9.84 -26.95
C TRP A 62 20.07 8.98 -28.06
N VAL A 63 19.29 8.74 -29.11
CA VAL A 63 19.73 7.90 -30.23
C VAL A 63 19.99 8.81 -31.42
N LYS A 64 21.21 8.77 -31.96
CA LYS A 64 21.59 9.58 -33.10
C LYS A 64 21.70 8.68 -34.32
N GLN A 65 20.88 8.96 -35.35
CA GLN A 65 20.87 8.19 -36.58
C GLN A 65 21.04 9.15 -37.75
N GLU A 66 21.99 8.82 -38.63
CA GLU A 66 22.41 9.69 -39.71
C GLU A 66 22.36 8.91 -41.02
N TRP A 67 21.72 9.47 -42.04
CA TRP A 67 21.81 8.82 -43.35
C TRP A 67 21.46 9.85 -44.42
N HIS A 68 21.18 9.37 -45.63
CA HIS A 68 20.87 10.27 -46.73
C HIS A 68 20.15 9.49 -47.82
N ASP A 69 19.36 10.22 -48.61
CA ASP A 69 18.63 9.67 -49.74
C ASP A 69 18.77 10.61 -50.91
N TYR A 70 18.15 10.26 -52.04
CA TYR A 70 18.25 11.03 -53.26
C TYR A 70 16.98 11.78 -53.63
N LYS A 71 15.83 11.35 -53.11
CA LYS A 71 14.57 11.93 -53.54
C LYS A 71 14.25 13.24 -52.81
N LEU A 72 14.81 13.45 -51.62
CA LEU A 72 14.50 14.61 -50.80
C LEU A 72 15.54 15.72 -50.94
N ARG A 73 16.08 15.89 -52.14
CA ARG A 73 17.09 16.91 -52.42
C ARG A 73 16.46 18.10 -53.13
N TRP A 74 17.12 19.25 -53.02
CA TRP A 74 16.69 20.46 -53.69
C TRP A 74 17.91 21.34 -53.93
N ASP A 75 17.66 22.59 -54.28
CA ASP A 75 18.71 23.57 -54.51
C ASP A 75 18.54 24.74 -53.56
N PRO A 76 19.61 25.17 -52.87
CA PRO A 76 19.44 26.27 -51.90
C PRO A 76 19.25 27.62 -52.56
N ALA A 77 19.80 27.82 -53.75
CA ALA A 77 19.76 29.13 -54.40
C ALA A 77 18.40 29.47 -54.98
N ASP A 78 17.47 28.50 -55.04
CA ASP A 78 16.16 28.75 -55.62
C ASP A 78 15.12 29.13 -54.58
N TYR A 79 15.46 29.06 -53.29
CA TYR A 79 14.50 29.32 -52.21
C TYR A 79 15.12 30.21 -51.15
N GLU A 80 15.79 31.27 -51.60
CA GLU A 80 16.29 32.33 -50.72
C GLU A 80 17.30 31.79 -49.70
N ASN A 81 18.19 30.91 -50.17
CA ASN A 81 19.30 30.39 -49.37
C ASN A 81 18.80 29.70 -48.10
N VAL A 82 18.07 28.61 -48.30
CA VAL A 82 17.66 27.72 -47.22
C VAL A 82 18.43 26.42 -47.38
N THR A 83 18.94 25.90 -46.28
CA THR A 83 19.75 24.69 -46.33
C THR A 83 19.26 23.59 -45.43
N SER A 84 18.75 23.92 -44.25
CA SER A 84 18.30 22.94 -43.28
C SER A 84 16.84 23.18 -42.94
N ILE A 85 16.04 22.14 -43.00
CA ILE A 85 14.62 22.22 -42.63
C ILE A 85 14.27 21.02 -41.76
N ARG A 86 13.35 21.25 -40.84
CA ARG A 86 12.98 20.25 -39.84
C ARG A 86 11.54 19.80 -40.07
N ILE A 87 11.34 18.48 -40.07
CA ILE A 87 10.02 17.91 -40.41
C ILE A 87 9.75 16.71 -39.53
N PRO A 88 8.48 16.39 -39.32
CA PRO A 88 8.15 15.21 -38.50
C PRO A 88 8.59 13.93 -39.18
N SER A 89 9.26 13.07 -38.42
CA SER A 89 9.80 11.83 -38.96
C SER A 89 8.72 10.85 -39.40
N GLU A 90 7.47 11.06 -38.98
CA GLU A 90 6.40 10.14 -39.35
C GLU A 90 6.07 10.22 -40.83
N LEU A 91 6.36 11.35 -41.48
CA LEU A 91 6.02 11.54 -42.89
C LEU A 91 7.11 11.05 -43.84
N ILE A 92 8.22 10.54 -43.34
CA ILE A 92 9.32 10.06 -44.17
C ILE A 92 9.67 8.65 -43.76
N TRP A 93 10.51 8.01 -44.59
CA TRP A 93 11.00 6.69 -44.27
C TRP A 93 11.88 6.72 -43.02
N ARG A 94 11.96 5.59 -42.35
CA ARG A 94 12.70 5.52 -41.10
C ARG A 94 13.17 4.09 -40.85
N PRO A 95 14.48 3.82 -40.90
CA PRO A 95 14.97 2.46 -40.66
C PRO A 95 14.73 2.05 -39.21
N ASP A 96 13.89 1.04 -39.03
CA ASP A 96 13.49 0.58 -37.70
C ASP A 96 14.68 -0.09 -37.01
N ILE A 97 15.27 0.63 -36.05
CA ILE A 97 16.38 0.12 -35.26
C ILE A 97 15.81 -0.29 -33.91
N VAL A 98 15.82 -1.60 -33.63
CA VAL A 98 15.24 -2.14 -32.42
C VAL A 98 16.34 -2.86 -31.65
N LEU A 99 16.12 -3.02 -30.35
CA LEU A 99 17.03 -3.76 -29.49
C LEU A 99 16.44 -5.13 -29.19
N TYR A 100 17.30 -6.14 -29.12
CA TYR A 100 16.86 -7.52 -28.97
C TYR A 100 16.84 -7.98 -27.52
N ASN A 101 17.32 -7.16 -26.59
CA ASN A 101 17.48 -7.58 -25.21
C ASN A 101 16.44 -6.96 -24.29
N ASN A 102 15.27 -6.62 -24.84
CA ASN A 102 14.23 -5.97 -24.05
C ASN A 102 13.66 -6.94 -23.01
N ALA A 103 13.08 -6.36 -21.96
CA ALA A 103 12.34 -7.10 -20.94
C ALA A 103 11.19 -6.21 -20.47
N ASP A 104 10.01 -6.41 -21.06
CA ASP A 104 8.80 -5.65 -20.72
C ASP A 104 9.04 -4.15 -20.89
N GLY A 105 9.29 -3.75 -22.12
CA GLY A 105 9.54 -2.36 -22.41
C GLY A 105 9.28 -2.05 -23.87
N ASP A 106 9.52 -0.79 -24.23
CA ASP A 106 9.32 -0.37 -25.61
C ASP A 106 10.42 -0.92 -26.51
N PHE A 107 10.01 -1.63 -27.57
CA PHE A 107 10.99 -2.13 -28.53
C PHE A 107 11.65 -1.00 -29.30
N ALA A 108 10.86 -0.02 -29.73
CA ALA A 108 11.38 1.10 -30.51
C ALA A 108 11.07 2.41 -29.78
N VAL A 109 11.62 3.50 -30.31
CA VAL A 109 11.34 4.81 -29.76
C VAL A 109 9.89 5.17 -30.05
N THR A 110 9.22 5.79 -29.07
CA THR A 110 7.80 6.08 -29.19
C THR A 110 7.50 7.57 -29.28
N HIS A 111 8.49 8.44 -29.08
CA HIS A 111 8.22 9.88 -29.14
C HIS A 111 8.09 10.36 -30.58
N LEU A 112 8.93 9.83 -31.48
CA LEU A 112 8.88 10.19 -32.90
C LEU A 112 9.03 11.69 -33.09
N THR A 113 10.17 12.20 -32.62
CA THR A 113 10.47 13.62 -32.73
C THR A 113 10.72 13.99 -34.18
N LYS A 114 11.01 15.27 -34.40
CA LYS A 114 11.27 15.75 -35.75
C LYS A 114 12.74 15.54 -36.11
N ALA A 115 13.03 15.64 -37.41
CA ALA A 115 14.35 15.36 -37.93
C ALA A 115 14.76 16.46 -38.90
N HIS A 116 16.07 16.59 -39.09
CA HIS A 116 16.65 17.61 -39.94
C HIS A 116 16.99 17.06 -41.32
N LEU A 117 16.67 17.83 -42.35
CA LEU A 117 17.03 17.56 -43.74
C LEU A 117 17.91 18.68 -44.24
N PHE A 118 18.91 18.31 -45.04
CA PHE A 118 19.81 19.23 -45.69
C PHE A 118 19.57 19.19 -47.20
N HIS A 119 20.00 20.26 -47.87
CA HIS A 119 19.71 20.39 -49.30
C HIS A 119 20.34 19.25 -50.12
N ASP A 120 21.47 18.73 -49.66
CA ASP A 120 22.14 17.67 -50.40
C ASP A 120 21.41 16.34 -50.34
N GLY A 121 20.41 16.21 -49.48
CA GLY A 121 19.75 14.94 -49.25
C GLY A 121 20.11 14.26 -47.95
N ARG A 122 20.95 14.89 -47.13
CA ARG A 122 21.34 14.33 -45.85
C ARG A 122 20.22 14.50 -44.84
N VAL A 123 20.09 13.54 -43.92
CA VAL A 123 19.06 13.56 -42.89
C VAL A 123 19.66 13.09 -41.57
N GLN A 124 19.27 13.76 -40.50
CA GLN A 124 19.72 13.49 -39.15
C GLN A 124 18.52 13.40 -38.23
N TRP A 125 18.55 12.42 -37.33
CA TRP A 125 17.42 12.20 -36.42
C TRP A 125 17.95 11.83 -35.05
N THR A 126 17.33 12.39 -34.01
CA THR A 126 17.81 12.25 -32.64
C THR A 126 16.62 12.18 -31.67
N PRO A 127 16.03 11.00 -31.51
CA PRO A 127 14.96 10.84 -30.53
C PRO A 127 15.49 10.40 -29.18
N PRO A 128 14.88 10.87 -28.10
CA PRO A 128 15.15 10.31 -26.78
C PRO A 128 14.40 8.99 -26.61
N ALA A 129 14.86 8.21 -25.63
CA ALA A 129 14.19 6.94 -25.35
C ALA A 129 14.52 6.49 -23.95
N ILE A 130 13.66 5.64 -23.41
CA ILE A 130 13.86 4.99 -22.12
C ILE A 130 13.90 3.50 -22.38
N TYR A 131 15.05 2.89 -22.15
CA TYR A 131 15.24 1.48 -22.44
C TYR A 131 15.37 0.68 -21.16
N LYS A 132 14.97 -0.59 -21.23
CA LYS A 132 15.03 -1.53 -20.12
C LYS A 132 15.72 -2.80 -20.62
N SER A 133 17.03 -2.86 -20.49
CA SER A 133 17.78 -4.03 -20.90
C SER A 133 17.96 -5.00 -19.75
N SER A 134 18.53 -6.17 -20.06
CA SER A 134 18.71 -7.24 -19.10
C SER A 134 20.19 -7.59 -19.01
N CYS A 135 20.72 -7.60 -17.79
CA CYS A 135 22.14 -7.79 -17.55
C CYS A 135 22.38 -9.13 -16.87
N SER A 136 23.47 -9.79 -17.25
CA SER A 136 23.89 -11.03 -16.58
C SER A 136 24.63 -10.62 -15.31
N ILE A 137 23.85 -10.27 -14.29
CA ILE A 137 24.40 -9.73 -13.05
C ILE A 137 25.25 -10.79 -12.37
N ASP A 138 26.54 -10.51 -12.23
CA ASP A 138 27.47 -11.42 -11.57
C ASP A 138 27.82 -10.83 -10.22
N VAL A 139 27.25 -11.40 -9.16
CA VAL A 139 27.49 -10.90 -7.81
C VAL A 139 28.37 -11.89 -7.06
N THR A 140 29.68 -11.71 -7.15
CA THR A 140 30.62 -12.49 -6.35
C THR A 140 31.41 -11.62 -5.41
N PHE A 141 32.03 -10.56 -5.95
CA PHE A 141 32.75 -9.63 -5.11
C PHE A 141 31.80 -8.54 -4.63
N PHE A 142 30.73 -8.93 -3.94
CA PHE A 142 29.81 -7.95 -3.39
C PHE A 142 30.41 -7.31 -2.14
N PRO A 143 30.33 -5.99 -2.00
CA PRO A 143 29.75 -5.07 -2.97
C PRO A 143 30.76 -4.52 -3.96
N PHE A 144 32.03 -4.87 -3.79
CA PHE A 144 33.09 -4.31 -4.62
C PHE A 144 33.00 -4.89 -6.02
N ASP A 145 31.93 -4.58 -6.73
CA ASP A 145 31.54 -5.33 -7.92
C ASP A 145 31.73 -4.51 -9.19
N GLN A 146 31.96 -5.22 -10.29
CA GLN A 146 31.91 -4.65 -11.63
C GLN A 146 30.79 -5.32 -12.40
N GLN A 147 29.95 -4.52 -13.03
CA GLN A 147 28.85 -5.00 -13.85
C GLN A 147 29.17 -4.82 -15.32
N ASN A 148 28.93 -5.87 -16.10
CA ASN A 148 29.15 -5.87 -17.54
C ASN A 148 27.79 -6.07 -18.21
N CYS A 149 27.18 -4.97 -18.65
CA CYS A 149 25.87 -5.01 -19.28
C CYS A 149 25.98 -4.86 -20.80
N THR A 150 25.07 -5.49 -21.52
CA THR A 150 25.07 -5.46 -22.96
C THR A 150 23.72 -4.98 -23.48
N MET A 151 23.77 -4.14 -24.52
CA MET A 151 22.61 -3.83 -25.33
C MET A 151 22.95 -4.13 -26.78
N LYS A 152 21.93 -4.54 -27.53
CA LYS A 152 22.13 -5.11 -28.87
C LYS A 152 21.14 -4.46 -29.84
N PHE A 153 21.61 -3.46 -30.58
CA PHE A 153 20.76 -2.76 -31.52
C PHE A 153 20.94 -3.33 -32.92
N GLY A 154 19.90 -3.19 -33.72
CA GLY A 154 20.01 -3.63 -35.11
C GLY A 154 18.70 -3.45 -35.83
N SER A 155 18.77 -3.59 -37.14
CA SER A 155 17.56 -3.59 -37.94
C SER A 155 16.74 -4.84 -37.65
N TRP A 156 15.50 -4.85 -38.13
CA TRP A 156 14.61 -5.97 -37.87
C TRP A 156 14.29 -6.76 -39.13
N THR A 157 13.82 -6.12 -40.19
CA THR A 157 13.45 -6.82 -41.41
C THR A 157 14.37 -6.51 -42.58
N TYR A 158 15.49 -5.86 -42.34
CA TYR A 158 16.44 -5.53 -43.40
C TYR A 158 17.72 -6.32 -43.20
N ASP A 159 18.20 -6.95 -44.27
CA ASP A 159 19.43 -7.71 -44.22
C ASP A 159 20.62 -6.81 -44.52
N LYS A 160 21.83 -7.37 -44.44
CA LYS A 160 23.01 -6.59 -44.77
C LYS A 160 23.09 -6.29 -46.25
N ALA A 161 22.37 -7.03 -47.08
CA ALA A 161 22.38 -6.79 -48.51
C ALA A 161 21.73 -5.46 -48.89
N LYS A 162 21.02 -4.81 -47.98
CA LYS A 162 20.41 -3.51 -48.26
C LYS A 162 20.85 -2.42 -47.30
N ILE A 163 20.82 -2.68 -46.00
CA ILE A 163 21.25 -1.71 -44.99
C ILE A 163 22.51 -2.22 -44.33
N ASP A 164 23.50 -1.34 -44.19
CA ASP A 164 24.77 -1.68 -43.57
C ASP A 164 25.04 -0.66 -42.47
N LEU A 165 25.08 -1.12 -41.23
CA LEU A 165 25.31 -0.23 -40.10
C LEU A 165 26.79 0.09 -39.96
N VAL A 166 27.09 1.34 -39.60
CA VAL A 166 28.45 1.80 -39.39
C VAL A 166 28.45 2.67 -38.13
N ASN A 167 29.29 2.29 -37.16
CA ASN A 167 29.38 3.04 -35.92
C ASN A 167 30.14 4.35 -36.14
N MET A 168 29.60 5.44 -35.59
CA MET A 168 30.23 6.74 -35.75
C MET A 168 31.39 6.91 -34.77
N HIS A 169 31.13 6.72 -33.49
CA HIS A 169 32.14 6.84 -32.45
C HIS A 169 32.40 5.48 -31.82
N SER A 170 33.67 5.15 -31.63
CA SER A 170 34.02 3.88 -30.99
C SER A 170 33.63 3.86 -29.52
N ARG A 171 33.34 5.01 -28.93
CA ARG A 171 32.93 5.11 -27.54
C ARG A 171 31.62 5.85 -27.44
N VAL A 172 30.94 5.66 -26.32
CA VAL A 172 29.65 6.31 -26.08
C VAL A 172 29.90 7.71 -25.54
N ASP A 173 29.24 8.70 -26.12
CA ASP A 173 29.39 10.07 -25.67
C ASP A 173 28.79 10.24 -24.27
N GLN A 174 29.36 11.18 -23.52
CA GLN A 174 28.91 11.42 -22.14
C GLN A 174 28.85 12.92 -21.83
N LEU A 175 28.62 13.74 -22.85
CA LEU A 175 28.63 15.18 -22.64
C LEU A 175 27.45 15.64 -21.77
N ASP A 176 26.31 14.98 -21.87
CA ASP A 176 25.13 15.33 -21.10
C ASP A 176 24.87 14.34 -19.97
N PHE A 177 25.93 13.77 -19.41
CA PHE A 177 25.76 12.80 -18.34
C PHE A 177 25.28 13.47 -17.07
N TRP A 178 24.47 12.73 -16.31
CA TRP A 178 23.98 13.17 -15.01
C TRP A 178 24.52 12.23 -13.95
N GLU A 179 25.27 12.79 -13.00
CA GLU A 179 25.88 11.97 -11.96
C GLU A 179 24.79 11.36 -11.09
N SER A 180 24.60 10.04 -11.23
CA SER A 180 23.55 9.37 -10.47
C SER A 180 23.86 9.37 -8.98
N GLY A 181 25.11 9.10 -8.62
CA GLY A 181 25.52 8.99 -7.24
C GLY A 181 25.62 7.56 -6.74
N GLU A 182 25.10 6.60 -7.48
CA GLU A 182 25.20 5.19 -7.12
C GLU A 182 26.13 4.41 -8.03
N TRP A 183 26.31 4.84 -9.27
CA TRP A 183 27.10 4.10 -10.25
C TRP A 183 27.93 5.06 -11.07
N VAL A 184 29.18 4.68 -11.33
CA VAL A 184 30.07 5.44 -12.21
C VAL A 184 30.42 4.56 -13.39
N ILE A 185 30.36 5.15 -14.58
CA ILE A 185 30.62 4.42 -15.82
C ILE A 185 32.13 4.32 -16.00
N VAL A 186 32.67 3.11 -15.89
CA VAL A 186 34.09 2.92 -16.16
C VAL A 186 34.38 3.11 -17.64
N ASP A 187 33.69 2.35 -18.49
CA ASP A 187 33.82 2.58 -19.92
C ASP A 187 32.66 1.94 -20.67
N ALA A 188 32.49 2.37 -21.91
CA ALA A 188 31.42 1.89 -22.78
C ALA A 188 32.01 1.68 -24.17
N VAL A 189 31.91 0.47 -24.68
CA VAL A 189 32.56 0.11 -25.94
C VAL A 189 31.52 -0.40 -26.92
N GLY A 190 31.68 -0.03 -28.19
CA GLY A 190 30.83 -0.49 -29.25
C GLY A 190 31.53 -1.54 -30.10
N THR A 191 30.74 -2.47 -30.63
CA THR A 191 31.29 -3.52 -31.49
C THR A 191 30.31 -3.81 -32.62
N TYR A 192 30.83 -3.86 -33.84
CA TYR A 192 30.05 -4.24 -35.01
C TYR A 192 30.16 -5.74 -35.21
N ASN A 193 29.02 -6.41 -35.42
CA ASN A 193 29.03 -7.84 -35.65
C ASN A 193 27.99 -8.20 -36.70
N THR A 194 28.08 -9.43 -37.18
CA THR A 194 27.11 -9.99 -38.12
C THR A 194 26.71 -11.38 -37.64
N ARG A 195 25.42 -11.68 -37.71
CA ARG A 195 24.92 -13.00 -37.37
C ARG A 195 24.18 -13.60 -38.55
N LYS A 196 23.82 -14.87 -38.39
CA LYS A 196 23.07 -15.61 -39.41
C LYS A 196 22.07 -16.49 -38.67
N TYR A 197 20.82 -16.09 -38.67
CA TYR A 197 19.78 -16.79 -37.91
C TYR A 197 19.29 -18.00 -38.70
N GLU A 198 18.17 -18.57 -38.24
CA GLU A 198 17.60 -19.74 -38.87
C GLU A 198 16.47 -19.42 -39.84
N CYS A 199 15.83 -18.26 -39.71
CA CYS A 199 14.76 -17.89 -40.62
C CYS A 199 15.24 -17.89 -42.06
N CYS A 200 16.45 -17.40 -42.29
CA CYS A 200 16.81 -16.83 -43.57
C CYS A 200 18.22 -17.26 -43.93
N ALA A 201 18.55 -17.11 -45.22
CA ALA A 201 19.90 -17.39 -45.68
C ALA A 201 20.80 -16.16 -45.63
N GLU A 202 20.23 -14.97 -45.50
CA GLU A 202 21.00 -13.75 -45.50
C GLU A 202 21.59 -13.47 -44.12
N ILE A 203 22.59 -12.61 -44.11
CA ILE A 203 23.28 -12.24 -42.87
C ILE A 203 22.72 -10.92 -42.37
N TYR A 204 22.67 -10.77 -41.05
CA TYR A 204 22.08 -9.60 -40.42
C TYR A 204 23.11 -8.89 -39.56
N PRO A 205 23.30 -7.58 -39.74
CA PRO A 205 24.26 -6.85 -38.91
C PRO A 205 23.66 -6.46 -37.58
N ASP A 206 24.55 -6.14 -36.64
CA ASP A 206 24.10 -5.67 -35.33
C ASP A 206 25.24 -4.92 -34.65
N ILE A 207 24.86 -4.08 -33.69
CA ILE A 207 25.79 -3.27 -32.93
C ILE A 207 25.60 -3.61 -31.46
N THR A 208 26.67 -4.07 -30.82
CA THR A 208 26.65 -4.45 -29.42
C THR A 208 27.37 -3.40 -28.60
N TYR A 209 26.65 -2.76 -27.70
CA TYR A 209 27.21 -1.79 -26.76
C TYR A 209 27.38 -2.46 -25.40
N ALA A 210 28.62 -2.48 -24.92
CA ALA A 210 28.95 -3.07 -23.63
C ALA A 210 29.33 -1.97 -22.65
N PHE A 211 28.61 -1.90 -21.54
CA PHE A 211 28.93 -1.00 -20.44
C PHE A 211 29.64 -1.79 -19.35
N VAL A 212 30.86 -1.39 -19.02
CA VAL A 212 31.55 -1.90 -17.85
C VAL A 212 31.53 -0.79 -16.81
N ILE A 213 30.88 -1.06 -15.68
CA ILE A 213 30.65 -0.07 -14.63
C ILE A 213 31.00 -0.67 -13.28
N ARG A 214 31.16 0.20 -12.29
CA ARG A 214 31.46 -0.20 -10.93
C ARG A 214 30.41 0.36 -9.98
N ARG A 215 30.24 -0.31 -8.85
CA ARG A 215 29.35 0.15 -7.79
C ARG A 215 30.14 0.95 -6.77
N LEU A 216 29.65 2.13 -6.44
CA LEU A 216 30.25 2.93 -5.38
C LEU A 216 30.07 2.20 -4.06
N PRO A 217 31.15 1.76 -3.41
CA PRO A 217 30.99 0.89 -2.24
C PRO A 217 30.70 1.61 -0.94
N LEU A 218 30.84 2.93 -0.91
CA LEU A 218 30.76 3.66 0.34
C LEU A 218 29.48 3.46 1.12
N PHE A 219 28.38 3.28 0.41
CA PHE A 219 27.09 3.18 1.10
C PHE A 219 26.92 1.83 1.77
N TYR A 220 26.95 0.75 1.00
CA TYR A 220 26.71 -0.57 1.57
C TYR A 220 27.79 -0.98 2.57
N THR A 221 29.00 -0.42 2.46
CA THR A 221 30.04 -0.79 3.40
C THR A 221 29.85 -0.20 4.78
N ILE A 222 28.87 0.69 4.96
CA ILE A 222 28.64 1.35 6.24
C ILE A 222 27.27 1.05 6.80
N ASN A 223 26.45 0.27 6.09
CA ASN A 223 25.11 -0.05 6.57
C ASN A 223 24.77 -1.52 6.52
N LEU A 224 25.52 -2.35 5.79
CA LEU A 224 25.21 -3.77 5.71
C LEU A 224 26.33 -4.65 6.20
N ILE A 225 27.57 -4.41 5.77
CA ILE A 225 28.64 -5.34 6.11
C ILE A 225 29.31 -5.01 7.45
N ILE A 226 29.34 -3.75 7.85
CA ILE A 226 29.97 -3.44 9.13
C ILE A 226 29.15 -3.95 10.30
N PRO A 227 27.80 -3.93 10.30
CA PRO A 227 27.09 -4.50 11.44
C PRO A 227 27.27 -6.01 11.54
N CYS A 228 27.22 -6.72 10.41
CA CYS A 228 27.37 -8.17 10.46
C CYS A 228 28.79 -8.57 10.80
N LEU A 229 29.78 -7.87 10.23
CA LEU A 229 31.17 -8.11 10.60
C LEU A 229 31.41 -7.80 12.08
N LEU A 230 30.66 -6.85 12.63
CA LEU A 230 30.79 -6.55 14.05
C LEU A 230 30.19 -7.67 14.90
N ILE A 231 28.95 -8.05 14.62
CA ILE A 231 28.29 -9.06 15.45
C ILE A 231 28.88 -10.44 15.24
N SER A 232 29.63 -10.66 14.16
CA SER A 232 30.31 -11.94 14.00
C SER A 232 31.47 -12.10 14.97
N CYS A 233 31.91 -11.03 15.61
CA CYS A 233 32.98 -11.07 16.59
C CYS A 233 32.49 -11.44 17.98
N LEU A 234 31.32 -12.09 18.08
CA LEU A 234 30.78 -12.51 19.36
C LEU A 234 30.65 -14.02 19.49
N THR A 235 30.64 -14.77 18.39
CA THR A 235 30.46 -16.21 18.47
C THR A 235 31.61 -16.86 19.23
N VAL A 236 32.81 -16.30 19.16
CA VAL A 236 33.93 -16.82 19.93
C VAL A 236 33.95 -16.22 21.33
N LEU A 237 33.22 -15.14 21.55
CA LEU A 237 33.24 -14.45 22.84
C LEU A 237 32.47 -15.20 23.92
N VAL A 238 31.49 -16.03 23.55
CA VAL A 238 30.66 -16.67 24.55
C VAL A 238 31.45 -17.71 25.34
N PHE A 239 32.51 -18.27 24.77
CA PHE A 239 33.25 -19.32 25.46
C PHE A 239 33.95 -18.77 26.70
N TYR A 240 34.53 -17.58 26.60
CA TYR A 240 35.25 -17.00 27.72
C TYR A 240 34.32 -16.60 28.86
N LEU A 241 33.03 -16.51 28.60
CA LEU A 241 32.07 -16.16 29.64
C LEU A 241 31.86 -17.36 30.56
N PRO A 242 31.86 -17.17 31.88
CA PRO A 242 31.77 -18.30 32.79
C PRO A 242 30.35 -18.83 32.90
N SER A 243 30.25 -20.11 33.26
CA SER A 243 28.96 -20.79 33.26
C SER A 243 28.06 -20.39 34.41
N GLU A 244 28.65 -19.93 35.52
CA GLU A 244 27.88 -19.74 36.74
C GLU A 244 26.93 -18.56 36.65
N CYS A 245 27.17 -17.63 35.73
CA CYS A 245 26.24 -16.52 35.56
C CYS A 245 24.93 -17.01 34.96
N GLY A 246 25.01 -17.79 33.89
CA GLY A 246 23.86 -18.49 33.36
C GLY A 246 23.19 -17.86 32.16
N GLU A 247 23.91 -17.26 31.22
CA GLU A 247 23.40 -16.45 30.12
C GLU A 247 24.17 -16.69 28.83
N LYS A 248 24.94 -17.73 28.87
CA LYS A 248 25.71 -18.00 27.66
C LYS A 248 24.81 -18.46 26.52
N ILE A 249 23.80 -19.28 26.82
CA ILE A 249 22.88 -19.70 25.77
C ILE A 249 22.10 -18.50 25.25
N THR A 250 21.84 -17.52 26.10
CA THR A 250 21.19 -16.30 25.64
C THR A 250 22.04 -15.59 24.61
N LEU A 251 23.34 -15.44 24.89
CA LEU A 251 24.23 -14.80 23.94
C LEU A 251 24.32 -15.58 22.64
N CYS A 252 24.43 -16.91 22.74
CA CYS A 252 24.51 -17.74 21.54
C CYS A 252 23.26 -17.58 20.67
N ILE A 253 22.08 -17.68 21.29
CA ILE A 253 20.84 -17.53 20.55
C ILE A 253 20.73 -16.14 19.94
N SER A 254 21.12 -15.11 20.69
CA SER A 254 21.09 -13.76 20.14
C SER A 254 21.95 -13.66 18.89
N VAL A 255 23.18 -14.15 18.97
CA VAL A 255 24.10 -14.10 17.83
C VAL A 255 23.52 -14.85 16.64
N LEU A 256 23.01 -16.06 16.90
CA LEU A 256 22.54 -16.90 15.79
C LEU A 256 21.31 -16.29 15.12
N LEU A 257 20.34 -15.81 15.90
CA LEU A 257 19.16 -15.20 15.30
C LEU A 257 19.50 -13.91 14.57
N SER A 258 20.44 -13.12 15.11
CA SER A 258 20.81 -11.90 14.41
C SER A 258 21.51 -12.20 13.09
N LEU A 259 22.39 -13.21 13.08
CA LEU A 259 23.01 -13.60 11.82
C LEU A 259 21.99 -14.14 10.84
N THR A 260 21.01 -14.91 11.33
CA THR A 260 19.96 -15.39 10.44
C THR A 260 19.18 -14.24 9.84
N VAL A 261 18.88 -13.21 10.65
CA VAL A 261 18.15 -12.06 10.14
C VAL A 261 18.96 -11.34 9.08
N PHE A 262 20.26 -11.12 9.33
CA PHE A 262 21.08 -10.45 8.32
C PHE A 262 21.19 -11.27 7.05
N LEU A 263 21.29 -12.59 7.17
CA LEU A 263 21.36 -13.43 5.98
C LEU A 263 20.06 -13.36 5.18
N LEU A 264 18.93 -13.46 5.87
CA LEU A 264 17.65 -13.35 5.18
C LEU A 264 17.44 -11.98 4.58
N LEU A 265 18.03 -11.03 5.20
CA LEU A 265 17.88 -9.69 4.68
C LEU A 265 18.64 -9.54 3.37
N ILE A 266 19.88 -10.04 3.31
CA ILE A 266 20.70 -9.84 2.13
C ILE A 266 20.16 -10.63 0.95
N THR A 267 19.37 -11.67 1.21
CA THR A 267 18.84 -12.46 0.09
C THR A 267 17.69 -11.73 -0.59
N GLU A 268 17.26 -10.61 -0.03
CA GLU A 268 16.37 -9.74 -0.77
C GLU A 268 17.14 -8.97 -1.84
N ILE A 269 18.33 -8.48 -1.51
CA ILE A 269 18.96 -7.47 -2.34
C ILE A 269 19.78 -8.09 -3.45
N ILE A 270 20.37 -9.25 -3.23
CA ILE A 270 21.15 -9.89 -4.28
C ILE A 270 20.22 -10.76 -5.12
N PRO A 271 20.52 -10.89 -6.49
CA PRO A 271 19.59 -11.62 -7.37
C PRO A 271 19.49 -13.09 -7.00
N SER A 272 18.30 -13.64 -7.24
CA SER A 272 18.05 -15.06 -6.98
C SER A 272 18.61 -15.92 -8.12
N THR A 273 19.93 -15.85 -8.26
CA THR A 273 20.65 -16.54 -9.31
C THR A 273 21.42 -17.72 -8.72
N SER A 274 21.38 -18.85 -9.42
CA SER A 274 22.02 -20.07 -8.94
C SER A 274 23.36 -20.35 -9.63
N LEU A 275 23.83 -19.43 -10.46
CA LEU A 275 25.12 -19.63 -11.12
C LEU A 275 26.26 -19.55 -10.11
N VAL A 276 26.30 -18.48 -9.33
CA VAL A 276 27.32 -18.26 -8.31
C VAL A 276 26.65 -17.84 -7.02
N ILE A 277 27.39 -17.94 -5.94
CA ILE A 277 26.89 -17.57 -4.62
C ILE A 277 27.64 -16.34 -4.13
N PRO A 278 26.95 -15.39 -3.49
CA PRO A 278 27.66 -14.20 -2.98
C PRO A 278 28.68 -14.58 -1.93
N LEU A 279 29.80 -13.86 -1.93
CA LEU A 279 30.85 -14.14 -0.96
C LEU A 279 30.36 -13.86 0.45
N ILE A 280 29.64 -12.76 0.65
CA ILE A 280 29.11 -12.43 1.96
C ILE A 280 28.14 -13.50 2.44
N GLY A 281 27.33 -14.03 1.52
CA GLY A 281 26.44 -15.12 1.89
C GLY A 281 27.19 -16.35 2.36
N GLU A 282 28.26 -16.70 1.65
CA GLU A 282 29.08 -17.84 2.07
C GLU A 282 29.68 -17.61 3.44
N TYR A 283 30.24 -16.42 3.67
CA TYR A 283 30.82 -16.12 4.97
C TYR A 283 29.79 -16.21 6.08
N LEU A 284 28.58 -15.69 5.85
CA LEU A 284 27.56 -15.70 6.88
C LEU A 284 27.09 -17.13 7.17
N LEU A 285 26.93 -17.95 6.13
CA LEU A 285 26.54 -19.33 6.35
C LEU A 285 27.62 -20.09 7.10
N PHE A 286 28.89 -19.82 6.78
CA PHE A 286 30.01 -20.39 7.51
C PHE A 286 29.94 -20.03 8.99
N THR A 287 29.70 -18.76 9.28
CA THR A 287 29.61 -18.33 10.66
C THR A 287 28.42 -18.96 11.36
N MET A 288 27.31 -19.16 10.65
CA MET A 288 26.16 -19.82 11.24
C MET A 288 26.46 -21.27 11.60
N ILE A 289 27.13 -21.98 10.70
CA ILE A 289 27.55 -23.36 10.99
C ILE A 289 28.38 -23.39 12.26
N PHE A 290 29.39 -22.53 12.34
CA PHE A 290 30.25 -22.59 13.52
C PHE A 290 29.55 -22.10 14.77
N VAL A 291 28.58 -21.20 14.65
CA VAL A 291 27.93 -20.74 15.87
C VAL A 291 26.93 -21.77 16.39
N THR A 292 26.31 -22.56 15.51
CA THR A 292 25.46 -23.64 16.02
C THR A 292 26.31 -24.76 16.59
N LEU A 293 27.47 -25.03 16.01
CA LEU A 293 28.39 -25.96 16.67
C LEU A 293 28.80 -25.44 18.04
N SER A 294 29.00 -24.13 18.14
CA SER A 294 29.33 -23.53 19.44
C SER A 294 28.19 -23.70 20.43
N ILE A 295 26.94 -23.56 19.97
CA ILE A 295 25.84 -23.63 20.93
C ILE A 295 25.65 -25.07 21.40
N VAL A 296 25.87 -26.05 20.55
CA VAL A 296 25.75 -27.43 21.04
C VAL A 296 26.91 -27.77 21.98
N ILE A 297 28.13 -27.33 21.67
CA ILE A 297 29.22 -27.62 22.58
C ILE A 297 29.04 -26.88 23.90
N THR A 298 28.39 -25.71 23.87
CA THR A 298 28.25 -24.97 25.11
C THR A 298 27.10 -25.50 25.96
N VAL A 299 26.04 -26.03 25.35
CA VAL A 299 25.06 -26.72 26.18
C VAL A 299 25.67 -27.98 26.77
N PHE A 300 26.57 -28.64 26.03
CA PHE A 300 27.25 -29.79 26.59
C PHE A 300 28.09 -29.40 27.80
N VAL A 301 28.91 -28.35 27.67
CA VAL A 301 29.74 -27.97 28.80
C VAL A 301 28.89 -27.46 29.96
N LEU A 302 27.74 -26.84 29.66
CA LEU A 302 26.84 -26.41 30.71
C LEU A 302 26.30 -27.60 31.49
N ASN A 303 25.95 -28.68 30.79
CA ASN A 303 25.51 -29.88 31.51
C ASN A 303 26.66 -30.49 32.30
N VAL A 304 27.86 -30.51 31.72
CA VAL A 304 29.02 -31.02 32.45
C VAL A 304 29.21 -30.25 33.74
N HIS A 305 28.95 -28.94 33.72
CA HIS A 305 29.23 -28.10 34.87
C HIS A 305 28.31 -28.42 36.05
N HIS A 306 27.00 -28.42 35.82
CA HIS A 306 26.07 -28.47 36.94
C HIS A 306 25.91 -29.86 37.56
N ARG A 307 26.35 -30.92 36.90
CA ARG A 307 26.09 -32.25 37.41
C ARG A 307 26.68 -32.43 38.81
N SER A 308 26.01 -33.23 39.61
CA SER A 308 26.24 -33.36 41.04
C SER A 308 27.15 -34.54 41.35
N PRO A 309 27.93 -34.43 42.42
CA PRO A 309 28.81 -35.56 42.80
C PRO A 309 28.05 -36.80 43.24
N ARG A 310 26.76 -36.67 43.56
CA ARG A 310 25.98 -37.81 44.00
C ARG A 310 25.39 -38.61 42.85
N THR A 311 25.52 -38.15 41.61
CA THR A 311 24.91 -38.80 40.46
C THR A 311 25.91 -39.29 39.44
N HIS A 312 26.85 -38.45 39.03
CA HIS A 312 27.68 -38.73 37.87
C HIS A 312 29.17 -38.76 38.21
N THR A 313 29.53 -39.51 39.26
CA THR A 313 30.86 -39.43 39.84
C THR A 313 31.99 -39.67 38.85
N MET A 314 32.09 -40.89 38.29
CA MET A 314 33.08 -41.34 37.30
C MET A 314 34.42 -40.62 37.42
N PRO A 315 35.15 -40.78 38.52
CA PRO A 315 36.40 -40.03 38.71
C PRO A 315 37.66 -40.76 38.26
N THR A 316 37.56 -42.00 37.79
CA THR A 316 38.75 -42.77 37.45
C THR A 316 39.40 -42.25 36.17
N TRP A 317 38.66 -42.27 35.07
CA TRP A 317 39.22 -41.88 33.78
C TRP A 317 39.45 -40.38 33.68
N VAL A 318 38.57 -39.58 34.30
CA VAL A 318 38.61 -38.14 34.07
C VAL A 318 39.81 -37.50 34.79
N ARG A 319 40.02 -37.85 36.05
CA ARG A 319 41.10 -37.24 36.83
C ARG A 319 42.47 -37.46 36.20
N ARG A 320 42.60 -38.46 35.33
CA ARG A 320 43.88 -38.71 34.69
C ARG A 320 44.17 -37.70 33.58
N VAL A 321 43.18 -37.42 32.74
CA VAL A 321 43.42 -36.60 31.55
C VAL A 321 43.11 -35.13 31.80
N PHE A 322 41.90 -34.82 32.26
CA PHE A 322 41.52 -33.41 32.42
C PHE A 322 42.19 -32.72 33.59
N LEU A 323 43.07 -33.42 34.32
CA LEU A 323 43.91 -32.80 35.33
C LEU A 323 45.35 -32.73 34.89
N ASP A 324 45.65 -33.12 33.65
CA ASP A 324 46.97 -33.00 33.07
C ASP A 324 47.00 -32.20 31.78
N ILE A 325 45.84 -31.87 31.21
CA ILE A 325 45.82 -30.97 30.06
C ILE A 325 46.17 -29.56 30.49
N VAL A 326 45.82 -29.20 31.72
CA VAL A 326 46.07 -27.82 32.18
C VAL A 326 47.54 -27.44 32.14
N PRO A 327 48.48 -28.25 32.64
CA PRO A 327 49.89 -27.86 32.52
C PRO A 327 50.34 -27.69 31.08
N ARG A 328 49.76 -28.44 30.15
CA ARG A 328 50.13 -28.29 28.75
C ARG A 328 49.52 -27.03 28.14
N LEU A 329 48.30 -26.67 28.56
CA LEU A 329 47.59 -25.54 27.98
C LEU A 329 48.04 -24.21 28.57
N LEU A 330 49.09 -24.21 29.39
CA LEU A 330 49.64 -23.01 30.03
C LEU A 330 48.55 -22.31 30.85
N LEU A 331 48.12 -23.01 31.90
CA LEU A 331 47.15 -22.49 32.85
C LEU A 331 47.59 -22.87 34.25
N MET A 332 47.57 -21.91 35.17
CA MET A 332 48.03 -22.17 36.52
C MET A 332 47.04 -23.04 37.27
N LYS A 333 47.58 -23.90 38.13
CA LYS A 333 46.76 -24.82 38.92
C LYS A 333 46.15 -24.08 40.11
N ARG A 334 45.55 -24.81 41.02
CA ARG A 334 44.94 -24.23 42.20
C ARG A 334 45.99 -23.79 43.21
N PHE A 342 33.71 -32.46 52.05
CA PHE A 342 34.18 -33.44 51.08
C PHE A 342 33.52 -33.26 49.72
N GLU A 343 32.18 -33.18 49.73
CA GLU A 343 31.44 -33.02 48.48
C GLU A 343 31.80 -31.72 47.79
N ARG A 344 32.12 -30.68 48.57
CA ARG A 344 32.50 -29.40 47.98
C ARG A 344 33.76 -29.55 47.14
N SER A 345 34.69 -30.40 47.57
CA SER A 345 35.90 -30.62 46.79
C SER A 345 35.57 -31.23 45.43
N VAL A 346 34.66 -32.21 45.40
CA VAL A 346 34.30 -32.83 44.13
C VAL A 346 33.56 -31.84 43.25
N LYS A 347 32.72 -30.99 43.86
CA LYS A 347 32.02 -29.97 43.08
C LYS A 347 32.99 -28.97 42.48
N GLU A 348 34.02 -28.58 43.26
CA GLU A 348 35.04 -27.67 42.72
C GLU A 348 35.79 -28.32 41.58
N ASP A 349 36.15 -29.60 41.73
CA ASP A 349 36.81 -30.33 40.66
C ASP A 349 35.93 -30.36 39.41
N TRP A 350 34.63 -30.57 39.60
CA TRP A 350 33.70 -30.65 38.47
C TRP A 350 33.59 -29.31 37.76
N LYS A 351 33.46 -28.22 38.52
CA LYS A 351 33.46 -26.89 37.93
C LYS A 351 34.77 -26.61 37.20
N TYR A 352 35.88 -27.07 37.76
CA TYR A 352 37.18 -26.82 37.15
C TYR A 352 37.32 -27.55 35.82
N VAL A 353 36.89 -28.81 35.77
CA VAL A 353 36.98 -29.54 34.51
C VAL A 353 36.07 -28.91 33.46
N ALA A 354 34.92 -28.38 33.89
CA ALA A 354 34.08 -27.66 32.95
C ALA A 354 34.79 -26.43 32.39
N MET A 355 35.39 -25.63 33.26
CA MET A 355 36.10 -24.44 32.81
C MET A 355 37.25 -24.81 31.87
N VAL A 356 37.95 -25.90 32.17
CA VAL A 356 39.11 -26.28 31.38
C VAL A 356 38.68 -26.74 29.99
N ILE A 357 37.63 -27.54 29.90
CA ILE A 357 37.18 -27.93 28.56
C ILE A 357 36.67 -26.73 27.79
N ASP A 358 36.07 -25.75 28.49
CA ASP A 358 35.63 -24.54 27.81
C ASP A 358 36.81 -23.78 27.22
N ARG A 359 37.88 -23.61 28.01
CA ARG A 359 39.06 -22.90 27.51
C ARG A 359 39.69 -23.64 26.32
N ILE A 360 39.83 -24.96 26.44
CA ILE A 360 40.51 -25.70 25.39
C ILE A 360 39.68 -25.71 24.12
N PHE A 361 38.36 -25.61 24.24
CA PHE A 361 37.55 -25.45 23.05
C PHE A 361 37.71 -24.05 22.48
N LEU A 362 37.82 -23.04 23.35
CA LEU A 362 37.97 -21.66 22.90
C LEU A 362 39.23 -21.50 22.04
N TRP A 363 40.32 -22.13 22.44
CA TRP A 363 41.55 -21.99 21.66
C TRP A 363 41.35 -22.47 20.23
N MET A 364 40.80 -23.67 20.08
CA MET A 364 40.60 -24.22 18.74
C MET A 364 39.62 -23.38 17.95
N PHE A 365 38.55 -22.89 18.60
CA PHE A 365 37.54 -22.15 17.85
C PHE A 365 38.08 -20.81 17.38
N ILE A 366 38.87 -20.12 18.21
CA ILE A 366 39.41 -18.83 17.78
C ILE A 366 40.45 -19.03 16.68
N ILE A 367 41.26 -20.08 16.77
CA ILE A 367 42.21 -20.35 15.69
C ILE A 367 41.46 -20.62 14.39
N VAL A 368 40.41 -21.43 14.46
CA VAL A 368 39.66 -21.78 13.24
C VAL A 368 38.96 -20.56 12.67
N CYS A 369 38.41 -19.69 13.53
CA CYS A 369 37.75 -18.49 13.04
C CYS A 369 38.73 -17.56 12.35
N LEU A 370 39.87 -17.28 13.01
CA LEU A 370 40.87 -16.41 12.40
C LEU A 370 41.36 -16.98 11.08
N LEU A 371 41.57 -18.29 11.01
CA LEU A 371 42.03 -18.90 9.77
C LEU A 371 40.96 -18.79 8.68
N GLY A 372 39.70 -19.03 9.03
CA GLY A 372 38.64 -19.02 8.04
C GLY A 372 38.28 -17.65 7.52
N THR A 373 38.49 -16.60 8.31
CA THR A 373 38.19 -15.26 7.82
C THR A 373 39.27 -14.76 6.88
N VAL A 374 40.52 -14.75 7.33
CA VAL A 374 41.60 -14.24 6.50
C VAL A 374 41.97 -15.22 5.40
N GLY A 375 42.04 -16.52 5.73
CA GLY A 375 42.42 -17.52 4.76
C GLY A 375 41.45 -17.68 3.61
N LEU A 376 40.32 -16.99 3.64
CA LEU A 376 39.34 -17.06 2.57
C LEU A 376 39.22 -15.77 1.78
N PHE A 377 39.54 -14.65 2.42
CA PHE A 377 39.49 -13.35 1.77
C PHE A 377 40.76 -12.91 1.06
N LEU A 378 41.23 -13.71 0.10
CA LEU A 378 42.36 -13.28 -0.71
C LEU A 378 42.19 -13.56 -2.21
N PRO A 379 41.03 -13.32 -2.83
CA PRO A 379 40.98 -13.31 -4.30
C PRO A 379 41.76 -12.15 -4.90
N PRO A 380 41.61 -10.89 -4.44
CA PRO A 380 42.25 -9.81 -5.17
C PRO A 380 43.77 -9.80 -5.03
N TRP A 381 44.28 -10.12 -3.84
CA TRP A 381 45.70 -10.04 -3.59
C TRP A 381 46.29 -11.42 -3.43
N HIS B 9 13.84 2.60 -57.58
CA HIS B 9 12.70 3.29 -58.16
C HIS B 9 11.66 2.30 -58.68
N ALA B 10 12.13 1.12 -59.11
CA ALA B 10 11.21 0.10 -59.59
C ALA B 10 10.39 -0.50 -58.46
N GLU B 11 10.98 -0.60 -57.26
CA GLU B 11 10.22 -1.08 -56.11
C GLU B 11 9.04 -0.17 -55.82
N GLU B 12 9.25 1.15 -55.95
CA GLU B 12 8.15 2.09 -55.74
C GLU B 12 7.03 1.86 -56.74
N ARG B 13 7.38 1.58 -58.00
CA ARG B 13 6.36 1.33 -59.01
C ARG B 13 5.61 0.03 -58.73
N LEU B 14 6.33 -1.03 -58.35
CA LEU B 14 5.67 -2.28 -58.03
C LEU B 14 4.73 -2.11 -56.85
N LEU B 15 5.18 -1.39 -55.82
CA LEU B 15 4.32 -1.14 -54.66
C LEU B 15 3.09 -0.35 -55.05
N LYS B 16 3.27 0.70 -55.86
CA LYS B 16 2.13 1.50 -56.29
C LYS B 16 1.14 0.68 -57.10
N LYS B 17 1.65 -0.28 -57.89
CA LYS B 17 0.75 -1.08 -58.71
C LYS B 17 -0.02 -2.08 -57.85
N LEU B 18 0.67 -2.80 -56.97
CA LEU B 18 0.03 -3.92 -56.29
C LEU B 18 -0.92 -3.47 -55.18
N PHE B 19 -0.83 -2.23 -54.72
CA PHE B 19 -1.79 -1.67 -53.78
C PHE B 19 -2.87 -0.86 -54.48
N SER B 20 -3.19 -1.17 -55.74
CA SER B 20 -4.19 -0.41 -56.46
C SER B 20 -5.58 -0.65 -55.88
N GLY B 21 -6.05 -1.90 -55.92
CA GLY B 21 -7.36 -2.22 -55.41
C GLY B 21 -7.34 -3.39 -54.45
N TYR B 22 -6.29 -3.50 -53.65
CA TYR B 22 -6.18 -4.56 -52.66
C TYR B 22 -6.91 -4.15 -51.38
N ASN B 23 -7.88 -4.95 -50.98
CA ASN B 23 -8.60 -4.75 -49.73
C ASN B 23 -7.94 -5.57 -48.63
N LYS B 24 -8.20 -5.16 -47.39
CA LYS B 24 -7.54 -5.82 -46.26
C LYS B 24 -8.38 -6.95 -45.69
N TRP B 25 -9.66 -6.69 -45.42
CA TRP B 25 -10.47 -7.66 -44.69
C TRP B 25 -10.96 -8.80 -45.56
N SER B 26 -10.88 -8.67 -46.87
CA SER B 26 -11.29 -9.75 -47.76
C SER B 26 -10.32 -10.92 -47.63
N ARG B 27 -10.84 -12.07 -47.24
CA ARG B 27 -10.01 -13.26 -47.05
C ARG B 27 -9.39 -13.66 -48.39
N PRO B 28 -8.06 -13.59 -48.52
CA PRO B 28 -7.39 -13.71 -49.83
C PRO B 28 -7.24 -15.15 -50.32
N VAL B 29 -8.32 -15.70 -50.89
CA VAL B 29 -8.32 -17.03 -51.45
C VAL B 29 -9.09 -16.98 -52.77
N ALA B 30 -8.67 -17.82 -53.73
CA ALA B 30 -9.32 -17.83 -55.04
C ALA B 30 -10.75 -18.34 -54.94
N ASN B 31 -10.92 -19.60 -54.52
CA ASN B 31 -12.23 -20.20 -54.36
C ASN B 31 -12.58 -20.28 -52.89
N ILE B 32 -13.83 -19.96 -52.56
CA ILE B 32 -14.27 -19.92 -51.16
C ILE B 32 -14.05 -21.28 -50.50
N SER B 33 -14.25 -22.36 -51.25
CA SER B 33 -14.07 -23.69 -50.69
C SER B 33 -12.62 -23.93 -50.27
N ASP B 34 -11.68 -23.27 -50.94
CA ASP B 34 -10.27 -23.49 -50.65
C ASP B 34 -9.86 -22.80 -49.36
N VAL B 35 -8.84 -23.36 -48.70
CA VAL B 35 -8.38 -22.85 -47.42
C VAL B 35 -6.96 -22.34 -47.58
N VAL B 36 -6.41 -21.75 -46.52
CA VAL B 36 -5.03 -21.29 -46.51
C VAL B 36 -4.21 -22.22 -45.61
N LEU B 37 -2.90 -22.08 -45.71
CA LEU B 37 -1.96 -22.80 -44.85
C LEU B 37 -1.13 -21.77 -44.10
N VAL B 38 -1.34 -21.68 -42.79
CA VAL B 38 -0.62 -20.72 -41.95
C VAL B 38 0.42 -21.53 -41.18
N ARG B 39 1.63 -21.60 -41.73
CA ARG B 39 2.72 -22.25 -41.04
C ARG B 39 3.14 -21.43 -39.84
N PHE B 40 3.32 -22.10 -38.71
CA PHE B 40 3.49 -21.43 -37.43
C PHE B 40 4.79 -21.87 -36.77
N GLY B 41 5.47 -20.93 -36.14
CA GLY B 41 6.72 -21.22 -35.46
C GLY B 41 6.90 -20.31 -34.27
N LEU B 42 7.63 -20.81 -33.28
CA LEU B 42 7.79 -20.11 -32.02
C LEU B 42 9.28 -19.97 -31.69
N SER B 43 9.63 -18.88 -31.00
CA SER B 43 10.99 -18.74 -30.52
C SER B 43 11.00 -17.93 -29.24
N ILE B 44 11.93 -18.27 -28.35
CA ILE B 44 12.01 -17.68 -27.02
C ILE B 44 13.27 -16.81 -26.96
N ALA B 45 13.11 -15.55 -26.60
CA ALA B 45 14.26 -14.71 -26.33
C ALA B 45 14.83 -14.99 -24.94
N GLN B 46 13.99 -14.84 -23.92
CA GLN B 46 14.38 -15.18 -22.56
C GLN B 46 13.13 -15.40 -21.73
N LEU B 47 13.22 -16.34 -20.81
CA LEU B 47 12.15 -16.58 -19.84
C LEU B 47 12.25 -15.47 -18.80
N ILE B 48 11.57 -14.36 -19.07
CA ILE B 48 11.78 -13.15 -18.26
C ILE B 48 11.46 -13.41 -16.80
N ASP B 49 10.24 -13.84 -16.51
CA ASP B 49 9.88 -14.02 -15.11
C ASP B 49 8.85 -15.12 -14.95
N VAL B 50 8.96 -15.83 -13.83
CA VAL B 50 7.99 -16.85 -13.44
C VAL B 50 7.56 -16.51 -12.03
N ASP B 51 6.50 -15.71 -11.89
CA ASP B 51 5.99 -15.31 -10.59
C ASP B 51 5.03 -16.39 -10.13
N GLU B 52 5.48 -17.22 -9.18
CA GLU B 52 4.67 -18.33 -8.71
C GLU B 52 3.60 -17.89 -7.72
N LYS B 53 3.81 -16.78 -7.01
CA LYS B 53 2.81 -16.34 -6.05
C LYS B 53 1.53 -15.90 -6.75
N ASN B 54 1.66 -15.26 -7.91
CA ASN B 54 0.50 -14.86 -8.70
C ASN B 54 0.22 -15.81 -9.85
N GLN B 55 1.08 -16.81 -10.07
CA GLN B 55 0.93 -17.78 -11.14
C GLN B 55 0.90 -17.10 -12.51
N MET B 56 1.97 -16.37 -12.80
CA MET B 56 2.07 -15.61 -14.04
C MET B 56 3.47 -15.77 -14.62
N MET B 57 3.53 -16.12 -15.90
CA MET B 57 4.79 -16.27 -16.61
C MET B 57 4.88 -15.19 -17.67
N THR B 58 5.90 -14.34 -17.56
CA THR B 58 6.19 -13.30 -18.55
C THR B 58 7.36 -13.77 -19.41
N THR B 59 7.08 -13.99 -20.69
CA THR B 59 8.06 -14.48 -21.65
C THR B 59 8.21 -13.50 -22.80
N ASN B 60 9.40 -13.50 -23.40
CA ASN B 60 9.68 -12.72 -24.59
C ASN B 60 9.65 -13.66 -25.79
N VAL B 61 8.74 -13.41 -26.72
CA VAL B 61 8.37 -14.39 -27.73
C VAL B 61 8.50 -13.79 -29.12
N TRP B 62 9.23 -14.48 -29.99
CA TRP B 62 9.16 -14.23 -31.43
C TRP B 62 8.15 -15.20 -32.03
N VAL B 63 7.18 -14.65 -32.77
CA VAL B 63 6.18 -15.45 -33.45
C VAL B 63 6.48 -15.42 -34.93
N LYS B 64 6.69 -16.59 -35.53
CA LYS B 64 6.96 -16.71 -36.95
C LYS B 64 5.70 -17.20 -37.65
N GLN B 65 5.17 -16.40 -38.56
CA GLN B 65 3.95 -16.73 -39.28
C GLN B 65 4.23 -16.72 -40.77
N GLU B 66 3.75 -17.75 -41.46
CA GLU B 66 4.06 -17.98 -42.86
C GLU B 66 2.76 -18.24 -43.59
N TRP B 67 2.47 -17.45 -44.63
CA TRP B 67 1.31 -17.78 -45.45
C TRP B 67 1.52 -17.21 -46.84
N HIS B 68 0.51 -17.38 -47.68
CA HIS B 68 0.60 -16.90 -49.05
C HIS B 68 -0.79 -16.70 -49.62
N ASP B 69 -0.92 -15.69 -50.48
CA ASP B 69 -2.17 -15.43 -51.17
C ASP B 69 -1.93 -15.26 -52.66
N TYR B 70 -2.95 -14.81 -53.39
CA TYR B 70 -2.86 -14.69 -54.84
C TYR B 70 -2.78 -13.26 -55.33
N LYS B 71 -3.32 -12.29 -54.58
CA LYS B 71 -3.41 -10.93 -55.09
C LYS B 71 -2.06 -10.25 -55.12
N LEU B 72 -1.12 -10.67 -54.27
CA LEU B 72 0.19 -10.04 -54.17
C LEU B 72 1.24 -10.71 -55.04
N ARG B 73 0.84 -11.30 -56.16
CA ARG B 73 1.79 -11.88 -57.08
C ARG B 73 2.20 -10.88 -58.15
N TRP B 74 3.38 -11.10 -58.72
CA TRP B 74 3.86 -10.28 -59.82
C TRP B 74 4.84 -11.13 -60.63
N ASP B 75 5.54 -10.49 -61.56
CA ASP B 75 6.54 -11.16 -62.37
C ASP B 75 7.90 -10.51 -62.11
N PRO B 76 8.86 -11.25 -61.55
CA PRO B 76 10.15 -10.61 -61.25
C PRO B 76 10.92 -10.18 -62.48
N ALA B 77 10.69 -10.83 -63.62
CA ALA B 77 11.38 -10.47 -64.84
C ALA B 77 10.89 -9.17 -65.47
N ASP B 78 9.88 -8.52 -64.87
CA ASP B 78 9.33 -7.29 -65.41
C ASP B 78 9.79 -6.06 -64.65
N TYR B 79 10.46 -6.22 -63.51
CA TYR B 79 10.87 -5.10 -62.67
C TYR B 79 12.34 -5.23 -62.29
N GLU B 80 13.18 -5.50 -63.29
CA GLU B 80 14.63 -5.51 -63.13
C GLU B 80 15.08 -6.54 -62.10
N ASN B 81 14.45 -7.72 -62.14
CA ASN B 81 14.87 -8.87 -61.34
C ASN B 81 14.84 -8.55 -59.85
N VAL B 82 13.65 -8.21 -59.36
CA VAL B 82 13.39 -8.05 -57.93
C VAL B 82 12.46 -9.17 -57.49
N THR B 83 12.77 -9.75 -56.33
CA THR B 83 12.02 -10.91 -55.87
C THR B 83 11.47 -10.69 -54.47
N SER B 84 12.19 -9.93 -53.64
CA SER B 84 11.81 -9.74 -52.25
C SER B 84 11.76 -8.25 -51.96
N ILE B 85 10.55 -7.72 -51.80
CA ILE B 85 10.35 -6.34 -51.38
C ILE B 85 9.56 -6.35 -50.08
N ARG B 86 9.94 -5.17 -49.08
CA ARG B 86 9.28 -5.00 -47.80
C ARG B 86 7.97 -4.24 -47.99
N ILE B 87 7.09 -4.55 -47.04
CA ILE B 87 5.90 -3.71 -46.94
C ILE B 87 5.46 -3.64 -45.50
N PRO B 88 4.77 -2.57 -45.09
CA PRO B 88 4.27 -2.50 -43.72
C PRO B 88 3.13 -3.48 -43.51
N SER B 89 3.18 -4.19 -42.38
CA SER B 89 2.15 -5.18 -42.09
C SER B 89 0.77 -4.58 -41.87
N GLU B 90 0.67 -3.26 -41.75
CA GLU B 90 -0.61 -2.63 -41.46
C GLU B 90 -1.54 -2.63 -42.67
N LEU B 91 -0.98 -2.65 -43.88
CA LEU B 91 -1.77 -2.44 -45.09
C LEU B 91 -2.36 -3.71 -45.67
N ILE B 92 -1.95 -4.89 -45.22
CA ILE B 92 -2.38 -6.14 -45.81
C ILE B 92 -3.24 -6.91 -44.83
N TRP B 93 -3.82 -8.00 -45.31
CA TRP B 93 -4.56 -8.90 -44.45
C TRP B 93 -3.61 -9.54 -43.44
N ARG B 94 -4.16 -9.91 -42.28
CA ARG B 94 -3.33 -10.44 -41.23
C ARG B 94 -4.12 -11.40 -40.35
N PRO B 95 -3.87 -12.71 -40.44
CA PRO B 95 -4.63 -13.66 -39.63
C PRO B 95 -4.36 -13.45 -38.15
N ASP B 96 -5.42 -13.26 -37.38
CA ASP B 96 -5.31 -12.95 -35.97
C ASP B 96 -5.10 -14.24 -35.17
N ILE B 97 -3.91 -14.37 -34.60
CA ILE B 97 -3.55 -15.51 -33.76
C ILE B 97 -3.49 -15.01 -32.34
N VAL B 98 -4.47 -15.42 -31.53
CA VAL B 98 -4.58 -14.97 -30.15
C VAL B 98 -4.35 -16.16 -29.24
N LEU B 99 -3.86 -15.88 -28.04
CA LEU B 99 -3.65 -16.91 -27.04
C LEU B 99 -4.78 -16.87 -26.02
N TYR B 100 -5.33 -18.03 -25.70
CA TYR B 100 -6.47 -18.14 -24.81
C TYR B 100 -6.09 -18.02 -23.34
N ASN B 101 -4.81 -18.08 -23.01
CA ASN B 101 -4.36 -18.23 -21.63
C ASN B 101 -3.68 -16.96 -21.12
N ASN B 102 -4.26 -15.80 -21.43
CA ASN B 102 -3.66 -14.53 -21.02
C ASN B 102 -4.22 -14.08 -19.66
N ALA B 103 -3.37 -13.43 -18.88
CA ALA B 103 -3.76 -12.86 -17.60
C ALA B 103 -3.05 -11.51 -17.46
N ASP B 104 -3.83 -10.42 -17.55
CA ASP B 104 -3.30 -9.07 -17.43
C ASP B 104 -2.23 -8.80 -18.49
N GLY B 105 -2.65 -8.85 -19.74
CA GLY B 105 -1.74 -8.60 -20.83
C GLY B 105 -2.49 -8.41 -22.13
N ASP B 106 -1.73 -8.20 -23.20
CA ASP B 106 -2.31 -8.03 -24.52
C ASP B 106 -2.58 -9.38 -25.15
N PHE B 107 -3.78 -9.54 -25.72
CA PHE B 107 -4.13 -10.81 -26.35
C PHE B 107 -3.32 -11.03 -27.63
N ALA B 108 -3.49 -10.17 -28.62
CA ALA B 108 -2.86 -10.37 -29.91
C ALA B 108 -1.54 -9.63 -29.99
N VAL B 109 -0.87 -9.79 -31.14
CA VAL B 109 0.35 -9.05 -31.40
C VAL B 109 0.03 -7.56 -31.48
N THR B 110 0.91 -6.74 -30.90
CA THR B 110 0.62 -5.32 -30.74
C THR B 110 1.69 -4.40 -31.32
N HIS B 111 2.72 -4.93 -31.97
CA HIS B 111 3.78 -4.09 -32.52
C HIS B 111 3.65 -3.82 -34.01
N LEU B 112 3.24 -4.83 -34.79
CA LEU B 112 2.93 -4.64 -36.21
C LEU B 112 4.16 -4.17 -36.99
N THR B 113 5.24 -4.94 -36.89
CA THR B 113 6.45 -4.60 -37.62
C THR B 113 6.35 -5.09 -39.06
N LYS B 114 7.39 -4.84 -39.85
CA LYS B 114 7.34 -5.11 -41.28
C LYS B 114 7.44 -6.61 -41.56
N ALA B 115 7.18 -6.98 -42.81
CA ALA B 115 7.14 -8.37 -43.25
C ALA B 115 7.83 -8.50 -44.60
N HIS B 116 8.03 -9.71 -45.00
CA HIS B 116 8.81 -10.10 -46.16
C HIS B 116 7.90 -10.71 -47.22
N LEU B 117 7.88 -10.30 -48.56
CA LEU B 117 7.14 -10.85 -49.68
C LEU B 117 8.09 -11.52 -50.66
N PHE B 118 7.60 -12.54 -51.34
CA PHE B 118 8.30 -13.19 -52.43
C PHE B 118 7.48 -13.04 -53.70
N HIS B 119 8.13 -13.29 -54.84
CA HIS B 119 7.49 -13.05 -56.13
C HIS B 119 6.34 -14.01 -56.40
N ASP B 120 6.34 -15.18 -55.77
CA ASP B 120 5.29 -16.16 -56.02
C ASP B 120 4.04 -15.93 -55.17
N GLY B 121 4.02 -14.88 -54.36
CA GLY B 121 2.90 -14.61 -53.47
C GLY B 121 3.13 -14.98 -52.03
N ARG B 122 4.29 -15.54 -51.69
CA ARG B 122 4.60 -15.93 -50.33
C ARG B 122 4.80 -14.69 -49.46
N VAL B 123 4.49 -14.82 -48.17
CA VAL B 123 4.69 -13.75 -47.21
C VAL B 123 5.07 -14.36 -45.86
N GLN B 124 6.05 -13.73 -45.22
CA GLN B 124 6.58 -14.17 -43.94
C GLN B 124 6.60 -12.98 -42.99
N TRP B 125 6.16 -13.20 -41.75
CA TRP B 125 6.05 -12.13 -40.78
C TRP B 125 6.46 -12.64 -39.40
N THR B 126 7.38 -11.92 -38.77
CA THR B 126 7.94 -12.34 -37.48
C THR B 126 7.85 -11.17 -36.50
N PRO B 127 6.70 -11.00 -35.86
CA PRO B 127 6.60 -9.99 -34.81
C PRO B 127 7.12 -10.50 -33.48
N PRO B 128 7.78 -9.63 -32.73
CA PRO B 128 8.13 -9.94 -31.34
C PRO B 128 7.07 -9.41 -30.39
N ALA B 129 7.00 -10.03 -29.20
CA ALA B 129 5.97 -9.67 -28.25
C ALA B 129 6.42 -10.09 -26.85
N ILE B 130 5.69 -9.58 -25.86
CA ILE B 130 5.87 -9.96 -24.46
C ILE B 130 4.55 -10.57 -24.00
N TYR B 131 4.55 -11.88 -23.78
CA TYR B 131 3.33 -12.58 -23.40
C TYR B 131 3.32 -12.88 -21.91
N LYS B 132 2.13 -12.84 -21.32
CA LYS B 132 1.93 -13.10 -19.91
C LYS B 132 0.87 -14.20 -19.80
N SER B 133 1.31 -15.41 -19.50
CA SER B 133 0.41 -16.54 -19.37
C SER B 133 0.20 -16.90 -17.91
N SER B 134 -0.72 -17.83 -17.67
CA SER B 134 -1.07 -18.28 -16.33
C SER B 134 -1.03 -19.79 -16.31
N CYS B 135 0.02 -20.36 -15.71
CA CYS B 135 0.19 -21.80 -15.62
C CYS B 135 0.18 -22.23 -14.17
N SER B 136 -0.39 -23.41 -13.92
CA SER B 136 -0.56 -23.90 -12.55
C SER B 136 0.79 -24.30 -11.99
N ILE B 137 1.39 -23.43 -11.19
CA ILE B 137 2.69 -23.70 -10.60
C ILE B 137 2.53 -24.77 -9.54
N ASP B 138 2.97 -25.98 -9.84
CA ASP B 138 2.87 -27.11 -8.90
C ASP B 138 4.09 -27.07 -7.99
N VAL B 139 3.86 -26.64 -6.74
CA VAL B 139 4.94 -26.59 -5.76
C VAL B 139 4.73 -27.68 -4.72
N THR B 140 5.31 -28.85 -4.96
CA THR B 140 5.36 -29.91 -3.97
C THR B 140 6.78 -30.23 -3.54
N PHE B 141 7.67 -30.50 -4.50
CA PHE B 141 9.06 -30.82 -4.21
C PHE B 141 9.93 -29.57 -4.20
N PHE B 142 9.50 -28.57 -3.44
CA PHE B 142 10.28 -27.34 -3.35
C PHE B 142 11.55 -27.60 -2.55
N PRO B 143 12.70 -27.10 -3.01
CA PRO B 143 12.88 -26.36 -4.26
C PRO B 143 13.24 -27.23 -5.45
N PHE B 144 13.37 -28.54 -5.24
CA PHE B 144 13.75 -29.44 -6.33
C PHE B 144 12.57 -29.61 -7.27
N ASP B 145 12.16 -28.54 -7.93
CA ASP B 145 10.84 -28.45 -8.53
C ASP B 145 10.93 -28.57 -10.05
N GLN B 146 9.81 -28.98 -10.64
CA GLN B 146 9.62 -28.93 -12.08
C GLN B 146 8.32 -28.19 -12.38
N GLN B 147 8.32 -27.44 -13.47
CA GLN B 147 7.17 -26.66 -13.86
C GLN B 147 6.74 -27.06 -15.26
N ASN B 148 5.45 -27.32 -15.42
CA ASN B 148 4.84 -27.68 -16.70
C ASN B 148 3.85 -26.59 -17.06
N CYS B 149 4.29 -25.61 -17.85
CA CYS B 149 3.48 -24.46 -18.18
C CYS B 149 3.07 -24.48 -19.64
N THR B 150 1.81 -24.14 -19.90
CA THR B 150 1.24 -24.29 -21.23
C THR B 150 0.81 -22.94 -21.77
N MET B 151 1.08 -22.71 -23.05
CA MET B 151 0.51 -21.62 -23.80
C MET B 151 -0.32 -22.19 -24.95
N LYS B 152 -1.35 -21.46 -25.34
CA LYS B 152 -2.37 -22.01 -26.24
C LYS B 152 -2.71 -20.95 -27.30
N PHE B 153 -2.09 -21.06 -28.46
CA PHE B 153 -2.36 -20.12 -29.54
C PHE B 153 -3.42 -20.67 -30.47
N GLY B 154 -4.13 -19.78 -31.14
CA GLY B 154 -5.12 -20.24 -32.09
C GLY B 154 -5.80 -19.09 -32.80
N SER B 155 -6.47 -19.44 -33.88
CA SER B 155 -7.31 -18.47 -34.57
C SER B 155 -8.56 -18.17 -33.74
N TRP B 156 -9.19 -17.05 -34.05
CA TRP B 156 -10.35 -16.60 -33.30
C TRP B 156 -11.64 -16.57 -34.12
N THR B 157 -11.60 -16.00 -35.32
CA THR B 157 -12.81 -15.83 -36.12
C THR B 157 -12.85 -16.74 -37.34
N TYR B 158 -12.11 -17.84 -37.33
CA TYR B 158 -12.02 -18.70 -38.49
C TYR B 158 -12.03 -20.17 -38.07
N ASP B 159 -12.42 -21.02 -39.01
CA ASP B 159 -12.57 -22.45 -38.79
C ASP B 159 -11.52 -23.22 -39.58
N LYS B 160 -11.51 -24.54 -39.38
CA LYS B 160 -10.69 -25.43 -40.19
C LYS B 160 -11.12 -25.40 -41.65
N ALA B 161 -12.37 -25.01 -41.92
CA ALA B 161 -12.86 -24.91 -43.29
C ALA B 161 -12.37 -23.65 -43.99
N LYS B 162 -11.69 -22.69 -43.21
CA LYS B 162 -11.10 -21.56 -43.92
C LYS B 162 -9.61 -21.38 -43.61
N ILE B 163 -9.17 -21.70 -42.43
CA ILE B 163 -7.77 -21.56 -42.03
C ILE B 163 -7.33 -22.82 -41.30
N ASP B 164 -6.15 -23.32 -41.64
CA ASP B 164 -5.57 -24.49 -41.00
C ASP B 164 -4.15 -24.17 -40.56
N LEU B 165 -3.80 -24.58 -39.35
CA LEU B 165 -2.48 -24.35 -38.79
C LEU B 165 -1.60 -25.58 -38.98
N VAL B 166 -0.32 -25.36 -39.24
CA VAL B 166 0.66 -26.42 -39.37
C VAL B 166 1.92 -26.00 -38.64
N ASN B 167 2.36 -26.81 -37.68
CA ASN B 167 3.58 -26.51 -36.95
C ASN B 167 4.80 -26.76 -37.83
N MET B 168 5.56 -25.69 -38.10
CA MET B 168 6.75 -25.81 -38.92
C MET B 168 7.80 -26.68 -38.24
N HIS B 169 8.05 -26.42 -36.96
CA HIS B 169 9.01 -27.18 -36.18
C HIS B 169 8.30 -27.82 -35.01
N SER B 170 8.46 -29.14 -34.87
CA SER B 170 7.84 -29.86 -33.76
C SER B 170 8.34 -29.38 -32.41
N ARG B 171 9.50 -28.74 -32.38
CA ARG B 171 10.07 -28.21 -31.15
C ARG B 171 10.32 -26.72 -31.29
N VAL B 172 10.39 -26.05 -30.14
CA VAL B 172 10.71 -24.63 -30.13
C VAL B 172 12.21 -24.46 -30.32
N ASP B 173 12.58 -23.55 -31.21
CA ASP B 173 14.00 -23.27 -31.42
C ASP B 173 14.55 -22.43 -30.27
N GLN B 174 15.81 -22.68 -29.94
CA GLN B 174 16.47 -22.03 -28.81
C GLN B 174 17.82 -21.46 -29.21
N LEU B 175 18.01 -21.16 -30.49
CA LEU B 175 19.31 -20.68 -30.96
C LEU B 175 19.63 -19.28 -30.45
N ASP B 176 18.62 -18.52 -30.02
CA ASP B 176 18.85 -17.19 -29.47
C ASP B 176 18.43 -17.12 -28.01
N PHE B 177 18.32 -18.25 -27.33
CA PHE B 177 17.85 -18.26 -25.96
C PHE B 177 18.84 -17.55 -25.04
N TRP B 178 18.31 -16.97 -23.97
CA TRP B 178 19.10 -16.28 -22.96
C TRP B 178 19.04 -17.08 -21.67
N GLU B 179 20.21 -17.52 -21.20
CA GLU B 179 20.26 -18.30 -19.97
C GLU B 179 19.90 -17.41 -18.79
N SER B 180 18.70 -17.63 -18.24
CA SER B 180 18.21 -16.78 -17.15
C SER B 180 19.02 -16.95 -15.88
N GLY B 181 19.81 -18.01 -15.77
CA GLY B 181 20.61 -18.23 -14.58
C GLY B 181 19.86 -18.94 -13.48
N GLU B 182 18.54 -18.78 -13.46
CA GLU B 182 17.69 -19.44 -12.49
C GLU B 182 16.92 -20.62 -13.07
N TRP B 183 16.55 -20.56 -14.34
CA TRP B 183 15.68 -21.55 -14.95
C TRP B 183 16.32 -22.08 -16.22
N VAL B 184 16.21 -23.39 -16.43
CA VAL B 184 16.66 -24.04 -17.65
C VAL B 184 15.50 -24.81 -18.24
N ILE B 185 15.38 -24.76 -19.57
CA ILE B 185 14.26 -25.39 -20.27
C ILE B 185 14.62 -26.84 -20.54
N VAL B 186 13.90 -27.76 -19.91
CA VAL B 186 14.09 -29.18 -20.20
C VAL B 186 13.62 -29.49 -21.61
N ASP B 187 12.37 -29.17 -21.92
CA ASP B 187 11.91 -29.31 -23.30
C ASP B 187 10.69 -28.45 -23.55
N ALA B 188 10.41 -28.24 -24.83
CA ALA B 188 9.31 -27.40 -25.29
C ALA B 188 8.63 -28.10 -26.45
N VAL B 189 7.41 -28.60 -26.24
CA VAL B 189 6.74 -29.45 -27.21
C VAL B 189 5.54 -28.71 -27.77
N GLY B 190 5.34 -28.82 -29.08
CA GLY B 190 4.17 -28.26 -29.76
C GLY B 190 3.20 -29.37 -30.12
N THR B 191 1.91 -29.10 -29.96
CA THR B 191 0.88 -30.09 -30.25
C THR B 191 -0.27 -29.42 -30.99
N TYR B 192 -0.71 -30.06 -32.07
CA TYR B 192 -1.80 -29.56 -32.91
C TYR B 192 -3.10 -30.25 -32.49
N ASN B 193 -4.07 -29.47 -32.05
CA ASN B 193 -5.33 -30.03 -31.57
C ASN B 193 -6.50 -29.31 -32.22
N THR B 194 -7.68 -29.90 -32.07
CA THR B 194 -8.94 -29.32 -32.55
C THR B 194 -9.99 -29.45 -31.47
N ARG B 195 -10.83 -28.43 -31.34
CA ARG B 195 -11.90 -28.45 -30.35
C ARG B 195 -13.21 -28.04 -31.00
N LYS B 196 -14.28 -28.06 -30.21
CA LYS B 196 -15.61 -27.64 -30.64
C LYS B 196 -16.31 -26.97 -29.47
N TYR B 197 -16.58 -25.69 -29.63
CA TYR B 197 -17.22 -24.86 -28.60
C TYR B 197 -18.74 -24.78 -28.68
N GLU B 198 -19.36 -24.25 -27.61
CA GLU B 198 -20.82 -24.13 -27.56
C GLU B 198 -21.35 -23.09 -28.54
N CYS B 199 -20.52 -22.10 -28.90
CA CYS B 199 -21.00 -21.02 -29.76
C CYS B 199 -21.52 -21.55 -31.08
N CYS B 200 -20.82 -22.52 -31.66
CA CYS B 200 -20.85 -22.69 -33.10
C CYS B 200 -21.01 -24.15 -33.46
N ALA B 201 -20.86 -24.48 -34.75
CA ALA B 201 -20.95 -25.85 -35.22
C ALA B 201 -19.64 -26.41 -35.73
N GLU B 202 -18.82 -25.59 -36.38
CA GLU B 202 -17.56 -26.05 -36.93
C GLU B 202 -16.53 -26.24 -35.82
N ILE B 203 -15.48 -26.97 -36.14
CA ILE B 203 -14.40 -27.25 -35.20
C ILE B 203 -13.26 -26.27 -35.45
N TYR B 204 -12.56 -25.92 -34.38
CA TYR B 204 -11.54 -24.89 -34.42
C TYR B 204 -10.18 -25.46 -34.04
N PRO B 205 -9.14 -25.23 -34.82
CA PRO B 205 -7.81 -25.76 -34.49
C PRO B 205 -7.09 -24.84 -33.51
N ASP B 206 -6.02 -25.38 -32.93
CA ASP B 206 -5.19 -24.62 -32.01
C ASP B 206 -3.86 -25.34 -31.83
N ILE B 207 -2.87 -24.60 -31.33
CA ILE B 207 -1.54 -25.13 -31.08
C ILE B 207 -1.22 -24.91 -29.61
N THR B 208 -0.95 -25.99 -28.90
CA THR B 208 -0.58 -25.95 -27.50
C THR B 208 0.92 -26.20 -27.36
N TYR B 209 1.63 -25.24 -26.77
CA TYR B 209 3.04 -25.38 -26.46
C TYR B 209 3.18 -25.66 -24.97
N ALA B 210 3.78 -26.80 -24.64
CA ALA B 210 4.04 -27.17 -23.26
C ALA B 210 5.53 -27.03 -22.99
N PHE B 211 5.87 -26.19 -22.02
CA PHE B 211 7.24 -26.03 -21.55
C PHE B 211 7.38 -26.83 -20.27
N VAL B 212 8.27 -27.82 -20.27
CA VAL B 212 8.67 -28.49 -19.05
C VAL B 212 10.06 -27.96 -18.70
N ILE B 213 10.16 -27.31 -17.53
CA ILE B 213 11.36 -26.63 -17.09
C ILE B 213 11.65 -27.02 -15.65
N ARG B 214 12.88 -26.74 -15.22
CA ARG B 214 13.31 -27.06 -13.87
C ARG B 214 14.01 -25.86 -13.25
N ARG B 215 14.07 -25.85 -11.92
CA ARG B 215 14.72 -24.80 -11.17
C ARG B 215 16.09 -25.28 -10.69
N LEU B 216 17.09 -24.44 -10.86
CA LEU B 216 18.40 -24.73 -10.29
C LEU B 216 18.31 -24.57 -8.78
N PRO B 217 18.66 -25.59 -7.99
CA PRO B 217 18.34 -25.56 -6.57
C PRO B 217 19.38 -24.92 -5.66
N LEU B 218 20.54 -24.51 -6.18
CA LEU B 218 21.64 -24.10 -5.30
C LEU B 218 21.27 -22.90 -4.45
N PHE B 219 20.52 -21.96 -5.01
CA PHE B 219 20.24 -20.70 -4.31
C PHE B 219 19.40 -20.93 -3.06
N TYR B 220 18.24 -21.55 -3.22
CA TYR B 220 17.36 -21.75 -2.08
C TYR B 220 17.92 -22.77 -1.09
N THR B 221 18.75 -23.70 -1.57
CA THR B 221 19.36 -24.64 -0.63
C THR B 221 20.56 -24.03 0.10
N ILE B 222 21.09 -22.92 -0.40
CA ILE B 222 22.20 -22.24 0.29
C ILE B 222 21.74 -21.01 1.05
N ASN B 223 20.48 -20.59 0.90
CA ASN B 223 20.02 -19.39 1.57
C ASN B 223 18.71 -19.52 2.33
N LEU B 224 17.89 -20.53 2.06
CA LEU B 224 16.59 -20.61 2.73
C LEU B 224 16.42 -21.88 3.56
N ILE B 225 16.66 -23.06 2.99
CA ILE B 225 16.29 -24.28 3.70
C ILE B 225 17.37 -24.77 4.65
N ILE B 226 18.64 -24.49 4.37
CA ILE B 226 19.69 -24.99 5.25
C ILE B 226 19.67 -24.25 6.60
N PRO B 227 19.31 -22.96 6.69
CA PRO B 227 19.25 -22.38 8.05
C PRO B 227 18.13 -22.95 8.89
N CYS B 228 16.94 -23.16 8.30
CA CYS B 228 15.83 -23.70 9.06
C CYS B 228 16.08 -25.16 9.42
N LEU B 229 16.65 -25.93 8.49
CA LEU B 229 17.03 -27.31 8.81
C LEU B 229 18.11 -27.34 9.89
N LEU B 230 18.95 -26.31 9.94
CA LEU B 230 19.95 -26.22 11.01
C LEU B 230 19.29 -25.96 12.35
N ILE B 231 18.48 -24.90 12.44
CA ILE B 231 17.90 -24.53 13.73
C ILE B 231 16.80 -25.48 14.17
N SER B 232 16.31 -26.34 13.28
CA SER B 232 15.41 -27.40 13.72
C SER B 232 16.15 -28.50 14.46
N CYS B 233 17.46 -28.62 14.27
CA CYS B 233 18.26 -29.63 14.93
C CYS B 233 18.59 -29.27 16.38
N LEU B 234 17.89 -28.29 16.93
CA LEU B 234 18.10 -27.89 18.32
C LEU B 234 16.94 -28.24 19.22
N THR B 235 15.79 -28.63 18.66
CA THR B 235 14.62 -28.91 19.50
C THR B 235 14.84 -30.11 20.41
N VAL B 236 15.71 -31.04 20.01
CA VAL B 236 16.01 -32.17 20.89
C VAL B 236 17.09 -31.80 21.90
N LEU B 237 17.81 -30.71 21.66
CA LEU B 237 18.96 -30.37 22.48
C LEU B 237 18.57 -29.86 23.86
N VAL B 238 17.35 -29.32 24.02
CA VAL B 238 17.00 -28.64 25.26
C VAL B 238 16.88 -29.61 26.43
N PHE B 239 16.48 -30.85 26.17
CA PHE B 239 16.24 -31.77 27.28
C PHE B 239 17.54 -32.18 27.96
N TYR B 240 18.63 -32.27 27.21
CA TYR B 240 19.91 -32.63 27.80
C TYR B 240 20.44 -31.54 28.72
N LEU B 241 19.97 -30.31 28.55
CA LEU B 241 20.42 -29.21 29.38
C LEU B 241 19.90 -29.40 30.81
N PRO B 242 20.73 -29.15 31.81
CA PRO B 242 20.32 -29.44 33.19
C PRO B 242 19.19 -28.54 33.66
N SER B 243 18.46 -29.04 34.66
CA SER B 243 17.25 -28.35 35.09
C SER B 243 17.55 -27.11 35.91
N GLU B 244 18.50 -27.21 36.85
CA GLU B 244 18.71 -26.13 37.80
C GLU B 244 19.27 -24.87 37.16
N CYS B 245 19.93 -25.01 36.00
CA CYS B 245 20.51 -23.83 35.36
C CYS B 245 19.45 -22.77 35.09
N GLY B 246 18.32 -23.19 34.54
CA GLY B 246 17.13 -22.35 34.54
C GLY B 246 16.90 -21.48 33.33
N GLU B 247 17.48 -21.87 32.20
CA GLU B 247 17.34 -21.13 30.95
C GLU B 247 16.73 -21.96 29.81
N LYS B 248 16.21 -23.14 30.14
CA LYS B 248 15.65 -24.03 29.12
C LYS B 248 14.46 -23.43 28.37
N ILE B 249 13.57 -22.77 29.11
CA ILE B 249 12.40 -22.14 28.50
C ILE B 249 12.82 -21.07 27.50
N THR B 250 13.94 -20.40 27.75
CA THR B 250 14.44 -19.39 26.82
C THR B 250 14.81 -20.05 25.49
N LEU B 251 15.55 -21.16 25.54
CA LEU B 251 15.92 -21.86 24.33
C LEU B 251 14.70 -22.35 23.58
N CYS B 252 13.73 -22.91 24.30
CA CYS B 252 12.53 -23.42 23.65
C CYS B 252 11.75 -22.30 22.95
N ILE B 253 11.58 -21.17 23.65
CA ILE B 253 10.87 -20.04 23.06
C ILE B 253 11.60 -19.54 21.82
N SER B 254 12.93 -19.43 21.91
CA SER B 254 13.69 -18.96 20.76
C SER B 254 13.51 -19.90 19.56
N VAL B 255 13.58 -21.20 19.80
CA VAL B 255 13.41 -22.16 18.70
C VAL B 255 12.02 -22.04 18.09
N LEU B 256 10.99 -21.92 18.95
CA LEU B 256 9.63 -21.87 18.44
C LEU B 256 9.39 -20.60 17.62
N LEU B 257 9.86 -19.46 18.12
CA LEU B 257 9.69 -18.21 17.36
C LEU B 257 10.49 -18.26 16.06
N SER B 258 11.68 -18.86 16.06
CA SER B 258 12.44 -18.96 14.82
C SER B 258 11.72 -19.83 13.80
N LEU B 259 11.16 -20.96 14.25
CA LEU B 259 10.39 -21.79 13.33
C LEU B 259 9.18 -21.05 12.78
N THR B 260 8.48 -20.30 13.64
CA THR B 260 7.34 -19.53 13.17
C THR B 260 7.77 -18.50 12.13
N VAL B 261 8.91 -17.85 12.35
CA VAL B 261 9.39 -16.86 11.39
C VAL B 261 9.70 -17.52 10.05
N PHE B 262 10.40 -18.66 10.08
CA PHE B 262 10.67 -19.36 8.83
C PHE B 262 9.39 -19.76 8.12
N LEU B 263 8.39 -20.23 8.87
CA LEU B 263 7.16 -20.68 8.24
C LEU B 263 6.40 -19.52 7.61
N LEU B 264 6.26 -18.41 8.34
CA LEU B 264 5.58 -17.26 7.78
C LEU B 264 6.37 -16.59 6.67
N LEU B 265 7.65 -16.81 6.62
CA LEU B 265 8.46 -16.27 5.53
C LEU B 265 8.21 -17.06 4.26
N ILE B 266 8.27 -18.39 4.36
CA ILE B 266 8.13 -19.22 3.18
C ILE B 266 6.69 -19.24 2.68
N THR B 267 5.75 -18.79 3.50
CA THR B 267 4.36 -18.73 3.04
C THR B 267 4.17 -17.68 1.95
N GLU B 268 5.13 -16.76 1.81
CA GLU B 268 5.03 -15.76 0.75
C GLU B 268 5.61 -16.29 -0.55
N ILE B 269 6.66 -17.09 -0.47
CA ILE B 269 7.44 -17.40 -1.66
C ILE B 269 6.72 -18.46 -2.51
N ILE B 270 5.74 -19.15 -1.95
CA ILE B 270 5.03 -20.19 -2.69
C ILE B 270 3.57 -19.80 -2.86
N PRO B 271 2.89 -20.38 -3.83
CA PRO B 271 1.49 -20.00 -4.07
C PRO B 271 0.57 -20.55 -2.99
N SER B 272 -0.49 -19.80 -2.71
CA SER B 272 -1.47 -20.20 -1.72
C SER B 272 -2.52 -21.13 -2.32
N THR B 273 -2.05 -22.17 -3.00
CA THR B 273 -2.94 -23.12 -3.67
C THR B 273 -3.23 -24.28 -2.72
N SER B 274 -4.51 -24.48 -2.43
CA SER B 274 -4.94 -25.50 -1.48
C SER B 274 -5.09 -26.87 -2.12
N LEU B 275 -4.65 -27.05 -3.37
CA LEU B 275 -4.76 -28.37 -3.99
C LEU B 275 -3.73 -29.33 -3.41
N VAL B 276 -2.51 -28.85 -3.17
CA VAL B 276 -1.45 -29.63 -2.54
C VAL B 276 -0.72 -28.74 -1.54
N ILE B 277 0.03 -29.38 -0.64
CA ILE B 277 0.80 -28.68 0.37
C ILE B 277 2.29 -28.80 0.06
N PRO B 278 3.07 -27.73 0.24
CA PRO B 278 4.52 -27.84 0.06
C PRO B 278 5.12 -28.74 1.12
N LEU B 279 6.20 -29.43 0.75
CA LEU B 279 6.81 -30.38 1.66
C LEU B 279 7.51 -29.68 2.81
N ILE B 280 8.24 -28.60 2.51
CA ILE B 280 8.96 -27.88 3.55
C ILE B 280 8.00 -27.29 4.56
N GLY B 281 6.84 -26.79 4.10
CA GLY B 281 5.85 -26.27 5.02
C GLY B 281 5.37 -27.32 5.99
N GLU B 282 5.08 -28.51 5.48
CA GLU B 282 4.63 -29.60 6.35
C GLU B 282 5.72 -29.99 7.34
N TYR B 283 6.97 -30.07 6.87
CA TYR B 283 8.06 -30.41 7.77
C TYR B 283 8.21 -29.38 8.89
N LEU B 284 8.11 -28.09 8.55
CA LEU B 284 8.26 -27.06 9.56
C LEU B 284 7.10 -27.09 10.56
N LEU B 285 5.88 -27.33 10.08
CA LEU B 285 4.75 -27.42 11.01
C LEU B 285 4.89 -28.63 11.92
N PHE B 286 5.42 -29.73 11.38
CA PHE B 286 5.67 -30.92 12.19
C PHE B 286 6.69 -30.62 13.28
N THR B 287 7.76 -29.92 12.92
CA THR B 287 8.75 -29.53 13.92
C THR B 287 8.15 -28.57 14.94
N MET B 288 7.22 -27.72 14.53
CA MET B 288 6.57 -26.84 15.49
C MET B 288 5.71 -27.63 16.47
N ILE B 289 4.97 -28.63 15.98
CA ILE B 289 4.20 -29.50 16.88
C ILE B 289 5.13 -30.14 17.90
N PHE B 290 6.26 -30.68 17.43
CA PHE B 290 7.17 -31.31 18.39
C PHE B 290 7.80 -30.31 19.33
N VAL B 291 8.08 -29.09 18.89
CA VAL B 291 8.74 -28.16 19.79
C VAL B 291 7.76 -27.63 20.83
N THR B 292 6.51 -27.44 20.45
CA THR B 292 5.49 -27.00 21.39
C THR B 292 5.32 -28.09 22.45
N LEU B 293 5.32 -29.36 22.00
CA LEU B 293 5.17 -30.48 22.91
C LEU B 293 6.37 -30.53 23.85
N SER B 294 7.56 -30.30 23.30
CA SER B 294 8.78 -30.25 24.10
C SER B 294 8.71 -29.17 25.16
N ILE B 295 8.19 -27.99 24.82
CA ILE B 295 8.17 -26.92 25.81
C ILE B 295 7.18 -27.23 26.92
N VAL B 296 5.99 -27.72 26.67
CA VAL B 296 5.05 -28.03 27.74
C VAL B 296 5.59 -29.14 28.64
N ILE B 297 6.28 -30.34 27.96
CA ILE B 297 6.82 -31.39 28.82
C ILE B 297 8.01 -30.88 29.64
N THR B 298 8.75 -29.90 29.11
CA THR B 298 9.90 -29.43 29.86
C THR B 298 9.48 -28.46 30.97
N VAL B 299 8.41 -27.69 30.77
CA VAL B 299 7.93 -26.91 31.91
C VAL B 299 7.33 -27.84 32.96
N PHE B 300 6.72 -28.96 32.52
CA PHE B 300 6.27 -29.95 33.49
C PHE B 300 7.42 -30.48 34.33
N VAL B 301 8.50 -30.92 33.67
CA VAL B 301 9.60 -31.50 34.44
C VAL B 301 10.28 -30.43 35.27
N LEU B 302 10.28 -29.17 34.81
CA LEU B 302 10.90 -28.12 35.59
C LEU B 302 10.10 -27.84 36.85
N ASN B 303 8.76 -27.91 36.75
CA ASN B 303 7.96 -27.79 37.97
C ASN B 303 8.20 -28.98 38.89
N VAL B 304 8.37 -30.18 38.32
CA VAL B 304 8.71 -31.33 39.14
C VAL B 304 10.02 -31.10 39.87
N HIS B 305 10.94 -30.35 39.27
CA HIS B 305 12.24 -30.11 39.90
C HIS B 305 12.10 -29.31 41.19
N HIS B 306 11.57 -28.09 41.10
CA HIS B 306 11.65 -27.17 42.23
C HIS B 306 10.77 -27.55 43.42
N ARG B 307 9.81 -28.44 43.25
CA ARG B 307 8.87 -28.69 44.35
C ARG B 307 9.60 -29.29 45.55
N SER B 308 9.23 -28.81 46.74
CA SER B 308 9.90 -29.02 48.01
C SER B 308 9.30 -30.22 48.75
N PRO B 309 10.10 -30.88 49.59
CA PRO B 309 9.59 -32.06 50.30
C PRO B 309 8.49 -31.72 51.30
N ARG B 310 8.56 -30.56 51.93
CA ARG B 310 7.58 -30.19 52.95
C ARG B 310 6.23 -29.79 52.37
N THR B 311 6.08 -29.84 51.06
CA THR B 311 4.81 -29.51 50.41
C THR B 311 4.23 -30.67 49.60
N HIS B 312 5.07 -31.38 48.85
CA HIS B 312 4.59 -32.37 47.90
C HIS B 312 5.24 -33.74 48.10
N THR B 313 5.24 -34.26 49.32
CA THR B 313 6.03 -35.42 49.66
C THR B 313 5.73 -36.65 48.79
N MET B 314 4.52 -37.21 48.86
CA MET B 314 4.02 -38.35 48.10
C MET B 314 5.13 -39.34 47.71
N PRO B 315 5.78 -39.98 48.67
CA PRO B 315 6.97 -40.80 48.35
C PRO B 315 6.70 -42.26 48.06
N THR B 316 5.47 -42.74 48.20
CA THR B 316 5.22 -44.17 48.12
C THR B 316 5.26 -44.68 46.68
N TRP B 317 4.38 -44.15 45.84
CA TRP B 317 4.23 -44.67 44.49
C TRP B 317 5.40 -44.28 43.59
N VAL B 318 6.04 -43.13 43.85
CA VAL B 318 7.02 -42.59 42.91
C VAL B 318 8.36 -43.30 43.05
N ARG B 319 8.80 -43.56 44.28
CA ARG B 319 10.13 -44.12 44.48
C ARG B 319 10.25 -45.53 43.89
N ARG B 320 9.19 -46.32 44.03
CA ARG B 320 9.25 -47.70 43.57
C ARG B 320 9.50 -47.79 42.07
N VAL B 321 8.99 -46.84 41.30
CA VAL B 321 9.05 -46.89 39.85
C VAL B 321 10.21 -46.06 39.29
N PHE B 322 10.41 -44.85 39.81
CA PHE B 322 11.45 -43.96 39.29
C PHE B 322 12.81 -44.18 39.94
N LEU B 323 13.01 -45.30 40.63
CA LEU B 323 14.33 -45.67 41.12
C LEU B 323 14.76 -47.03 40.60
N ASP B 324 13.93 -47.72 39.83
CA ASP B 324 14.27 -48.99 39.23
C ASP B 324 14.25 -48.97 37.71
N ILE B 325 13.79 -47.89 37.10
CA ILE B 325 13.85 -47.77 35.64
C ILE B 325 15.24 -47.35 35.20
N VAL B 326 15.96 -46.62 36.05
CA VAL B 326 17.31 -46.15 35.75
C VAL B 326 18.21 -47.31 35.32
N PRO B 327 18.18 -48.48 36.00
CA PRO B 327 18.92 -49.62 35.45
C PRO B 327 18.42 -50.05 34.07
N ARG B 328 17.11 -50.04 33.85
CA ARG B 328 16.58 -50.34 32.52
C ARG B 328 17.05 -49.32 31.50
N LEU B 329 17.25 -48.08 31.92
CA LEU B 329 17.69 -47.02 31.04
C LEU B 329 19.22 -46.97 30.89
N LEU B 330 19.92 -47.93 31.49
CA LEU B 330 21.38 -48.04 31.41
C LEU B 330 22.04 -46.75 31.91
N LEU B 331 21.81 -46.46 33.18
CA LEU B 331 22.40 -45.32 33.85
C LEU B 331 22.76 -45.71 35.27
N MET B 332 23.91 -45.24 35.74
CA MET B 332 24.37 -45.60 37.07
C MET B 332 23.55 -44.89 38.14
N LYS B 333 23.43 -45.54 39.29
CA LYS B 333 22.77 -44.96 40.45
C LYS B 333 23.76 -44.07 41.20
N ARG B 334 23.40 -43.68 42.41
CA ARG B 334 24.28 -42.86 43.24
C ARG B 334 25.58 -43.60 43.57
N PHE B 342 18.59 -34.20 56.46
CA PHE B 342 17.55 -35.12 56.00
C PHE B 342 16.80 -34.57 54.81
N GLU B 343 16.40 -33.29 54.90
CA GLU B 343 15.66 -32.66 53.82
C GLU B 343 16.48 -32.62 52.53
N ARG B 344 17.80 -32.48 52.65
CA ARG B 344 18.65 -32.45 51.47
C ARG B 344 18.58 -33.78 50.72
N SER B 345 18.48 -34.89 51.44
CA SER B 345 18.40 -36.19 50.78
C SER B 345 17.12 -36.30 49.95
N VAL B 346 15.99 -35.87 50.49
CA VAL B 346 14.74 -35.94 49.76
C VAL B 346 14.77 -34.99 48.57
N LYS B 347 15.36 -33.81 48.75
CA LYS B 347 15.48 -32.87 47.63
C LYS B 347 16.37 -33.44 46.52
N GLU B 348 17.43 -34.14 46.90
CA GLU B 348 18.29 -34.75 45.89
C GLU B 348 17.57 -35.88 45.16
N ASP B 349 16.77 -36.67 45.90
CA ASP B 349 15.96 -37.70 45.24
C ASP B 349 14.95 -37.06 44.28
N TRP B 350 14.42 -35.89 44.65
CA TRP B 350 13.46 -35.20 43.81
C TRP B 350 14.13 -34.70 42.53
N LYS B 351 15.31 -34.08 42.66
CA LYS B 351 16.06 -33.69 41.48
C LYS B 351 16.45 -34.92 40.65
N TYR B 352 16.68 -36.05 41.30
CA TYR B 352 17.05 -37.26 40.58
C TYR B 352 15.90 -37.79 39.75
N VAL B 353 14.70 -37.83 40.32
CA VAL B 353 13.54 -38.28 39.54
C VAL B 353 13.24 -37.29 38.42
N ALA B 354 13.47 -36.00 38.66
CA ALA B 354 13.32 -35.02 37.58
C ALA B 354 14.30 -35.32 36.44
N MET B 355 15.57 -35.57 36.78
CA MET B 355 16.56 -35.85 35.75
C MET B 355 16.22 -37.13 34.99
N VAL B 356 15.75 -38.16 35.70
CA VAL B 356 15.45 -39.44 35.06
C VAL B 356 14.29 -39.28 34.09
N ILE B 357 13.23 -38.61 34.50
CA ILE B 357 12.09 -38.44 33.59
C ILE B 357 12.48 -37.56 32.41
N ASP B 358 13.34 -36.57 32.63
CA ASP B 358 13.84 -35.77 31.52
C ASP B 358 14.59 -36.64 30.52
N ARG B 359 15.45 -37.51 31.03
CA ARG B 359 16.23 -38.39 30.15
C ARG B 359 15.32 -39.34 29.37
N ILE B 360 14.26 -39.86 30.01
CA ILE B 360 13.38 -40.78 29.30
C ILE B 360 12.62 -40.06 28.20
N PHE B 361 12.20 -38.82 28.46
CA PHE B 361 11.56 -38.05 27.38
C PHE B 361 12.53 -37.76 26.24
N LEU B 362 13.80 -37.47 26.56
CA LEU B 362 14.78 -37.24 25.49
C LEU B 362 14.96 -38.48 24.63
N TRP B 363 15.15 -39.64 25.25
CA TRP B 363 15.31 -40.87 24.48
C TRP B 363 14.06 -41.22 23.69
N MET B 364 12.87 -40.92 24.23
CA MET B 364 11.66 -41.18 23.44
C MET B 364 11.52 -40.20 22.28
N PHE B 365 11.96 -38.94 22.49
CA PHE B 365 11.75 -37.90 21.49
C PHE B 365 12.70 -38.04 20.31
N ILE B 366 13.96 -38.40 20.57
CA ILE B 366 14.95 -38.37 19.50
C ILE B 366 14.61 -39.36 18.39
N ILE B 367 14.16 -40.57 18.77
CA ILE B 367 13.84 -41.58 17.76
C ILE B 367 12.61 -41.16 16.95
N VAL B 368 11.63 -40.55 17.61
CA VAL B 368 10.44 -40.08 16.89
C VAL B 368 10.82 -38.99 15.90
N CYS B 369 11.71 -38.08 16.30
CA CYS B 369 12.16 -37.05 15.38
C CYS B 369 12.90 -37.65 14.19
N LEU B 370 13.77 -38.63 14.45
CA LEU B 370 14.51 -39.25 13.36
C LEU B 370 13.58 -39.96 12.40
N LEU B 371 12.57 -40.65 12.93
CA LEU B 371 11.58 -41.31 12.07
C LEU B 371 10.80 -40.29 11.26
N GLY B 372 10.47 -39.15 11.89
CA GLY B 372 9.81 -38.08 11.15
C GLY B 372 10.64 -37.58 9.99
N THR B 373 11.95 -37.46 10.19
CA THR B 373 12.82 -37.06 9.09
C THR B 373 12.86 -38.10 7.99
N VAL B 374 12.92 -39.39 8.36
CA VAL B 374 13.02 -40.46 7.36
C VAL B 374 11.74 -40.58 6.55
N GLY B 375 10.59 -40.42 7.22
CA GLY B 375 9.32 -40.68 6.55
C GLY B 375 8.90 -39.62 5.56
N LEU B 376 9.27 -38.35 5.80
CA LEU B 376 8.81 -37.28 4.93
C LEU B 376 9.61 -37.24 3.63
N PHE B 377 10.92 -37.47 3.69
CA PHE B 377 11.78 -37.38 2.52
C PHE B 377 12.00 -38.73 1.85
N LEU B 378 11.03 -39.62 1.95
CA LEU B 378 11.13 -40.95 1.33
C LEU B 378 10.79 -40.96 -0.16
N PRO B 379 9.69 -40.34 -0.60
CA PRO B 379 9.28 -40.47 -2.02
C PRO B 379 10.32 -39.96 -3.01
N PRO B 380 11.09 -38.90 -2.72
CA PRO B 380 12.10 -38.49 -3.73
C PRO B 380 13.15 -39.55 -4.01
N TRP B 381 13.43 -40.42 -3.05
CA TRP B 381 14.47 -41.44 -3.23
C TRP B 381 13.91 -42.84 -2.95
N ASP C 2 -12.76 -13.77 -54.26
CA ASP C 2 -12.81 -12.62 -55.16
C ASP C 2 -14.09 -11.84 -54.95
N THR C 3 -15.24 -12.52 -55.07
CA THR C 3 -16.52 -11.87 -54.86
C THR C 3 -16.69 -11.40 -53.42
N GLU C 4 -15.95 -11.98 -52.48
CA GLU C 4 -16.01 -11.51 -51.11
C GLU C 4 -15.62 -10.04 -51.02
N GLU C 5 -14.64 -9.63 -51.83
CA GLU C 5 -14.20 -8.23 -51.80
C GLU C 5 -15.31 -7.30 -52.27
N ARG C 6 -15.98 -7.64 -53.36
CA ARG C 6 -17.09 -6.82 -53.83
C ARG C 6 -18.24 -6.82 -52.85
N LEU C 7 -18.47 -7.95 -52.17
CA LEU C 7 -19.51 -7.99 -51.15
C LEU C 7 -19.17 -7.05 -50.00
N VAL C 8 -17.93 -7.07 -49.53
CA VAL C 8 -17.53 -6.17 -48.45
C VAL C 8 -17.64 -4.72 -48.90
N GLU C 9 -17.27 -4.42 -50.14
CA GLU C 9 -17.36 -3.05 -50.62
C GLU C 9 -18.80 -2.59 -50.71
N HIS C 10 -19.71 -3.48 -51.10
CA HIS C 10 -21.12 -3.10 -51.18
C HIS C 10 -21.74 -2.95 -49.80
N LEU C 11 -21.36 -3.81 -48.86
CA LEU C 11 -21.93 -3.73 -47.52
C LEU C 11 -21.38 -2.52 -46.76
N LEU C 12 -20.07 -2.36 -46.76
CA LEU C 12 -19.41 -1.40 -45.87
C LEU C 12 -19.15 -0.07 -46.56
N ASP C 13 -19.99 0.30 -47.51
CA ASP C 13 -19.81 1.59 -48.19
C ASP C 13 -20.06 2.74 -47.23
N PRO C 14 -19.16 3.72 -47.17
CA PRO C 14 -19.39 4.86 -46.27
C PRO C 14 -20.63 5.67 -46.63
N SER C 15 -20.90 5.85 -47.93
CA SER C 15 -22.08 6.62 -48.33
C SER C 15 -23.36 5.83 -48.09
N ARG C 16 -23.31 4.50 -48.24
CA ARG C 16 -24.51 3.70 -48.08
C ARG C 16 -24.76 3.36 -46.61
N TYR C 17 -23.73 2.93 -45.89
CA TYR C 17 -23.85 2.49 -44.51
C TYR C 17 -23.24 3.53 -43.59
N ASN C 18 -23.97 3.90 -42.55
CA ASN C 18 -23.50 4.85 -41.55
C ASN C 18 -23.26 4.12 -40.24
N LYS C 19 -22.12 4.39 -39.62
CA LYS C 19 -21.77 3.71 -38.37
C LYS C 19 -22.41 4.39 -37.16
N LEU C 20 -22.63 5.70 -37.23
CA LEU C 20 -23.04 6.43 -36.04
C LEU C 20 -24.49 6.13 -35.67
N ILE C 21 -25.39 6.19 -36.64
CA ILE C 21 -26.81 6.01 -36.35
C ILE C 21 -27.10 4.53 -36.12
N ARG C 22 -28.07 4.26 -35.25
CA ARG C 22 -28.40 2.87 -34.96
C ARG C 22 -29.64 2.44 -35.72
N PRO C 23 -29.72 1.17 -36.10
CA PRO C 23 -30.85 0.70 -36.91
C PRO C 23 -32.10 0.48 -36.08
N ALA C 24 -33.24 0.78 -36.70
CA ALA C 24 -34.56 0.57 -36.12
C ALA C 24 -35.60 0.80 -37.21
N THR C 25 -36.72 0.11 -37.11
CA THR C 25 -37.80 0.22 -38.09
C THR C 25 -39.14 0.27 -37.39
N ASN C 26 -40.16 0.67 -38.15
CA ASN C 26 -41.56 0.64 -37.72
C ASN C 26 -41.78 1.48 -36.46
N GLY C 27 -41.52 2.78 -36.60
CA GLY C 27 -41.80 3.73 -35.54
C GLY C 27 -40.99 3.53 -34.28
N SER C 28 -39.67 3.57 -34.41
CA SER C 28 -38.75 3.54 -33.27
C SER C 28 -38.97 2.31 -32.40
N GLU C 29 -39.07 1.14 -33.03
CA GLU C 29 -39.12 -0.09 -32.28
C GLU C 29 -37.80 -0.35 -31.57
N LEU C 30 -37.89 -0.97 -30.40
CA LEU C 30 -36.69 -1.35 -29.68
C LEU C 30 -35.97 -2.47 -30.41
N VAL C 31 -34.65 -2.36 -30.50
CA VAL C 31 -33.83 -3.38 -31.13
C VAL C 31 -33.28 -4.30 -30.05
N THR C 32 -33.66 -5.57 -30.11
CA THR C 32 -33.28 -6.51 -29.07
C THR C 32 -31.79 -6.85 -29.17
N VAL C 33 -31.11 -6.86 -28.03
CA VAL C 33 -29.70 -7.21 -27.94
C VAL C 33 -29.58 -8.28 -26.87
N GLN C 34 -29.23 -9.49 -27.28
CA GLN C 34 -29.13 -10.63 -26.37
C GLN C 34 -27.67 -10.88 -26.06
N LEU C 35 -27.29 -10.75 -24.79
CA LEU C 35 -25.91 -10.96 -24.38
C LEU C 35 -25.86 -12.03 -23.30
N MET C 36 -24.83 -12.87 -23.38
CA MET C 36 -24.59 -13.87 -22.34
C MET C 36 -23.09 -14.06 -22.15
N VAL C 37 -22.69 -14.25 -20.90
CA VAL C 37 -21.28 -14.26 -20.52
C VAL C 37 -20.85 -15.68 -20.24
N SER C 38 -19.55 -15.91 -20.35
CA SER C 38 -18.94 -17.19 -19.99
C SER C 38 -17.50 -16.92 -19.59
N LEU C 39 -17.13 -17.28 -18.37
CA LEU C 39 -15.80 -16.97 -17.88
C LEU C 39 -14.86 -18.14 -18.12
N ALA C 40 -13.65 -17.82 -18.57
CA ALA C 40 -12.66 -18.86 -18.87
C ALA C 40 -11.99 -19.34 -17.60
N GLN C 41 -11.47 -18.42 -16.79
CA GLN C 41 -10.83 -18.81 -15.54
C GLN C 41 -10.76 -17.60 -14.62
N LEU C 42 -11.06 -17.83 -13.35
CA LEU C 42 -10.96 -16.79 -12.33
C LEU C 42 -9.48 -16.51 -12.08
N ILE C 43 -8.99 -15.36 -12.56
CA ILE C 43 -7.57 -15.08 -12.48
C ILE C 43 -7.16 -14.83 -11.03
N SER C 44 -7.71 -13.79 -10.41
CA SER C 44 -7.27 -13.46 -9.07
C SER C 44 -8.37 -12.75 -8.30
N VAL C 45 -8.29 -12.85 -6.96
CA VAL C 45 -9.21 -12.14 -6.07
C VAL C 45 -8.34 -11.49 -4.99
N HIS C 46 -7.96 -10.23 -5.20
CA HIS C 46 -7.18 -9.50 -4.22
C HIS C 46 -8.16 -8.91 -3.22
N GLU C 47 -8.29 -9.56 -2.06
CA GLU C 47 -9.24 -9.08 -1.06
C GLU C 47 -8.74 -7.81 -0.39
N ARG C 48 -7.43 -7.59 -0.34
CA ARG C 48 -6.92 -6.38 0.30
C ARG C 48 -7.37 -5.14 -0.45
N GLU C 49 -7.27 -5.16 -1.78
CA GLU C 49 -7.71 -4.04 -2.59
C GLU C 49 -9.14 -4.20 -3.09
N GLN C 50 -9.82 -5.30 -2.72
CA GLN C 50 -11.20 -5.54 -3.11
C GLN C 50 -11.35 -5.54 -4.63
N ILE C 51 -10.48 -6.29 -5.30
CA ILE C 51 -10.45 -6.31 -6.75
C ILE C 51 -10.49 -7.76 -7.22
N MET C 52 -11.50 -8.09 -8.02
CA MET C 52 -11.63 -9.42 -8.60
C MET C 52 -11.31 -9.32 -10.09
N THR C 53 -10.20 -9.94 -10.50
CA THR C 53 -9.77 -9.96 -11.89
C THR C 53 -10.19 -11.28 -12.50
N THR C 54 -11.09 -11.22 -13.49
CA THR C 54 -11.59 -12.39 -14.18
C THR C 54 -11.41 -12.22 -15.68
N ASN C 55 -11.43 -13.34 -16.39
CA ASN C 55 -11.30 -13.39 -17.84
C ASN C 55 -12.59 -13.94 -18.41
N VAL C 56 -13.26 -13.16 -19.27
CA VAL C 56 -14.60 -13.49 -19.72
C VAL C 56 -14.75 -13.33 -21.21
N TRP C 57 -15.75 -14.03 -21.75
CA TRP C 57 -16.21 -13.90 -23.12
C TRP C 57 -17.69 -13.54 -23.05
N LEU C 58 -18.05 -12.37 -23.56
CA LEU C 58 -19.44 -11.94 -23.57
C LEU C 58 -19.93 -11.95 -25.01
N THR C 59 -20.90 -12.81 -25.30
CA THR C 59 -21.47 -12.90 -26.64
C THR C 59 -22.64 -11.94 -26.74
N GLN C 60 -22.70 -11.22 -27.86
CA GLN C 60 -23.75 -10.26 -28.12
C GLN C 60 -24.36 -10.59 -29.47
N GLU C 61 -25.69 -10.71 -29.50
CA GLU C 61 -26.44 -11.00 -30.70
C GLU C 61 -27.45 -9.90 -30.92
N TRP C 62 -27.59 -9.44 -32.16
CA TRP C 62 -28.64 -8.48 -32.43
C TRP C 62 -29.07 -8.52 -33.88
N GLU C 63 -30.33 -8.20 -34.11
CA GLU C 63 -30.90 -8.21 -35.45
C GLU C 63 -30.61 -6.88 -36.14
N ASP C 64 -30.31 -6.96 -37.44
CA ASP C 64 -30.09 -5.78 -38.26
C ASP C 64 -30.68 -6.04 -39.64
N TYR C 65 -31.05 -4.96 -40.33
CA TYR C 65 -31.72 -5.08 -41.62
C TYR C 65 -30.93 -4.53 -42.79
N ARG C 66 -30.23 -3.41 -42.62
CA ARG C 66 -29.58 -2.80 -43.78
C ARG C 66 -28.32 -3.55 -44.20
N LEU C 67 -27.89 -4.56 -43.44
CA LEU C 67 -26.72 -5.35 -43.81
C LEU C 67 -27.07 -6.59 -44.61
N THR C 68 -28.35 -6.84 -44.88
CA THR C 68 -28.73 -8.06 -45.58
C THR C 68 -28.36 -7.98 -47.05
N TRP C 69 -28.40 -9.14 -47.70
CA TRP C 69 -28.10 -9.24 -49.13
C TRP C 69 -28.76 -10.49 -49.67
N LYS C 70 -28.90 -10.54 -50.98
CA LYS C 70 -29.39 -11.75 -51.64
C LYS C 70 -28.29 -12.80 -51.66
N PRO C 71 -28.45 -13.93 -50.95
CA PRO C 71 -27.34 -14.90 -50.91
C PRO C 71 -27.15 -15.64 -52.22
N GLU C 72 -28.22 -15.88 -52.97
CA GLU C 72 -28.12 -16.69 -54.17
C GLU C 72 -27.25 -16.02 -55.23
N GLU C 73 -27.26 -14.69 -55.29
CA GLU C 73 -26.50 -13.99 -56.32
C GLU C 73 -25.00 -14.09 -56.08
N PHE C 74 -24.58 -13.97 -54.82
CA PHE C 74 -23.15 -13.88 -54.49
C PHE C 74 -22.59 -15.25 -54.13
N ASP C 75 -22.66 -16.17 -55.09
CA ASP C 75 -22.03 -17.49 -54.99
C ASP C 75 -22.52 -18.27 -53.77
N ASN C 76 -23.75 -18.01 -53.33
CA ASN C 76 -24.37 -18.73 -52.22
C ASN C 76 -23.51 -18.64 -50.96
N MET C 77 -23.27 -17.41 -50.53
CA MET C 77 -22.52 -17.15 -49.31
C MET C 77 -23.50 -16.90 -48.17
N LYS C 78 -23.38 -17.68 -47.10
CA LYS C 78 -24.29 -17.56 -45.97
C LYS C 78 -23.80 -16.53 -44.95
N LYS C 79 -22.57 -16.68 -44.47
CA LYS C 79 -22.04 -15.82 -43.43
C LYS C 79 -20.70 -15.24 -43.86
N VAL C 80 -20.44 -14.00 -43.44
CA VAL C 80 -19.23 -13.28 -43.79
C VAL C 80 -18.70 -12.58 -42.55
N ARG C 81 -17.38 -12.49 -42.46
CA ARG C 81 -16.73 -11.78 -41.37
C ARG C 81 -16.62 -10.30 -41.70
N LEU C 82 -16.67 -9.48 -40.66
CA LEU C 82 -16.61 -8.02 -40.79
C LEU C 82 -15.87 -7.43 -39.60
N PRO C 83 -15.19 -6.30 -39.81
CA PRO C 83 -14.47 -5.66 -38.70
C PRO C 83 -15.44 -5.05 -37.71
N SER C 84 -15.05 -5.03 -36.44
CA SER C 84 -15.88 -4.40 -35.43
C SER C 84 -15.71 -2.89 -35.39
N LYS C 85 -14.65 -2.36 -36.01
CA LYS C 85 -14.44 -0.91 -35.98
C LYS C 85 -15.46 -0.15 -36.83
N HIS C 86 -16.16 -0.83 -37.73
CA HIS C 86 -16.97 -0.15 -38.74
C HIS C 86 -18.46 -0.43 -38.63
N ILE C 87 -18.86 -1.63 -38.26
CA ILE C 87 -20.28 -1.90 -38.04
C ILE C 87 -20.70 -1.32 -36.70
N TRP C 88 -21.94 -0.87 -36.62
CA TRP C 88 -22.45 -0.34 -35.36
C TRP C 88 -22.49 -1.45 -34.31
N LEU C 89 -22.29 -1.07 -33.06
CA LEU C 89 -22.33 -2.06 -32.01
C LEU C 89 -22.84 -1.45 -30.72
N PRO C 90 -23.81 -2.09 -30.05
CA PRO C 90 -24.32 -1.55 -28.79
C PRO C 90 -23.31 -1.70 -27.67
N ASP C 91 -22.79 -0.57 -27.19
CA ASP C 91 -21.77 -0.59 -26.14
C ASP C 91 -22.32 -1.22 -24.88
N VAL C 92 -21.68 -2.27 -24.40
CA VAL C 92 -22.06 -2.93 -23.14
C VAL C 92 -20.82 -3.02 -22.29
N VAL C 93 -20.82 -2.33 -21.14
CA VAL C 93 -19.63 -2.25 -20.29
C VAL C 93 -20.03 -2.20 -18.82
N LEU C 94 -19.11 -2.65 -17.98
CA LEU C 94 -19.27 -2.62 -16.53
C LEU C 94 -19.53 -1.21 -16.04
N TYR C 95 -20.09 -1.17 -14.89
CA TYR C 95 -20.15 0.07 -14.12
C TYR C 95 -19.40 -0.03 -12.81
N ASN C 96 -19.49 -1.12 -12.09
CA ASN C 96 -18.72 -1.35 -10.88
C ASN C 96 -17.27 -1.71 -11.19
N ASN C 97 -16.78 -1.31 -12.35
CA ASN C 97 -15.40 -1.58 -12.73
C ASN C 97 -14.46 -0.57 -12.09
N ALA C 98 -13.34 -1.07 -11.58
CA ALA C 98 -12.30 -0.21 -11.04
C ALA C 98 -11.28 0.08 -12.15
N ASP C 99 -10.14 0.64 -11.77
CA ASP C 99 -9.00 0.80 -12.66
C ASP C 99 -9.29 1.74 -13.83
N GLY C 100 -10.49 2.28 -13.89
CA GLY C 100 -10.82 3.25 -14.91
C GLY C 100 -11.14 2.65 -16.27
N MET C 101 -10.42 1.59 -16.64
CA MET C 101 -10.67 0.91 -17.91
C MET C 101 -12.09 0.36 -17.95
N TYR C 102 -12.84 0.73 -18.98
CA TYR C 102 -14.22 0.27 -19.12
C TYR C 102 -14.42 -0.66 -20.31
N GLU C 103 -14.13 -0.20 -21.52
CA GLU C 103 -14.53 -0.95 -22.71
C GLU C 103 -13.73 -2.24 -22.83
N VAL C 104 -14.18 -3.10 -23.73
CA VAL C 104 -13.54 -4.40 -23.95
C VAL C 104 -12.23 -4.18 -24.67
N SER C 105 -11.38 -5.20 -24.70
CA SER C 105 -9.99 -5.02 -25.13
C SER C 105 -9.77 -5.24 -26.62
N PHE C 106 -10.14 -6.41 -27.12
CA PHE C 106 -9.58 -6.86 -28.40
C PHE C 106 -10.30 -6.28 -29.62
N TYR C 107 -11.62 -6.06 -29.54
CA TYR C 107 -12.41 -5.64 -30.68
C TYR C 107 -12.28 -6.62 -31.84
N SER C 108 -12.75 -7.83 -31.61
CA SER C 108 -12.61 -8.91 -32.59
C SER C 108 -13.56 -8.73 -33.75
N ASN C 109 -13.35 -9.56 -34.78
CA ASN C 109 -14.23 -9.57 -35.93
C ASN C 109 -15.59 -10.14 -35.55
N ALA C 110 -16.59 -9.79 -36.34
CA ALA C 110 -17.96 -10.24 -36.13
C ALA C 110 -18.44 -11.02 -37.33
N VAL C 111 -19.44 -11.88 -37.10
CA VAL C 111 -20.00 -12.75 -38.12
C VAL C 111 -21.38 -12.22 -38.48
N VAL C 112 -21.65 -12.06 -39.77
CA VAL C 112 -22.91 -11.52 -40.25
C VAL C 112 -23.49 -12.47 -41.28
N SER C 113 -24.72 -12.90 -41.06
CA SER C 113 -25.41 -13.79 -41.98
C SER C 113 -26.31 -12.99 -42.91
N TYR C 114 -26.80 -13.66 -43.96
CA TYR C 114 -27.68 -13.00 -44.91
C TYR C 114 -28.94 -12.51 -44.24
N ASP C 115 -29.41 -13.25 -43.22
CA ASP C 115 -30.63 -12.86 -42.51
C ASP C 115 -30.50 -11.47 -41.91
N GLY C 116 -29.31 -11.09 -41.47
CA GLY C 116 -29.09 -9.80 -40.85
C GLY C 116 -28.76 -9.88 -39.38
N SER C 117 -28.79 -11.06 -38.78
CA SER C 117 -28.39 -11.21 -37.39
C SER C 117 -26.88 -11.10 -37.27
N ILE C 118 -26.42 -10.48 -36.20
CA ILE C 118 -24.99 -10.30 -35.93
C ILE C 118 -24.67 -11.00 -34.63
N PHE C 119 -23.61 -11.80 -34.65
CA PHE C 119 -23.13 -12.58 -33.52
C PHE C 119 -21.67 -12.23 -33.29
N TRP C 120 -21.39 -11.52 -32.20
CA TRP C 120 -20.04 -11.01 -31.96
C TRP C 120 -19.67 -11.19 -30.50
N LEU C 121 -18.50 -11.77 -30.24
CA LEU C 121 -18.02 -12.00 -28.88
C LEU C 121 -16.56 -11.62 -28.76
N PRO C 122 -16.26 -10.49 -28.14
CA PRO C 122 -14.87 -10.16 -27.84
C PRO C 122 -14.46 -10.71 -26.49
N PRO C 123 -13.24 -11.23 -26.37
CA PRO C 123 -12.75 -11.64 -25.05
C PRO C 123 -12.17 -10.45 -24.31
N ALA C 124 -12.23 -10.51 -22.98
CA ALA C 124 -11.74 -9.39 -22.20
C ALA C 124 -11.39 -9.85 -20.80
N ILE C 125 -10.74 -8.96 -20.05
CA ILE C 125 -10.46 -9.15 -18.64
C ILE C 125 -11.05 -8.00 -17.86
N TYR C 126 -11.68 -8.30 -16.74
CA TYR C 126 -12.44 -7.34 -15.97
C TYR C 126 -11.94 -7.32 -14.53
N LYS C 127 -11.84 -6.11 -13.98
CA LYS C 127 -11.42 -5.90 -12.60
C LYS C 127 -12.60 -5.30 -11.86
N SER C 128 -13.46 -6.18 -11.34
CA SER C 128 -14.65 -5.70 -10.64
C SER C 128 -14.32 -5.41 -9.17
N ALA C 129 -15.15 -4.58 -8.56
CA ALA C 129 -14.97 -4.18 -7.17
C ALA C 129 -16.14 -4.73 -6.36
N CYS C 130 -15.90 -5.82 -5.65
CA CYS C 130 -16.92 -6.50 -4.86
C CYS C 130 -16.51 -6.50 -3.40
N LYS C 131 -17.44 -6.12 -2.53
CA LYS C 131 -17.17 -6.09 -1.10
C LYS C 131 -16.90 -7.49 -0.58
N ILE C 132 -16.15 -7.55 0.51
CA ILE C 132 -15.71 -8.83 1.08
C ILE C 132 -16.37 -8.97 2.44
N GLU C 133 -17.37 -9.84 2.52
CA GLU C 133 -18.06 -10.12 3.78
C GLU C 133 -17.19 -11.07 4.60
N VAL C 134 -16.08 -10.53 5.11
CA VAL C 134 -15.11 -11.35 5.83
C VAL C 134 -15.56 -11.53 7.27
N LYS C 135 -16.30 -12.61 7.51
CA LYS C 135 -16.73 -12.98 8.85
C LYS C 135 -16.14 -14.30 9.31
N HIS C 136 -16.32 -15.36 8.51
CA HIS C 136 -15.82 -16.68 8.87
C HIS C 136 -14.50 -16.93 8.15
N PHE C 137 -13.47 -16.28 8.64
CA PHE C 137 -12.16 -16.44 8.03
C PHE C 137 -11.53 -17.76 8.49
N PRO C 138 -10.92 -18.52 7.58
CA PRO C 138 -10.87 -18.20 6.16
C PRO C 138 -12.05 -18.76 5.39
N PHE C 139 -12.53 -19.93 5.78
CA PHE C 139 -13.53 -20.66 4.99
C PHE C 139 -14.86 -19.91 5.06
N ASP C 140 -15.18 -19.22 3.96
CA ASP C 140 -16.38 -18.39 3.89
C ASP C 140 -16.85 -18.34 2.45
N GLN C 141 -17.78 -17.43 2.16
CA GLN C 141 -18.30 -17.23 0.82
C GLN C 141 -18.16 -15.76 0.46
N GLN C 142 -17.85 -15.50 -0.81
CA GLN C 142 -17.74 -14.15 -1.32
C GLN C 142 -18.75 -13.96 -2.43
N ASN C 143 -19.52 -12.87 -2.33
CA ASN C 143 -20.63 -12.58 -3.23
C ASN C 143 -20.24 -11.35 -4.06
N CYS C 144 -19.70 -11.59 -5.25
CA CYS C 144 -19.20 -10.52 -6.09
C CYS C 144 -20.18 -10.24 -7.22
N THR C 145 -20.50 -8.96 -7.41
CA THR C 145 -21.51 -8.52 -8.35
C THR C 145 -20.84 -7.89 -9.56
N MET C 146 -21.43 -8.09 -10.74
CA MET C 146 -20.94 -7.38 -11.92
C MET C 146 -22.11 -7.02 -12.82
N LYS C 147 -22.16 -5.75 -13.24
CA LYS C 147 -23.27 -5.20 -13.98
C LYS C 147 -22.87 -4.93 -15.43
N PHE C 148 -23.80 -5.21 -16.34
CA PHE C 148 -23.65 -4.88 -17.76
C PHE C 148 -24.79 -3.95 -18.14
N ARG C 149 -24.44 -2.83 -18.74
CA ARG C 149 -25.40 -1.84 -19.20
C ARG C 149 -24.78 -1.02 -20.34
N SER C 150 -25.63 -0.43 -21.16
CA SER C 150 -25.19 0.43 -22.26
C SER C 150 -25.19 1.87 -21.78
N TRP C 151 -24.04 2.45 -21.69
CA TRP C 151 -23.91 3.83 -21.30
C TRP C 151 -24.33 4.81 -22.40
N THR C 152 -24.53 4.34 -23.54
CA THR C 152 -24.91 5.16 -24.68
C THR C 152 -26.41 5.18 -24.92
N TYR C 153 -27.11 4.09 -24.60
CA TYR C 153 -28.54 3.99 -24.87
C TYR C 153 -29.26 3.51 -23.62
N ASP C 154 -30.32 4.23 -23.25
CA ASP C 154 -31.18 3.81 -22.16
C ASP C 154 -32.28 2.91 -22.70
N ARG C 155 -33.32 2.63 -21.91
CA ARG C 155 -34.39 1.78 -22.39
C ARG C 155 -35.34 2.58 -23.28
N THR C 156 -34.78 3.20 -24.32
CA THR C 156 -35.59 3.91 -25.31
C THR C 156 -35.30 3.49 -26.74
N GLU C 157 -34.16 2.88 -27.02
CA GLU C 157 -33.88 2.39 -28.36
C GLU C 157 -33.48 0.92 -28.35
N ILE C 158 -32.81 0.49 -27.28
CA ILE C 158 -32.36 -0.88 -27.19
C ILE C 158 -32.95 -1.52 -25.94
N ASP C 159 -33.08 -2.83 -25.97
CA ASP C 159 -33.58 -3.61 -24.83
C ASP C 159 -32.78 -4.89 -24.74
N LEU C 160 -32.44 -5.27 -23.51
CA LEU C 160 -31.52 -6.37 -23.24
C LEU C 160 -32.26 -7.57 -22.69
N VAL C 161 -31.93 -8.75 -23.22
CA VAL C 161 -32.57 -10.01 -22.84
C VAL C 161 -31.47 -11.06 -22.69
N LEU C 162 -31.61 -11.90 -21.66
CA LEU C 162 -30.64 -12.97 -21.44
C LEU C 162 -30.96 -14.18 -22.29
N LYS C 163 -29.95 -14.73 -22.96
CA LYS C 163 -30.12 -15.97 -23.70
C LYS C 163 -30.25 -17.17 -22.78
N SER C 164 -29.75 -17.08 -21.55
CA SER C 164 -29.82 -18.18 -20.61
C SER C 164 -29.90 -17.62 -19.20
N GLU C 165 -30.22 -18.50 -18.26
CA GLU C 165 -30.28 -18.11 -16.86
C GLU C 165 -28.95 -18.23 -16.16
N VAL C 166 -28.09 -19.14 -16.60
CA VAL C 166 -26.81 -19.40 -15.97
C VAL C 166 -25.71 -19.15 -17.00
N ALA C 167 -24.63 -18.51 -16.55
CA ALA C 167 -23.48 -18.33 -17.41
C ALA C 167 -22.84 -19.69 -17.72
N SER C 168 -22.51 -19.92 -18.98
CA SER C 168 -21.95 -21.20 -19.37
C SER C 168 -20.51 -21.34 -18.88
N LEU C 169 -20.15 -22.58 -18.57
CA LEU C 169 -18.82 -22.90 -18.07
C LEU C 169 -18.19 -24.01 -18.89
N ASP C 170 -18.43 -24.02 -20.20
CA ASP C 170 -17.87 -25.07 -21.04
C ASP C 170 -16.35 -24.97 -21.11
N ASP C 171 -15.83 -23.80 -21.49
CA ASP C 171 -14.39 -23.63 -21.63
C ASP C 171 -13.74 -23.15 -20.34
N PHE C 172 -14.30 -23.50 -19.20
CA PHE C 172 -13.71 -23.14 -17.92
C PHE C 172 -12.58 -24.10 -17.56
N THR C 173 -11.57 -23.56 -16.87
CA THR C 173 -10.48 -24.33 -16.32
C THR C 173 -10.44 -24.13 -14.81
N PRO C 174 -10.10 -25.16 -14.04
CA PRO C 174 -10.12 -25.02 -12.57
C PRO C 174 -9.17 -23.94 -12.10
N SER C 175 -9.61 -23.18 -11.10
CA SER C 175 -8.86 -22.03 -10.62
C SER C 175 -7.83 -22.38 -9.55
N GLY C 176 -8.01 -23.48 -8.84
CA GLY C 176 -7.08 -23.83 -7.79
C GLY C 176 -7.61 -23.52 -6.40
N GLU C 177 -7.15 -22.43 -5.81
CA GLU C 177 -7.53 -22.12 -4.43
C GLU C 177 -9.01 -21.80 -4.32
N TRP C 178 -9.55 -21.02 -5.25
CA TRP C 178 -10.95 -20.61 -5.20
C TRP C 178 -11.81 -21.58 -5.98
N ASP C 179 -13.03 -21.79 -5.49
CA ASP C 179 -14.00 -22.67 -6.13
C ASP C 179 -15.29 -21.91 -6.37
N ILE C 180 -15.88 -22.10 -7.54
CA ILE C 180 -17.16 -21.49 -7.88
C ILE C 180 -18.27 -22.40 -7.38
N VAL C 181 -19.41 -21.80 -7.03
CA VAL C 181 -20.57 -22.53 -6.55
C VAL C 181 -21.72 -22.44 -7.55
N ALA C 182 -22.18 -21.24 -7.86
CA ALA C 182 -23.23 -21.06 -8.85
C ALA C 182 -23.09 -19.65 -9.42
N LEU C 183 -23.65 -19.46 -10.62
CA LEU C 183 -23.55 -18.20 -11.35
C LEU C 183 -24.94 -17.70 -11.68
N PRO C 184 -25.66 -17.15 -10.70
CA PRO C 184 -26.95 -16.54 -11.01
C PRO C 184 -26.78 -15.30 -11.87
N GLY C 185 -27.72 -15.12 -12.80
CA GLY C 185 -27.74 -13.95 -13.65
C GLY C 185 -29.14 -13.42 -13.81
N ARG C 186 -29.37 -12.16 -13.46
CA ARG C 186 -30.72 -11.64 -13.40
C ARG C 186 -30.77 -10.26 -14.05
N ARG C 187 -31.87 -9.99 -14.74
CA ARG C 187 -32.09 -8.70 -15.38
C ARG C 187 -32.71 -7.75 -14.36
N ASN C 188 -31.97 -6.71 -13.99
CA ASN C 188 -32.50 -5.69 -13.10
C ASN C 188 -33.15 -4.57 -13.90
N GLU C 189 -34.36 -4.22 -13.49
CA GLU C 189 -35.19 -3.19 -14.11
C GLU C 189 -35.80 -2.36 -13.01
N ASN C 190 -35.56 -1.05 -13.04
CA ASN C 190 -36.16 -0.16 -12.05
C ASN C 190 -37.45 0.41 -12.63
N PRO C 191 -38.62 -0.01 -12.15
CA PRO C 191 -39.87 0.50 -12.74
C PRO C 191 -40.10 1.97 -12.52
N ASP C 192 -39.42 2.58 -11.54
CA ASP C 192 -39.67 3.98 -11.22
C ASP C 192 -38.94 4.92 -12.18
N ASP C 193 -37.72 4.57 -12.57
CA ASP C 193 -36.98 5.41 -13.53
C ASP C 193 -37.43 5.17 -14.96
N SER C 194 -37.98 3.99 -15.24
CA SER C 194 -38.53 3.62 -16.56
C SER C 194 -37.49 3.70 -17.67
N THR C 195 -36.21 3.88 -17.34
CA THR C 195 -35.15 4.00 -18.32
C THR C 195 -33.98 3.09 -17.98
N TYR C 196 -33.88 2.69 -16.72
CA TYR C 196 -32.73 1.93 -16.24
C TYR C 196 -32.91 0.46 -16.56
N VAL C 197 -31.97 -0.10 -17.33
CA VAL C 197 -31.90 -1.53 -17.58
C VAL C 197 -30.49 -1.99 -17.28
N ASP C 198 -30.36 -3.22 -16.80
CA ASP C 198 -29.02 -3.81 -16.75
C ASP C 198 -29.13 -5.31 -16.49
N ILE C 199 -28.03 -6.01 -16.75
CA ILE C 199 -27.91 -7.43 -16.43
C ILE C 199 -26.85 -7.57 -15.35
N THR C 200 -27.22 -8.16 -14.22
CA THR C 200 -26.28 -8.36 -13.13
C THR C 200 -26.00 -9.84 -12.98
N TYR C 201 -24.73 -10.20 -13.02
CA TYR C 201 -24.27 -11.53 -12.70
C TYR C 201 -23.68 -11.53 -11.30
N ASP C 202 -23.98 -12.59 -10.55
CA ASP C 202 -23.46 -12.76 -9.21
C ASP C 202 -22.55 -13.98 -9.18
N PHE C 203 -21.39 -13.84 -8.56
CA PHE C 203 -20.45 -14.94 -8.39
C PHE C 203 -20.35 -15.25 -6.90
N ILE C 204 -20.68 -16.47 -6.53
CA ILE C 204 -20.59 -16.94 -5.16
C ILE C 204 -19.39 -17.88 -5.10
N ILE C 205 -18.29 -17.38 -4.56
CA ILE C 205 -17.01 -18.06 -4.58
C ILE C 205 -16.70 -18.57 -3.18
N ARG C 206 -16.17 -19.79 -3.09
CA ARG C 206 -15.82 -20.39 -1.81
C ARG C 206 -14.32 -20.64 -1.75
N ARG C 207 -13.69 -20.19 -0.68
CA ARG C 207 -12.26 -20.40 -0.49
C ARG C 207 -12.01 -21.79 0.06
N LYS C 208 -11.09 -22.52 -0.56
CA LYS C 208 -10.65 -23.79 0.00
C LYS C 208 -9.86 -23.51 1.26
N PRO C 209 -10.27 -24.05 2.41
CA PRO C 209 -9.69 -23.60 3.69
C PRO C 209 -8.35 -24.22 4.04
N LEU C 210 -7.93 -25.28 3.34
CA LEU C 210 -6.84 -26.09 3.85
C LEU C 210 -5.55 -25.29 4.01
N PHE C 211 -5.27 -24.38 3.08
CA PHE C 211 -4.00 -23.67 3.11
C PHE C 211 -3.89 -22.76 4.32
N TYR C 212 -4.80 -21.79 4.44
CA TYR C 212 -4.77 -20.89 5.59
C TYR C 212 -4.94 -21.67 6.89
N THR C 213 -5.70 -22.77 6.86
CA THR C 213 -5.81 -23.59 8.04
C THR C 213 -4.45 -24.12 8.47
N ILE C 214 -3.65 -24.62 7.51
CA ILE C 214 -2.36 -25.20 7.85
C ILE C 214 -1.27 -24.15 7.99
N ASN C 215 -1.56 -22.87 7.73
CA ASN C 215 -0.54 -21.84 7.87
C ASN C 215 -0.88 -20.71 8.83
N LEU C 216 -2.16 -20.46 9.11
CA LEU C 216 -2.56 -19.38 10.00
C LEU C 216 -3.24 -19.83 11.28
N ILE C 217 -4.03 -20.91 11.22
CA ILE C 217 -4.77 -21.33 12.41
C ILE C 217 -3.91 -22.23 13.28
N ILE C 218 -3.11 -23.10 12.67
CA ILE C 218 -2.28 -24.03 13.44
C ILE C 218 -1.29 -23.31 14.34
N PRO C 219 -0.51 -22.34 13.87
CA PRO C 219 0.38 -21.64 14.82
C PRO C 219 -0.37 -20.93 15.94
N CYS C 220 -1.53 -20.36 15.62
CA CYS C 220 -2.32 -19.68 16.64
C CYS C 220 -2.74 -20.64 17.74
N VAL C 221 -3.39 -21.74 17.36
CA VAL C 221 -3.85 -22.70 18.37
C VAL C 221 -2.67 -23.40 19.03
N LEU C 222 -1.52 -23.44 18.37
CA LEU C 222 -0.34 -24.07 18.94
C LEU C 222 0.26 -23.21 20.05
N ILE C 223 0.35 -21.89 19.83
CA ILE C 223 0.96 -21.01 20.82
C ILE C 223 -0.04 -20.49 21.84
N THR C 224 -1.34 -20.62 21.60
CA THR C 224 -2.30 -20.06 22.54
C THR C 224 -2.44 -20.88 23.82
N SER C 225 -1.99 -22.13 23.81
CA SER C 225 -2.09 -22.95 25.02
C SER C 225 -1.11 -22.50 26.08
N LEU C 226 0.04 -21.95 25.67
CA LEU C 226 1.02 -21.51 26.65
C LEU C 226 0.45 -20.44 27.57
N ALA C 227 -0.51 -19.65 27.06
CA ALA C 227 -1.15 -18.61 27.86
C ALA C 227 -1.63 -19.15 29.20
N ILE C 228 -2.32 -20.30 29.20
CA ILE C 228 -2.72 -20.92 30.45
C ILE C 228 -1.67 -21.86 31.00
N LEU C 229 -0.76 -22.34 30.14
CA LEU C 229 0.30 -23.23 30.61
C LEU C 229 1.28 -22.53 31.55
N VAL C 230 1.37 -21.19 31.47
CA VAL C 230 2.43 -20.46 32.14
C VAL C 230 2.43 -20.70 33.65
N PHE C 231 1.25 -20.87 34.27
CA PHE C 231 1.18 -20.87 35.73
C PHE C 231 1.81 -22.11 36.33
N TYR C 232 1.71 -23.24 35.64
CA TYR C 232 2.29 -24.47 36.18
C TYR C 232 3.80 -24.35 36.36
N LEU C 233 4.42 -23.35 35.76
CA LEU C 233 5.82 -23.08 36.01
C LEU C 233 6.01 -22.66 37.47
N PRO C 234 6.98 -23.22 38.19
CA PRO C 234 7.17 -22.83 39.58
C PRO C 234 7.78 -21.44 39.68
N SER C 235 7.40 -20.74 40.74
CA SER C 235 7.81 -19.34 40.89
C SER C 235 9.29 -19.21 41.23
N ASP C 236 9.86 -20.19 41.93
CA ASP C 236 11.24 -20.05 42.39
C ASP C 236 12.22 -20.06 41.22
N CYS C 237 11.87 -20.70 40.11
CA CYS C 237 12.77 -20.73 38.96
C CYS C 237 13.04 -19.33 38.44
N GLY C 238 12.04 -18.45 38.49
CA GLY C 238 12.21 -17.09 38.04
C GLY C 238 12.23 -16.96 36.53
N GLU C 239 11.03 -17.45 35.88
CA GLU C 239 11.02 -17.38 34.43
C GLU C 239 9.64 -17.12 33.83
N LYS C 240 8.77 -16.83 34.76
CA LYS C 240 7.41 -16.57 34.29
C LYS C 240 7.37 -15.36 33.38
N MET C 241 8.16 -14.34 33.69
CA MET C 241 8.14 -13.10 32.92
C MET C 241 8.54 -13.37 31.47
N THR C 242 9.60 -14.15 31.26
CA THR C 242 10.08 -14.42 29.91
C THR C 242 9.01 -15.09 29.07
N LEU C 243 8.47 -16.19 29.58
CA LEU C 243 7.46 -16.94 28.82
C LEU C 243 6.23 -16.09 28.54
N CYS C 244 5.77 -15.34 29.54
CA CYS C 244 4.54 -14.58 29.35
C CYS C 244 4.73 -13.47 28.33
N ILE C 245 5.83 -12.72 28.43
CA ILE C 245 6.09 -11.66 27.46
C ILE C 245 6.27 -12.25 26.06
N SER C 246 6.89 -13.42 25.97
CA SER C 246 7.07 -14.03 24.65
C SER C 246 5.73 -14.40 24.03
N VAL C 247 4.82 -14.95 24.84
CA VAL C 247 3.49 -15.27 24.33
C VAL C 247 2.79 -14.00 23.86
N LEU C 248 2.85 -12.95 24.68
CA LEU C 248 2.21 -11.70 24.29
C LEU C 248 2.76 -11.16 22.98
N LEU C 249 4.08 -11.22 22.82
CA LEU C 249 4.69 -10.70 21.59
C LEU C 249 4.27 -11.52 20.38
N ALA C 250 4.24 -12.85 20.52
CA ALA C 250 3.80 -13.68 19.41
C ALA C 250 2.36 -13.37 19.02
N LEU C 251 1.50 -13.16 20.01
CA LEU C 251 0.11 -12.83 19.72
C LEU C 251 0.00 -11.49 19.02
N THR C 252 0.78 -10.49 19.44
CA THR C 252 0.75 -9.21 18.75
C THR C 252 1.20 -9.36 17.30
N VAL C 253 2.23 -10.17 17.06
CA VAL C 253 2.71 -10.37 15.70
C VAL C 253 1.62 -10.99 14.84
N PHE C 254 0.99 -12.06 15.33
CA PHE C 254 -0.07 -12.69 14.55
C PHE C 254 -1.24 -11.74 14.34
N LEU C 255 -1.54 -10.89 15.32
CA LEU C 255 -2.64 -9.96 15.16
C LEU C 255 -2.35 -8.95 14.05
N LEU C 256 -1.16 -8.35 14.07
CA LEU C 256 -0.82 -7.41 13.01
C LEU C 256 -0.82 -8.08 11.65
N LEU C 257 -0.31 -9.31 11.57
CA LEU C 257 -0.28 -9.99 10.27
C LEU C 257 -1.69 -10.27 9.76
N ILE C 258 -2.55 -10.83 10.62
CA ILE C 258 -3.90 -11.15 10.21
C ILE C 258 -4.70 -9.89 9.92
N SER C 259 -4.29 -8.74 10.47
CA SER C 259 -4.92 -7.48 10.10
C SER C 259 -4.40 -6.98 8.76
N LYS C 260 -3.15 -7.26 8.43
CA LYS C 260 -2.63 -6.84 7.14
C LYS C 260 -3.17 -7.71 6.01
N ILE C 261 -3.57 -8.95 6.30
CA ILE C 261 -4.07 -9.82 5.24
C ILE C 261 -5.55 -9.62 4.97
N VAL C 262 -6.31 -9.11 5.93
CA VAL C 262 -7.76 -8.90 5.78
C VAL C 262 -7.97 -7.51 5.17
N PRO C 263 -9.01 -7.31 4.35
CA PRO C 263 -9.29 -5.97 3.84
C PRO C 263 -9.65 -5.02 4.95
N PRO C 264 -9.12 -3.80 4.91
CA PRO C 264 -9.38 -2.84 6.00
C PRO C 264 -10.78 -2.27 5.95
N THR C 265 -11.76 -3.05 6.40
CA THR C 265 -13.15 -2.64 6.45
C THR C 265 -13.61 -2.67 7.89
N SER C 266 -14.06 -1.52 8.39
CA SER C 266 -14.56 -1.43 9.76
C SER C 266 -16.04 -1.73 9.87
N LEU C 267 -16.60 -2.41 8.88
CA LEU C 267 -18.01 -2.80 8.97
C LEU C 267 -18.19 -4.07 9.78
N ASP C 268 -17.20 -4.95 9.77
CA ASP C 268 -17.26 -6.19 10.53
C ASP C 268 -15.85 -6.58 10.95
N VAL C 269 -15.75 -7.55 11.85
CA VAL C 269 -14.49 -7.99 12.41
C VAL C 269 -14.33 -9.48 12.11
N PRO C 270 -13.17 -9.93 11.64
CA PRO C 270 -12.97 -11.37 11.47
C PRO C 270 -12.92 -12.09 12.81
N LEU C 271 -13.40 -13.33 12.80
CA LEU C 271 -13.55 -14.08 14.04
C LEU C 271 -12.20 -14.39 14.67
N VAL C 272 -11.21 -14.72 13.84
CA VAL C 272 -9.87 -15.02 14.36
C VAL C 272 -9.29 -13.80 15.07
N GLY C 273 -9.53 -12.62 14.52
CA GLY C 273 -9.04 -11.41 15.18
C GLY C 273 -9.68 -11.19 16.54
N LYS C 274 -11.00 -11.44 16.63
CA LYS C 274 -11.68 -11.31 17.92
C LYS C 274 -11.13 -12.30 18.93
N TYR C 275 -10.89 -13.53 18.49
CA TYR C 275 -10.31 -14.54 19.37
C TYR C 275 -8.93 -14.13 19.85
N LEU C 276 -8.10 -13.61 18.93
CA LEU C 276 -6.77 -13.14 19.31
C LEU C 276 -6.86 -11.99 20.31
N MET C 277 -7.78 -11.06 20.11
CA MET C 277 -7.87 -9.92 21.02
C MET C 277 -8.31 -10.37 22.40
N PHE C 278 -9.28 -11.28 22.48
CA PHE C 278 -9.71 -11.78 23.79
C PHE C 278 -8.58 -12.52 24.49
N THR C 279 -7.88 -13.40 23.79
CA THR C 279 -6.80 -14.13 24.45
C THR C 279 -5.63 -13.21 24.79
N MET C 280 -5.45 -12.11 24.05
CA MET C 280 -4.42 -11.15 24.42
C MET C 280 -4.78 -10.42 25.71
N VAL C 281 -6.04 -10.03 25.86
CA VAL C 281 -6.47 -9.45 27.13
C VAL C 281 -6.28 -10.47 28.26
N LEU C 282 -6.57 -11.74 27.97
CA LEU C 282 -6.38 -12.77 28.99
C LEU C 282 -4.92 -12.88 29.40
N VAL C 283 -3.99 -12.86 28.43
CA VAL C 283 -2.59 -13.05 28.80
C VAL C 283 -2.02 -11.79 29.45
N THR C 284 -2.55 -10.60 29.11
CA THR C 284 -2.08 -9.41 29.79
C THR C 284 -2.70 -9.26 31.18
N PHE C 285 -3.75 -10.02 31.46
CA PHE C 285 -4.17 -10.18 32.85
C PHE C 285 -3.30 -11.22 33.56
N SER C 286 -2.88 -12.24 32.82
CA SER C 286 -2.00 -13.26 33.37
C SER C 286 -0.67 -12.65 33.81
N ILE C 287 -0.14 -11.70 33.04
CA ILE C 287 1.15 -11.12 33.37
C ILE C 287 1.09 -10.38 34.70
N VAL C 288 0.00 -9.66 34.96
CA VAL C 288 -0.08 -8.90 36.20
C VAL C 288 -0.35 -9.83 37.38
N THR C 289 -1.17 -10.86 37.20
CA THR C 289 -1.31 -11.78 38.32
C THR C 289 -0.03 -12.57 38.57
N SER C 290 0.78 -12.75 37.52
CA SER C 290 2.07 -13.43 37.69
C SER C 290 3.06 -12.56 38.45
N VAL C 291 3.11 -11.27 38.13
CA VAL C 291 4.00 -10.42 38.92
C VAL C 291 3.50 -10.33 40.35
N CYS C 292 2.19 -10.40 40.57
CA CYS C 292 1.67 -10.38 41.93
C CYS C 292 2.13 -11.60 42.72
N VAL C 293 1.97 -12.80 42.15
CA VAL C 293 2.41 -13.99 42.85
C VAL C 293 3.93 -13.98 43.03
N LEU C 294 4.65 -13.46 42.04
CA LEU C 294 6.10 -13.43 42.14
C LEU C 294 6.55 -12.49 43.26
N ASN C 295 5.83 -11.40 43.47
CA ASN C 295 6.17 -10.51 44.56
C ASN C 295 5.83 -11.13 45.91
N VAL C 296 4.65 -11.72 46.03
CA VAL C 296 4.28 -12.31 47.31
C VAL C 296 5.09 -13.56 47.63
N HIS C 297 5.83 -14.10 46.65
CA HIS C 297 6.66 -15.26 46.93
C HIS C 297 7.93 -14.89 47.68
N HIS C 298 8.71 -13.95 47.14
CA HIS C 298 10.04 -13.68 47.70
C HIS C 298 10.03 -12.94 49.00
N ARG C 299 8.92 -12.72 49.70
CA ARG C 299 8.98 -12.02 50.97
C ARG C 299 9.76 -12.84 52.00
N SER C 300 10.46 -12.15 52.85
CA SER C 300 11.19 -12.84 53.91
C SER C 300 10.32 -12.95 55.16
N PRO C 301 10.51 -14.00 55.96
CA PRO C 301 9.73 -14.14 57.20
C PRO C 301 10.09 -13.13 58.27
N THR C 302 10.97 -12.19 57.98
CA THR C 302 11.45 -11.24 58.96
C THR C 302 10.89 -9.84 58.80
N THR C 303 10.21 -9.56 57.69
CA THR C 303 9.82 -8.18 57.37
C THR C 303 8.32 -7.99 57.23
N HIS C 304 7.60 -8.94 56.65
CA HIS C 304 6.20 -8.75 56.26
C HIS C 304 5.32 -9.85 56.85
N THR C 305 5.45 -10.11 58.16
CA THR C 305 4.81 -11.25 58.78
C THR C 305 3.32 -11.37 58.45
N MET C 306 2.52 -10.41 58.90
CA MET C 306 1.09 -10.34 58.58
C MET C 306 0.41 -11.70 58.71
N ALA C 307 0.62 -12.35 59.86
CA ALA C 307 0.14 -13.72 60.03
C ALA C 307 -1.37 -13.80 60.19
N PRO C 308 -2.00 -13.17 61.20
CA PRO C 308 -3.35 -13.59 61.60
C PRO C 308 -4.40 -13.46 60.52
N TRP C 309 -4.32 -12.44 59.67
CA TRP C 309 -5.34 -12.26 58.66
C TRP C 309 -5.22 -13.26 57.52
N VAL C 310 -4.07 -13.90 57.35
CA VAL C 310 -3.83 -14.80 56.23
C VAL C 310 -3.83 -16.26 56.64
N LYS C 311 -3.32 -16.58 57.84
CA LYS C 311 -3.20 -17.98 58.26
C LYS C 311 -4.53 -18.71 58.16
N VAL C 312 -5.54 -18.21 58.89
CA VAL C 312 -6.82 -18.90 58.97
C VAL C 312 -7.51 -18.92 57.61
N VAL C 313 -7.47 -17.81 56.88
CA VAL C 313 -8.22 -17.74 55.64
C VAL C 313 -7.64 -18.71 54.61
N PHE C 314 -6.32 -18.82 54.52
CA PHE C 314 -5.79 -19.74 53.52
C PHE C 314 -5.78 -21.19 54.00
N LEU C 315 -5.67 -21.43 55.31
CA LEU C 315 -5.83 -22.80 55.78
C LEU C 315 -7.25 -23.29 55.62
N GLU C 316 -8.23 -22.37 55.60
CA GLU C 316 -9.59 -22.76 55.27
C GLU C 316 -9.80 -22.90 53.77
N LYS C 317 -9.14 -22.04 52.99
CA LYS C 317 -9.27 -22.09 51.54
C LYS C 317 -8.64 -23.33 50.95
N LEU C 318 -7.57 -23.84 51.56
CA LEU C 318 -6.81 -24.92 50.94
C LEU C 318 -7.65 -26.15 50.62
N PRO C 319 -8.47 -26.69 51.53
CA PRO C 319 -9.30 -27.85 51.15
C PRO C 319 -10.31 -27.56 50.06
N ALA C 320 -10.71 -26.30 49.87
CA ALA C 320 -11.66 -25.94 48.84
C ALA C 320 -11.10 -26.07 47.44
N LEU C 321 -9.84 -26.50 47.30
CA LEU C 321 -9.20 -26.69 46.01
C LEU C 321 -8.79 -28.13 45.78
N LEU C 322 -9.03 -29.03 46.74
CA LEU C 322 -8.61 -30.42 46.65
C LEU C 322 -7.10 -30.51 46.46
N PHE C 323 -6.37 -29.81 47.33
CA PHE C 323 -4.92 -29.76 47.30
C PHE C 323 -4.36 -30.46 48.53
N MET C 324 -3.15 -31.01 48.38
CA MET C 324 -2.52 -31.76 49.46
C MET C 324 -2.24 -30.85 50.66
N GLN C 325 -2.19 -31.45 51.83
CA GLN C 325 -1.90 -30.72 53.06
C GLN C 325 -0.39 -30.53 53.19
N GLN C 326 0.05 -30.08 54.35
CA GLN C 326 1.46 -29.85 54.60
C GLN C 326 2.13 -31.04 55.25
N SER C 337 10.94 -20.50 59.49
CA SER C 337 10.23 -21.53 58.74
C SER C 337 9.02 -20.96 58.02
N VAL C 338 8.86 -19.64 58.10
CA VAL C 338 7.70 -18.99 57.49
C VAL C 338 7.96 -18.63 56.03
N SER C 339 9.22 -18.62 55.59
CA SER C 339 9.51 -18.43 54.18
C SER C 339 8.88 -19.54 53.34
N GLU C 340 9.03 -20.78 53.79
CA GLU C 340 8.30 -21.88 53.16
C GLU C 340 6.80 -21.65 53.22
N ASP C 341 6.31 -20.99 54.26
CA ASP C 341 4.88 -20.72 54.34
C ASP C 341 4.44 -19.73 53.26
N TRP C 342 5.25 -18.70 53.02
CA TRP C 342 4.93 -17.78 51.93
C TRP C 342 5.00 -18.48 50.59
N LYS C 343 5.98 -19.37 50.42
CA LYS C 343 6.06 -20.14 49.19
C LYS C 343 4.80 -20.98 49.00
N TYR C 344 4.34 -21.60 50.07
CA TYR C 344 3.10 -22.39 50.04
C TYR C 344 1.92 -21.50 49.67
N VAL C 345 1.87 -20.29 50.21
CA VAL C 345 0.80 -19.35 49.89
C VAL C 345 0.79 -19.02 48.41
N ALA C 346 1.97 -18.69 47.87
CA ALA C 346 2.06 -18.36 46.45
C ALA C 346 1.62 -19.53 45.59
N MET C 347 2.08 -20.74 45.94
CA MET C 347 1.66 -21.93 45.20
C MET C 347 0.15 -22.10 45.23
N VAL C 348 -0.46 -21.92 46.41
CA VAL C 348 -1.91 -22.08 46.52
C VAL C 348 -2.63 -21.09 45.61
N ILE C 349 -2.23 -19.82 45.67
CA ILE C 349 -3.01 -18.81 44.97
C ILE C 349 -2.81 -18.93 43.46
N ASP C 350 -1.60 -19.27 43.00
CA ASP C 350 -1.46 -19.37 41.56
C ASP C 350 -2.09 -20.66 41.04
N ARG C 351 -2.17 -21.72 41.87
CA ARG C 351 -2.99 -22.87 41.49
C ARG C 351 -4.44 -22.48 41.35
N LEU C 352 -4.96 -21.67 42.28
CA LEU C 352 -6.32 -21.16 42.15
C LEU C 352 -6.51 -20.45 40.81
N PHE C 353 -5.60 -19.54 40.50
CA PHE C 353 -5.73 -18.79 39.26
C PHE C 353 -5.64 -19.70 38.04
N LEU C 354 -4.80 -20.74 38.11
CA LEU C 354 -4.75 -21.70 37.02
C LEU C 354 -6.09 -22.41 36.86
N TRP C 355 -6.70 -22.82 37.96
CA TRP C 355 -8.02 -23.45 37.89
C TRP C 355 -9.02 -22.52 37.20
N ILE C 356 -9.14 -21.29 37.67
CA ILE C 356 -10.21 -20.44 37.13
C ILE C 356 -9.89 -19.99 35.71
N PHE C 357 -8.60 -19.88 35.40
CA PHE C 357 -8.15 -19.55 34.05
C PHE C 357 -8.49 -20.65 33.04
N VAL C 358 -8.24 -21.92 33.39
CA VAL C 358 -8.60 -22.99 32.47
C VAL C 358 -10.11 -23.14 32.39
N PHE C 359 -10.80 -22.87 33.50
CA PHE C 359 -12.26 -22.95 33.49
C PHE C 359 -12.88 -21.88 32.59
N VAL C 360 -12.28 -20.70 32.54
CA VAL C 360 -12.82 -19.66 31.67
C VAL C 360 -12.33 -19.86 30.22
N CYS C 361 -11.16 -20.48 30.03
CA CYS C 361 -10.66 -20.74 28.69
C CYS C 361 -11.47 -21.83 27.99
N VAL C 362 -11.95 -22.81 28.74
CA VAL C 362 -12.87 -23.79 28.16
C VAL C 362 -14.11 -23.09 27.62
N PHE C 363 -14.68 -22.17 28.40
CA PHE C 363 -15.84 -21.43 27.92
C PHE C 363 -15.50 -20.51 26.76
N GLY C 364 -14.30 -19.95 26.75
CA GLY C 364 -13.89 -19.14 25.61
C GLY C 364 -13.78 -19.95 24.34
N THR C 365 -13.27 -21.18 24.44
CA THR C 365 -13.22 -22.05 23.28
C THR C 365 -14.61 -22.48 22.85
N ILE C 366 -15.52 -22.68 23.81
CA ILE C 366 -16.90 -23.02 23.48
C ILE C 366 -17.56 -21.85 22.75
N GLY C 367 -17.25 -20.62 23.15
CA GLY C 367 -17.79 -19.44 22.51
C GLY C 367 -17.39 -19.28 21.06
N MET C 368 -16.37 -20.01 20.61
CA MET C 368 -16.01 -19.97 19.19
C MET C 368 -17.04 -20.66 18.33
N PHE C 369 -17.65 -21.73 18.83
CA PHE C 369 -18.68 -22.45 18.10
C PHE C 369 -19.95 -21.59 17.98
N GLU D 5 -38.41 6.00 -46.10
CA GLU D 5 -39.48 6.22 -45.13
C GLU D 5 -39.13 5.60 -43.79
N THR D 6 -38.03 4.87 -43.74
CA THR D 6 -37.59 4.27 -42.49
C THR D 6 -37.02 5.34 -41.56
N ARG D 7 -37.10 5.07 -40.26
CA ARG D 7 -36.68 6.07 -39.29
C ARG D 7 -35.17 6.33 -39.36
N ALA D 8 -34.38 5.27 -39.49
CA ALA D 8 -32.93 5.43 -39.54
C ALA D 8 -32.51 6.24 -40.76
N HIS D 9 -33.23 6.11 -41.87
CA HIS D 9 -32.90 6.88 -43.07
C HIS D 9 -33.11 8.37 -42.82
N ALA D 10 -34.21 8.73 -42.18
CA ALA D 10 -34.46 10.14 -41.87
C ALA D 10 -33.45 10.66 -40.85
N GLU D 11 -33.08 9.83 -39.86
CA GLU D 11 -32.06 10.23 -38.90
C GLU D 11 -30.73 10.47 -39.58
N GLU D 12 -30.39 9.63 -40.55
CA GLU D 12 -29.16 9.83 -41.31
C GLU D 12 -29.23 11.12 -42.13
N ARG D 13 -30.40 11.43 -42.71
CA ARG D 13 -30.53 12.69 -43.44
C ARG D 13 -30.36 13.88 -42.51
N LEU D 14 -30.91 13.79 -41.30
CA LEU D 14 -30.69 14.83 -40.31
C LEU D 14 -29.21 15.00 -40.02
N LEU D 15 -28.52 13.90 -39.74
CA LEU D 15 -27.10 13.98 -39.43
C LEU D 15 -26.29 14.49 -40.62
N LYS D 16 -26.79 14.26 -41.83
CA LYS D 16 -26.10 14.76 -43.01
C LYS D 16 -26.26 16.27 -43.14
N LYS D 17 -27.47 16.77 -42.95
CA LYS D 17 -27.69 18.21 -43.12
C LYS D 17 -27.12 19.00 -41.94
N LEU D 18 -27.06 18.38 -40.76
CA LEU D 18 -26.66 19.13 -39.57
C LEU D 18 -25.18 19.50 -39.61
N PHE D 19 -24.34 18.60 -40.11
CA PHE D 19 -22.90 18.83 -40.15
C PHE D 19 -22.43 19.41 -41.47
N SER D 20 -23.29 20.16 -42.17
CA SER D 20 -22.90 20.72 -43.47
C SER D 20 -21.84 21.80 -43.31
N GLY D 21 -22.18 22.88 -42.61
CA GLY D 21 -21.27 23.99 -42.45
C GLY D 21 -21.00 24.34 -41.00
N TYR D 22 -20.86 23.32 -40.16
CA TYR D 22 -20.63 23.51 -38.74
C TYR D 22 -19.14 23.41 -38.41
N ASN D 23 -18.67 24.32 -37.56
CA ASN D 23 -17.31 24.31 -37.08
C ASN D 23 -17.29 23.93 -35.61
N LYS D 24 -16.15 23.40 -35.16
CA LYS D 24 -16.02 22.97 -33.77
C LYS D 24 -15.60 24.11 -32.86
N TRP D 25 -14.43 24.70 -33.13
CA TRP D 25 -13.84 25.64 -32.18
C TRP D 25 -14.63 26.93 -32.09
N SER D 26 -15.43 27.25 -33.10
CA SER D 26 -16.27 28.43 -33.07
C SER D 26 -17.24 28.37 -31.89
N ARG D 27 -17.05 29.23 -30.91
CA ARG D 27 -17.89 29.26 -29.72
C ARG D 27 -19.32 29.61 -30.11
N PRO D 28 -20.28 28.69 -30.03
CA PRO D 28 -21.60 28.94 -30.62
C PRO D 28 -22.43 29.91 -29.81
N VAL D 29 -22.51 31.16 -30.27
CA VAL D 29 -23.24 32.23 -29.58
C VAL D 29 -23.79 33.16 -30.64
N ALA D 30 -25.00 33.69 -30.39
CA ALA D 30 -25.64 34.55 -31.39
C ALA D 30 -24.88 35.86 -31.57
N ASN D 31 -24.82 36.67 -30.51
CA ASN D 31 -24.06 37.92 -30.53
C ASN D 31 -22.85 37.78 -29.62
N ILE D 32 -21.78 38.50 -29.98
CA ILE D 32 -20.52 38.36 -29.25
C ILE D 32 -20.69 38.69 -27.78
N SER D 33 -21.54 39.68 -27.48
CA SER D 33 -21.77 40.06 -26.10
C SER D 33 -22.56 39.01 -25.33
N ASP D 34 -23.29 38.14 -26.02
CA ASP D 34 -24.10 37.15 -25.34
C ASP D 34 -23.21 36.05 -24.74
N VAL D 35 -23.74 35.39 -23.71
CA VAL D 35 -22.97 34.41 -22.96
C VAL D 35 -23.58 33.03 -23.14
N VAL D 36 -22.94 32.02 -22.55
CA VAL D 36 -23.49 30.67 -22.51
C VAL D 36 -23.73 30.31 -21.06
N LEU D 37 -24.50 29.24 -20.85
CA LEU D 37 -24.77 28.72 -19.52
C LEU D 37 -24.46 27.23 -19.52
N VAL D 38 -23.64 26.81 -18.57
CA VAL D 38 -23.22 25.42 -18.46
C VAL D 38 -23.73 24.89 -17.12
N ARG D 39 -24.82 24.15 -17.16
CA ARG D 39 -25.31 23.50 -15.96
C ARG D 39 -24.40 22.32 -15.63
N PHE D 40 -23.96 22.25 -14.38
CA PHE D 40 -22.85 21.40 -14.00
C PHE D 40 -23.21 20.58 -12.77
N GLY D 41 -22.91 19.28 -12.81
CA GLY D 41 -23.22 18.41 -11.69
C GLY D 41 -22.26 17.24 -11.58
N LEU D 42 -22.18 16.69 -10.37
CA LEU D 42 -21.30 15.57 -10.09
C LEU D 42 -22.10 14.40 -9.54
N SER D 43 -21.58 13.19 -9.74
CA SER D 43 -22.12 12.00 -9.10
C SER D 43 -20.98 11.10 -8.68
N ILE D 44 -20.93 10.76 -7.40
CA ILE D 44 -19.85 9.95 -6.85
C ILE D 44 -20.18 8.48 -7.10
N ALA D 45 -19.49 7.87 -8.06
CA ALA D 45 -19.70 6.45 -8.32
C ALA D 45 -19.19 5.61 -7.16
N GLN D 46 -17.92 5.79 -6.80
CA GLN D 46 -17.34 5.10 -5.66
C GLN D 46 -16.13 5.88 -5.19
N LEU D 47 -15.86 5.79 -3.89
CA LEU D 47 -14.71 6.45 -3.28
C LEU D 47 -13.59 5.42 -3.25
N ILE D 48 -12.68 5.50 -4.23
CA ILE D 48 -11.66 4.47 -4.37
C ILE D 48 -10.73 4.46 -3.18
N ASP D 49 -10.04 5.56 -2.93
CA ASP D 49 -9.08 5.52 -1.82
C ASP D 49 -8.75 6.91 -1.34
N VAL D 50 -8.35 7.00 -0.07
CA VAL D 50 -7.83 8.23 0.51
C VAL D 50 -6.46 7.88 1.08
N ASP D 51 -5.41 8.03 0.27
CA ASP D 51 -4.06 7.74 0.72
C ASP D 51 -3.55 8.96 1.48
N GLU D 52 -3.48 8.84 2.80
CA GLU D 52 -3.11 9.98 3.62
C GLU D 52 -1.60 10.20 3.66
N LYS D 53 -0.80 9.15 3.46
CA LYS D 53 0.65 9.35 3.48
C LYS D 53 1.10 10.16 2.28
N ASN D 54 0.42 10.03 1.14
CA ASN D 54 0.70 10.86 -0.02
C ASN D 54 -0.23 12.06 -0.12
N GLN D 55 -1.28 12.11 0.70
CA GLN D 55 -2.29 13.16 0.64
C GLN D 55 -2.94 13.21 -0.74
N MET D 56 -3.48 12.07 -1.16
CA MET D 56 -4.08 11.92 -2.47
C MET D 56 -5.40 11.18 -2.34
N MET D 57 -6.47 11.77 -2.87
CA MET D 57 -7.77 11.16 -2.89
C MET D 57 -8.09 10.69 -4.31
N THR D 58 -8.27 9.38 -4.47
CA THR D 58 -8.61 8.78 -5.75
C THR D 58 -10.10 8.51 -5.76
N THR D 59 -10.82 9.21 -6.65
CA THR D 59 -12.27 9.17 -6.73
C THR D 59 -12.72 8.81 -8.14
N ASN D 60 -13.92 8.26 -8.24
CA ASN D 60 -14.57 7.94 -9.50
C ASN D 60 -15.84 8.76 -9.61
N VAL D 61 -15.92 9.59 -10.64
CA VAL D 61 -16.96 10.60 -10.71
C VAL D 61 -17.60 10.60 -12.09
N TRP D 62 -18.93 10.71 -12.12
CA TRP D 62 -19.68 11.03 -13.32
C TRP D 62 -19.85 12.53 -13.38
N VAL D 63 -19.46 13.14 -14.49
CA VAL D 63 -19.64 14.57 -14.71
C VAL D 63 -20.84 14.78 -15.61
N LYS D 64 -21.72 15.70 -15.23
CA LYS D 64 -22.92 16.00 -15.99
C LYS D 64 -22.85 17.45 -16.45
N GLN D 65 -22.76 17.65 -17.76
CA GLN D 65 -22.66 18.98 -18.34
C GLN D 65 -23.82 19.19 -19.30
N GLU D 66 -24.52 20.31 -19.12
CA GLU D 66 -25.74 20.60 -19.86
C GLU D 66 -25.63 21.99 -20.47
N TRP D 67 -25.88 22.11 -21.76
CA TRP D 67 -25.92 23.45 -22.34
C TRP D 67 -26.75 23.40 -23.62
N HIS D 68 -26.69 24.48 -24.39
CA HIS D 68 -27.43 24.53 -25.64
C HIS D 68 -26.90 25.67 -26.48
N ASP D 69 -27.01 25.52 -27.80
CA ASP D 69 -26.63 26.55 -28.75
C ASP D 69 -27.66 26.57 -29.88
N TYR D 70 -27.59 27.63 -30.68
CA TYR D 70 -28.57 27.89 -31.71
C TYR D 70 -28.31 27.15 -33.02
N LYS D 71 -27.13 26.55 -33.17
CA LYS D 71 -26.75 26.01 -34.46
C LYS D 71 -27.23 24.58 -34.70
N LEU D 72 -27.34 23.78 -33.64
CA LEU D 72 -27.69 22.37 -33.78
C LEU D 72 -29.18 22.10 -33.64
N ARG D 73 -30.01 23.09 -33.91
CA ARG D 73 -31.45 22.91 -33.81
C ARG D 73 -32.03 22.48 -35.16
N TRP D 74 -33.20 21.84 -35.10
CA TRP D 74 -33.92 21.46 -36.31
C TRP D 74 -35.41 21.44 -36.00
N ASP D 75 -36.21 20.93 -36.92
CA ASP D 75 -37.65 20.81 -36.74
C ASP D 75 -38.04 19.36 -36.67
N PRO D 76 -38.60 18.89 -35.55
CA PRO D 76 -38.96 17.46 -35.46
C PRO D 76 -40.11 17.07 -36.35
N ALA D 77 -40.98 18.01 -36.72
CA ALA D 77 -42.14 17.68 -37.55
C ALA D 77 -41.76 17.37 -39.00
N ASP D 78 -40.50 17.54 -39.37
CA ASP D 78 -40.07 17.32 -40.74
C ASP D 78 -39.29 16.02 -40.92
N TYR D 79 -38.86 15.38 -39.83
CA TYR D 79 -38.01 14.21 -39.91
C TYR D 79 -38.62 13.02 -39.17
N GLU D 80 -39.90 12.77 -39.42
CA GLU D 80 -40.61 11.60 -38.89
C GLU D 80 -40.61 11.59 -37.36
N ASN D 81 -40.77 12.78 -36.77
CA ASN D 81 -40.96 12.93 -35.33
C ASN D 81 -39.81 12.31 -34.54
N VAL D 82 -38.61 12.86 -34.77
CA VAL D 82 -37.43 12.52 -33.99
C VAL D 82 -37.12 13.67 -33.06
N THR D 83 -36.71 13.36 -31.84
CA THR D 83 -36.46 14.37 -30.83
C THR D 83 -35.02 14.45 -30.39
N SER D 84 -34.39 13.32 -30.12
CA SER D 84 -33.03 13.28 -29.61
C SER D 84 -32.20 12.28 -30.40
N ILE D 85 -30.94 12.61 -30.63
CA ILE D 85 -30.00 11.68 -31.27
C ILE D 85 -28.70 11.68 -30.50
N ARG D 86 -27.97 10.58 -30.62
CA ARG D 86 -26.76 10.34 -29.84
C ARG D 86 -25.56 10.35 -30.78
N ILE D 87 -24.61 11.25 -30.52
CA ILE D 87 -23.47 11.39 -31.43
C ILE D 87 -22.19 11.52 -30.62
N PRO D 88 -21.06 11.11 -31.18
CA PRO D 88 -19.79 11.20 -30.46
C PRO D 88 -19.40 12.63 -30.21
N SER D 89 -19.04 12.93 -28.96
CA SER D 89 -18.74 14.30 -28.55
C SER D 89 -17.53 14.88 -29.26
N GLU D 90 -16.76 14.07 -29.98
CA GLU D 90 -15.57 14.60 -30.66
C GLU D 90 -15.94 15.57 -31.76
N LEU D 91 -17.12 15.45 -32.35
CA LEU D 91 -17.48 16.24 -33.52
C LEU D 91 -18.15 17.56 -33.18
N ILE D 92 -18.71 17.71 -31.99
CA ILE D 92 -19.39 18.93 -31.61
C ILE D 92 -18.49 19.73 -30.67
N TRP D 93 -18.84 20.99 -30.45
CA TRP D 93 -18.10 21.82 -29.53
C TRP D 93 -18.15 21.23 -28.13
N ARG D 94 -17.11 21.50 -27.35
CA ARG D 94 -17.04 20.95 -26.01
C ARG D 94 -16.33 21.92 -25.08
N PRO D 95 -16.99 22.45 -24.06
CA PRO D 95 -16.32 23.39 -23.16
C PRO D 95 -15.33 22.68 -22.27
N ASP D 96 -14.16 23.30 -22.11
CA ASP D 96 -13.10 22.69 -21.32
C ASP D 96 -13.35 22.91 -19.83
N ILE D 97 -13.42 21.82 -19.08
CA ILE D 97 -13.59 21.87 -17.64
C ILE D 97 -12.42 21.11 -17.03
N VAL D 98 -11.58 21.83 -16.29
CA VAL D 98 -10.37 21.25 -15.72
C VAL D 98 -10.42 21.45 -14.22
N LEU D 99 -9.77 20.54 -13.49
CA LEU D 99 -9.61 20.66 -12.06
C LEU D 99 -8.20 21.12 -11.75
N TYR D 100 -8.07 22.02 -10.78
CA TYR D 100 -6.79 22.63 -10.47
C TYR D 100 -6.01 21.88 -9.40
N ASN D 101 -6.64 20.94 -8.71
CA ASN D 101 -6.02 20.26 -7.58
C ASN D 101 -5.53 18.86 -7.96
N ASN D 102 -4.99 18.69 -9.15
CA ASN D 102 -4.55 17.38 -9.59
C ASN D 102 -3.17 17.05 -9.05
N ALA D 103 -2.92 15.76 -8.91
CA ALA D 103 -1.61 15.26 -8.49
C ALA D 103 -1.44 13.86 -9.10
N ASP D 104 -0.65 13.77 -10.16
CA ASP D 104 -0.43 12.52 -10.89
C ASP D 104 -1.75 11.94 -11.38
N GLY D 105 -2.39 12.68 -12.28
CA GLY D 105 -3.66 12.25 -12.83
C GLY D 105 -3.96 12.95 -14.13
N ASP D 106 -5.22 12.85 -14.53
CA ASP D 106 -5.70 13.50 -15.74
C ASP D 106 -6.26 14.88 -15.42
N PHE D 107 -5.92 15.87 -16.26
CA PHE D 107 -6.56 17.18 -16.13
C PHE D 107 -7.95 17.17 -16.76
N ALA D 108 -8.05 16.75 -18.01
CA ALA D 108 -9.31 16.73 -18.73
C ALA D 108 -9.88 15.32 -18.74
N VAL D 109 -11.21 15.24 -18.75
CA VAL D 109 -11.88 13.95 -18.84
C VAL D 109 -11.49 13.30 -20.16
N THR D 110 -10.83 12.15 -20.09
CA THR D 110 -10.38 11.44 -21.29
C THR D 110 -11.08 10.08 -21.37
N HIS D 111 -12.34 10.12 -21.80
CA HIS D 111 -13.01 8.96 -22.39
C HIS D 111 -13.86 9.31 -23.60
N LEU D 112 -14.30 10.56 -23.74
CA LEU D 112 -14.97 11.05 -24.93
C LEU D 112 -16.17 10.19 -25.28
N THR D 113 -17.09 10.08 -24.33
CA THR D 113 -18.32 9.34 -24.57
C THR D 113 -19.22 10.11 -25.52
N LYS D 114 -20.36 9.52 -25.85
CA LYS D 114 -21.32 10.15 -26.73
C LYS D 114 -22.23 11.09 -25.96
N ALA D 115 -22.91 11.97 -26.68
CA ALA D 115 -23.73 13.00 -26.10
C ALA D 115 -25.10 13.03 -26.77
N HIS D 116 -26.08 13.53 -26.03
CA HIS D 116 -27.47 13.59 -26.46
C HIS D 116 -27.79 14.98 -26.99
N LEU D 117 -28.50 15.01 -28.11
CA LEU D 117 -29.02 16.25 -28.69
C LEU D 117 -30.53 16.18 -28.74
N PHE D 118 -31.19 17.21 -28.21
CA PHE D 118 -32.62 17.35 -28.36
C PHE D 118 -32.92 18.20 -29.60
N HIS D 119 -34.21 18.28 -29.94
CA HIS D 119 -34.59 18.93 -31.19
C HIS D 119 -34.41 20.44 -31.13
N ASP D 120 -34.49 21.03 -29.95
CA ASP D 120 -34.46 22.48 -29.81
C ASP D 120 -33.06 23.07 -29.76
N GLY D 121 -32.02 22.24 -29.80
CA GLY D 121 -30.66 22.70 -29.68
C GLY D 121 -29.99 22.39 -28.36
N ARG D 122 -30.70 21.75 -27.44
CA ARG D 122 -30.12 21.37 -26.16
C ARG D 122 -29.15 20.21 -26.33
N VAL D 123 -28.14 20.17 -25.47
CA VAL D 123 -27.11 19.12 -25.53
C VAL D 123 -26.77 18.70 -24.11
N GLN D 124 -26.67 17.38 -23.91
CA GLN D 124 -26.41 16.77 -22.62
C GLN D 124 -25.21 15.83 -22.76
N TRP D 125 -24.27 15.93 -21.83
CA TRP D 125 -23.07 15.12 -21.87
C TRP D 125 -22.77 14.57 -20.49
N THR D 126 -22.37 13.31 -20.44
CA THR D 126 -22.18 12.59 -19.17
C THR D 126 -20.99 11.65 -19.28
N PRO D 127 -19.78 12.17 -19.13
CA PRO D 127 -18.59 11.33 -19.15
C PRO D 127 -18.18 10.89 -17.75
N PRO D 128 -17.69 9.67 -17.63
CA PRO D 128 -17.07 9.22 -16.39
C PRO D 128 -15.58 9.57 -16.35
N ALA D 129 -15.06 9.64 -15.13
CA ALA D 129 -13.67 10.02 -14.96
C ALA D 129 -13.12 9.45 -13.66
N ILE D 130 -11.80 9.31 -13.62
CA ILE D 130 -11.06 8.87 -12.44
C ILE D 130 -10.14 10.01 -12.05
N TYR D 131 -10.46 10.69 -10.96
CA TYR D 131 -9.69 11.84 -10.51
C TYR D 131 -8.79 11.48 -9.35
N LYS D 132 -7.70 12.22 -9.23
CA LYS D 132 -6.76 12.08 -8.12
C LYS D 132 -6.44 13.48 -7.60
N SER D 133 -7.14 13.87 -6.54
CA SER D 133 -6.95 15.19 -5.96
C SER D 133 -5.95 15.12 -4.80
N SER D 134 -5.59 16.31 -4.29
CA SER D 134 -4.63 16.43 -3.20
C SER D 134 -5.24 17.36 -2.15
N CYS D 135 -5.55 16.80 -0.98
CA CYS D 135 -6.17 17.55 0.09
C CYS D 135 -5.37 17.40 1.38
N SER D 136 -5.32 18.47 2.15
CA SER D 136 -4.53 18.51 3.38
C SER D 136 -5.20 17.65 4.44
N ILE D 137 -4.66 16.45 4.65
CA ILE D 137 -5.22 15.53 5.62
C ILE D 137 -4.87 16.02 7.02
N ASP D 138 -5.89 16.31 7.83
CA ASP D 138 -5.71 16.80 9.19
C ASP D 138 -5.78 15.61 10.15
N VAL D 139 -4.63 15.08 10.53
CA VAL D 139 -4.56 13.93 11.42
C VAL D 139 -4.14 14.46 12.79
N THR D 140 -5.14 14.78 13.62
CA THR D 140 -4.94 15.02 15.04
C THR D 140 -5.72 14.04 15.88
N PHE D 141 -7.00 13.83 15.55
CA PHE D 141 -7.83 12.87 16.25
C PHE D 141 -7.81 11.52 15.54
N PHE D 142 -6.62 10.98 15.39
CA PHE D 142 -6.50 9.67 14.77
C PHE D 142 -6.85 8.59 15.78
N PRO D 143 -7.72 7.63 15.42
CA PRO D 143 -8.38 7.53 14.12
C PRO D 143 -9.74 8.22 14.07
N PHE D 144 -10.24 8.74 15.19
CA PHE D 144 -11.60 9.30 15.22
C PHE D 144 -11.61 10.62 14.49
N ASP D 145 -11.44 10.59 13.17
CA ASP D 145 -11.10 11.77 12.39
C ASP D 145 -12.24 12.18 11.46
N GLN D 146 -12.23 13.46 11.10
CA GLN D 146 -13.05 14.01 10.04
C GLN D 146 -12.15 14.66 9.01
N GLN D 147 -12.31 14.26 7.75
CA GLN D 147 -11.49 14.77 6.65
C GLN D 147 -12.29 15.78 5.84
N ASN D 148 -11.65 16.90 5.50
CA ASN D 148 -12.24 17.98 4.72
C ASN D 148 -11.39 18.16 3.47
N CYS D 149 -11.83 17.62 2.35
CA CYS D 149 -11.04 17.64 1.12
C CYS D 149 -11.80 18.37 0.02
N THR D 150 -11.08 19.20 -0.72
CA THR D 150 -11.68 20.07 -1.72
C THR D 150 -11.29 19.66 -3.12
N MET D 151 -12.17 19.94 -4.07
CA MET D 151 -11.88 19.83 -5.50
C MET D 151 -12.39 21.06 -6.21
N LYS D 152 -11.54 21.66 -7.04
CA LYS D 152 -11.81 22.94 -7.67
C LYS D 152 -11.93 22.74 -9.18
N PHE D 153 -13.14 22.85 -9.71
CA PHE D 153 -13.36 22.74 -11.15
C PHE D 153 -13.56 24.12 -11.74
N GLY D 154 -13.22 24.26 -13.01
CA GLY D 154 -13.43 25.53 -13.69
C GLY D 154 -13.11 25.44 -15.17
N SER D 155 -13.60 26.42 -15.90
CA SER D 155 -13.22 26.60 -17.29
C SER D 155 -11.78 27.13 -17.35
N TRP D 156 -11.19 27.06 -18.54
CA TRP D 156 -9.77 27.40 -18.66
C TRP D 156 -9.50 28.59 -19.55
N THR D 157 -10.08 28.64 -20.75
CA THR D 157 -9.76 29.70 -21.69
C THR D 157 -10.93 30.66 -21.92
N TYR D 158 -11.74 30.88 -20.88
CA TYR D 158 -12.89 31.75 -21.02
C TYR D 158 -13.17 32.43 -19.70
N ASP D 159 -13.64 33.68 -19.77
CA ASP D 159 -13.97 34.44 -18.59
C ASP D 159 -15.44 34.28 -18.25
N LYS D 160 -15.88 34.98 -17.20
CA LYS D 160 -17.30 35.00 -16.87
C LYS D 160 -18.12 35.69 -17.94
N ALA D 161 -17.50 36.59 -18.70
CA ALA D 161 -18.22 37.30 -19.76
C ALA D 161 -18.58 36.41 -20.93
N LYS D 162 -18.09 35.17 -20.98
CA LYS D 162 -18.49 34.23 -22.01
C LYS D 162 -19.12 32.97 -21.45
N ILE D 163 -18.45 32.29 -20.52
CA ILE D 163 -18.96 31.07 -19.92
C ILE D 163 -19.26 31.33 -18.46
N ASP D 164 -20.42 30.85 -18.01
CA ASP D 164 -20.83 30.97 -16.62
C ASP D 164 -21.21 29.59 -16.12
N LEU D 165 -20.70 29.22 -14.95
CA LEU D 165 -20.97 27.92 -14.35
C LEU D 165 -22.10 28.08 -13.33
N VAL D 166 -23.19 27.35 -13.53
CA VAL D 166 -24.33 27.35 -12.62
C VAL D 166 -24.55 25.93 -12.18
N ASN D 167 -24.32 25.65 -10.89
CA ASN D 167 -24.50 24.32 -10.37
C ASN D 167 -25.97 23.93 -10.37
N MET D 168 -26.29 22.81 -11.00
CA MET D 168 -27.67 22.33 -11.05
C MET D 168 -28.18 22.02 -9.65
N HIS D 169 -27.41 21.26 -8.89
CA HIS D 169 -27.80 20.84 -7.54
C HIS D 169 -26.90 21.50 -6.52
N SER D 170 -27.48 21.81 -5.36
CA SER D 170 -26.69 22.33 -4.25
C SER D 170 -25.81 21.25 -3.63
N ARG D 171 -26.16 19.99 -3.77
CA ARG D 171 -25.43 18.87 -3.21
C ARG D 171 -25.02 17.90 -4.31
N VAL D 172 -24.16 16.97 -3.96
CA VAL D 172 -23.67 15.96 -4.88
C VAL D 172 -24.63 14.78 -4.86
N ASP D 173 -24.97 14.27 -6.04
CA ASP D 173 -25.85 13.12 -6.13
C ASP D 173 -25.16 11.88 -5.60
N GLN D 174 -25.94 11.01 -4.93
CA GLN D 174 -25.41 9.78 -4.36
C GLN D 174 -26.30 8.58 -4.69
N LEU D 175 -27.11 8.68 -5.75
CA LEU D 175 -28.06 7.61 -6.03
C LEU D 175 -27.36 6.32 -6.45
N ASP D 176 -26.24 6.43 -7.15
CA ASP D 176 -25.48 5.27 -7.59
C ASP D 176 -24.18 5.13 -6.82
N PHE D 177 -24.16 5.60 -5.57
CA PHE D 177 -22.97 5.53 -4.76
C PHE D 177 -22.69 4.10 -4.31
N TRP D 178 -21.42 3.80 -4.08
CA TRP D 178 -20.98 2.48 -3.62
C TRP D 178 -20.37 2.63 -2.24
N GLU D 179 -20.89 1.86 -1.28
CA GLU D 179 -20.41 1.95 0.09
C GLU D 179 -19.05 1.29 0.20
N SER D 180 -18.03 2.10 0.54
CA SER D 180 -16.68 1.56 0.62
C SER D 180 -16.51 0.60 1.79
N GLY D 181 -17.23 0.84 2.88
CA GLY D 181 -17.03 0.10 4.10
C GLY D 181 -16.05 0.73 5.06
N GLU D 182 -15.19 1.60 4.59
CA GLU D 182 -14.24 2.33 5.44
C GLU D 182 -14.62 3.78 5.64
N TRP D 183 -15.25 4.41 4.66
CA TRP D 183 -15.51 5.85 4.68
C TRP D 183 -16.97 6.10 4.39
N VAL D 184 -17.60 6.94 5.21
CA VAL D 184 -18.97 7.38 5.00
C VAL D 184 -18.96 8.89 4.79
N ILE D 185 -19.80 9.35 3.88
CA ILE D 185 -19.82 10.77 3.52
C ILE D 185 -20.73 11.51 4.48
N VAL D 186 -20.16 12.45 5.23
CA VAL D 186 -20.99 13.34 6.04
C VAL D 186 -21.73 14.32 5.15
N ASP D 187 -21.01 15.04 4.29
CA ASP D 187 -21.69 15.87 3.31
C ASP D 187 -20.74 16.28 2.20
N ALA D 188 -21.33 16.76 1.11
CA ALA D 188 -20.61 17.16 -0.09
C ALA D 188 -21.21 18.47 -0.57
N VAL D 189 -20.58 19.58 -0.19
CA VAL D 189 -21.13 20.91 -0.44
C VAL D 189 -20.51 21.48 -1.70
N GLY D 190 -21.33 22.16 -2.49
CA GLY D 190 -20.86 22.86 -3.68
C GLY D 190 -20.93 24.37 -3.47
N THR D 191 -19.92 25.08 -3.95
CA THR D 191 -19.85 26.52 -3.79
C THR D 191 -19.39 27.17 -5.08
N TYR D 192 -20.00 28.29 -5.44
CA TYR D 192 -19.65 29.06 -6.61
C TYR D 192 -18.78 30.24 -6.20
N ASN D 193 -17.65 30.42 -6.90
CA ASN D 193 -16.75 31.52 -6.58
C ASN D 193 -16.21 32.13 -7.85
N THR D 194 -15.60 33.31 -7.70
CA THR D 194 -14.93 34.01 -8.79
C THR D 194 -13.58 34.48 -8.28
N ARG D 195 -12.57 34.41 -9.15
CA ARG D 195 -11.23 34.86 -8.77
C ARG D 195 -10.64 35.67 -9.93
N LYS D 196 -9.35 35.98 -9.81
CA LYS D 196 -8.64 36.77 -10.79
C LYS D 196 -7.16 36.42 -10.70
N TYR D 197 -6.59 36.01 -11.83
CA TYR D 197 -5.19 35.61 -11.95
C TYR D 197 -4.31 36.69 -12.57
N GLU D 198 -3.01 36.60 -12.36
CA GLU D 198 -2.09 37.63 -12.83
C GLU D 198 -2.07 37.73 -14.34
N CYS D 199 -2.48 36.67 -15.05
CA CYS D 199 -2.42 36.69 -16.51
C CYS D 199 -3.24 37.83 -17.08
N CYS D 200 -4.46 38.00 -16.59
CA CYS D 200 -5.52 38.58 -17.37
C CYS D 200 -6.23 39.66 -16.56
N ALA D 201 -7.12 40.38 -17.21
CA ALA D 201 -7.87 41.43 -16.55
C ALA D 201 -9.23 40.96 -16.06
N GLU D 202 -9.88 40.07 -16.81
CA GLU D 202 -11.22 39.63 -16.46
C GLU D 202 -11.18 38.69 -15.26
N ILE D 203 -12.35 38.42 -14.71
CA ILE D 203 -12.50 37.50 -13.59
C ILE D 203 -12.90 36.13 -14.13
N TYR D 204 -12.57 35.09 -13.38
CA TYR D 204 -12.77 33.73 -13.82
C TYR D 204 -13.61 32.97 -12.81
N PRO D 205 -14.63 32.25 -13.27
CA PRO D 205 -15.50 31.51 -12.36
C PRO D 205 -14.90 30.15 -12.00
N ASP D 206 -15.38 29.60 -10.89
CA ASP D 206 -14.97 28.28 -10.48
C ASP D 206 -15.99 27.72 -9.51
N ILE D 207 -15.98 26.39 -9.38
CA ILE D 207 -16.86 25.68 -8.46
C ILE D 207 -15.98 24.85 -7.55
N THR D 208 -16.13 25.06 -6.25
CA THR D 208 -15.36 24.32 -5.25
C THR D 208 -16.31 23.34 -4.54
N TYR D 209 -15.95 22.07 -4.58
CA TYR D 209 -16.69 21.03 -3.86
C TYR D 209 -15.89 20.63 -2.63
N ALA D 210 -16.54 20.69 -1.48
CA ALA D 210 -15.93 20.30 -0.22
C ALA D 210 -16.59 19.00 0.24
N PHE D 211 -15.82 17.93 0.28
CA PHE D 211 -16.26 16.67 0.85
C PHE D 211 -15.81 16.63 2.30
N VAL D 212 -16.76 16.55 3.23
CA VAL D 212 -16.48 16.29 4.62
C VAL D 212 -16.92 14.86 4.90
N ILE D 213 -15.95 14.02 5.25
CA ILE D 213 -16.16 12.59 5.45
C ILE D 213 -15.56 12.16 6.79
N ARG D 214 -15.88 10.95 7.19
CA ARG D 214 -15.39 10.39 8.44
C ARG D 214 -14.86 8.99 8.21
N ARG D 215 -13.99 8.55 9.12
CA ARG D 215 -13.39 7.22 9.07
C ARG D 215 -14.09 6.30 10.04
N LEU D 216 -14.54 5.16 9.56
CA LEU D 216 -15.07 4.12 10.45
C LEU D 216 -13.93 3.59 11.30
N PRO D 217 -14.02 3.69 12.63
CA PRO D 217 -12.84 3.43 13.47
C PRO D 217 -12.61 1.98 13.87
N LEU D 218 -13.55 1.08 13.59
CA LEU D 218 -13.52 -0.25 14.21
C LEU D 218 -12.21 -0.97 13.90
N PHE D 219 -11.77 -0.93 12.66
CA PHE D 219 -10.56 -1.66 12.26
C PHE D 219 -9.34 -1.18 13.04
N TYR D 220 -9.06 0.12 12.99
CA TYR D 220 -7.92 0.65 13.71
C TYR D 220 -8.08 0.53 15.22
N THR D 221 -9.29 0.79 15.73
CA THR D 221 -9.47 0.73 17.17
C THR D 221 -9.45 -0.71 17.68
N ILE D 222 -9.47 -1.70 16.80
CA ILE D 222 -9.34 -3.09 17.21
C ILE D 222 -7.97 -3.67 16.88
N ASN D 223 -7.17 -3.00 16.05
CA ASN D 223 -5.87 -3.54 15.67
C ASN D 223 -4.68 -2.69 16.08
N LEU D 224 -4.83 -1.38 16.22
CA LEU D 224 -3.65 -0.54 16.44
C LEU D 224 -3.66 0.16 17.80
N ILE D 225 -4.74 0.84 18.17
CA ILE D 225 -4.67 1.63 19.39
C ILE D 225 -4.86 0.77 20.63
N ILE D 226 -5.69 -0.27 20.55
CA ILE D 226 -5.95 -1.08 21.74
C ILE D 226 -4.75 -1.95 22.12
N PRO D 227 -3.93 -2.47 21.18
CA PRO D 227 -2.75 -3.21 21.66
C PRO D 227 -1.74 -2.33 22.38
N CYS D 228 -1.48 -1.13 21.87
CA CYS D 228 -0.52 -0.26 22.53
C CYS D 228 -1.08 0.29 23.84
N LEU D 229 -2.37 0.65 23.85
CA LEU D 229 -3.00 1.06 25.10
C LEU D 229 -2.97 -0.07 26.13
N LEU D 230 -3.03 -1.32 25.67
CA LEU D 230 -2.97 -2.45 26.57
C LEU D 230 -1.57 -2.66 27.12
N ILE D 231 -0.56 -2.66 26.25
CA ILE D 231 0.80 -2.86 26.71
C ILE D 231 1.31 -1.66 27.51
N SER D 232 0.63 -0.51 27.41
CA SER D 232 0.99 0.60 28.27
C SER D 232 0.69 0.33 29.73
N CYS D 233 -0.09 -0.71 30.03
CA CYS D 233 -0.40 -1.08 31.40
C CYS D 233 0.71 -1.89 32.04
N LEU D 234 1.92 -1.86 31.49
CA LEU D 234 3.05 -2.57 32.06
C LEU D 234 4.21 -1.64 32.40
N THR D 235 4.09 -0.35 32.11
CA THR D 235 5.19 0.57 32.40
C THR D 235 5.37 0.78 33.90
N VAL D 236 4.29 0.74 34.67
CA VAL D 236 4.39 0.89 36.11
C VAL D 236 4.55 -0.44 36.83
N LEU D 237 4.19 -1.55 36.17
CA LEU D 237 4.17 -2.85 36.82
C LEU D 237 5.55 -3.33 37.23
N VAL D 238 6.61 -2.79 36.62
CA VAL D 238 7.95 -3.28 36.91
C VAL D 238 8.36 -2.95 38.34
N PHE D 239 7.90 -1.82 38.88
CA PHE D 239 8.38 -1.39 40.19
C PHE D 239 7.86 -2.30 41.29
N TYR D 240 6.67 -2.87 41.12
CA TYR D 240 6.12 -3.75 42.13
C TYR D 240 6.83 -5.10 42.17
N LEU D 241 7.62 -5.40 41.16
CA LEU D 241 8.31 -6.69 41.08
C LEU D 241 9.56 -6.65 41.96
N PRO D 242 9.80 -7.67 42.78
CA PRO D 242 10.95 -7.61 43.69
C PRO D 242 12.26 -7.89 42.97
N SER D 243 13.34 -7.39 43.56
CA SER D 243 14.63 -7.40 42.88
C SER D 243 15.29 -8.77 42.89
N GLU D 244 15.06 -9.58 43.92
CA GLU D 244 15.83 -10.81 44.09
C GLU D 244 15.53 -11.82 43.00
N CYS D 245 14.34 -11.76 42.39
CA CYS D 245 14.05 -12.66 41.28
C CYS D 245 14.97 -12.38 40.11
N GLY D 246 15.12 -11.11 39.75
CA GLY D 246 16.18 -10.70 38.84
C GLY D 246 15.86 -10.72 37.37
N GLU D 247 14.62 -10.38 37.04
CA GLU D 247 14.15 -10.34 35.65
C GLU D 247 13.47 -9.02 35.29
N LYS D 248 13.55 -8.02 36.17
CA LYS D 248 12.88 -6.74 35.94
C LYS D 248 13.37 -5.98 34.70
N ILE D 249 14.68 -5.98 34.49
CA ILE D 249 15.28 -5.32 33.33
C ILE D 249 14.77 -5.93 32.04
N THR D 250 14.48 -7.24 32.05
CA THR D 250 13.92 -7.87 30.86
C THR D 250 12.54 -7.32 30.54
N LEU D 251 11.71 -7.15 31.57
CA LEU D 251 10.39 -6.55 31.36
C LEU D 251 10.51 -5.13 30.82
N CYS D 252 11.41 -4.33 31.40
CA CYS D 252 11.59 -2.96 30.92
C CYS D 252 12.01 -2.95 29.46
N ILE D 253 13.01 -3.75 29.10
CA ILE D 253 13.47 -3.79 27.72
C ILE D 253 12.35 -4.22 26.79
N SER D 254 11.58 -5.25 27.19
CA SER D 254 10.52 -5.73 26.32
C SER D 254 9.47 -4.66 26.08
N VAL D 255 9.05 -3.98 27.15
CA VAL D 255 8.05 -2.92 27.01
C VAL D 255 8.58 -1.80 26.12
N LEU D 256 9.82 -1.39 26.35
CA LEU D 256 10.37 -0.26 25.59
C LEU D 256 10.47 -0.60 24.11
N LEU D 257 10.99 -1.79 23.79
CA LEU D 257 11.10 -2.16 22.38
C LEU D 257 9.74 -2.38 21.74
N SER D 258 8.75 -2.88 22.49
CA SER D 258 7.42 -3.04 21.91
C SER D 258 6.80 -1.68 21.60
N LEU D 259 6.95 -0.71 22.49
CA LEU D 259 6.46 0.63 22.20
C LEU D 259 7.21 1.24 21.02
N THR D 260 8.52 1.02 20.95
CA THR D 260 9.28 1.51 19.80
C THR D 260 8.78 0.90 18.51
N VAL D 261 8.43 -0.38 18.53
CA VAL D 261 7.92 -1.03 17.32
C VAL D 261 6.56 -0.45 16.94
N PHE D 262 5.67 -0.26 17.91
CA PHE D 262 4.38 0.32 17.58
C PHE D 262 4.52 1.74 17.03
N LEU D 263 5.44 2.52 17.58
CA LEU D 263 5.65 3.88 17.06
C LEU D 263 6.22 3.86 15.66
N LEU D 264 7.21 3.00 15.43
CA LEU D 264 7.79 2.88 14.09
C LEU D 264 6.78 2.34 13.09
N LEU D 265 5.77 1.61 13.56
CA LEU D 265 4.75 1.13 12.64
C LEU D 265 3.72 2.22 12.35
N ILE D 266 3.27 3.07 13.41
CA ILE D 266 2.29 4.12 13.18
C ILE D 266 2.88 5.27 12.38
N THR D 267 4.20 5.43 12.39
CA THR D 267 4.79 6.51 11.61
C THR D 267 4.65 6.27 10.12
N GLU D 268 4.06 5.13 9.75
CA GLU D 268 3.85 4.86 8.33
C GLU D 268 2.49 5.35 7.86
N ILE D 269 1.45 5.15 8.67
CA ILE D 269 0.10 5.36 8.18
C ILE D 269 -0.31 6.83 8.29
N ILE D 270 0.32 7.56 9.19
CA ILE D 270 0.05 9.00 9.30
C ILE D 270 0.85 9.71 8.22
N PRO D 271 0.49 10.93 7.83
CA PRO D 271 1.30 11.64 6.85
C PRO D 271 2.57 12.17 7.48
N SER D 272 3.46 12.68 6.63
CA SER D 272 4.67 13.34 7.10
C SER D 272 4.45 14.85 7.20
N THR D 273 3.36 15.21 7.87
CA THR D 273 2.92 16.60 7.99
C THR D 273 3.41 17.16 9.31
N SER D 274 4.36 18.10 9.25
CA SER D 274 4.93 18.69 10.44
C SER D 274 4.23 19.98 10.86
N LEU D 275 2.93 20.09 10.59
CA LEU D 275 2.19 21.22 11.13
C LEU D 275 1.66 20.91 12.52
N VAL D 276 1.26 19.67 12.70
CA VAL D 276 0.75 19.24 14.00
C VAL D 276 1.26 17.83 14.27
N ILE D 277 1.08 17.39 15.51
CA ILE D 277 1.50 16.05 15.91
C ILE D 277 0.27 15.18 16.12
N PRO D 278 0.32 13.91 15.68
CA PRO D 278 -0.80 13.01 15.98
C PRO D 278 -0.88 12.73 17.47
N LEU D 279 -2.11 12.59 17.96
CA LEU D 279 -2.31 12.38 19.38
C LEU D 279 -1.70 11.06 19.83
N ILE D 280 -1.88 10.00 19.04
CA ILE D 280 -1.36 8.70 19.42
C ILE D 280 0.17 8.72 19.44
N GLY D 281 0.79 9.40 18.49
CA GLY D 281 2.23 9.55 18.52
C GLY D 281 2.71 10.26 19.77
N GLU D 282 1.99 11.31 20.17
CA GLU D 282 2.32 12.00 21.41
C GLU D 282 2.23 11.06 22.60
N TYR D 283 1.14 10.28 22.66
CA TYR D 283 0.97 9.35 23.78
C TYR D 283 2.09 8.32 23.82
N LEU D 284 2.44 7.76 22.67
CA LEU D 284 3.48 6.74 22.64
C LEU D 284 4.84 7.31 23.02
N LEU D 285 5.18 8.50 22.52
CA LEU D 285 6.46 9.10 22.88
C LEU D 285 6.50 9.46 24.37
N PHE D 286 5.37 9.90 24.91
CA PHE D 286 5.26 10.18 26.34
C PHE D 286 5.54 8.92 27.15
N THR D 287 4.91 7.82 26.78
CA THR D 287 5.13 6.57 27.48
C THR D 287 6.55 6.07 27.31
N MET D 288 7.18 6.34 26.16
CA MET D 288 8.57 5.93 25.97
C MET D 288 9.51 6.72 26.86
N ILE D 289 9.29 8.04 26.97
CA ILE D 289 10.09 8.85 27.90
C ILE D 289 9.96 8.30 29.31
N PHE D 290 8.73 8.04 29.74
CA PHE D 290 8.57 7.52 31.11
C PHE D 290 9.15 6.11 31.27
N VAL D 291 9.13 5.29 30.21
CA VAL D 291 9.66 3.94 30.42
C VAL D 291 11.18 3.96 30.43
N THR D 292 11.83 4.88 29.71
CA THR D 292 13.28 4.96 29.85
C THR D 292 13.68 5.56 31.19
N LEU D 293 12.89 6.52 31.70
CA LEU D 293 13.12 6.96 33.08
C LEU D 293 12.95 5.79 34.05
N SER D 294 11.97 4.93 33.80
CA SER D 294 11.77 3.78 34.65
C SER D 294 12.95 2.83 34.58
N ILE D 295 13.52 2.63 33.40
CA ILE D 295 14.61 1.67 33.29
C ILE D 295 15.86 2.21 33.97
N VAL D 296 16.09 3.53 33.91
CA VAL D 296 17.27 4.05 34.61
C VAL D 296 17.06 4.00 36.13
N ILE D 297 15.85 4.32 36.59
CA ILE D 297 15.64 4.28 38.04
C ILE D 297 15.69 2.83 38.54
N THR D 298 15.28 1.87 37.71
CA THR D 298 15.29 0.49 38.16
C THR D 298 16.68 -0.10 38.12
N VAL D 299 17.53 0.28 37.17
CA VAL D 299 18.91 -0.17 37.27
C VAL D 299 19.58 0.46 38.48
N PHE D 300 19.22 1.71 38.81
CA PHE D 300 19.74 2.31 40.03
C PHE D 300 19.35 1.50 41.26
N VAL D 301 18.06 1.20 41.41
CA VAL D 301 17.63 0.49 42.62
C VAL D 301 18.20 -0.92 42.64
N LEU D 302 18.35 -1.55 41.48
CA LEU D 302 18.91 -2.90 41.46
C LEU D 302 20.38 -2.88 41.86
N ASN D 303 21.11 -1.82 41.51
CA ASN D 303 22.47 -1.70 42.03
C ASN D 303 22.45 -1.46 43.53
N VAL D 304 21.49 -0.67 44.01
CA VAL D 304 21.40 -0.42 45.45
C VAL D 304 21.18 -1.72 46.20
N HIS D 305 20.37 -2.62 45.64
CA HIS D 305 20.01 -3.84 46.35
C HIS D 305 21.21 -4.75 46.61
N HIS D 306 22.05 -4.95 45.60
CA HIS D 306 23.08 -5.99 45.68
C HIS D 306 24.38 -5.51 46.30
N ARG D 307 24.50 -4.25 46.69
CA ARG D 307 25.76 -3.80 47.26
C ARG D 307 25.98 -4.43 48.63
N SER D 308 27.23 -4.73 48.92
CA SER D 308 27.61 -5.49 50.10
C SER D 308 27.94 -4.56 51.26
N PRO D 309 27.85 -5.06 52.49
CA PRO D 309 28.18 -4.21 53.64
C PRO D 309 29.64 -3.79 53.69
N ARG D 310 30.51 -4.43 52.92
CA ARG D 310 31.94 -4.16 52.97
C ARG D 310 32.42 -3.24 51.86
N THR D 311 31.50 -2.67 51.08
CA THR D 311 31.86 -1.76 50.00
C THR D 311 31.23 -0.38 50.15
N HIS D 312 29.95 -0.32 50.49
CA HIS D 312 29.21 0.94 50.45
C HIS D 312 28.53 1.22 51.79
N THR D 313 29.26 1.10 52.89
CA THR D 313 28.63 1.09 54.22
C THR D 313 27.70 2.29 54.46
N MET D 314 28.24 3.51 54.49
CA MET D 314 27.52 4.79 54.57
C MET D 314 26.16 4.73 55.26
N PRO D 315 26.06 4.23 56.49
CA PRO D 315 24.75 4.03 57.10
C PRO D 315 24.22 5.20 57.92
N THR D 316 25.09 6.14 58.29
CA THR D 316 24.72 7.17 59.24
C THR D 316 23.56 8.02 58.73
N TRP D 317 23.75 8.67 57.58
CA TRP D 317 22.72 9.55 57.05
C TRP D 317 21.53 8.78 56.51
N VAL D 318 21.74 7.52 56.10
CA VAL D 318 20.67 6.78 55.44
C VAL D 318 19.70 6.20 56.46
N ARG D 319 20.20 5.71 57.60
CA ARG D 319 19.31 5.07 58.56
C ARG D 319 18.32 6.04 59.16
N ARG D 320 18.64 7.34 59.18
CA ARG D 320 17.71 8.31 59.73
C ARG D 320 16.60 8.65 58.74
N VAL D 321 16.91 8.67 57.46
CA VAL D 321 15.95 9.11 56.45
C VAL D 321 15.10 7.96 55.92
N PHE D 322 15.69 6.77 55.79
CA PHE D 322 15.00 5.64 55.18
C PHE D 322 14.56 4.60 56.19
N LEU D 323 14.49 4.96 57.47
CA LEU D 323 13.85 4.13 58.48
C LEU D 323 12.76 4.89 59.23
N ASP D 324 12.58 6.18 58.95
CA ASP D 324 11.45 6.95 59.45
C ASP D 324 10.44 7.27 58.37
N ILE D 325 10.77 7.01 57.10
CA ILE D 325 9.84 7.22 56.00
C ILE D 325 8.83 6.09 55.88
N VAL D 326 9.09 4.95 56.53
CA VAL D 326 8.18 3.81 56.41
C VAL D 326 6.80 4.12 56.97
N PRO D 327 6.65 4.70 58.18
CA PRO D 327 5.31 5.08 58.63
C PRO D 327 4.67 6.13 57.72
N ARG D 328 5.46 6.94 57.05
CA ARG D 328 4.90 7.95 56.16
C ARG D 328 4.22 7.32 54.96
N LEU D 329 4.75 6.21 54.46
CA LEU D 329 4.24 5.57 53.26
C LEU D 329 3.21 4.48 53.58
N LEU D 330 2.77 4.40 54.83
CA LEU D 330 1.80 3.38 55.27
C LEU D 330 2.31 1.98 54.94
N LEU D 331 3.43 1.64 55.57
CA LEU D 331 4.02 0.32 55.45
C LEU D 331 4.48 -0.12 56.84
N MET D 332 4.40 -1.42 57.09
CA MET D 332 4.77 -1.96 58.38
C MET D 332 6.25 -2.34 58.41
N LYS D 333 6.83 -2.29 59.59
CA LYS D 333 8.23 -2.60 59.80
C LYS D 333 8.38 -4.09 60.12
N ARG D 334 9.54 -4.47 60.62
CA ARG D 334 9.83 -5.87 60.91
C ARG D 334 9.13 -6.33 62.18
N PHE D 342 25.95 -10.70 62.23
CA PHE D 342 25.98 -9.26 62.17
C PHE D 342 25.87 -8.76 60.74
N GLU D 343 26.65 -9.36 59.85
CA GLU D 343 26.64 -8.95 58.45
C GLU D 343 25.29 -9.21 57.81
N ARG D 344 24.61 -10.27 58.24
CA ARG D 344 23.29 -10.58 57.69
C ARG D 344 22.29 -9.48 58.02
N SER D 345 22.39 -8.89 59.22
CA SER D 345 21.50 -7.81 59.58
C SER D 345 21.70 -6.59 58.68
N VAL D 346 22.96 -6.24 58.43
CA VAL D 346 23.24 -5.11 57.55
C VAL D 346 22.75 -5.41 56.14
N LYS D 347 22.91 -6.65 55.69
CA LYS D 347 22.43 -7.02 54.36
C LYS D 347 20.90 -6.92 54.29
N GLU D 348 20.22 -7.34 55.35
CA GLU D 348 18.76 -7.24 55.37
C GLU D 348 18.32 -5.79 55.35
N ASP D 349 18.99 -4.93 56.11
CA ASP D 349 18.67 -3.50 56.07
C ASP D 349 18.93 -2.93 54.68
N TRP D 350 19.99 -3.41 54.02
CA TRP D 350 20.33 -2.92 52.69
C TRP D 350 19.33 -3.40 51.65
N LYS D 351 18.66 -4.53 51.90
CA LYS D 351 17.55 -4.97 51.07
C LYS D 351 16.29 -4.17 51.36
N TYR D 352 16.05 -3.89 52.63
CA TYR D 352 14.85 -3.18 53.05
C TYR D 352 14.83 -1.77 52.49
N VAL D 353 15.99 -1.09 52.49
CA VAL D 353 16.04 0.26 51.95
C VAL D 353 15.75 0.26 50.46
N ALA D 354 16.23 -0.75 49.74
CA ALA D 354 15.94 -0.86 48.32
C ALA D 354 14.47 -1.07 48.08
N MET D 355 13.83 -1.94 48.87
CA MET D 355 12.39 -2.13 48.72
C MET D 355 11.63 -0.83 48.99
N VAL D 356 12.05 -0.08 50.00
CA VAL D 356 11.36 1.16 50.34
C VAL D 356 11.47 2.18 49.22
N ILE D 357 12.69 2.36 48.68
CA ILE D 357 12.84 3.33 47.60
C ILE D 357 12.09 2.88 46.37
N ASP D 358 12.04 1.57 46.11
CA ASP D 358 11.27 1.08 44.97
C ASP D 358 9.79 1.43 45.14
N ARG D 359 9.25 1.22 46.33
CA ARG D 359 7.84 1.54 46.56
C ARG D 359 7.56 3.03 46.42
N ILE D 360 8.42 3.86 47.01
CA ILE D 360 8.17 5.30 46.97
C ILE D 360 8.33 5.84 45.56
N PHE D 361 9.13 5.19 44.72
CA PHE D 361 9.16 5.63 43.34
C PHE D 361 7.95 5.12 42.57
N LEU D 362 7.47 3.93 42.91
CA LEU D 362 6.27 3.38 42.28
C LEU D 362 5.08 4.31 42.47
N TRP D 363 4.89 4.81 43.69
CA TRP D 363 3.74 5.67 43.96
C TRP D 363 3.79 6.91 43.07
N MET D 364 4.92 7.60 43.06
CA MET D 364 5.04 8.81 42.23
C MET D 364 4.82 8.49 40.76
N PHE D 365 5.39 7.38 40.30
CA PHE D 365 5.28 7.07 38.87
C PHE D 365 3.85 6.76 38.48
N ILE D 366 3.12 5.90 39.18
CA ILE D 366 1.74 5.58 38.82
C ILE D 366 0.87 6.82 38.86
N ILE D 367 1.09 7.70 39.84
CA ILE D 367 0.29 8.92 39.90
C ILE D 367 0.54 9.79 38.68
N VAL D 368 1.81 9.97 38.30
CA VAL D 368 2.12 10.80 37.15
C VAL D 368 1.54 10.20 35.88
N CYS D 369 1.66 8.87 35.73
CA CYS D 369 1.16 8.21 34.53
C CYS D 369 -0.35 8.35 34.42
N LEU D 370 -1.07 8.10 35.50
CA LEU D 370 -2.53 8.19 35.44
C LEU D 370 -2.98 9.63 35.21
N LEU D 371 -2.33 10.59 35.87
CA LEU D 371 -2.67 11.99 35.64
C LEU D 371 -2.36 12.42 34.20
N GLY D 372 -1.36 11.82 33.58
CA GLY D 372 -1.01 12.17 32.22
C GLY D 372 -1.94 11.55 31.18
N THR D 373 -2.33 10.30 31.39
CA THR D 373 -3.23 9.66 30.43
C THR D 373 -4.60 10.33 30.40
N VAL D 374 -5.04 10.87 31.53
CA VAL D 374 -6.36 11.49 31.59
C VAL D 374 -6.32 12.91 31.06
N GLY D 375 -5.37 13.75 31.46
CA GLY D 375 -5.32 15.14 31.06
C GLY D 375 -5.06 15.35 29.59
N LEU D 376 -4.43 14.39 28.92
CA LEU D 376 -4.17 14.53 27.49
C LEU D 376 -5.44 14.36 26.69
N PHE D 377 -6.39 13.55 27.19
CA PHE D 377 -7.61 13.24 26.44
C PHE D 377 -8.85 13.94 27.00
N LEU D 378 -8.72 14.73 28.07
CA LEU D 378 -9.85 15.54 28.52
C LEU D 378 -10.21 16.70 27.59
N PRO D 379 -9.25 17.44 27.02
CA PRO D 379 -9.60 18.61 26.20
C PRO D 379 -10.57 18.31 25.07
N PRO D 380 -10.50 17.12 24.43
CA PRO D 380 -11.56 16.81 23.44
C PRO D 380 -12.97 16.86 24.01
N TRP D 381 -13.16 16.51 25.27
CA TRP D 381 -14.48 16.57 25.88
C TRP D 381 -14.51 17.59 27.02
N ASP E 2 -21.31 33.76 -35.21
CA ASP E 2 -21.24 33.57 -36.66
C ASP E 2 -19.90 34.03 -37.20
N THR E 3 -19.60 35.31 -37.02
CA THR E 3 -18.37 35.88 -37.57
C THR E 3 -17.14 35.18 -37.00
N GLU E 4 -17.23 34.64 -35.79
CA GLU E 4 -16.11 33.90 -35.23
C GLU E 4 -15.78 32.69 -36.10
N GLU E 5 -16.80 32.00 -36.61
CA GLU E 5 -16.56 30.82 -37.43
C GLU E 5 -15.87 31.19 -38.74
N ARG E 6 -16.31 32.26 -39.38
CA ARG E 6 -15.66 32.69 -40.61
C ARG E 6 -14.24 33.17 -40.34
N LEU E 7 -14.02 33.80 -39.18
CA LEU E 7 -12.67 34.19 -38.79
C LEU E 7 -11.76 32.97 -38.65
N VAL E 8 -12.26 31.92 -37.99
CA VAL E 8 -11.45 30.71 -37.81
C VAL E 8 -11.17 30.07 -39.16
N GLU E 9 -12.18 29.99 -40.03
CA GLU E 9 -11.98 29.38 -41.34
C GLU E 9 -11.03 30.21 -42.19
N HIS E 10 -10.97 31.52 -41.97
CA HIS E 10 -10.02 32.34 -42.70
C HIS E 10 -8.60 32.16 -42.17
N LEU E 11 -8.46 31.97 -40.86
CA LEU E 11 -7.13 31.83 -40.30
C LEU E 11 -6.59 30.41 -40.42
N LEU E 12 -7.45 29.40 -40.26
CA LEU E 12 -7.02 28.02 -40.15
C LEU E 12 -7.10 27.30 -41.49
N ASP E 13 -6.90 28.02 -42.59
CA ASP E 13 -6.92 27.42 -43.92
C ASP E 13 -5.67 26.57 -44.12
N PRO E 14 -5.80 25.26 -44.34
CA PRO E 14 -4.61 24.45 -44.64
C PRO E 14 -3.91 24.88 -45.92
N SER E 15 -4.66 25.37 -46.92
CA SER E 15 -4.05 25.82 -48.16
C SER E 15 -3.31 27.14 -47.97
N ARG E 16 -3.78 27.99 -47.05
CA ARG E 16 -3.19 29.30 -46.82
C ARG E 16 -2.24 29.32 -45.63
N TYR E 17 -2.59 28.64 -44.55
CA TYR E 17 -1.77 28.56 -43.35
C TYR E 17 -1.18 27.17 -43.23
N ASN E 18 0.07 27.10 -42.78
CA ASN E 18 0.74 25.83 -42.54
C ASN E 18 1.17 25.77 -41.08
N LYS E 19 1.37 24.55 -40.60
CA LYS E 19 1.72 24.31 -39.21
C LYS E 19 3.17 23.90 -39.01
N LEU E 20 3.75 23.16 -39.96
CA LEU E 20 5.07 22.58 -39.73
C LEU E 20 6.20 23.59 -39.83
N ILE E 21 5.97 24.72 -40.50
CA ILE E 21 7.00 25.74 -40.65
C ILE E 21 6.75 26.85 -39.64
N ARG E 22 7.83 27.37 -39.07
CA ARG E 22 7.74 28.43 -38.08
C ARG E 22 7.86 29.79 -38.76
N PRO E 23 7.29 30.84 -38.17
CA PRO E 23 7.33 32.16 -38.79
C PRO E 23 8.69 32.81 -38.64
N ALA E 24 9.07 33.57 -39.68
CA ALA E 24 10.30 34.33 -39.69
C ALA E 24 10.30 35.25 -40.90
N THR E 25 10.83 36.46 -40.73
CA THR E 25 10.92 37.43 -41.81
C THR E 25 12.30 38.05 -41.81
N ASN E 26 12.62 38.72 -42.93
CA ASN E 26 13.83 39.53 -43.06
C ASN E 26 15.08 38.69 -42.79
N GLY E 27 15.26 37.67 -43.62
CA GLY E 27 16.46 36.85 -43.57
C GLY E 27 16.57 36.01 -42.32
N SER E 28 15.53 35.24 -42.01
CA SER E 28 15.52 34.30 -40.89
C SER E 28 15.87 34.98 -39.57
N GLU E 29 15.08 35.98 -39.22
CA GLU E 29 15.23 36.60 -37.91
C GLU E 29 14.73 35.69 -36.81
N LEU E 30 15.42 35.71 -35.68
CA LEU E 30 15.00 34.91 -34.54
C LEU E 30 13.64 35.36 -34.04
N VAL E 31 12.84 34.41 -33.60
CA VAL E 31 11.52 34.69 -33.03
C VAL E 31 11.63 34.58 -31.51
N THR E 32 11.54 35.72 -30.83
CA THR E 32 11.66 35.73 -29.37
C THR E 32 10.49 34.98 -28.74
N VAL E 33 10.80 34.08 -27.82
CA VAL E 33 9.81 33.31 -27.11
C VAL E 33 10.00 33.56 -25.63
N GLN E 34 9.06 34.29 -25.02
CA GLN E 34 9.15 34.67 -23.61
C GLN E 34 8.37 33.64 -22.80
N LEU E 35 9.06 32.89 -21.95
CA LEU E 35 8.41 31.89 -21.12
C LEU E 35 8.70 32.18 -19.65
N MET E 36 7.69 31.98 -18.80
CA MET E 36 7.90 32.08 -17.36
C MET E 36 7.03 31.05 -16.66
N VAL E 37 7.55 30.55 -15.54
CA VAL E 37 6.95 29.43 -14.84
C VAL E 37 6.15 29.94 -13.66
N SER E 38 5.18 29.14 -13.21
CA SER E 38 4.36 29.45 -12.06
C SER E 38 4.14 28.17 -11.28
N LEU E 39 4.58 28.15 -10.03
CA LEU E 39 4.51 26.97 -9.19
C LEU E 39 3.13 26.90 -8.55
N ALA E 40 2.42 25.80 -8.77
CA ALA E 40 1.12 25.62 -8.12
C ALA E 40 1.27 25.07 -6.71
N GLN E 41 1.81 23.86 -6.60
CA GLN E 41 2.10 23.28 -5.29
C GLN E 41 3.06 22.11 -5.46
N LEU E 42 4.15 22.14 -4.70
CA LEU E 42 5.11 21.04 -4.66
C LEU E 42 4.43 19.85 -4.01
N ILE E 43 4.02 18.86 -4.80
CA ILE E 43 3.11 17.86 -4.23
C ILE E 43 3.84 16.74 -3.50
N SER E 44 5.08 16.44 -3.88
CA SER E 44 5.82 15.38 -3.19
C SER E 44 7.29 15.46 -3.58
N VAL E 45 8.13 14.91 -2.71
CA VAL E 45 9.56 14.73 -2.98
C VAL E 45 9.90 13.30 -2.55
N HIS E 46 9.88 12.36 -3.49
CA HIS E 46 10.30 10.99 -3.21
C HIS E 46 11.82 11.00 -3.15
N GLU E 47 12.35 11.38 -1.98
CA GLU E 47 13.78 11.55 -1.84
C GLU E 47 14.55 10.26 -2.08
N ARG E 48 13.91 9.11 -1.88
CA ARG E 48 14.61 7.84 -2.11
C ARG E 48 14.90 7.62 -3.58
N GLU E 49 14.01 8.05 -4.47
CA GLU E 49 14.20 7.89 -5.90
C GLU E 49 14.73 9.15 -6.57
N GLN E 50 14.97 10.21 -5.81
CA GLN E 50 15.46 11.48 -6.35
C GLN E 50 14.51 12.03 -7.42
N ILE E 51 13.24 12.10 -7.07
CA ILE E 51 12.21 12.58 -7.97
C ILE E 51 11.37 13.62 -7.24
N MET E 52 11.19 14.77 -7.87
CA MET E 52 10.36 15.84 -7.33
C MET E 52 9.17 16.07 -8.25
N THR E 53 7.97 16.02 -7.68
CA THR E 53 6.72 16.12 -8.42
C THR E 53 6.09 17.47 -8.15
N THR E 54 5.91 18.25 -9.22
CA THR E 54 5.39 19.61 -9.10
C THR E 54 4.26 19.84 -10.09
N ASN E 55 3.38 20.76 -9.74
CA ASN E 55 2.31 21.22 -10.61
C ASN E 55 2.72 22.59 -11.16
N VAL E 56 2.79 22.71 -12.47
CA VAL E 56 3.42 23.86 -13.11
C VAL E 56 2.46 24.48 -14.12
N TRP E 57 2.37 25.81 -14.10
CA TRP E 57 1.72 26.58 -15.14
C TRP E 57 2.82 27.38 -15.84
N LEU E 58 3.17 27.00 -17.05
CA LEU E 58 4.19 27.73 -17.80
C LEU E 58 3.51 28.57 -18.87
N THR E 59 3.77 29.87 -18.86
CA THR E 59 3.21 30.79 -19.82
C THR E 59 4.25 31.10 -20.89
N GLN E 60 3.79 31.19 -22.14
CA GLN E 60 4.66 31.40 -23.28
C GLN E 60 4.05 32.44 -24.19
N GLU E 61 4.86 33.41 -24.62
CA GLU E 61 4.44 34.47 -25.51
C GLU E 61 5.36 34.50 -26.72
N TRP E 62 4.77 34.69 -27.89
CA TRP E 62 5.62 34.87 -29.08
C TRP E 62 4.86 35.61 -30.16
N GLU E 63 5.61 36.31 -31.01
CA GLU E 63 5.03 37.08 -32.10
C GLU E 63 4.93 36.21 -33.34
N ASP E 64 3.80 36.31 -34.04
CA ASP E 64 3.55 35.52 -35.23
C ASP E 64 2.79 36.38 -36.23
N TYR E 65 3.30 36.50 -37.45
CA TYR E 65 2.79 37.51 -38.37
C TYR E 65 1.75 36.99 -39.36
N ARG E 66 1.81 35.73 -39.78
CA ARG E 66 0.85 35.24 -40.75
C ARG E 66 -0.54 35.03 -40.17
N LEU E 67 -0.71 35.19 -38.85
CA LEU E 67 -2.01 34.99 -38.22
C LEU E 67 -2.81 36.28 -38.07
N THR E 68 -2.27 37.43 -38.50
CA THR E 68 -2.96 38.69 -38.29
C THR E 68 -4.23 38.77 -39.14
N TRP E 69 -5.08 39.73 -38.80
CA TRP E 69 -6.27 40.00 -39.59
C TRP E 69 -6.71 41.43 -39.30
N LYS E 70 -7.48 41.98 -40.23
CA LYS E 70 -8.01 43.32 -40.06
C LYS E 70 -9.12 43.30 -39.02
N PRO E 71 -8.91 43.89 -37.84
CA PRO E 71 -9.95 43.81 -36.80
C PRO E 71 -11.19 44.62 -37.12
N GLU E 72 -11.09 45.63 -37.99
CA GLU E 72 -12.24 46.49 -38.26
C GLU E 72 -13.34 45.72 -38.96
N GLU E 73 -13.00 44.87 -39.92
CA GLU E 73 -14.02 44.19 -40.72
C GLU E 73 -14.84 43.22 -39.89
N PHE E 74 -14.24 42.60 -38.88
CA PHE E 74 -14.89 41.51 -38.14
C PHE E 74 -15.51 42.03 -36.85
N ASP E 75 -16.42 42.99 -37.00
CA ASP E 75 -17.21 43.51 -35.88
C ASP E 75 -16.34 44.03 -34.74
N ASN E 76 -15.09 44.41 -35.06
CA ASN E 76 -14.14 44.93 -34.09
C ASN E 76 -13.87 43.92 -32.97
N MET E 77 -13.48 42.71 -33.38
CA MET E 77 -13.05 41.70 -32.42
C MET E 77 -11.59 41.89 -32.09
N LYS E 78 -11.23 41.61 -30.84
CA LYS E 78 -9.87 41.83 -30.35
C LYS E 78 -9.11 40.52 -30.21
N LYS E 79 -9.65 39.56 -29.47
CA LYS E 79 -8.95 38.32 -29.19
C LYS E 79 -9.82 37.12 -29.57
N VAL E 80 -9.16 36.06 -30.02
CA VAL E 80 -9.82 34.85 -30.48
C VAL E 80 -9.14 33.64 -29.86
N ARG E 81 -9.93 32.64 -29.49
CA ARG E 81 -9.41 31.39 -28.97
C ARG E 81 -9.15 30.42 -30.12
N LEU E 82 -8.09 29.63 -29.98
CA LEU E 82 -7.73 28.65 -31.00
C LEU E 82 -7.25 27.37 -30.34
N PRO E 83 -7.34 26.24 -31.04
CA PRO E 83 -6.73 25.01 -30.53
C PRO E 83 -5.23 25.02 -30.70
N SER E 84 -4.54 24.24 -29.87
CA SER E 84 -3.09 24.21 -29.91
C SER E 84 -2.57 23.23 -30.96
N LYS E 85 -3.30 22.16 -31.23
CA LYS E 85 -2.83 21.14 -32.15
C LYS E 85 -2.73 21.62 -33.59
N HIS E 86 -3.27 22.78 -33.91
CA HIS E 86 -3.31 23.25 -35.30
C HIS E 86 -2.39 24.43 -35.57
N ILE E 87 -2.30 25.40 -34.67
CA ILE E 87 -1.34 26.48 -34.86
C ILE E 87 0.03 26.02 -34.40
N TRP E 88 1.06 26.53 -35.05
CA TRP E 88 2.43 26.17 -34.69
C TRP E 88 2.72 26.57 -33.25
N LEU E 89 3.65 25.85 -32.62
CA LEU E 89 4.01 26.15 -31.27
C LEU E 89 5.47 25.79 -31.01
N PRO E 90 6.25 26.69 -30.40
CA PRO E 90 7.65 26.36 -30.11
C PRO E 90 7.74 25.39 -28.94
N ASP E 91 8.24 24.20 -29.23
CA ASP E 91 8.32 23.16 -28.21
C ASP E 91 9.23 23.59 -27.07
N VAL E 92 8.76 23.43 -25.84
CA VAL E 92 9.55 23.71 -24.65
C VAL E 92 9.26 22.58 -23.66
N VAL E 93 10.29 21.79 -23.33
CA VAL E 93 10.14 20.63 -22.46
C VAL E 93 11.41 20.42 -21.64
N LEU E 94 11.23 19.83 -20.47
CA LEU E 94 12.31 19.45 -19.58
C LEU E 94 13.35 18.59 -20.30
N TYR E 95 14.56 18.55 -19.74
CA TYR E 95 15.59 17.58 -20.11
C TYR E 95 15.88 16.61 -18.96
N ASN E 96 16.07 17.12 -17.76
CA ASN E 96 16.33 16.27 -16.61
C ASN E 96 15.08 15.56 -16.13
N ASN E 97 14.06 15.49 -16.98
CA ASN E 97 12.83 14.79 -16.63
C ASN E 97 13.03 13.29 -16.69
N ALA E 98 12.53 12.60 -15.67
CA ALA E 98 12.49 11.15 -15.66
C ALA E 98 11.14 10.69 -16.22
N ASP E 99 10.79 9.42 -16.00
CA ASP E 99 9.47 8.87 -16.27
C ASP E 99 9.13 8.83 -17.76
N GLY E 100 9.97 9.37 -18.63
CA GLY E 100 9.68 9.34 -20.05
C GLY E 100 8.76 10.43 -20.50
N MET E 101 7.84 10.85 -19.63
CA MET E 101 6.92 11.93 -19.94
C MET E 101 7.69 13.22 -20.19
N TYR E 102 7.48 13.84 -21.35
CA TYR E 102 8.15 15.09 -21.70
C TYR E 102 7.20 16.25 -21.90
N GLU E 103 6.21 16.12 -22.77
CA GLU E 103 5.40 17.26 -23.16
C GLU E 103 4.33 17.55 -22.10
N VAL E 104 3.59 18.64 -22.30
CA VAL E 104 2.54 19.05 -21.38
C VAL E 104 1.35 18.10 -21.54
N SER E 105 0.41 18.16 -20.60
CA SER E 105 -0.68 17.20 -20.53
C SER E 105 -1.95 17.67 -21.23
N PHE E 106 -2.29 18.95 -21.15
CA PHE E 106 -3.64 19.35 -21.52
C PHE E 106 -3.75 19.86 -22.96
N TYR E 107 -2.73 20.55 -23.48
CA TYR E 107 -2.80 21.18 -24.79
C TYR E 107 -3.98 22.14 -24.88
N SER E 108 -3.90 23.20 -24.08
CA SER E 108 -5.00 24.13 -23.93
C SER E 108 -5.26 24.91 -25.20
N ASN E 109 -6.33 25.70 -25.17
CA ASN E 109 -6.56 26.70 -26.20
C ASN E 109 -5.65 27.89 -25.97
N ALA E 110 -5.36 28.60 -27.05
CA ALA E 110 -4.47 29.75 -27.02
C ALA E 110 -5.23 31.01 -27.41
N VAL E 111 -4.82 32.11 -26.82
CA VAL E 111 -5.38 33.43 -27.11
C VAL E 111 -4.56 34.06 -28.23
N VAL E 112 -5.24 34.66 -29.19
CA VAL E 112 -4.58 35.33 -30.31
C VAL E 112 -5.20 36.70 -30.47
N SER E 113 -4.37 37.74 -30.43
CA SER E 113 -4.82 39.10 -30.66
C SER E 113 -4.68 39.46 -32.13
N TYR E 114 -5.23 40.62 -32.50
CA TYR E 114 -5.17 41.03 -33.89
C TYR E 114 -3.78 41.47 -34.30
N ASP E 115 -2.94 41.88 -33.34
CA ASP E 115 -1.59 42.29 -33.69
C ASP E 115 -0.76 41.11 -34.20
N GLY E 116 -1.00 39.92 -33.68
CA GLY E 116 -0.23 38.75 -34.02
C GLY E 116 0.48 38.09 -32.86
N SER E 117 0.46 38.71 -31.68
CA SER E 117 1.07 38.08 -30.51
C SER E 117 0.21 36.91 -30.04
N ILE E 118 0.88 35.89 -29.51
CA ILE E 118 0.23 34.70 -28.99
C ILE E 118 0.67 34.51 -27.55
N PHE E 119 -0.32 34.25 -26.69
CA PHE E 119 -0.15 34.09 -25.24
C PHE E 119 -0.80 32.78 -24.85
N TRP E 120 0.00 31.78 -24.50
CA TRP E 120 -0.50 30.43 -24.31
C TRP E 120 0.11 29.82 -23.06
N LEU E 121 -0.72 29.20 -22.23
CA LEU E 121 -0.25 28.56 -21.00
C LEU E 121 -1.01 27.26 -20.74
N PRO E 122 -0.39 26.12 -21.04
CA PRO E 122 -0.95 24.86 -20.61
C PRO E 122 -0.43 24.49 -19.24
N PRO E 123 -1.27 23.89 -18.39
CA PRO E 123 -0.79 23.38 -17.11
C PRO E 123 -0.30 21.95 -17.26
N ALA E 124 0.57 21.55 -16.34
CA ALA E 124 1.15 20.22 -16.44
C ALA E 124 1.67 19.78 -15.08
N ILE E 125 2.00 18.49 -15.00
CA ILE E 125 2.64 17.91 -13.84
C ILE E 125 4.01 17.40 -14.28
N TYR E 126 5.05 17.83 -13.57
CA TYR E 126 6.42 17.51 -13.93
C TYR E 126 7.08 16.68 -12.85
N LYS E 127 7.85 15.69 -13.27
CA LYS E 127 8.60 14.81 -12.37
C LYS E 127 10.08 15.02 -12.68
N SER E 128 10.68 16.01 -12.02
CA SER E 128 12.08 16.30 -12.28
C SER E 128 12.98 15.42 -11.41
N ALA E 129 14.25 15.33 -11.80
CA ALA E 129 15.24 14.55 -11.07
C ALA E 129 16.30 15.50 -10.52
N CYS E 130 16.44 15.52 -9.20
CA CYS E 130 17.37 16.42 -8.54
C CYS E 130 18.12 15.68 -7.44
N LYS E 131 19.40 15.99 -7.30
CA LYS E 131 20.27 15.28 -6.36
C LYS E 131 20.00 15.73 -4.94
N ILE E 132 20.12 14.80 -4.01
CA ILE E 132 19.78 15.01 -2.61
C ILE E 132 21.07 15.17 -1.83
N GLU E 133 21.41 16.41 -1.48
CA GLU E 133 22.60 16.69 -0.66
C GLU E 133 22.27 16.41 0.79
N VAL E 134 22.05 15.12 1.08
CA VAL E 134 21.64 14.70 2.40
C VAL E 134 22.85 14.53 3.31
N LYS E 135 23.23 15.63 3.97
CA LYS E 135 24.24 15.58 5.02
C LYS E 135 23.63 15.92 6.38
N HIS E 136 23.02 17.09 6.49
CA HIS E 136 22.42 17.53 7.75
C HIS E 136 20.96 17.06 7.80
N PHE E 137 20.81 15.75 7.84
CA PHE E 137 19.47 15.18 7.93
C PHE E 137 18.95 15.36 9.35
N PRO E 138 17.76 15.95 9.53
CA PRO E 138 16.91 16.51 8.48
C PRO E 138 17.06 18.02 8.30
N PHE E 139 17.91 18.66 9.10
CA PHE E 139 18.02 20.12 9.10
C PHE E 139 18.87 20.52 7.88
N ASP E 140 18.27 20.44 6.70
CA ASP E 140 19.04 20.57 5.47
C ASP E 140 18.31 21.48 4.49
N GLN E 141 18.91 21.62 3.31
CA GLN E 141 18.30 22.30 2.18
C GLN E 141 18.49 21.41 0.95
N GLN E 142 17.51 21.45 0.05
CA GLN E 142 17.56 20.68 -1.18
C GLN E 142 17.62 21.63 -2.36
N ASN E 143 18.54 21.38 -3.27
CA ASN E 143 18.79 22.25 -4.42
C ASN E 143 18.38 21.47 -5.67
N CYS E 144 17.13 21.63 -6.08
CA CYS E 144 16.62 20.91 -7.24
C CYS E 144 16.64 21.81 -8.47
N THR E 145 17.14 21.27 -9.57
CA THR E 145 17.30 22.01 -10.81
C THR E 145 16.24 21.57 -11.81
N MET E 146 15.73 22.50 -12.61
CA MET E 146 14.85 22.11 -13.70
C MET E 146 15.11 22.99 -14.91
N LYS E 147 15.26 22.35 -16.07
CA LYS E 147 15.72 23.00 -17.28
C LYS E 147 14.65 22.98 -18.36
N PHE E 148 14.56 24.06 -19.12
CA PHE E 148 13.67 24.18 -20.26
C PHE E 148 14.50 24.46 -21.50
N ARG E 149 14.01 23.82 -22.39
CA ARG E 149 14.70 24.07 -23.65
C ARG E 149 13.94 23.42 -24.78
N SER E 150 14.08 23.86 -26.12
CA SER E 150 13.41 23.29 -27.28
C SER E 150 14.24 22.12 -27.80
N TRP E 151 13.78 20.90 -27.63
CA TRP E 151 14.57 19.77 -28.08
C TRP E 151 14.73 19.75 -29.59
N THR E 152 13.86 20.47 -30.29
CA THR E 152 13.85 20.42 -31.75
C THR E 152 14.63 21.55 -32.40
N TYR E 153 14.63 22.75 -31.80
CA TYR E 153 15.27 23.92 -32.42
C TYR E 153 16.48 24.33 -31.59
N ASP E 154 17.55 24.72 -32.29
CA ASP E 154 18.72 25.29 -31.63
C ASP E 154 18.63 26.82 -31.70
N ARG E 155 19.69 27.51 -31.26
CA ARG E 155 19.70 28.97 -31.27
C ARG E 155 19.98 29.48 -32.70
N THR E 156 19.11 29.09 -33.61
CA THR E 156 19.15 29.59 -34.97
C THR E 156 17.81 30.09 -35.48
N GLU E 157 16.70 29.77 -34.82
CA GLU E 157 15.40 30.27 -35.22
C GLU E 157 14.65 30.87 -34.03
N ILE E 158 14.92 30.37 -32.82
CA ILE E 158 14.23 30.84 -31.63
C ILE E 158 15.26 31.28 -30.59
N ASP E 159 14.79 32.07 -29.64
CA ASP E 159 15.63 32.60 -28.58
C ASP E 159 14.75 32.83 -27.36
N LEU E 160 15.09 32.18 -26.25
CA LEU E 160 14.28 32.24 -25.05
C LEU E 160 14.71 33.41 -24.17
N VAL E 161 13.74 34.13 -23.63
CA VAL E 161 13.97 35.30 -22.79
C VAL E 161 13.02 35.25 -21.60
N LEU E 162 13.56 35.43 -20.40
CA LEU E 162 12.73 35.41 -19.20
C LEU E 162 11.92 36.69 -19.08
N LYS E 163 10.68 36.55 -18.58
CA LYS E 163 9.84 37.71 -18.35
C LYS E 163 10.17 38.38 -17.01
N SER E 164 10.25 37.58 -15.95
CA SER E 164 10.57 38.10 -14.63
C SER E 164 11.67 37.25 -14.00
N GLU E 165 12.41 37.86 -13.07
CA GLU E 165 13.55 37.19 -12.48
C GLU E 165 13.16 36.05 -11.56
N VAL E 166 11.94 36.05 -11.04
CA VAL E 166 11.52 35.10 -10.02
C VAL E 166 10.26 34.39 -10.49
N ALA E 167 10.14 33.12 -10.16
CA ALA E 167 8.90 32.39 -10.41
C ALA E 167 7.77 32.98 -9.59
N SER E 168 6.57 32.95 -10.15
CA SER E 168 5.41 33.52 -9.49
C SER E 168 4.76 32.50 -8.57
N LEU E 169 4.17 33.00 -7.48
CA LEU E 169 3.52 32.17 -6.49
C LEU E 169 2.15 32.73 -6.13
N ASP E 170 1.44 33.28 -7.11
CA ASP E 170 0.11 33.82 -6.83
C ASP E 170 -0.91 32.72 -6.58
N ASP E 171 -0.73 31.56 -7.19
CA ASP E 171 -1.63 30.42 -7.02
C ASP E 171 -0.95 29.30 -6.23
N PHE E 172 -0.22 29.68 -5.19
CA PHE E 172 0.49 28.72 -4.36
C PHE E 172 -0.33 28.37 -3.13
N THR E 173 -0.16 27.14 -2.66
CA THR E 173 -0.72 26.70 -1.39
C THR E 173 0.39 26.15 -0.52
N PRO E 174 0.31 26.32 0.80
CA PRO E 174 1.37 25.80 1.67
C PRO E 174 1.51 24.29 1.51
N SER E 175 2.71 23.87 1.10
CA SER E 175 2.93 22.47 0.74
C SER E 175 2.88 21.53 1.92
N GLY E 176 2.76 22.05 3.14
CA GLY E 176 2.70 21.17 4.30
C GLY E 176 4.06 20.83 4.84
N GLU E 177 4.59 19.67 4.45
CA GLU E 177 5.87 19.22 4.98
C GLU E 177 7.01 20.16 4.56
N TRP E 178 7.13 20.39 3.25
CA TRP E 178 8.19 21.24 2.69
C TRP E 178 7.87 22.73 2.61
N ASP E 179 8.90 23.55 2.78
CA ASP E 179 8.74 25.00 2.73
C ASP E 179 9.79 25.58 1.79
N ILE E 180 9.36 26.39 0.83
CA ILE E 180 10.27 26.97 -0.12
C ILE E 180 10.97 28.19 0.48
N VAL E 181 12.09 28.56 -0.11
CA VAL E 181 12.85 29.74 0.28
C VAL E 181 12.89 30.79 -0.83
N ALA E 182 13.44 30.43 -1.99
CA ALA E 182 13.49 31.33 -3.12
C ALA E 182 13.48 30.51 -4.39
N LEU E 183 12.98 31.13 -5.47
CA LEU E 183 12.82 30.45 -6.76
C LEU E 183 13.53 31.27 -7.84
N PRO E 184 14.85 31.25 -7.85
CA PRO E 184 15.57 31.99 -8.88
C PRO E 184 15.55 31.27 -10.22
N GLY E 185 15.67 32.06 -11.28
CA GLY E 185 15.74 31.56 -12.63
C GLY E 185 16.80 32.29 -13.42
N ARG E 186 17.45 31.59 -14.34
CA ARG E 186 18.56 32.18 -15.07
C ARG E 186 18.69 31.52 -16.44
N ARG E 187 19.04 32.32 -17.44
CA ARG E 187 19.23 31.84 -18.79
C ARG E 187 20.69 31.45 -18.98
N ASN E 188 20.95 30.18 -19.25
CA ASN E 188 22.32 29.78 -19.50
C ASN E 188 22.68 30.00 -20.96
N GLU E 189 23.99 30.07 -21.21
CA GLU E 189 24.48 30.28 -22.57
C GLU E 189 25.90 29.74 -22.67
N ASN E 190 26.08 28.69 -23.46
CA ASN E 190 27.40 28.09 -23.64
C ASN E 190 28.09 28.76 -24.82
N PRO E 191 29.09 29.61 -24.59
CA PRO E 191 29.75 30.28 -25.71
C PRO E 191 30.57 29.33 -26.58
N ASP E 192 31.03 28.20 -26.03
CA ASP E 192 31.81 27.27 -26.84
C ASP E 192 30.94 26.60 -27.89
N ASP E 193 29.69 26.27 -27.55
CA ASP E 193 28.81 25.61 -28.50
C ASP E 193 28.12 26.60 -29.43
N SER E 194 27.87 27.81 -28.96
CA SER E 194 27.26 28.90 -29.73
C SER E 194 25.88 28.55 -30.28
N THR E 195 25.31 27.42 -29.86
CA THR E 195 23.99 27.00 -30.31
C THR E 195 23.12 26.59 -29.12
N TYR E 196 23.77 26.21 -28.02
CA TYR E 196 23.06 25.71 -26.85
C TYR E 196 22.45 26.86 -26.06
N VAL E 197 21.13 26.80 -25.88
CA VAL E 197 20.42 27.72 -25.00
C VAL E 197 19.47 26.93 -24.12
N ASP E 198 19.16 27.51 -22.95
CA ASP E 198 18.23 26.89 -22.03
C ASP E 198 17.94 27.82 -20.88
N ILE E 199 16.80 27.60 -20.24
CA ILE E 199 16.39 28.34 -19.04
C ILE E 199 16.41 27.37 -17.87
N THR E 200 17.05 27.78 -16.78
CA THR E 200 17.14 26.92 -15.60
C THR E 200 16.49 27.62 -14.41
N TYR E 201 15.53 26.94 -13.79
CA TYR E 201 14.96 27.37 -12.52
C TYR E 201 15.53 26.50 -11.41
N ASP E 202 15.96 27.15 -10.33
CA ASP E 202 16.50 26.46 -9.17
C ASP E 202 15.49 26.57 -8.03
N PHE E 203 15.20 25.45 -7.39
CA PHE E 203 14.32 25.41 -6.23
C PHE E 203 15.16 25.05 -5.02
N ILE E 204 15.23 25.96 -4.06
CA ILE E 204 15.86 25.71 -2.78
C ILE E 204 14.75 25.43 -1.78
N ILE E 205 14.70 24.19 -1.31
CA ILE E 205 13.59 23.69 -0.50
C ILE E 205 14.11 23.39 0.90
N ARG E 206 13.31 23.67 1.92
CA ARG E 206 13.66 23.36 3.30
C ARG E 206 12.62 22.43 3.89
N ARG E 207 13.08 21.50 4.73
CA ARG E 207 12.19 20.56 5.39
C ARG E 207 11.79 21.09 6.77
N LYS E 208 10.49 21.12 7.02
CA LYS E 208 10.01 21.37 8.37
C LYS E 208 10.39 20.17 9.23
N PRO E 209 11.17 20.34 10.29
CA PRO E 209 11.87 19.20 10.88
C PRO E 209 11.08 18.42 11.94
N LEU E 210 10.02 19.01 12.47
CA LEU E 210 9.44 18.48 13.71
C LEU E 210 8.92 17.07 13.54
N PHE E 211 8.40 16.71 12.36
CA PHE E 211 7.87 15.37 12.16
C PHE E 211 8.95 14.31 12.33
N TYR E 212 9.99 14.38 11.52
CA TYR E 212 11.06 13.40 11.65
C TYR E 212 11.68 13.51 13.03
N THR E 213 11.88 14.74 13.49
CA THR E 213 12.45 14.90 14.83
C THR E 213 11.72 14.02 15.83
N ILE E 214 10.43 14.28 16.03
CA ILE E 214 9.64 13.54 17.02
C ILE E 214 9.63 12.04 16.71
N ASN E 215 9.67 11.67 15.44
CA ASN E 215 9.50 10.24 15.14
C ASN E 215 10.79 9.46 15.32
N LEU E 216 11.94 10.04 15.02
CA LEU E 216 13.21 9.30 15.01
C LEU E 216 14.24 9.79 16.01
N ILE E 217 14.41 11.11 16.14
CA ILE E 217 15.49 11.61 16.98
C ILE E 217 15.27 11.25 18.44
N ILE E 218 14.04 11.43 18.93
CA ILE E 218 13.75 11.11 20.33
C ILE E 218 13.97 9.64 20.64
N PRO E 219 13.45 8.68 19.87
CA PRO E 219 13.74 7.27 20.19
C PRO E 219 15.22 6.93 20.07
N CYS E 220 15.92 7.49 19.09
CA CYS E 220 17.33 7.16 18.89
C CYS E 220 18.17 7.57 20.08
N VAL E 221 18.14 8.86 20.43
CA VAL E 221 18.92 9.32 21.57
C VAL E 221 18.40 8.69 22.87
N LEU E 222 17.09 8.47 22.96
CA LEU E 222 16.51 7.80 24.12
C LEU E 222 17.17 6.46 24.37
N ILE E 223 17.17 5.58 23.36
CA ILE E 223 17.72 4.25 23.58
C ILE E 223 19.24 4.27 23.64
N THR E 224 19.89 5.21 22.96
CA THR E 224 21.35 5.21 23.03
C THR E 224 21.87 5.85 24.31
N SER E 225 21.01 6.50 25.10
CA SER E 225 21.41 6.91 26.43
C SER E 225 21.71 5.71 27.32
N LEU E 226 21.29 4.51 26.92
CA LEU E 226 21.55 3.30 27.67
C LEU E 226 22.95 2.74 27.42
N ALA E 227 23.82 3.50 26.78
CA ALA E 227 25.15 2.99 26.48
C ALA E 227 25.99 2.86 27.74
N ILE E 228 26.21 3.99 28.43
CA ILE E 228 27.09 4.01 29.60
C ILE E 228 26.33 3.54 30.83
N LEU E 229 25.12 3.04 30.62
CA LEU E 229 24.25 2.67 31.72
C LEU E 229 24.51 1.25 32.23
N VAL E 230 24.98 0.35 31.37
CA VAL E 230 25.07 -1.06 31.75
C VAL E 230 26.11 -1.29 32.84
N PHE E 231 27.12 -0.42 32.95
CA PHE E 231 28.23 -0.69 33.85
C PHE E 231 27.90 -0.35 35.30
N TYR E 232 26.99 0.59 35.53
CA TYR E 232 26.57 0.85 36.90
C TYR E 232 25.77 -0.31 37.47
N LEU E 233 25.29 -1.20 36.62
CA LEU E 233 24.65 -2.43 37.09
C LEU E 233 25.68 -3.34 37.75
N PRO E 234 25.36 -3.95 38.88
CA PRO E 234 26.30 -4.88 39.51
C PRO E 234 26.33 -6.21 38.77
N SER E 235 27.51 -6.80 38.71
CA SER E 235 27.70 -8.04 37.96
C SER E 235 27.10 -9.25 38.68
N ASP E 236 26.90 -9.17 39.99
CA ASP E 236 26.47 -10.35 40.74
C ASP E 236 25.06 -10.79 40.34
N CYS E 237 24.19 -9.85 39.96
CA CYS E 237 22.83 -10.22 39.61
C CYS E 237 22.80 -11.05 38.33
N GLY E 238 23.68 -10.75 37.39
CA GLY E 238 23.76 -11.52 36.16
C GLY E 238 22.70 -11.13 35.16
N GLU E 239 22.81 -9.69 34.71
CA GLU E 239 21.78 -9.25 33.75
C GLU E 239 22.30 -8.28 32.70
N LYS E 240 23.59 -8.21 32.74
CA LYS E 240 24.16 -7.26 31.79
C LYS E 240 23.96 -7.71 30.35
N MET E 241 24.02 -9.03 30.12
CA MET E 241 24.01 -9.54 28.76
C MET E 241 22.70 -9.20 28.04
N THR E 242 21.58 -9.46 28.70
CA THR E 242 20.28 -9.19 28.07
C THR E 242 20.15 -7.74 27.69
N LEU E 243 20.41 -6.84 28.63
CA LEU E 243 20.28 -5.40 28.37
C LEU E 243 21.19 -4.97 27.24
N CYS E 244 22.47 -5.39 27.28
CA CYS E 244 23.42 -4.88 26.30
C CYS E 244 23.11 -5.41 24.90
N ILE E 245 22.84 -6.72 24.79
CA ILE E 245 22.48 -7.28 23.49
C ILE E 245 21.22 -6.62 22.95
N SER E 246 20.26 -6.34 23.82
CA SER E 246 19.02 -5.70 23.37
C SER E 246 19.30 -4.29 22.84
N VAL E 247 20.16 -3.55 23.53
CA VAL E 247 20.50 -2.22 23.05
C VAL E 247 21.19 -2.30 21.69
N LEU E 248 22.13 -3.24 21.54
CA LEU E 248 22.81 -3.38 20.27
C LEU E 248 21.83 -3.73 19.15
N LEU E 249 20.86 -4.60 19.45
CA LEU E 249 19.88 -4.97 18.45
C LEU E 249 19.02 -3.78 18.05
N ALA E 250 18.59 -2.98 19.03
CA ALA E 250 17.78 -1.81 18.71
C ALA E 250 18.56 -0.81 17.86
N LEU E 251 19.84 -0.62 18.17
CA LEU E 251 20.65 0.28 17.36
C LEU E 251 20.82 -0.25 15.93
N THR E 252 21.01 -1.56 15.78
CA THR E 252 21.06 -2.11 14.42
C THR E 252 19.76 -1.86 13.68
N VAL E 253 18.63 -1.99 14.38
CA VAL E 253 17.33 -1.75 13.74
C VAL E 253 17.23 -0.32 13.25
N PHE E 254 17.56 0.64 14.12
CA PHE E 254 17.50 2.04 13.71
C PHE E 254 18.49 2.33 12.58
N LEU E 255 19.66 1.69 12.58
CA LEU E 255 20.60 1.90 11.50
C LEU E 255 20.01 1.43 10.17
N LEU E 256 19.43 0.24 10.15
CA LEU E 256 18.83 -0.27 8.92
C LEU E 256 17.69 0.64 8.46
N LEU E 257 16.86 1.11 9.40
CA LEU E 257 15.77 2.00 9.02
C LEU E 257 16.30 3.30 8.39
N ILE E 258 17.23 3.95 9.08
CA ILE E 258 17.72 5.23 8.60
C ILE E 258 18.51 5.07 7.30
N SER E 259 19.04 3.87 7.04
CA SER E 259 19.64 3.62 5.74
C SER E 259 18.58 3.36 4.68
N LYS E 260 17.42 2.86 5.08
CA LYS E 260 16.34 2.66 4.13
C LYS E 260 15.68 3.97 3.72
N ILE E 261 15.61 4.94 4.63
CA ILE E 261 14.89 6.17 4.28
C ILE E 261 15.77 7.11 3.46
N VAL E 262 17.09 7.10 3.67
CA VAL E 262 18.00 7.96 2.93
C VAL E 262 18.21 7.39 1.54
N PRO E 263 18.23 8.22 0.50
CA PRO E 263 18.53 7.70 -0.84
C PRO E 263 19.94 7.14 -0.90
N PRO E 264 20.14 6.04 -1.64
CA PRO E 264 21.47 5.41 -1.67
C PRO E 264 22.48 6.27 -2.42
N THR E 265 22.79 7.43 -1.88
CA THR E 265 23.77 8.34 -2.47
C THR E 265 25.11 8.06 -1.80
N SER E 266 25.91 7.21 -2.44
CA SER E 266 27.20 6.85 -1.89
C SER E 266 28.20 7.99 -1.94
N LEU E 267 27.80 9.17 -2.42
CA LEU E 267 28.70 10.32 -2.42
C LEU E 267 29.02 10.78 -1.01
N ASP E 268 28.09 10.63 -0.09
CA ASP E 268 28.30 11.09 1.28
C ASP E 268 27.54 10.18 2.24
N VAL E 269 27.93 10.25 3.50
CA VAL E 269 27.34 9.43 4.56
C VAL E 269 26.51 10.34 5.46
N PRO E 270 25.27 9.97 5.77
CA PRO E 270 24.46 10.81 6.66
C PRO E 270 25.11 10.96 8.02
N LEU E 271 24.92 12.13 8.62
CA LEU E 271 25.55 12.41 9.92
C LEU E 271 24.95 11.55 11.02
N VAL E 272 23.62 11.41 11.02
CA VAL E 272 22.96 10.59 12.03
C VAL E 272 23.44 9.15 11.93
N GLY E 273 23.50 8.62 10.72
CA GLY E 273 24.00 7.26 10.55
C GLY E 273 25.43 7.10 11.02
N LYS E 274 26.27 8.12 10.79
CA LYS E 274 27.65 8.06 11.23
C LYS E 274 27.73 8.01 12.75
N TYR E 275 26.99 8.89 13.42
CA TYR E 275 26.99 8.89 14.88
C TYR E 275 26.45 7.58 15.42
N LEU E 276 25.43 7.02 14.77
CA LEU E 276 24.84 5.77 15.23
C LEU E 276 25.81 4.61 15.06
N MET E 277 26.57 4.59 13.95
CA MET E 277 27.60 3.58 13.79
C MET E 277 28.67 3.71 14.86
N PHE E 278 29.07 4.94 15.18
CA PHE E 278 30.06 5.15 16.22
C PHE E 278 29.57 4.60 17.56
N THR E 279 28.34 4.94 17.94
CA THR E 279 27.85 4.45 19.23
C THR E 279 27.60 2.95 19.20
N MET E 280 27.37 2.38 18.01
CA MET E 280 27.28 0.92 17.91
C MET E 280 28.62 0.26 18.22
N VAL E 281 29.70 0.80 17.65
CA VAL E 281 31.02 0.28 17.97
C VAL E 281 31.29 0.45 19.46
N LEU E 282 30.86 1.58 20.03
CA LEU E 282 31.05 1.78 21.46
C LEU E 282 30.32 0.73 22.28
N VAL E 283 29.08 0.41 21.91
CA VAL E 283 28.31 -0.54 22.71
C VAL E 283 28.79 -1.98 22.51
N THR E 284 29.40 -2.30 21.37
CA THR E 284 29.98 -3.64 21.27
C THR E 284 31.29 -3.74 22.04
N PHE E 285 32.07 -2.68 22.09
CA PHE E 285 33.18 -2.65 23.04
C PHE E 285 32.67 -2.80 24.46
N SER E 286 31.49 -2.22 24.74
CA SER E 286 30.86 -2.38 26.04
C SER E 286 30.54 -3.84 26.33
N ILE E 287 29.95 -4.54 25.36
CA ILE E 287 29.57 -5.94 25.63
C ILE E 287 30.79 -6.81 25.83
N VAL E 288 31.86 -6.59 25.04
CA VAL E 288 33.03 -7.45 25.22
C VAL E 288 33.69 -7.18 26.58
N THR E 289 33.82 -5.91 26.97
CA THR E 289 34.45 -5.64 28.25
C THR E 289 33.55 -6.07 29.41
N SER E 290 32.23 -6.05 29.21
CA SER E 290 31.33 -6.52 30.25
C SER E 290 31.44 -8.02 30.44
N VAL E 291 31.58 -8.77 29.35
CA VAL E 291 31.80 -10.20 29.48
C VAL E 291 33.13 -10.47 30.18
N CYS E 292 34.14 -9.65 29.89
CA CYS E 292 35.42 -9.82 30.57
C CYS E 292 35.28 -9.62 32.08
N VAL E 293 34.66 -8.51 32.49
CA VAL E 293 34.52 -8.26 33.93
C VAL E 293 33.61 -9.30 34.57
N LEU E 294 32.61 -9.79 33.84
CA LEU E 294 31.74 -10.82 34.40
C LEU E 294 32.51 -12.12 34.59
N ASN E 295 33.48 -12.40 33.72
CA ASN E 295 34.30 -13.59 33.91
C ASN E 295 35.20 -13.45 35.13
N VAL E 296 35.84 -12.28 35.27
CA VAL E 296 36.74 -12.12 36.41
C VAL E 296 35.94 -12.13 37.72
N HIS E 297 34.68 -11.71 37.66
CA HIS E 297 33.84 -11.66 38.86
C HIS E 297 33.77 -13.02 39.56
N HIS E 298 33.19 -14.02 38.89
CA HIS E 298 32.83 -15.27 39.55
C HIS E 298 34.01 -16.11 39.99
N ARG E 299 35.26 -15.71 39.69
CA ARG E 299 36.41 -16.54 40.01
C ARG E 299 36.42 -16.91 41.48
N SER E 300 36.76 -18.17 41.75
CA SER E 300 36.77 -18.73 43.09
C SER E 300 38.14 -18.51 43.74
N PRO E 301 38.16 -18.26 45.05
CA PRO E 301 39.45 -18.08 45.74
C PRO E 301 40.28 -19.34 45.83
N THR E 302 39.76 -20.48 45.36
CA THR E 302 40.50 -21.73 45.43
C THR E 302 41.24 -22.08 44.16
N THR E 303 40.89 -21.49 43.03
CA THR E 303 41.44 -21.91 41.75
C THR E 303 42.40 -20.92 41.13
N HIS E 304 42.18 -19.61 41.29
CA HIS E 304 43.00 -18.59 40.66
C HIS E 304 43.42 -17.56 41.71
N THR E 305 44.55 -17.84 42.38
CA THR E 305 45.08 -16.92 43.38
C THR E 305 45.47 -15.58 42.77
N MET E 306 46.52 -15.59 41.94
CA MET E 306 47.00 -14.40 41.25
C MET E 306 47.11 -13.20 42.18
N ALA E 307 47.77 -13.40 43.31
CA ALA E 307 47.82 -12.38 44.36
C ALA E 307 48.81 -11.24 44.08
N PRO E 308 50.11 -11.52 43.92
CA PRO E 308 51.09 -10.42 44.08
C PRO E 308 50.90 -9.25 43.16
N TRP E 309 50.48 -9.49 41.91
CA TRP E 309 50.30 -8.41 40.96
C TRP E 309 49.04 -7.60 41.27
N VAL E 310 47.91 -8.29 41.42
CA VAL E 310 46.63 -7.60 41.56
C VAL E 310 46.54 -6.88 42.90
N LYS E 311 46.88 -7.58 43.99
CA LYS E 311 46.81 -6.98 45.32
C LYS E 311 47.52 -5.65 45.39
N VAL E 312 48.59 -5.48 44.60
CA VAL E 312 49.27 -4.20 44.56
C VAL E 312 48.59 -3.24 43.59
N VAL E 313 48.37 -3.68 42.36
CA VAL E 313 48.01 -2.74 41.29
C VAL E 313 46.63 -2.14 41.56
N PHE E 314 45.65 -2.96 41.93
CA PHE E 314 44.30 -2.42 42.05
C PHE E 314 44.08 -1.69 43.38
N LEU E 315 44.71 -2.16 44.44
CA LEU E 315 44.62 -1.44 45.71
C LEU E 315 45.40 -0.14 45.68
N GLU E 316 46.37 0.00 44.78
CA GLU E 316 47.00 1.30 44.56
C GLU E 316 46.18 2.17 43.63
N LYS E 317 45.50 1.56 42.66
CA LYS E 317 44.70 2.33 41.70
C LYS E 317 43.46 2.91 42.34
N LEU E 318 42.84 2.20 43.29
CA LEU E 318 41.58 2.65 43.86
C LEU E 318 41.59 4.09 44.35
N PRO E 319 42.61 4.57 45.07
CA PRO E 319 42.59 5.99 45.46
C PRO E 319 42.60 6.94 44.28
N ALA E 320 43.34 6.62 43.22
CA ALA E 320 43.35 7.46 42.04
C ALA E 320 42.02 7.50 41.31
N LEU E 321 41.05 6.70 41.76
CA LEU E 321 39.72 6.70 41.17
C LEU E 321 38.70 7.46 42.01
N LEU E 322 39.07 7.88 43.22
CA LEU E 322 38.17 8.59 44.12
C LEU E 322 36.93 7.77 44.43
N PHE E 323 37.13 6.48 44.66
CA PHE E 323 36.06 5.57 45.03
C PHE E 323 36.20 5.16 46.49
N MET E 324 35.06 4.87 47.12
CA MET E 324 35.07 4.52 48.53
C MET E 324 35.91 3.29 48.80
N GLN E 325 36.72 3.36 49.85
CA GLN E 325 37.61 2.26 50.18
C GLN E 325 36.85 1.18 50.96
N GLN E 326 37.53 0.06 51.16
CA GLN E 326 36.94 -1.08 51.87
C GLN E 326 36.59 -0.73 53.31
N SER E 337 36.49 -13.45 51.97
CA SER E 337 37.76 -12.73 52.08
C SER E 337 38.36 -12.47 50.70
N VAL E 338 38.72 -13.54 50.01
CA VAL E 338 39.36 -13.41 48.70
C VAL E 338 38.31 -13.32 47.60
N SER E 339 37.19 -14.05 47.75
CA SER E 339 36.11 -13.94 46.77
C SER E 339 35.52 -12.53 46.77
N GLU E 340 35.28 -11.99 47.96
CA GLU E 340 34.90 -10.58 48.06
C GLU E 340 35.97 -9.69 47.45
N ASP E 341 37.23 -10.09 47.54
CA ASP E 341 38.30 -9.29 46.93
C ASP E 341 38.18 -9.29 45.41
N TRP E 342 37.86 -10.44 44.81
CA TRP E 342 37.67 -10.48 43.37
C TRP E 342 36.45 -9.68 42.94
N LYS E 343 35.37 -9.75 43.73
CA LYS E 343 34.21 -8.93 43.42
C LYS E 343 34.55 -7.45 43.51
N TYR E 344 35.35 -7.08 44.50
CA TYR E 344 35.84 -5.70 44.62
C TYR E 344 36.66 -5.32 43.39
N VAL E 345 37.46 -6.26 42.89
CA VAL E 345 38.24 -6.03 41.68
C VAL E 345 37.32 -5.74 40.51
N ALA E 346 36.29 -6.56 40.32
CA ALA E 346 35.34 -6.34 39.24
C ALA E 346 34.68 -4.97 39.37
N MET E 347 34.31 -4.60 40.57
CA MET E 347 33.68 -3.29 40.78
C MET E 347 34.64 -2.17 40.40
N VAL E 348 35.89 -2.25 40.84
CA VAL E 348 36.86 -1.21 40.51
C VAL E 348 37.03 -1.10 39.00
N ILE E 349 37.17 -2.24 38.32
CA ILE E 349 37.49 -2.19 36.90
C ILE E 349 36.31 -1.68 36.10
N ASP E 350 35.08 -2.07 36.45
CA ASP E 350 33.98 -1.57 35.64
C ASP E 350 33.64 -0.12 36.01
N ARG E 351 33.98 0.33 37.21
CA ARG E 351 33.86 1.76 37.49
C ARG E 351 34.85 2.56 36.67
N LEU E 352 36.10 2.07 36.53
CA LEU E 352 37.04 2.69 35.61
C LEU E 352 36.45 2.79 34.21
N PHE E 353 35.90 1.70 33.72
CA PHE E 353 35.34 1.72 32.39
C PHE E 353 34.22 2.75 32.30
N LEU E 354 33.39 2.81 33.33
CA LEU E 354 32.28 3.75 33.31
C LEU E 354 32.79 5.19 33.23
N TRP E 355 33.83 5.51 34.02
CA TRP E 355 34.38 6.86 33.97
C TRP E 355 34.90 7.18 32.57
N ILE E 356 35.64 6.25 31.96
CA ILE E 356 36.22 6.59 30.66
C ILE E 356 35.16 6.57 29.56
N PHE E 357 33.87 5.71 29.63
CA PHE E 357 32.79 5.72 28.66
C PHE E 357 31.99 7.01 28.70
N VAL E 358 31.93 7.56 29.97
CA VAL E 358 31.23 8.85 30.00
C VAL E 358 32.15 9.96 29.53
N PHE E 359 33.45 9.86 29.83
CA PHE E 359 34.40 10.86 29.37
C PHE E 359 34.46 10.91 27.85
N VAL E 360 34.40 9.75 27.19
CA VAL E 360 34.44 9.76 25.73
C VAL E 360 33.07 10.07 25.14
N CYS E 361 31.98 9.76 25.86
CA CYS E 361 30.65 10.03 25.34
C CYS E 361 30.36 11.53 25.35
N VAL E 362 30.85 12.25 26.36
CA VAL E 362 30.72 13.70 26.35
C VAL E 362 31.34 14.29 25.07
N PHE E 363 32.56 13.87 24.76
CA PHE E 363 33.24 14.38 23.57
C PHE E 363 32.58 13.92 22.30
N GLY E 364 32.04 12.69 22.28
CA GLY E 364 31.31 12.24 21.11
C GLY E 364 30.07 13.07 20.84
N THR E 365 29.34 13.42 21.90
CA THR E 365 28.18 14.29 21.73
C THR E 365 28.59 15.71 21.33
N ILE E 366 29.74 16.18 21.82
CA ILE E 366 30.22 17.50 21.42
C ILE E 366 30.61 17.50 19.94
N GLY E 367 31.18 16.39 19.47
CA GLY E 367 31.63 16.33 18.08
C GLY E 367 30.53 16.45 17.05
N MET E 368 29.28 16.22 17.45
CA MET E 368 28.17 16.36 16.50
C MET E 368 27.89 17.83 16.20
N PHE E 369 28.13 18.72 17.15
CA PHE E 369 27.88 20.15 16.96
C PHE E 369 28.94 20.77 16.06
N ASP F 20 -23.90 -32.32 10.22
CA ASP F 20 -25.13 -32.34 9.43
C ASP F 20 -26.32 -31.94 10.29
N VAL F 21 -27.22 -31.17 9.72
CA VAL F 21 -28.40 -30.70 10.43
C VAL F 21 -29.53 -31.68 10.17
N LEU F 22 -29.85 -32.51 11.17
CA LEU F 22 -30.89 -33.51 11.01
C LEU F 22 -32.27 -32.88 11.04
N MET F 23 -33.16 -33.43 10.22
CA MET F 23 -34.55 -33.01 10.16
C MET F 23 -35.41 -33.89 11.05
N THR F 24 -36.45 -33.30 11.63
CA THR F 24 -37.42 -34.01 12.44
C THR F 24 -38.81 -33.68 11.91
N GLN F 25 -39.51 -34.69 11.41
CA GLN F 25 -40.83 -34.52 10.81
C GLN F 25 -41.89 -35.09 11.74
N THR F 26 -42.92 -34.29 12.01
CA THR F 26 -44.03 -34.71 12.85
C THR F 26 -45.33 -34.32 12.16
N PRO F 27 -46.34 -35.21 12.10
CA PRO F 27 -46.23 -36.57 12.61
C PRO F 27 -45.55 -37.50 11.61
N LEU F 28 -45.55 -38.79 11.88
CA LEU F 28 -45.07 -39.75 10.90
C LEU F 28 -46.14 -40.07 9.87
N SER F 29 -47.40 -40.06 10.29
CA SER F 29 -48.53 -40.28 9.40
C SER F 29 -49.72 -39.49 9.93
N LEU F 30 -50.41 -38.78 9.05
CA LEU F 30 -51.56 -37.96 9.41
C LEU F 30 -52.71 -38.26 8.46
N PRO F 31 -53.41 -39.38 8.65
CA PRO F 31 -54.57 -39.68 7.81
C PRO F 31 -55.72 -38.72 8.09
N VAL F 32 -56.17 -38.01 7.06
CA VAL F 32 -57.25 -37.04 7.18
C VAL F 32 -58.29 -37.32 6.11
N SER F 33 -59.46 -36.72 6.29
CA SER F 33 -60.55 -36.90 5.34
C SER F 33 -60.44 -35.89 4.21
N LEU F 34 -61.20 -36.13 3.14
CA LEU F 34 -61.17 -35.27 1.97
C LEU F 34 -61.83 -33.94 2.29
N GLY F 35 -61.14 -32.85 1.96
CA GLY F 35 -61.64 -31.51 2.19
C GLY F 35 -61.16 -30.86 3.47
N ASP F 36 -60.50 -31.62 4.34
CA ASP F 36 -60.05 -31.09 5.63
C ASP F 36 -58.66 -30.48 5.51
N GLN F 37 -58.35 -29.59 6.45
CA GLN F 37 -57.04 -28.95 6.52
C GLN F 37 -56.09 -29.79 7.37
N ALA F 38 -54.86 -29.93 6.91
CA ALA F 38 -53.82 -30.66 7.63
C ALA F 38 -52.55 -29.83 7.65
N SER F 39 -51.85 -29.86 8.78
CA SER F 39 -50.59 -29.14 8.94
C SER F 39 -49.51 -30.10 9.45
N ILE F 40 -48.33 -30.01 8.85
CA ILE F 40 -47.22 -30.89 9.18
C ILE F 40 -46.02 -30.05 9.58
N SER F 41 -45.42 -30.40 10.71
CA SER F 41 -44.28 -29.66 11.24
C SER F 41 -42.98 -30.30 10.78
N CYS F 42 -41.95 -29.46 10.65
CA CYS F 42 -40.63 -29.91 10.21
C CYS F 42 -39.59 -29.05 10.93
N ARG F 43 -38.91 -29.63 11.91
CA ARG F 43 -37.99 -28.92 12.77
C ARG F 43 -36.55 -29.29 12.46
N SER F 44 -35.66 -28.31 12.62
CA SER F 44 -34.23 -28.50 12.40
C SER F 44 -33.50 -28.55 13.73
N SER F 45 -32.40 -29.31 13.76
CA SER F 45 -31.60 -29.41 14.97
C SER F 45 -30.78 -28.15 15.24
N GLN F 46 -30.53 -27.35 14.21
CA GLN F 46 -29.79 -26.10 14.36
C GLN F 46 -30.52 -25.01 13.59
N SER F 47 -30.00 -23.78 13.71
CA SER F 47 -30.55 -22.67 12.94
C SER F 47 -30.09 -22.77 11.50
N ILE F 48 -31.04 -22.63 10.58
CA ILE F 48 -30.76 -22.74 9.16
C ILE F 48 -31.03 -21.42 8.42
N VAL F 49 -30.94 -20.30 9.13
CA VAL F 49 -31.09 -18.99 8.53
C VAL F 49 -29.74 -18.52 8.06
N HIS F 50 -29.66 -18.12 6.79
CA HIS F 50 -28.38 -17.67 6.25
C HIS F 50 -28.22 -16.17 6.45
N SER F 51 -26.96 -15.73 6.43
CA SER F 51 -26.62 -14.34 6.71
C SER F 51 -27.19 -13.38 5.67
N ASN F 52 -27.60 -13.87 4.51
CA ASN F 52 -28.14 -12.98 3.48
C ASN F 52 -29.47 -12.36 3.92
N GLY F 53 -30.24 -13.07 4.73
CA GLY F 53 -31.52 -12.56 5.18
C GLY F 53 -32.68 -13.43 4.75
N ASN F 54 -32.37 -14.61 4.25
CA ASN F 54 -33.39 -15.56 3.80
C ASN F 54 -33.06 -16.95 4.33
N THR F 55 -34.08 -17.77 4.49
CA THR F 55 -33.91 -19.18 4.86
C THR F 55 -34.30 -20.05 3.68
N TYR F 56 -33.43 -21.00 3.35
CA TYR F 56 -33.54 -21.80 2.13
C TYR F 56 -33.94 -23.22 2.49
N LEU F 57 -35.20 -23.56 2.25
CA LEU F 57 -35.68 -24.92 2.46
C LEU F 57 -36.67 -25.29 1.36
N GLU F 58 -36.68 -26.58 1.01
CA GLU F 58 -37.47 -27.11 -0.08
C GLU F 58 -38.51 -28.08 0.44
N TRP F 59 -39.67 -28.13 -0.21
CA TRP F 59 -40.68 -29.14 0.03
C TRP F 59 -40.82 -29.99 -1.22
N TYR F 60 -40.77 -31.31 -1.05
CA TYR F 60 -40.84 -32.24 -2.17
C TYR F 60 -42.01 -33.19 -1.98
N LEU F 61 -42.72 -33.46 -3.07
CA LEU F 61 -43.83 -34.40 -3.09
C LEU F 61 -43.51 -35.54 -4.03
N GLN F 62 -43.54 -36.77 -3.51
CA GLN F 62 -43.29 -37.97 -4.30
C GLN F 62 -44.52 -38.84 -4.31
N LYS F 63 -44.87 -39.35 -5.48
CA LYS F 63 -45.97 -40.26 -5.67
C LYS F 63 -45.46 -41.68 -5.88
N PRO F 64 -46.24 -42.69 -5.49
CA PRO F 64 -45.77 -44.08 -5.60
C PRO F 64 -45.46 -44.45 -7.04
N GLY F 65 -44.19 -44.72 -7.31
CA GLY F 65 -43.74 -45.10 -8.63
C GLY F 65 -43.39 -43.98 -9.56
N GLN F 66 -43.18 -42.77 -9.04
CA GLN F 66 -42.86 -41.63 -9.88
C GLN F 66 -41.76 -40.80 -9.23
N SER F 67 -41.16 -39.92 -10.03
CA SER F 67 -40.13 -39.03 -9.52
C SER F 67 -40.76 -37.94 -8.65
N PRO F 68 -40.01 -37.40 -7.69
CA PRO F 68 -40.59 -36.38 -6.81
C PRO F 68 -41.01 -35.14 -7.58
N LYS F 69 -42.04 -34.48 -7.06
CA LYS F 69 -42.55 -33.24 -7.62
C LYS F 69 -42.28 -32.09 -6.65
N LEU F 70 -42.48 -30.87 -7.14
CA LEU F 70 -42.22 -29.66 -6.38
C LEU F 70 -43.51 -28.96 -6.00
N LEU F 71 -43.57 -28.45 -4.80
CA LEU F 71 -44.70 -27.63 -4.39
C LEU F 71 -44.28 -26.30 -3.76
N ILE F 72 -43.23 -26.28 -2.94
CA ILE F 72 -42.85 -25.08 -2.20
C ILE F 72 -41.35 -24.95 -2.10
N TYR F 73 -40.79 -23.89 -2.69
CA TYR F 73 -39.41 -23.48 -2.48
C TYR F 73 -39.40 -22.06 -1.95
N LYS F 74 -38.44 -21.74 -1.09
CA LYS F 74 -38.32 -20.41 -0.51
C LYS F 74 -39.62 -20.03 0.21
N VAL F 75 -39.83 -20.71 1.34
CA VAL F 75 -41.14 -20.98 1.96
C VAL F 75 -42.12 -19.82 1.77
N SER F 76 -41.63 -18.59 1.94
CA SER F 76 -42.49 -17.43 1.70
C SER F 76 -43.00 -17.35 0.27
N ASN F 77 -42.52 -18.20 -0.63
CA ASN F 77 -42.93 -18.19 -2.02
C ASN F 77 -43.62 -19.51 -2.38
N ARG F 78 -44.11 -19.58 -3.61
CA ARG F 78 -44.82 -20.74 -4.12
C ARG F 78 -44.32 -21.04 -5.52
N PHE F 79 -44.29 -22.33 -5.86
CA PHE F 79 -43.78 -22.72 -7.17
C PHE F 79 -44.75 -22.35 -8.28
N SER F 80 -44.21 -22.12 -9.47
CA SER F 80 -45.02 -21.79 -10.64
C SER F 80 -45.48 -23.09 -11.29
N GLY F 81 -46.72 -23.48 -11.02
CA GLY F 81 -47.26 -24.70 -11.57
C GLY F 81 -48.04 -25.51 -10.56
N VAL F 82 -47.91 -25.15 -9.29
CA VAL F 82 -48.66 -25.81 -8.21
C VAL F 82 -49.89 -24.97 -7.87
N PRO F 83 -51.04 -25.58 -7.68
CA PRO F 83 -52.25 -24.79 -7.35
C PRO F 83 -52.13 -24.12 -6.00
N ASP F 84 -53.14 -23.29 -5.71
CA ASP F 84 -53.11 -22.45 -4.51
C ASP F 84 -53.49 -23.20 -3.24
N ARG F 85 -54.01 -24.42 -3.34
CA ARG F 85 -54.44 -25.13 -2.14
C ARG F 85 -53.28 -25.44 -1.20
N PHE F 86 -52.05 -25.35 -1.68
CA PHE F 86 -50.87 -25.51 -0.83
C PHE F 86 -50.40 -24.15 -0.31
N SER F 87 -49.86 -24.15 0.91
CA SER F 87 -49.31 -22.94 1.50
C SER F 87 -48.20 -23.33 2.48
N GLY F 88 -47.31 -22.38 2.74
CA GLY F 88 -46.19 -22.65 3.60
C GLY F 88 -45.79 -21.47 4.47
N SER F 89 -45.38 -21.73 5.71
CA SER F 89 -44.98 -20.69 6.64
C SER F 89 -44.10 -21.30 7.72
N GLY F 90 -43.75 -20.49 8.71
CA GLY F 90 -42.93 -20.96 9.81
C GLY F 90 -41.98 -19.91 10.37
N SER F 91 -41.44 -20.18 11.55
CA SER F 91 -40.56 -19.25 12.24
C SER F 91 -39.12 -19.44 11.75
N GLY F 92 -38.16 -18.86 12.46
CA GLY F 92 -36.76 -19.00 12.09
C GLY F 92 -36.23 -20.41 12.19
N THR F 93 -36.85 -21.26 13.01
CA THR F 93 -36.42 -22.65 13.17
C THR F 93 -37.52 -23.66 12.94
N ASP F 94 -38.76 -23.35 13.32
CA ASP F 94 -39.87 -24.28 13.15
C ASP F 94 -40.64 -23.95 11.88
N PHE F 95 -40.94 -24.97 11.09
CA PHE F 95 -41.60 -24.82 9.80
C PHE F 95 -42.88 -25.63 9.78
N THR F 96 -43.87 -25.14 9.04
CA THR F 96 -45.17 -25.80 8.98
C THR F 96 -45.70 -25.71 7.56
N LEU F 97 -46.00 -26.87 6.97
CA LEU F 97 -46.64 -26.95 5.66
C LEU F 97 -48.13 -27.19 5.84
N LYS F 98 -48.95 -26.46 5.09
CA LYS F 98 -50.39 -26.51 5.22
C LYS F 98 -51.04 -26.87 3.90
N ILE F 99 -52.06 -27.72 3.97
CA ILE F 99 -52.91 -28.07 2.83
C ILE F 99 -54.34 -27.69 3.18
N SER F 100 -55.04 -27.08 2.23
CA SER F 100 -56.41 -26.62 2.49
C SER F 100 -57.41 -27.77 2.32
N ARG F 101 -57.50 -28.33 1.12
CA ARG F 101 -58.45 -29.39 0.83
C ARG F 101 -57.68 -30.56 0.21
N VAL F 102 -57.60 -31.67 0.95
CA VAL F 102 -56.86 -32.83 0.48
C VAL F 102 -57.65 -33.48 -0.66
N GLU F 103 -56.97 -33.72 -1.78
CA GLU F 103 -57.57 -34.35 -2.94
C GLU F 103 -57.02 -35.76 -3.13
N ALA F 104 -57.61 -36.48 -4.09
CA ALA F 104 -57.13 -37.82 -4.39
C ALA F 104 -55.73 -37.80 -5.00
N GLU F 105 -55.29 -36.66 -5.51
CA GLU F 105 -53.94 -36.52 -6.06
C GLU F 105 -52.90 -36.32 -4.98
N ASP F 106 -53.29 -35.81 -3.82
CA ASP F 106 -52.39 -35.48 -2.72
C ASP F 106 -51.89 -36.71 -1.97
N LEU F 107 -52.17 -37.91 -2.43
CA LEU F 107 -51.62 -39.11 -1.79
C LEU F 107 -50.13 -39.21 -2.08
N GLY F 108 -49.36 -39.49 -1.05
CA GLY F 108 -47.93 -39.65 -1.20
C GLY F 108 -47.19 -39.35 0.10
N VAL F 109 -45.94 -38.92 -0.04
CA VAL F 109 -45.06 -38.68 1.10
C VAL F 109 -44.38 -37.33 0.90
N TYR F 110 -44.34 -36.53 1.96
CA TYR F 110 -43.66 -35.24 1.93
C TYR F 110 -42.22 -35.39 2.38
N TYR F 111 -41.41 -34.38 2.06
CA TYR F 111 -40.00 -34.40 2.41
C TYR F 111 -39.50 -32.98 2.64
N CYS F 112 -38.57 -32.83 3.58
CA CYS F 112 -37.92 -31.55 3.84
C CYS F 112 -36.52 -31.56 3.24
N PHE F 113 -36.03 -30.36 2.91
CA PHE F 113 -34.70 -30.22 2.32
C PHE F 113 -34.16 -28.85 2.69
N GLN F 114 -33.21 -28.81 3.62
CA GLN F 114 -32.60 -27.56 4.04
C GLN F 114 -31.49 -27.17 3.07
N GLY F 115 -31.32 -25.86 2.89
CA GLY F 115 -30.32 -25.37 1.96
C GLY F 115 -29.42 -24.30 2.53
N SER F 116 -29.11 -24.39 3.82
CA SER F 116 -28.28 -23.38 4.48
C SER F 116 -26.82 -23.82 4.55
N HIS F 117 -26.55 -24.97 5.17
CA HIS F 117 -25.19 -25.39 5.46
C HIS F 117 -24.80 -26.56 4.56
N VAL F 118 -23.49 -26.73 4.42
CA VAL F 118 -22.92 -27.78 3.59
C VAL F 118 -22.59 -28.96 4.49
N PRO F 119 -22.93 -30.20 4.11
CA PRO F 119 -23.66 -30.55 2.89
C PRO F 119 -25.16 -30.40 3.06
N TRP F 120 -25.91 -30.68 2.00
CA TRP F 120 -27.36 -30.64 2.04
C TRP F 120 -27.90 -32.00 2.45
N THR F 121 -29.03 -31.98 3.16
CA THR F 121 -29.62 -33.21 3.68
C THR F 121 -31.13 -33.17 3.49
N PHE F 122 -31.74 -34.35 3.61
CA PHE F 122 -33.17 -34.53 3.43
C PHE F 122 -33.86 -34.63 4.78
N GLY F 123 -35.16 -34.92 4.75
CA GLY F 123 -35.96 -35.13 5.94
C GLY F 123 -36.08 -36.60 6.28
N GLY F 124 -37.19 -36.95 6.91
CA GLY F 124 -37.43 -38.32 7.30
C GLY F 124 -38.47 -39.02 6.43
N GLY F 125 -39.35 -38.23 5.83
CA GLY F 125 -40.42 -38.78 5.02
C GLY F 125 -41.72 -38.87 5.80
N THR F 126 -42.68 -38.03 5.44
CA THR F 126 -43.96 -37.93 6.16
C THR F 126 -45.03 -38.63 5.34
N LYS F 127 -45.48 -39.78 5.82
CA LYS F 127 -46.50 -40.55 5.12
C LYS F 127 -47.84 -39.86 5.24
N LEU F 128 -48.55 -39.75 4.12
CA LEU F 128 -49.80 -39.00 4.07
C LEU F 128 -50.78 -39.70 3.15
N GLU F 129 -51.91 -40.13 3.71
CA GLU F 129 -52.98 -40.72 2.93
C GLU F 129 -54.32 -40.19 3.44
N ILE F 130 -55.40 -40.77 2.95
CA ILE F 130 -56.74 -40.35 3.30
C ILE F 130 -57.29 -41.24 4.41
N LYS F 131 -58.37 -40.81 5.04
CA LYS F 131 -58.94 -41.49 6.19
C LYS F 131 -60.45 -41.56 6.07
N ARG F 132 -61.00 -42.73 6.41
CA ARG F 132 -62.44 -42.96 6.37
C ARG F 132 -62.80 -43.93 7.50
N ALA F 133 -64.02 -44.44 7.47
CA ALA F 133 -64.53 -45.25 8.56
C ALA F 133 -63.80 -46.59 8.63
N ASP F 134 -64.15 -47.39 9.64
CA ASP F 134 -63.53 -48.69 9.82
C ASP F 134 -64.14 -49.71 8.86
N ALA F 135 -63.45 -50.83 8.73
CA ALA F 135 -63.88 -51.90 7.84
C ALA F 135 -63.68 -53.24 8.53
N ALA F 136 -64.50 -54.21 8.12
CA ALA F 136 -64.39 -55.56 8.66
C ALA F 136 -63.40 -56.36 7.81
N PRO F 137 -62.40 -56.98 8.42
CA PRO F 137 -61.38 -57.70 7.63
C PRO F 137 -61.95 -58.95 6.98
N THR F 138 -61.43 -59.27 5.80
CA THR F 138 -61.80 -60.47 5.06
C THR F 138 -60.62 -61.44 5.12
N VAL F 139 -60.76 -62.50 5.91
CA VAL F 139 -59.69 -63.46 6.15
C VAL F 139 -59.98 -64.74 5.37
N SER F 140 -58.95 -65.26 4.71
CA SER F 140 -59.06 -66.52 4.00
C SER F 140 -57.72 -67.23 4.05
N ILE F 141 -57.77 -68.56 4.08
CA ILE F 141 -56.57 -69.40 4.07
C ILE F 141 -56.68 -70.38 2.92
N PHE F 142 -55.56 -70.67 2.27
CA PHE F 142 -55.50 -71.57 1.13
C PHE F 142 -54.55 -72.72 1.41
N PRO F 143 -55.05 -73.94 1.52
CA PRO F 143 -54.15 -75.10 1.68
C PRO F 143 -53.30 -75.30 0.44
N PRO F 144 -52.20 -76.04 0.54
CA PRO F 144 -51.37 -76.27 -0.64
C PRO F 144 -52.12 -77.03 -1.71
N SER F 145 -51.61 -76.91 -2.94
CA SER F 145 -52.21 -77.57 -4.09
C SER F 145 -51.56 -78.92 -4.34
N SER F 146 -52.16 -79.67 -5.27
CA SER F 146 -51.64 -80.99 -5.59
C SER F 146 -50.32 -80.91 -6.35
N GLU F 147 -50.12 -79.84 -7.14
CA GLU F 147 -48.88 -79.69 -7.89
C GLU F 147 -47.69 -79.50 -6.97
N GLN F 148 -47.85 -78.69 -5.92
CA GLN F 148 -46.76 -78.50 -4.97
C GLN F 148 -46.49 -79.77 -4.18
N LEU F 149 -47.54 -80.52 -3.84
CA LEU F 149 -47.34 -81.81 -3.19
C LEU F 149 -46.58 -82.76 -4.10
N THR F 150 -46.87 -82.73 -5.40
CA THR F 150 -46.09 -83.50 -6.35
C THR F 150 -44.65 -82.97 -6.42
N SER F 151 -44.48 -81.65 -6.30
CA SER F 151 -43.15 -81.08 -6.25
C SER F 151 -42.42 -81.48 -4.97
N GLY F 152 -43.13 -81.46 -3.84
CA GLY F 152 -42.54 -81.86 -2.58
C GLY F 152 -42.50 -80.74 -1.55
N GLY F 153 -43.41 -79.78 -1.68
CA GLY F 153 -43.46 -78.65 -0.77
C GLY F 153 -44.83 -78.50 -0.15
N ALA F 154 -44.92 -77.53 0.77
CA ALA F 154 -46.18 -77.23 1.44
C ALA F 154 -46.17 -75.74 1.79
N SER F 155 -46.95 -74.96 1.05
CA SER F 155 -47.03 -73.52 1.24
C SER F 155 -48.47 -73.17 1.62
N VAL F 156 -48.68 -72.85 2.89
CA VAL F 156 -49.98 -72.42 3.38
C VAL F 156 -49.99 -70.90 3.46
N VAL F 157 -50.89 -70.26 2.72
CA VAL F 157 -50.98 -68.82 2.64
C VAL F 157 -52.28 -68.38 3.30
N CYS F 158 -52.25 -67.21 3.92
CA CYS F 158 -53.38 -66.71 4.70
C CYS F 158 -53.64 -65.27 4.27
N PHE F 159 -54.74 -65.04 3.56
CA PHE F 159 -55.06 -63.74 2.98
C PHE F 159 -55.97 -62.94 3.91
N LEU F 160 -55.69 -61.64 4.00
CA LEU F 160 -56.46 -60.71 4.81
C LEU F 160 -56.69 -59.45 3.99
N ASN F 161 -57.91 -59.26 3.51
CA ASN F 161 -58.25 -58.17 2.61
C ASN F 161 -59.32 -57.27 3.21
N ASN F 162 -59.32 -56.01 2.76
CA ASN F 162 -60.39 -55.06 3.05
C ASN F 162 -60.55 -54.85 4.56
N PHE F 163 -59.48 -54.42 5.20
CA PHE F 163 -59.49 -54.11 6.61
C PHE F 163 -58.94 -52.72 6.85
N TYR F 164 -59.38 -52.09 7.95
CA TYR F 164 -58.93 -50.76 8.31
C TYR F 164 -59.14 -50.59 9.81
N PRO F 165 -58.17 -50.01 10.54
CA PRO F 165 -56.88 -49.57 10.03
C PRO F 165 -55.85 -50.70 9.93
N LYS F 166 -54.57 -50.34 9.85
CA LYS F 166 -53.49 -51.31 9.73
C LYS F 166 -53.19 -52.05 11.03
N ASP F 167 -53.90 -51.74 12.10
CA ASP F 167 -53.65 -52.40 13.38
C ASP F 167 -54.25 -53.80 13.38
N ILE F 168 -53.47 -54.79 12.98
CA ILE F 168 -53.93 -56.17 12.90
C ILE F 168 -52.72 -57.10 13.00
N ASN F 169 -52.95 -58.27 13.58
CA ASN F 169 -51.89 -59.25 13.80
C ASN F 169 -52.33 -60.60 13.26
N VAL F 170 -51.37 -61.38 12.78
CA VAL F 170 -51.60 -62.72 12.25
C VAL F 170 -50.72 -63.69 13.01
N LYS F 171 -51.29 -64.82 13.41
CA LYS F 171 -50.56 -65.84 14.14
C LYS F 171 -50.81 -67.20 13.50
N TRP F 172 -49.75 -68.02 13.44
CA TRP F 172 -49.81 -69.35 12.88
C TRP F 172 -49.73 -70.38 14.00
N LYS F 173 -50.66 -71.34 13.99
CA LYS F 173 -50.70 -72.40 14.98
C LYS F 173 -50.65 -73.75 14.29
N ILE F 174 -49.75 -74.61 14.74
CA ILE F 174 -49.62 -75.97 14.24
C ILE F 174 -49.96 -76.90 15.40
N ASP F 175 -51.15 -77.51 15.32
CA ASP F 175 -51.64 -78.40 16.38
C ASP F 175 -51.70 -77.69 17.72
N GLY F 176 -51.97 -76.39 17.70
CA GLY F 176 -52.07 -75.60 18.92
C GLY F 176 -50.78 -74.93 19.36
N SER F 177 -49.70 -75.06 18.58
CA SER F 177 -48.41 -74.47 18.92
C SER F 177 -48.12 -73.30 18.00
N GLU F 178 -47.67 -72.19 18.58
CA GLU F 178 -47.32 -71.02 17.79
C GLU F 178 -46.10 -71.31 16.92
N ARG F 179 -46.17 -70.91 15.67
CA ARG F 179 -45.08 -71.11 14.72
C ARG F 179 -44.67 -69.76 14.13
N GLN F 180 -43.36 -69.50 14.10
CA GLN F 180 -42.83 -68.25 13.57
C GLN F 180 -41.79 -68.42 12.48
N ASN F 181 -41.17 -69.58 12.35
CA ASN F 181 -40.16 -69.79 11.33
C ASN F 181 -40.81 -70.08 9.99
N GLY F 182 -40.40 -69.33 8.96
CA GLY F 182 -40.94 -69.51 7.64
C GLY F 182 -42.19 -68.70 7.34
N VAL F 183 -42.51 -67.70 8.15
CA VAL F 183 -43.69 -66.88 7.96
C VAL F 183 -43.28 -65.61 7.22
N LEU F 184 -44.03 -65.27 6.18
CA LEU F 184 -43.77 -64.09 5.37
C LEU F 184 -44.99 -63.19 5.42
N ASN F 185 -44.78 -61.91 5.75
CA ASN F 185 -45.85 -60.93 5.87
C ASN F 185 -45.64 -59.80 4.87
N SER F 186 -46.63 -59.61 3.99
CA SER F 186 -46.59 -58.57 2.98
C SER F 186 -47.90 -57.82 2.97
N TRP F 187 -47.84 -56.55 2.57
CA TRP F 187 -49.03 -55.70 2.54
C TRP F 187 -48.83 -54.58 1.54
N THR F 188 -49.94 -54.02 1.08
CA THR F 188 -49.93 -52.93 0.13
C THR F 188 -50.22 -51.60 0.85
N ASP F 189 -50.30 -50.53 0.08
CA ASP F 189 -50.67 -49.23 0.60
C ASP F 189 -52.20 -49.11 0.62
N GLN F 190 -52.70 -47.91 0.89
CA GLN F 190 -54.13 -47.69 0.89
C GLN F 190 -54.65 -47.61 -0.54
N ASP F 191 -55.63 -48.44 -0.86
CA ASP F 191 -56.16 -48.51 -2.20
C ASP F 191 -56.93 -47.22 -2.54
N SER F 192 -57.25 -47.06 -3.83
CA SER F 192 -57.90 -45.85 -4.30
C SER F 192 -59.41 -45.99 -4.40
N LYS F 193 -59.91 -47.12 -4.92
CA LYS F 193 -61.34 -47.24 -5.17
C LYS F 193 -62.14 -47.55 -3.91
N ASP F 194 -61.52 -48.23 -2.93
CA ASP F 194 -62.20 -48.55 -1.69
C ASP F 194 -61.46 -48.10 -0.44
N SER F 195 -60.19 -47.71 -0.55
CA SER F 195 -59.43 -47.16 0.56
C SER F 195 -59.35 -48.15 1.72
N THR F 196 -58.90 -49.37 1.40
CA THR F 196 -58.75 -50.43 2.39
C THR F 196 -57.32 -50.94 2.34
N TYR F 197 -57.01 -51.84 3.27
CA TYR F 197 -55.69 -52.46 3.37
C TYR F 197 -55.79 -53.94 3.08
N SER F 198 -54.67 -54.51 2.63
CA SER F 198 -54.58 -55.93 2.36
C SER F 198 -53.27 -56.45 2.94
N MET F 199 -53.29 -57.71 3.36
CA MET F 199 -52.11 -58.32 3.97
C MET F 199 -52.17 -59.82 3.77
N SER F 200 -51.04 -60.40 3.38
CA SER F 200 -50.93 -61.85 3.17
C SER F 200 -49.87 -62.42 4.10
N SER F 201 -50.13 -63.62 4.61
CA SER F 201 -49.18 -64.35 5.44
C SER F 201 -48.91 -65.69 4.78
N THR F 202 -47.65 -65.94 4.43
CA THR F 202 -47.25 -67.15 3.73
C THR F 202 -46.36 -68.00 4.64
N LEU F 203 -46.65 -69.29 4.68
CA LEU F 203 -45.86 -70.25 5.45
C LEU F 203 -45.51 -71.42 4.54
N THR F 204 -44.22 -71.60 4.30
CA THR F 204 -43.72 -72.67 3.43
C THR F 204 -43.12 -73.77 4.28
N LEU F 205 -43.58 -75.00 4.06
CA LEU F 205 -43.10 -76.16 4.80
C LEU F 205 -42.84 -77.31 3.82
N THR F 206 -42.19 -78.35 4.33
CA THR F 206 -41.91 -79.53 3.52
C THR F 206 -43.10 -80.48 3.54
N LYS F 207 -43.21 -81.29 2.48
CA LYS F 207 -44.30 -82.25 2.40
C LYS F 207 -44.21 -83.29 3.49
N ASP F 208 -43.00 -83.73 3.84
CA ASP F 208 -42.85 -84.70 4.93
C ASP F 208 -43.27 -84.10 6.26
N GLU F 209 -43.05 -82.80 6.46
CA GLU F 209 -43.57 -82.13 7.65
C GLU F 209 -45.07 -81.93 7.56
N TYR F 210 -45.60 -81.83 6.34
CA TYR F 210 -47.04 -81.70 6.16
C TYR F 210 -47.80 -82.97 6.54
N GLU F 211 -47.14 -84.13 6.44
CA GLU F 211 -47.78 -85.40 6.74
C GLU F 211 -47.57 -85.85 8.17
N ARG F 212 -46.74 -85.16 8.95
CA ARG F 212 -46.51 -85.52 10.34
C ARG F 212 -47.36 -84.73 11.32
N HIS F 213 -47.89 -83.58 10.91
CA HIS F 213 -48.75 -82.77 11.76
C HIS F 213 -50.21 -82.97 11.35
N ASN F 214 -51.11 -82.45 12.20
CA ASN F 214 -52.54 -82.64 12.01
C ASN F 214 -53.25 -81.33 11.67
N SER F 215 -53.12 -80.31 12.53
CA SER F 215 -53.89 -79.09 12.39
C SER F 215 -52.96 -77.92 12.12
N TYR F 216 -53.30 -77.12 11.11
CA TYR F 216 -52.63 -75.87 10.80
C TYR F 216 -53.65 -74.74 10.95
N THR F 217 -53.27 -73.67 11.64
CA THR F 217 -54.23 -72.64 12.02
C THR F 217 -53.66 -71.25 11.77
N CYS F 218 -54.41 -70.43 11.05
CA CYS F 218 -54.12 -69.01 10.88
C CYS F 218 -55.16 -68.21 11.64
N GLU F 219 -54.71 -67.38 12.57
CA GLU F 219 -55.59 -66.55 13.38
C GLU F 219 -55.23 -65.09 13.23
N ALA F 220 -56.25 -64.23 13.19
CA ALA F 220 -56.07 -62.81 12.95
C ALA F 220 -56.80 -62.01 14.02
N THR F 221 -56.12 -60.99 14.56
CA THR F 221 -56.68 -60.13 15.60
C THR F 221 -56.75 -58.71 15.07
N HIS F 222 -57.96 -58.16 14.98
CA HIS F 222 -58.18 -56.83 14.45
C HIS F 222 -59.01 -56.03 15.45
N LYS F 223 -58.89 -54.70 15.36
CA LYS F 223 -59.59 -53.83 16.29
C LYS F 223 -61.10 -53.93 16.13
N THR F 224 -61.59 -54.11 14.91
CA THR F 224 -63.02 -54.22 14.64
C THR F 224 -63.58 -55.59 14.95
N SER F 225 -62.82 -56.45 15.64
CA SER F 225 -63.26 -57.80 15.99
C SER F 225 -62.86 -58.10 17.42
N THR F 226 -63.84 -58.46 18.25
CA THR F 226 -63.54 -58.79 19.64
C THR F 226 -62.89 -60.17 19.76
N SER F 227 -63.24 -61.09 18.85
CA SER F 227 -62.68 -62.44 18.87
C SER F 227 -61.77 -62.65 17.67
N PRO F 228 -60.60 -63.27 17.86
CA PRO F 228 -59.70 -63.49 16.73
C PRO F 228 -60.30 -64.42 15.69
N ILE F 229 -60.26 -63.98 14.43
CA ILE F 229 -60.77 -64.80 13.34
C ILE F 229 -59.85 -66.01 13.17
N VAL F 230 -60.40 -67.21 13.31
CA VAL F 230 -59.65 -68.45 13.26
C VAL F 230 -59.96 -69.16 11.95
N LYS F 231 -58.92 -69.55 11.23
CA LYS F 231 -59.05 -70.33 10.00
C LYS F 231 -58.07 -71.49 10.07
N SER F 232 -58.59 -72.68 10.37
CA SER F 232 -57.77 -73.87 10.56
C SER F 232 -58.27 -75.00 9.67
N PHE F 233 -57.37 -75.96 9.42
CA PHE F 233 -57.70 -77.13 8.63
C PHE F 233 -56.86 -78.30 9.14
N ASN F 234 -57.40 -79.50 8.99
CA ASN F 234 -56.74 -80.71 9.45
C ASN F 234 -56.15 -81.47 8.26
N ARG F 235 -54.99 -82.10 8.50
CA ARG F 235 -54.34 -82.88 7.46
C ARG F 235 -55.13 -84.16 7.17
N ASN F 236 -55.30 -85.00 8.18
CA ASN F 236 -56.07 -86.23 8.05
C ASN F 236 -57.57 -86.01 8.24
N GLU F 237 -57.99 -84.80 8.57
CA GLU F 237 -59.40 -84.47 8.76
C GLU F 237 -60.07 -85.34 9.82
N VAL G 21 -36.29 -28.92 -21.74
CA VAL G 21 -35.31 -29.75 -21.07
C VAL G 21 -35.79 -31.19 -21.00
N GLN G 22 -34.87 -32.12 -20.76
CA GLN G 22 -35.19 -33.53 -20.72
C GLN G 22 -34.01 -34.28 -20.13
N LEU G 23 -34.28 -35.29 -19.31
CA LEU G 23 -33.26 -36.07 -18.66
C LEU G 23 -33.39 -37.55 -19.04
N GLN G 24 -32.25 -38.21 -19.21
CA GLN G 24 -32.20 -39.62 -19.52
C GLN G 24 -31.29 -40.33 -18.53
N GLN G 25 -31.57 -41.61 -18.30
CA GLN G 25 -30.76 -42.46 -17.44
C GLN G 25 -30.53 -43.80 -18.12
N SER G 26 -29.72 -44.63 -17.49
CA SER G 26 -29.47 -45.97 -18.01
C SER G 26 -30.57 -46.92 -17.55
N GLY G 27 -30.63 -48.09 -18.20
CA GLY G 27 -31.64 -49.08 -17.89
C GLY G 27 -31.37 -49.81 -16.59
N ALA G 28 -32.13 -50.88 -16.40
CA ALA G 28 -31.97 -51.70 -15.20
C ALA G 28 -30.61 -52.38 -15.21
N GLU G 29 -30.06 -52.59 -14.01
CA GLU G 29 -28.73 -53.15 -13.84
C GLU G 29 -28.76 -54.21 -12.76
N VAL G 30 -28.24 -55.40 -13.07
CA VAL G 30 -28.09 -56.47 -12.11
C VAL G 30 -26.62 -56.90 -12.11
N MET G 31 -26.14 -57.32 -10.94
CA MET G 31 -24.75 -57.73 -10.84
C MET G 31 -24.56 -58.51 -9.54
N LYS G 32 -23.60 -59.42 -9.55
CA LYS G 32 -23.26 -60.16 -8.35
C LYS G 32 -22.59 -59.24 -7.34
N PRO G 33 -22.76 -59.52 -6.04
CA PRO G 33 -22.18 -58.64 -5.02
C PRO G 33 -20.66 -58.60 -5.12
N GLY G 34 -20.11 -57.43 -4.79
CA GLY G 34 -18.69 -57.20 -4.77
C GLY G 34 -18.14 -56.46 -5.97
N ALA G 35 -18.89 -56.42 -7.07
CA ALA G 35 -18.44 -55.78 -8.29
C ALA G 35 -18.79 -54.30 -8.27
N SER G 36 -18.64 -53.63 -9.41
CA SER G 36 -18.92 -52.22 -9.55
C SER G 36 -20.10 -52.01 -10.51
N VAL G 37 -20.68 -50.82 -10.44
CA VAL G 37 -21.82 -50.44 -11.28
C VAL G 37 -21.58 -49.03 -11.80
N LYS G 38 -21.88 -48.82 -13.08
CA LYS G 38 -21.85 -47.50 -13.69
C LYS G 38 -23.25 -47.15 -14.17
N ILE G 39 -23.73 -45.97 -13.79
CA ILE G 39 -24.99 -45.44 -14.28
C ILE G 39 -24.74 -44.06 -14.87
N SER G 40 -25.43 -43.76 -15.96
CA SER G 40 -25.19 -42.55 -16.74
C SER G 40 -26.35 -41.57 -16.58
N CYS G 41 -26.05 -40.29 -16.73
CA CYS G 41 -27.06 -39.24 -16.70
C CYS G 41 -26.87 -38.34 -17.92
N LYS G 42 -27.87 -38.32 -18.79
CA LYS G 42 -27.85 -37.50 -20.00
C LYS G 42 -28.76 -36.29 -19.81
N GLY G 43 -28.24 -35.11 -20.11
CA GLY G 43 -29.01 -33.90 -19.98
C GLY G 43 -28.99 -33.05 -21.23
N THR G 44 -30.16 -32.64 -21.69
CA THR G 44 -30.26 -31.81 -22.89
C THR G 44 -31.34 -30.76 -22.69
N GLY G 45 -31.29 -29.74 -23.54
CA GLY G 45 -32.23 -28.65 -23.46
C GLY G 45 -31.82 -27.49 -22.59
N TYR G 46 -30.59 -27.50 -22.07
CA TYR G 46 -30.09 -26.42 -21.24
C TYR G 46 -28.57 -26.43 -21.27
N THR G 47 -27.97 -25.55 -20.48
CA THR G 47 -26.52 -25.46 -20.36
C THR G 47 -26.06 -26.55 -19.39
N PHE G 48 -25.61 -27.68 -19.93
CA PHE G 48 -25.34 -28.85 -19.11
C PHE G 48 -24.18 -28.63 -18.15
N SER G 49 -23.18 -27.85 -18.55
CA SER G 49 -21.98 -27.66 -17.75
C SER G 49 -21.98 -26.33 -17.02
N SER G 50 -23.14 -25.90 -16.53
CA SER G 50 -23.24 -24.61 -15.87
C SER G 50 -23.69 -24.67 -14.42
N TYR G 51 -24.33 -25.75 -13.99
CA TYR G 51 -24.80 -25.83 -12.61
C TYR G 51 -24.84 -27.28 -12.17
N TRP G 52 -25.17 -27.47 -10.89
CA TRP G 52 -24.94 -28.72 -10.19
C TRP G 52 -25.90 -29.81 -10.63
N ILE G 53 -25.43 -31.05 -10.55
CA ILE G 53 -26.24 -32.24 -10.77
C ILE G 53 -26.03 -33.17 -9.59
N GLU G 54 -27.09 -33.42 -8.83
CA GLU G 54 -27.02 -34.23 -7.63
C GLU G 54 -27.92 -35.45 -7.77
N TRP G 55 -27.51 -36.54 -7.12
CA TRP G 55 -28.25 -37.79 -7.20
C TRP G 55 -28.82 -38.16 -5.83
N VAL G 56 -29.90 -38.93 -5.84
CA VAL G 56 -30.63 -39.29 -4.64
C VAL G 56 -30.84 -40.80 -4.62
N LYS G 57 -30.67 -41.40 -3.45
CA LYS G 57 -30.89 -42.83 -3.24
C LYS G 57 -32.15 -43.03 -2.42
N GLN G 58 -33.05 -43.88 -2.91
CA GLN G 58 -34.29 -44.22 -2.22
C GLN G 58 -34.35 -45.73 -2.03
N ARG G 59 -34.22 -46.17 -0.78
CA ARG G 59 -34.44 -47.57 -0.48
C ARG G 59 -35.91 -47.92 -0.75
N PRO G 60 -36.20 -49.08 -1.33
CA PRO G 60 -37.60 -49.44 -1.61
C PRO G 60 -38.48 -49.48 -0.37
N GLY G 61 -37.89 -49.42 0.83
CA GLY G 61 -38.67 -49.44 2.04
C GLY G 61 -39.19 -48.08 2.46
N HIS G 62 -38.29 -47.12 2.63
CA HIS G 62 -38.66 -45.85 3.23
C HIS G 62 -37.49 -44.87 3.14
N GLY G 63 -37.83 -43.59 3.17
CA GLY G 63 -36.84 -42.53 3.33
C GLY G 63 -36.15 -42.16 2.03
N LEU G 64 -35.61 -40.94 2.01
CA LEU G 64 -34.79 -40.43 0.93
C LEU G 64 -33.46 -39.95 1.48
N GLU G 65 -32.37 -40.42 0.89
CA GLU G 65 -31.03 -40.02 1.29
C GLU G 65 -30.24 -39.66 0.05
N ARG G 66 -29.46 -38.58 0.13
CA ARG G 66 -28.68 -38.12 -0.99
C ARG G 66 -27.31 -38.78 -1.00
N ILE G 67 -26.63 -38.67 -2.14
CA ILE G 67 -25.31 -39.28 -2.31
C ILE G 67 -24.23 -38.25 -2.62
N GLY G 68 -24.56 -37.13 -3.26
CA GLY G 68 -23.55 -36.15 -3.59
C GLY G 68 -23.78 -35.51 -4.95
N GLU G 69 -23.17 -34.35 -5.17
CA GLU G 69 -23.36 -33.58 -6.39
C GLU G 69 -22.01 -33.16 -6.94
N ILE G 70 -22.01 -32.85 -8.24
CA ILE G 70 -20.80 -32.42 -8.93
C ILE G 70 -21.14 -31.29 -9.88
N LEU G 71 -20.15 -30.45 -10.13
CA LEU G 71 -20.30 -29.31 -11.03
C LEU G 71 -19.58 -29.63 -12.32
N PRO G 72 -20.28 -30.03 -13.39
CA PRO G 72 -19.61 -30.53 -14.60
C PRO G 72 -18.62 -29.55 -15.22
N GLY G 73 -18.57 -28.31 -14.75
CA GLY G 73 -17.60 -27.36 -15.27
C GLY G 73 -16.21 -27.66 -14.75
N SER G 74 -16.06 -27.73 -13.44
CA SER G 74 -14.79 -28.06 -12.81
C SER G 74 -14.83 -29.50 -12.31
N GLY G 75 -13.74 -29.91 -11.66
CA GLY G 75 -13.74 -31.21 -11.01
C GLY G 75 -14.10 -31.08 -9.54
N SER G 76 -15.08 -30.24 -9.23
CA SER G 76 -15.46 -29.98 -7.85
C SER G 76 -16.47 -31.02 -7.40
N THR G 77 -16.18 -31.70 -6.30
CA THR G 77 -17.02 -32.77 -5.81
C THR G 77 -17.22 -32.61 -4.31
N ASN G 78 -18.31 -33.18 -3.81
CA ASN G 78 -18.51 -33.31 -2.37
C ASN G 78 -19.33 -34.57 -2.11
N TYR G 79 -19.29 -35.02 -0.86
CA TYR G 79 -19.94 -36.27 -0.50
C TYR G 79 -20.52 -36.13 0.90
N ASN G 80 -21.64 -36.83 1.13
CA ASN G 80 -22.24 -36.85 2.45
C ASN G 80 -21.38 -37.69 3.39
N GLU G 81 -21.36 -37.29 4.66
CA GLU G 81 -20.49 -37.92 5.65
C GLU G 81 -20.83 -39.39 5.89
N LYS G 82 -21.96 -39.87 5.38
CA LYS G 82 -22.36 -41.25 5.61
C LYS G 82 -21.94 -42.18 4.48
N PHE G 83 -21.84 -41.66 3.25
CA PHE G 83 -21.53 -42.48 2.08
C PHE G 83 -20.16 -42.15 1.49
N ARG G 84 -19.22 -41.73 2.32
CA ARG G 84 -17.87 -41.47 1.84
C ARG G 84 -17.20 -42.76 1.42
N GLY G 85 -16.39 -42.71 0.37
CA GLY G 85 -15.69 -43.86 -0.13
C GLY G 85 -16.56 -44.90 -0.79
N LYS G 86 -17.86 -44.64 -0.97
CA LYS G 86 -18.75 -45.59 -1.61
C LYS G 86 -18.89 -45.35 -3.10
N ALA G 87 -18.87 -44.09 -3.52
CA ALA G 87 -19.07 -43.75 -4.92
C ALA G 87 -18.12 -42.64 -5.32
N THR G 88 -17.79 -42.61 -6.61
CA THR G 88 -16.94 -41.56 -7.18
C THR G 88 -17.59 -41.08 -8.46
N PHE G 89 -17.88 -39.78 -8.52
CA PHE G 89 -18.56 -39.23 -9.68
C PHE G 89 -17.55 -38.85 -10.76
N THR G 90 -18.07 -38.67 -11.98
CA THR G 90 -17.27 -38.27 -13.12
C THR G 90 -18.20 -37.64 -14.14
N ALA G 91 -17.74 -36.56 -14.75
CA ALA G 91 -18.53 -35.81 -15.71
C ALA G 91 -17.73 -35.57 -16.98
N ASP G 92 -18.45 -35.52 -18.10
CA ASP G 92 -17.86 -35.21 -19.40
C ASP G 92 -18.46 -33.92 -19.93
N LYS G 93 -17.62 -33.09 -20.54
CA LYS G 93 -18.05 -31.84 -21.11
C LYS G 93 -18.34 -31.92 -22.60
N SER G 94 -17.54 -32.70 -23.34
CA SER G 94 -17.79 -32.87 -24.78
C SER G 94 -19.14 -33.54 -25.01
N SER G 95 -19.35 -34.69 -24.38
CA SER G 95 -20.64 -35.36 -24.36
C SER G 95 -21.32 -35.03 -23.03
N LYS G 96 -22.54 -34.52 -23.10
CA LYS G 96 -23.24 -34.01 -21.92
C LYS G 96 -23.71 -35.19 -21.06
N THR G 97 -22.75 -35.81 -20.39
CA THR G 97 -23.01 -37.02 -19.61
C THR G 97 -22.20 -36.99 -18.33
N ALA G 98 -22.84 -37.38 -17.22
CA ALA G 98 -22.18 -37.51 -15.93
C ALA G 98 -22.25 -38.96 -15.49
N TYR G 99 -21.12 -39.51 -15.04
CA TYR G 99 -21.02 -40.91 -14.65
C TYR G 99 -20.72 -41.01 -13.17
N MET G 100 -20.70 -42.25 -12.68
CA MET G 100 -20.38 -42.53 -11.28
C MET G 100 -19.77 -43.92 -11.18
N GLN G 101 -18.49 -43.98 -10.81
CA GLN G 101 -17.88 -45.24 -10.44
C GLN G 101 -18.33 -45.62 -9.04
N LEU G 102 -18.86 -46.83 -8.90
CA LEU G 102 -19.38 -47.31 -7.63
C LEU G 102 -18.43 -48.36 -7.07
N SER G 103 -18.20 -48.30 -5.77
CA SER G 103 -17.21 -49.17 -5.12
C SER G 103 -17.82 -50.55 -4.87
N SER G 104 -17.13 -51.34 -4.06
CA SER G 104 -17.61 -52.67 -3.67
C SER G 104 -19.05 -52.59 -3.16
N LEU G 105 -19.92 -53.39 -3.78
CA LEU G 105 -21.35 -53.29 -3.55
C LEU G 105 -21.81 -54.43 -2.64
N THR G 106 -22.62 -54.10 -1.65
CA THR G 106 -23.22 -55.08 -0.76
C THR G 106 -24.74 -55.05 -0.90
N SER G 107 -25.38 -56.16 -0.51
CA SER G 107 -26.81 -56.33 -0.71
C SER G 107 -27.65 -55.28 0.01
N GLU G 108 -27.07 -54.47 0.88
CA GLU G 108 -27.80 -53.42 1.57
C GLU G 108 -27.89 -52.13 0.77
N ASP G 109 -27.45 -52.15 -0.49
CA ASP G 109 -27.47 -50.96 -1.34
C ASP G 109 -28.40 -51.11 -2.54
N SER G 110 -29.14 -52.22 -2.63
CA SER G 110 -30.09 -52.41 -3.72
C SER G 110 -31.26 -51.45 -3.54
N ALA G 111 -31.33 -50.43 -4.38
CA ALA G 111 -32.37 -49.41 -4.27
C ALA G 111 -32.51 -48.71 -5.61
N VAL G 112 -33.41 -47.73 -5.65
CA VAL G 112 -33.65 -46.92 -6.84
C VAL G 112 -32.85 -45.63 -6.71
N TYR G 113 -32.26 -45.18 -7.82
CA TYR G 113 -31.42 -44.01 -7.83
C TYR G 113 -32.01 -42.95 -8.77
N TYR G 114 -32.01 -41.71 -8.31
CA TYR G 114 -32.52 -40.58 -9.06
C TYR G 114 -31.39 -39.61 -9.40
N CYS G 115 -31.62 -38.83 -10.46
CA CYS G 115 -30.75 -37.73 -10.83
C CYS G 115 -31.60 -36.47 -10.97
N ALA G 116 -31.00 -35.32 -10.71
CA ALA G 116 -31.74 -34.08 -10.76
C ALA G 116 -30.77 -32.91 -10.93
N ARG G 117 -31.29 -31.82 -11.51
CA ARG G 117 -30.55 -30.58 -11.66
C ARG G 117 -30.79 -29.69 -10.46
N TYR G 118 -29.78 -28.89 -10.11
CA TYR G 118 -29.86 -28.09 -8.90
C TYR G 118 -28.89 -26.92 -9.01
N LEU G 119 -29.25 -25.82 -8.35
CA LEU G 119 -28.39 -24.66 -8.26
C LEU G 119 -28.60 -24.00 -6.90
N PRO G 120 -27.57 -23.90 -6.08
CA PRO G 120 -27.77 -23.48 -4.69
C PRO G 120 -28.22 -22.04 -4.59
N TYR G 121 -28.81 -21.73 -3.43
CA TYR G 121 -29.13 -20.37 -3.00
C TYR G 121 -30.13 -19.66 -3.90
N TYR G 122 -30.65 -20.34 -4.91
CA TYR G 122 -31.49 -19.69 -5.92
C TYR G 122 -32.53 -20.68 -6.38
N TYR G 123 -33.22 -20.34 -7.47
CA TYR G 123 -34.18 -21.25 -8.07
C TYR G 123 -33.52 -22.59 -8.37
N ALA G 124 -34.18 -23.67 -7.94
CA ALA G 124 -33.54 -24.96 -7.99
C ALA G 124 -34.59 -26.06 -7.97
N MET G 125 -34.20 -27.22 -8.51
CA MET G 125 -34.98 -28.45 -8.47
C MET G 125 -36.34 -28.25 -9.16
N ASP G 126 -36.27 -28.04 -10.47
CA ASP G 126 -37.49 -27.93 -11.24
C ASP G 126 -37.78 -29.17 -12.09
N TYR G 127 -36.83 -30.09 -12.22
CA TYR G 127 -37.04 -31.30 -12.98
C TYR G 127 -36.27 -32.44 -12.33
N TRP G 128 -36.41 -33.63 -12.92
CA TRP G 128 -35.83 -34.84 -12.38
C TRP G 128 -35.44 -35.74 -13.54
N GLY G 129 -35.16 -37.00 -13.23
CA GLY G 129 -34.98 -38.00 -14.26
C GLY G 129 -36.20 -38.90 -14.30
N GLN G 130 -36.05 -40.14 -14.73
CA GLN G 130 -37.13 -41.11 -14.68
C GLN G 130 -36.93 -42.18 -13.64
N GLY G 131 -35.72 -42.41 -13.17
CA GLY G 131 -35.47 -43.40 -12.14
C GLY G 131 -34.72 -44.59 -12.66
N THR G 132 -33.68 -45.02 -11.93
CA THR G 132 -32.86 -46.16 -12.30
C THR G 132 -32.92 -47.18 -11.17
N SER G 133 -33.37 -48.38 -11.50
CA SER G 133 -33.50 -49.47 -10.53
C SER G 133 -32.28 -50.37 -10.61
N VAL G 134 -31.58 -50.53 -9.49
CA VAL G 134 -30.39 -51.36 -9.42
C VAL G 134 -30.69 -52.51 -8.46
N THR G 135 -30.73 -53.73 -8.99
CA THR G 135 -31.07 -54.92 -8.21
C THR G 135 -29.85 -55.84 -8.19
N VAL G 136 -29.17 -55.91 -7.05
CA VAL G 136 -27.97 -56.71 -6.89
C VAL G 136 -28.30 -57.96 -6.08
N SER G 137 -27.96 -59.12 -6.65
CA SER G 137 -28.16 -60.40 -5.98
C SER G 137 -27.27 -61.43 -6.64
N SER G 138 -26.94 -62.48 -5.87
CA SER G 138 -26.07 -63.54 -6.36
C SER G 138 -26.84 -64.65 -7.08
N ALA G 139 -28.15 -64.51 -7.24
CA ALA G 139 -28.94 -65.53 -7.90
C ALA G 139 -28.73 -65.48 -9.41
N LYS G 140 -29.52 -66.26 -10.13
CA LYS G 140 -29.44 -66.35 -11.58
C LYS G 140 -30.84 -66.15 -12.15
N THR G 141 -30.91 -65.65 -13.39
CA THR G 141 -32.18 -65.39 -14.03
C THR G 141 -32.94 -66.69 -14.26
N THR G 142 -33.97 -66.93 -13.45
CA THR G 142 -34.71 -68.17 -13.50
C THR G 142 -36.15 -67.92 -13.97
N PRO G 143 -36.73 -68.86 -14.72
CA PRO G 143 -38.11 -68.68 -15.16
C PRO G 143 -39.07 -68.83 -13.99
N PRO G 144 -40.21 -68.14 -14.02
CA PRO G 144 -41.17 -68.25 -12.93
C PRO G 144 -41.75 -69.65 -12.84
N SER G 145 -42.29 -69.96 -11.67
CA SER G 145 -42.98 -71.22 -11.41
C SER G 145 -44.37 -70.89 -10.90
N VAL G 146 -45.38 -71.11 -11.73
CA VAL G 146 -46.75 -70.75 -11.41
C VAL G 146 -47.43 -71.92 -10.73
N TYR G 147 -48.27 -71.62 -9.76
CA TYR G 147 -49.00 -72.63 -9.01
C TYR G 147 -50.38 -72.10 -8.67
N PRO G 148 -51.40 -72.95 -8.66
CA PRO G 148 -52.74 -72.51 -8.29
C PRO G 148 -52.88 -72.46 -6.78
N LEU G 149 -54.00 -71.89 -6.34
CA LEU G 149 -54.35 -71.81 -4.92
C LEU G 149 -55.80 -72.24 -4.77
N ALA G 150 -56.00 -73.55 -4.63
CA ALA G 150 -57.33 -74.11 -4.44
C ALA G 150 -57.63 -74.29 -2.96
N PRO G 151 -58.81 -73.87 -2.51
CA PRO G 151 -59.18 -74.04 -1.10
C PRO G 151 -59.26 -75.50 -0.72
N GLY G 152 -59.51 -75.73 0.57
CA GLY G 152 -59.57 -77.08 1.09
C GLY G 152 -60.75 -77.87 0.55
N SER G 153 -60.70 -79.19 0.80
CA SER G 153 -61.76 -80.07 0.33
C SER G 153 -63.04 -79.88 1.13
N ALA G 154 -62.93 -79.73 2.44
CA ALA G 154 -64.08 -79.52 3.32
C ALA G 154 -64.13 -78.04 3.68
N ALA G 155 -65.08 -77.33 3.07
CA ALA G 155 -65.23 -75.90 3.31
C ALA G 155 -66.70 -75.52 3.11
N GLN G 156 -67.13 -74.51 3.85
CA GLN G 156 -68.50 -74.03 3.78
C GLN G 156 -68.67 -73.09 2.58
N THR G 157 -69.68 -73.36 1.75
CA THR G 157 -69.95 -72.55 0.57
C THR G 157 -70.61 -71.24 0.99
N ASN G 158 -69.88 -70.14 0.88
CA ASN G 158 -70.40 -68.82 1.25
C ASN G 158 -71.01 -68.15 0.02
N SER G 159 -71.31 -66.86 0.14
CA SER G 159 -71.90 -66.14 -0.98
C SER G 159 -70.87 -65.81 -2.05
N MET G 160 -69.65 -65.45 -1.64
CA MET G 160 -68.56 -65.18 -2.55
C MET G 160 -67.33 -65.96 -2.11
N VAL G 161 -66.42 -66.17 -3.06
CA VAL G 161 -65.21 -66.93 -2.82
C VAL G 161 -64.02 -66.15 -3.37
N THR G 162 -62.92 -66.21 -2.63
CA THR G 162 -61.68 -65.57 -3.05
C THR G 162 -60.85 -66.53 -3.88
N LEU G 163 -59.98 -65.97 -4.71
CA LEU G 163 -59.14 -66.75 -5.60
C LEU G 163 -57.67 -66.52 -5.29
N GLY G 164 -56.81 -67.34 -5.90
CA GLY G 164 -55.38 -67.20 -5.70
C GLY G 164 -54.56 -67.83 -6.80
N CYS G 165 -53.62 -67.07 -7.34
CA CYS G 165 -52.70 -67.55 -8.36
C CYS G 165 -51.29 -67.18 -7.94
N LEU G 166 -50.50 -68.18 -7.55
CA LEU G 166 -49.20 -67.96 -6.93
C LEU G 166 -48.08 -68.23 -7.92
N VAL G 167 -47.01 -67.44 -7.80
CA VAL G 167 -45.81 -67.58 -8.62
C VAL G 167 -44.61 -67.55 -7.69
N LYS G 168 -43.75 -68.56 -7.79
CA LYS G 168 -42.56 -68.65 -6.95
C LYS G 168 -41.32 -68.83 -7.81
N GLY G 169 -40.18 -68.38 -7.29
CA GLY G 169 -38.90 -68.65 -7.90
C GLY G 169 -38.66 -68.01 -9.25
N TYR G 170 -38.55 -66.69 -9.29
CA TYR G 170 -38.20 -65.99 -10.52
C TYR G 170 -37.30 -64.82 -10.19
N PHE G 171 -36.56 -64.36 -11.21
CA PHE G 171 -35.59 -63.29 -11.05
C PHE G 171 -35.21 -62.79 -12.43
N PRO G 172 -35.12 -61.47 -12.65
CA PRO G 172 -35.43 -60.43 -11.67
C PRO G 172 -36.88 -59.94 -11.75
N GLU G 173 -37.15 -58.82 -11.12
CA GLU G 173 -38.44 -58.15 -11.19
C GLU G 173 -38.55 -57.33 -12.48
N PRO G 174 -39.77 -57.04 -12.94
CA PRO G 174 -41.06 -57.52 -12.41
C PRO G 174 -41.64 -58.68 -13.21
N VAL G 175 -42.87 -59.06 -12.85
CA VAL G 175 -43.69 -59.99 -13.63
C VAL G 175 -45.10 -59.43 -13.69
N THR G 176 -45.87 -59.94 -14.66
CA THR G 176 -47.23 -59.49 -14.89
C THR G 176 -48.17 -60.67 -14.66
N VAL G 177 -48.89 -60.64 -13.55
CA VAL G 177 -49.86 -61.67 -13.20
C VAL G 177 -51.24 -61.05 -13.37
N THR G 178 -51.96 -61.48 -14.40
CA THR G 178 -53.29 -60.97 -14.70
C THR G 178 -54.26 -62.14 -14.80
N TRP G 179 -55.55 -61.80 -14.81
CA TRP G 179 -56.61 -62.76 -15.01
C TRP G 179 -56.92 -62.85 -16.51
N ASN G 180 -58.07 -63.42 -16.86
CA ASN G 180 -58.35 -63.76 -18.25
C ASN G 180 -58.57 -62.51 -19.11
N SER G 181 -57.47 -61.96 -19.63
CA SER G 181 -57.52 -60.81 -20.54
C SER G 181 -58.26 -59.62 -19.92
N GLY G 182 -58.18 -59.48 -18.61
CA GLY G 182 -58.87 -58.42 -17.92
C GLY G 182 -60.33 -58.67 -17.66
N SER G 183 -60.81 -59.91 -17.87
CA SER G 183 -62.21 -60.21 -17.58
C SER G 183 -62.50 -60.07 -16.09
N LEU G 184 -61.60 -60.58 -15.25
CA LEU G 184 -61.71 -60.43 -13.80
C LEU G 184 -60.70 -59.38 -13.37
N SER G 185 -61.12 -58.12 -13.43
CA SER G 185 -60.27 -56.99 -13.05
C SER G 185 -60.75 -56.24 -11.81
N SER G 186 -62.01 -56.38 -11.43
CA SER G 186 -62.54 -55.70 -10.27
C SER G 186 -62.22 -56.50 -9.02
N GLY G 187 -61.84 -55.80 -7.95
CA GLY G 187 -61.49 -56.45 -6.71
C GLY G 187 -60.23 -57.28 -6.77
N VAL G 188 -59.32 -56.95 -7.68
CA VAL G 188 -58.05 -57.66 -7.75
C VAL G 188 -57.10 -57.13 -6.69
N HIS G 189 -56.12 -57.96 -6.34
CA HIS G 189 -55.13 -57.60 -5.32
C HIS G 189 -53.79 -58.17 -5.74
N THR G 190 -52.83 -57.28 -6.00
CA THR G 190 -51.46 -57.66 -6.31
C THR G 190 -50.56 -57.02 -5.27
N PHE G 191 -49.79 -57.84 -4.58
CA PHE G 191 -49.01 -57.37 -3.45
C PHE G 191 -47.56 -57.12 -3.87
N PRO G 192 -46.84 -56.28 -3.14
CA PRO G 192 -45.43 -56.02 -3.51
C PRO G 192 -44.57 -57.26 -3.37
N ALA G 193 -43.43 -57.23 -4.06
CA ALA G 193 -42.52 -58.36 -4.09
C ALA G 193 -41.78 -58.49 -2.77
N VAL G 194 -41.73 -59.71 -2.24
CA VAL G 194 -41.02 -60.01 -1.01
C VAL G 194 -40.20 -61.27 -1.22
N LEU G 195 -38.94 -61.23 -0.80
CA LEU G 195 -38.05 -62.38 -0.92
C LEU G 195 -38.34 -63.40 0.19
N GLN G 196 -37.95 -64.65 -0.07
CA GLN G 196 -38.00 -65.69 0.95
C GLN G 196 -36.61 -66.15 1.35
N SER G 197 -35.85 -66.72 0.42
CA SER G 197 -34.44 -67.02 0.62
C SER G 197 -33.57 -66.24 -0.35
N ASP G 198 -33.81 -66.38 -1.64
CA ASP G 198 -33.11 -65.61 -2.66
C ASP G 198 -33.98 -65.19 -3.83
N LEU G 199 -35.21 -65.70 -3.94
CA LEU G 199 -36.09 -65.42 -5.06
C LEU G 199 -37.40 -64.84 -4.54
N TYR G 200 -38.28 -64.51 -5.49
CA TYR G 200 -39.52 -63.81 -5.17
C TYR G 200 -40.71 -64.78 -5.18
N THR G 201 -41.67 -64.50 -4.30
CA THR G 201 -42.90 -65.29 -4.20
C THR G 201 -44.06 -64.32 -4.14
N LEU G 202 -44.82 -64.22 -5.23
CA LEU G 202 -45.87 -63.23 -5.37
C LEU G 202 -47.20 -63.91 -5.60
N SER G 203 -48.21 -63.50 -4.84
CA SER G 203 -49.55 -64.04 -4.95
C SER G 203 -50.52 -62.94 -5.35
N SER G 204 -51.51 -63.32 -6.17
CA SER G 204 -52.57 -62.42 -6.59
C SER G 204 -53.91 -63.03 -6.21
N SER G 205 -54.86 -62.18 -5.82
CA SER G 205 -56.16 -62.65 -5.38
C SER G 205 -57.24 -61.76 -5.99
N VAL G 206 -58.46 -62.29 -5.98
CA VAL G 206 -59.63 -61.56 -6.44
C VAL G 206 -60.86 -62.26 -5.89
N THR G 207 -61.88 -61.49 -5.56
CA THR G 207 -63.10 -62.03 -4.97
C THR G 207 -64.17 -62.16 -6.05
N VAL G 208 -64.74 -63.35 -6.16
CA VAL G 208 -65.77 -63.63 -7.17
C VAL G 208 -66.96 -64.27 -6.48
N PRO G 209 -68.15 -64.16 -7.07
CA PRO G 209 -69.31 -64.84 -6.51
C PRO G 209 -69.16 -66.35 -6.53
N SER G 210 -69.91 -67.01 -5.65
CA SER G 210 -69.82 -68.47 -5.52
C SER G 210 -70.71 -69.20 -6.51
N SER G 211 -71.76 -68.56 -7.02
CA SER G 211 -72.67 -69.23 -7.95
C SER G 211 -72.13 -69.27 -9.38
N THR G 212 -71.00 -68.63 -9.65
CA THR G 212 -70.44 -68.58 -10.99
C THR G 212 -69.16 -69.39 -11.15
N TRP G 213 -68.34 -69.48 -10.10
CA TRP G 213 -67.07 -70.20 -10.23
C TRP G 213 -67.22 -71.64 -10.66
N PRO G 214 -68.15 -72.46 -10.13
CA PRO G 214 -68.30 -73.82 -10.64
C PRO G 214 -68.79 -73.89 -12.09
N SER G 215 -69.10 -72.75 -12.71
CA SER G 215 -69.59 -72.70 -14.09
C SER G 215 -68.66 -71.98 -15.03
N GLU G 216 -68.08 -70.86 -14.62
CA GLU G 216 -67.22 -70.08 -15.51
C GLU G 216 -65.79 -70.60 -15.49
N THR G 217 -65.19 -70.66 -16.67
CA THR G 217 -63.79 -71.06 -16.82
C THR G 217 -62.90 -69.85 -16.59
N VAL G 218 -62.03 -69.92 -15.59
CA VAL G 218 -61.11 -68.84 -15.26
C VAL G 218 -59.68 -69.38 -15.24
N THR G 219 -58.76 -68.63 -15.85
CA THR G 219 -57.37 -69.03 -15.97
C THR G 219 -56.49 -67.81 -15.78
N CYS G 220 -55.63 -67.87 -14.76
CA CYS G 220 -54.72 -66.77 -14.47
C CYS G 220 -53.49 -66.86 -15.36
N ASN G 221 -53.11 -65.73 -15.95
CA ASN G 221 -51.99 -65.68 -16.89
C ASN G 221 -50.81 -64.95 -16.27
N VAL G 222 -49.61 -65.39 -16.60
CA VAL G 222 -48.37 -64.81 -16.10
C VAL G 222 -47.46 -64.53 -17.29
N ALA G 223 -46.98 -63.28 -17.36
CA ALA G 223 -46.08 -62.84 -18.43
C ALA G 223 -44.82 -62.28 -17.80
N HIS G 224 -43.67 -62.86 -18.13
CA HIS G 224 -42.37 -62.40 -17.64
C HIS G 224 -41.57 -61.88 -18.81
N PRO G 225 -41.54 -60.57 -19.05
CA PRO G 225 -40.82 -60.05 -20.22
C PRO G 225 -39.33 -60.30 -20.18
N ALA G 226 -38.72 -60.31 -18.98
CA ALA G 226 -37.28 -60.54 -18.88
C ALA G 226 -36.89 -61.96 -19.27
N SER G 227 -37.82 -62.90 -19.19
CA SER G 227 -37.54 -64.28 -19.58
C SER G 227 -38.43 -64.77 -20.71
N SER G 228 -39.34 -63.94 -21.21
CA SER G 228 -40.27 -64.30 -22.28
C SER G 228 -41.06 -65.55 -21.92
N THR G 229 -41.65 -65.51 -20.73
CA THR G 229 -42.39 -66.64 -20.17
C THR G 229 -43.87 -66.27 -20.12
N LYS G 230 -44.66 -66.89 -21.00
CA LYS G 230 -46.11 -66.68 -21.06
C LYS G 230 -46.77 -67.98 -20.63
N VAL G 231 -47.23 -68.03 -19.37
CA VAL G 231 -47.82 -69.23 -18.80
C VAL G 231 -49.17 -68.87 -18.21
N ASP G 232 -50.21 -69.53 -18.68
CA ASP G 232 -51.54 -69.45 -18.09
C ASP G 232 -51.85 -70.73 -17.32
N LYS G 233 -52.66 -70.60 -16.28
CA LYS G 233 -52.95 -71.75 -15.42
C LYS G 233 -54.37 -71.65 -14.88
N LYS G 234 -55.16 -72.70 -15.12
CA LYS G 234 -56.55 -72.75 -14.68
C LYS G 234 -56.64 -73.34 -13.28
N ILE G 235 -57.58 -72.81 -12.49
CA ILE G 235 -57.84 -73.29 -11.14
C ILE G 235 -59.13 -74.09 -11.17
N VAL G 236 -59.08 -75.33 -10.70
CA VAL G 236 -60.24 -76.20 -10.73
C VAL G 236 -60.61 -76.60 -9.29
N PRO G 237 -61.88 -76.83 -9.00
CA PRO G 237 -62.26 -77.29 -7.66
C PRO G 237 -61.75 -78.68 -7.38
N ARG G 238 -61.88 -79.10 -6.12
CA ARG G 238 -61.45 -80.42 -5.70
C ARG G 238 -62.60 -81.42 -5.74
N ASP H 20 22.19 32.84 17.38
CA ASP H 20 22.38 33.95 16.45
C ASP H 20 23.86 34.27 16.31
N VAL H 21 24.34 34.34 15.07
CA VAL H 21 25.75 34.61 14.80
C VAL H 21 26.00 36.09 15.02
N LEU H 22 26.53 36.44 16.19
CA LEU H 22 26.80 37.84 16.47
C LEU H 22 27.95 38.34 15.59
N MET H 23 27.91 39.64 15.29
CA MET H 23 28.89 40.27 14.42
C MET H 23 29.55 41.41 15.17
N THR H 24 30.87 41.54 15.00
CA THR H 24 31.65 42.59 15.62
C THR H 24 32.37 43.39 14.54
N GLN H 25 32.13 44.69 14.53
CA GLN H 25 32.78 45.60 13.60
C GLN H 25 33.85 46.40 14.34
N THR H 26 34.99 46.60 13.68
CA THR H 26 36.08 47.37 14.25
C THR H 26 36.60 48.35 13.22
N PRO H 27 36.84 49.62 13.58
CA PRO H 27 36.57 50.15 14.92
C PRO H 27 35.14 50.65 15.04
N LEU H 28 34.87 51.46 16.07
CA LEU H 28 33.58 52.12 16.16
C LEU H 28 33.55 53.39 15.32
N SER H 29 34.64 54.15 15.32
CA SER H 29 34.76 55.36 14.52
C SER H 29 36.20 55.47 14.03
N LEU H 30 36.37 55.72 12.74
CA LEU H 30 37.69 55.81 12.11
C LEU H 30 37.77 57.09 11.29
N PRO H 31 38.06 58.23 11.95
CA PRO H 31 38.18 59.50 11.21
C PRO H 31 39.38 59.48 10.28
N VAL H 32 39.11 59.65 8.98
CA VAL H 32 40.16 59.67 7.96
C VAL H 32 39.92 60.84 7.03
N SER H 33 41.00 61.50 6.61
CA SER H 33 40.89 62.70 5.79
C SER H 33 40.57 62.35 4.34
N LEU H 34 40.32 63.39 3.56
CA LEU H 34 39.94 63.22 2.16
C LEU H 34 41.12 62.68 1.36
N GLY H 35 40.87 61.64 0.57
CA GLY H 35 41.90 61.02 -0.24
C GLY H 35 42.62 59.87 0.41
N ASP H 36 42.39 59.66 1.71
CA ASP H 36 43.09 58.62 2.44
C ASP H 36 42.44 57.27 2.20
N GLN H 37 43.23 56.21 2.37
CA GLN H 37 42.72 54.85 2.35
C GLN H 37 42.29 54.45 3.76
N ALA H 38 41.13 53.82 3.87
CA ALA H 38 40.60 53.36 5.15
C ALA H 38 40.21 51.90 5.03
N SER H 39 40.50 51.13 6.09
CA SER H 39 40.17 49.72 6.15
C SER H 39 39.34 49.46 7.40
N ILE H 40 38.29 48.66 7.25
CA ILE H 40 37.39 48.32 8.35
C ILE H 40 37.25 46.81 8.40
N SER H 41 37.41 46.24 9.60
CA SER H 41 37.31 44.82 9.80
C SER H 41 35.94 44.43 10.35
N CYS H 42 35.46 43.26 9.94
CA CYS H 42 34.15 42.78 10.32
C CYS H 42 34.26 41.28 10.60
N ARG H 43 34.19 40.91 11.88
CA ARG H 43 34.40 39.54 12.32
C ARG H 43 33.08 38.92 12.77
N SER H 44 32.99 37.60 12.60
CA SER H 44 31.82 36.83 12.96
C SER H 44 32.07 36.01 14.21
N SER H 45 31.00 35.67 14.93
CA SER H 45 31.11 34.83 16.11
C SER H 45 31.34 33.37 15.74
N GLN H 46 30.92 32.95 14.54
CA GLN H 46 31.13 31.59 14.05
C GLN H 46 31.55 31.68 12.60
N SER H 47 31.80 30.52 11.98
CA SER H 47 32.07 30.46 10.55
C SER H 47 30.76 30.64 9.79
N ILE H 48 30.77 31.54 8.80
CA ILE H 48 29.57 31.85 8.06
C ILE H 48 29.72 31.45 6.60
N VAL H 49 30.50 30.41 6.35
CA VAL H 49 30.67 29.87 5.01
C VAL H 49 29.62 28.80 4.77
N HIS H 50 28.89 28.92 3.67
CA HIS H 50 27.85 27.96 3.35
C HIS H 50 28.47 26.70 2.75
N SER H 51 27.75 25.58 2.91
CA SER H 51 28.26 24.29 2.45
C SER H 51 28.49 24.26 0.94
N ASN H 52 27.84 25.16 0.19
CA ASN H 52 28.09 25.21 -1.25
C ASN H 52 29.50 25.66 -1.59
N GLY H 53 30.12 26.46 -0.72
CA GLY H 53 31.43 27.00 -0.97
C GLY H 53 31.48 28.48 -1.26
N ASN H 54 30.42 29.22 -0.96
CA ASN H 54 30.39 30.66 -1.17
C ASN H 54 29.82 31.33 0.07
N THR H 55 30.51 32.36 0.56
CA THR H 55 30.10 33.07 1.75
C THR H 55 29.27 34.29 1.35
N TYR H 56 28.03 34.34 1.83
CA TYR H 56 27.06 35.34 1.40
C TYR H 56 27.01 36.44 2.44
N LEU H 57 27.76 37.51 2.20
CA LEU H 57 27.78 38.67 3.09
C LEU H 57 27.53 39.95 2.29
N GLU H 58 26.92 40.92 2.95
CA GLU H 58 26.50 42.17 2.35
C GLU H 58 27.14 43.34 3.09
N TRP H 59 27.46 44.39 2.35
CA TRP H 59 27.88 45.66 2.92
C TRP H 59 26.83 46.72 2.61
N TYR H 60 26.46 47.51 3.60
CA TYR H 60 25.44 48.53 3.45
C TYR H 60 26.00 49.90 3.80
N LEU H 61 25.55 50.92 3.07
CA LEU H 61 25.88 52.31 3.32
C LEU H 61 24.62 53.10 3.62
N GLN H 62 24.58 53.75 4.78
CA GLN H 62 23.48 54.62 5.15
C GLN H 62 23.97 56.06 5.23
N LYS H 63 23.23 56.97 4.65
CA LYS H 63 23.54 58.37 4.80
C LYS H 63 22.55 59.02 5.76
N PRO H 64 22.97 60.06 6.49
CA PRO H 64 22.07 60.68 7.48
C PRO H 64 20.83 61.25 6.83
N GLY H 65 19.68 60.71 7.23
CA GLY H 65 18.41 61.14 6.70
C GLY H 65 17.95 60.44 5.45
N GLN H 66 18.57 59.33 5.07
CA GLN H 66 18.17 58.59 3.88
C GLN H 66 18.20 57.09 4.18
N SER H 67 17.68 56.32 3.25
CA SER H 67 17.64 54.87 3.35
C SER H 67 18.99 54.28 2.97
N PRO H 68 19.30 53.07 3.44
CA PRO H 68 20.60 52.47 3.14
C PRO H 68 20.78 52.21 1.65
N LYS H 69 22.04 52.22 1.22
CA LYS H 69 22.41 51.91 -0.14
C LYS H 69 23.29 50.68 -0.17
N LEU H 70 23.55 50.19 -1.38
CA LEU H 70 24.36 48.98 -1.58
C LEU H 70 25.68 49.30 -2.26
N LEU H 71 26.72 48.62 -1.83
CA LEU H 71 28.02 48.75 -2.47
C LEU H 71 28.65 47.40 -2.80
N ILE H 72 28.50 46.38 -1.93
CA ILE H 72 29.16 45.09 -2.11
C ILE H 72 28.21 43.98 -1.69
N TYR H 73 27.94 43.05 -2.61
CA TYR H 73 27.26 41.81 -2.29
C TYR H 73 28.09 40.65 -2.83
N LYS H 74 28.13 39.55 -2.07
CA LYS H 74 28.94 38.38 -2.43
C LYS H 74 30.40 38.81 -2.58
N VAL H 75 30.98 39.11 -1.41
CA VAL H 75 32.16 39.98 -1.24
C VAL H 75 33.16 39.85 -2.38
N SER H 76 33.41 38.62 -2.83
CA SER H 76 34.27 38.44 -3.99
C SER H 76 33.74 39.12 -5.24
N ASN H 77 32.52 39.66 -5.20
CA ASN H 77 31.94 40.39 -6.32
C ASN H 77 31.64 41.82 -5.90
N ARG H 78 31.14 42.60 -6.86
CA ARG H 78 30.85 44.00 -6.68
C ARG H 78 29.45 44.31 -7.24
N PHE H 79 28.82 45.33 -6.69
CA PHE H 79 27.48 45.71 -7.14
C PHE H 79 27.55 46.43 -8.49
N SER H 80 26.45 46.34 -9.24
CA SER H 80 26.34 46.98 -10.54
C SER H 80 25.74 48.37 -10.34
N GLY H 81 26.61 49.38 -10.28
CA GLY H 81 26.16 50.74 -10.06
C GLY H 81 27.06 51.49 -9.10
N VAL H 82 27.95 50.76 -8.42
CA VAL H 82 28.89 51.35 -7.47
C VAL H 82 30.23 51.53 -8.17
N PRO H 83 30.95 52.62 -7.93
CA PRO H 83 32.25 52.82 -8.58
C PRO H 83 33.27 51.79 -8.13
N ASP H 84 34.42 51.82 -8.80
CA ASP H 84 35.48 50.84 -8.56
C ASP H 84 36.35 51.18 -7.35
N ARG H 85 36.23 52.39 -6.79
CA ARG H 85 37.07 52.76 -5.67
C ARG H 85 36.85 51.87 -4.45
N PHE H 86 35.73 51.15 -4.39
CA PHE H 86 35.43 50.26 -3.28
C PHE H 86 36.01 48.87 -3.53
N SER H 87 36.44 48.23 -2.46
CA SER H 87 36.98 46.87 -2.54
C SER H 87 36.74 46.16 -1.23
N GLY H 88 36.48 44.86 -1.33
CA GLY H 88 36.27 44.04 -0.16
C GLY H 88 36.78 42.64 -0.34
N SER H 89 37.28 42.02 0.72
CA SER H 89 37.81 40.67 0.66
C SER H 89 37.83 40.09 2.07
N GLY H 90 38.51 38.96 2.22
CA GLY H 90 38.64 38.35 3.52
C GLY H 90 38.78 36.84 3.49
N SER H 91 39.18 36.28 4.62
CA SER H 91 39.37 34.84 4.76
C SER H 91 38.02 34.17 5.00
N GLY H 92 38.04 32.92 5.46
CA GLY H 92 36.80 32.23 5.76
C GLY H 92 35.97 32.88 6.85
N THR H 93 36.60 33.58 7.79
CA THR H 93 35.89 34.23 8.89
C THR H 93 36.14 35.72 8.98
N ASP H 94 37.38 36.16 8.80
CA ASP H 94 37.73 37.57 8.95
C ASP H 94 37.50 38.30 7.63
N PHE H 95 36.79 39.41 7.69
CA PHE H 95 36.36 40.17 6.52
C PHE H 95 36.80 41.61 6.63
N THR H 96 37.15 42.21 5.50
CA THR H 96 37.67 43.58 5.48
C THR H 96 37.07 44.33 4.31
N LEU H 97 36.50 45.50 4.60
CA LEU H 97 36.03 46.42 3.57
C LEU H 97 37.03 47.55 3.44
N LYS H 98 37.48 47.80 2.22
CA LYS H 98 38.53 48.76 1.95
C LYS H 98 38.04 49.82 0.97
N ILE H 99 38.41 51.06 1.22
CA ILE H 99 38.13 52.17 0.33
C ILE H 99 39.45 52.77 -0.14
N SER H 100 39.51 53.13 -1.42
CA SER H 100 40.75 53.63 -1.99
C SER H 100 40.95 55.11 -1.66
N ARG H 101 40.02 55.96 -2.09
CA ARG H 101 40.10 57.39 -1.89
C ARG H 101 38.78 57.89 -1.34
N VAL H 102 38.81 58.47 -0.15
CA VAL H 102 37.58 58.93 0.49
C VAL H 102 37.14 60.23 -0.16
N GLU H 103 35.88 60.28 -0.58
CA GLU H 103 35.27 61.47 -1.13
C GLU H 103 34.26 62.04 -0.13
N ALA H 104 33.68 63.19 -0.48
CA ALA H 104 32.67 63.79 0.37
C ALA H 104 31.39 62.99 0.39
N GLU H 105 31.16 62.15 -0.62
CA GLU H 105 29.92 61.38 -0.71
C GLU H 105 29.93 60.15 0.19
N ASP H 106 31.09 59.58 0.48
CA ASP H 106 31.18 58.36 1.26
C ASP H 106 30.98 58.58 2.76
N LEU H 107 30.51 59.76 3.16
CA LEU H 107 30.24 60.02 4.56
C LEU H 107 29.01 59.25 5.02
N GLY H 108 29.10 58.64 6.19
CA GLY H 108 27.96 57.91 6.73
C GLY H 108 28.42 56.82 7.69
N VAL H 109 27.64 55.74 7.74
CA VAL H 109 27.88 54.63 8.63
C VAL H 109 27.75 53.34 7.83
N TYR H 110 28.67 52.40 8.06
CA TYR H 110 28.67 51.13 7.35
C TYR H 110 28.03 50.04 8.20
N TYR H 111 27.65 48.94 7.55
CA TYR H 111 26.99 47.84 8.23
C TYR H 111 27.35 46.51 7.57
N CYS H 112 27.34 45.46 8.37
CA CYS H 112 27.55 44.09 7.90
C CYS H 112 26.23 43.31 7.91
N PHE H 113 26.12 42.36 7.00
CA PHE H 113 24.96 41.48 6.90
C PHE H 113 25.42 40.12 6.41
N GLN H 114 25.23 39.09 7.23
CA GLN H 114 25.62 37.74 6.88
C GLN H 114 24.42 37.00 6.30
N GLY H 115 24.70 36.05 5.42
CA GLY H 115 23.65 35.29 4.77
C GLY H 115 23.84 33.79 4.83
N SER H 116 24.36 33.29 5.95
CA SER H 116 24.66 31.87 6.05
C SER H 116 23.58 31.11 6.81
N HIS H 117 23.29 31.54 8.04
CA HIS H 117 22.39 30.80 8.92
C HIS H 117 21.11 31.59 9.15
N VAL H 118 20.05 30.86 9.46
CA VAL H 118 18.75 31.44 9.78
C VAL H 118 18.64 31.53 11.29
N PRO H 119 18.24 32.68 11.85
CA PRO H 119 17.89 33.89 11.11
C PRO H 119 19.09 34.71 10.69
N TRP H 120 18.89 35.66 9.78
CA TRP H 120 19.92 36.57 9.37
C TRP H 120 20.11 37.65 10.43
N THR H 121 21.25 38.33 10.38
CA THR H 121 21.54 39.38 11.35
C THR H 121 22.41 40.47 10.72
N PHE H 122 22.36 41.65 11.33
CA PHE H 122 23.18 42.77 10.92
C PHE H 122 24.44 42.82 11.79
N GLY H 123 25.19 43.90 11.65
CA GLY H 123 26.36 44.17 12.45
C GLY H 123 26.07 45.16 13.57
N GLY H 124 27.10 45.90 13.96
CA GLY H 124 26.98 46.86 15.04
C GLY H 124 26.92 48.30 14.56
N GLY H 125 27.42 48.55 13.36
CA GLY H 125 27.45 49.90 12.84
C GLY H 125 28.82 50.54 12.99
N THR H 126 29.43 50.92 11.86
CA THR H 126 30.77 51.50 11.85
C THR H 126 30.66 52.95 11.41
N LYS H 127 30.98 53.87 12.31
CA LYS H 127 30.91 55.29 12.02
C LYS H 127 32.12 55.73 11.23
N LEU H 128 31.90 56.62 10.26
CA LEU H 128 32.95 57.05 9.33
C LEU H 128 32.71 58.49 8.94
N GLU H 129 33.62 59.38 9.29
CA GLU H 129 33.59 60.78 8.86
C GLU H 129 35.01 61.20 8.50
N ILE H 130 35.14 62.46 8.10
CA ILE H 130 36.41 63.00 7.63
C ILE H 130 37.16 63.59 8.81
N LYS H 131 38.47 63.77 8.61
CA LYS H 131 39.37 64.19 9.67
C LYS H 131 40.25 65.32 9.18
N ARG H 132 40.43 66.33 10.02
CA ARG H 132 41.33 67.44 9.74
C ARG H 132 41.89 67.97 11.05
N ALA H 133 42.49 69.15 11.02
CA ALA H 133 43.16 69.70 12.18
C ALA H 133 42.16 70.01 13.30
N ASP H 134 42.68 70.40 14.45
CA ASP H 134 41.84 70.73 15.59
C ASP H 134 41.14 72.06 15.37
N ALA H 135 40.42 72.52 16.40
CA ALA H 135 39.71 73.78 16.32
C ALA H 135 39.57 74.35 17.73
N ALA H 136 39.39 75.67 17.79
CA ALA H 136 39.22 76.34 19.07
C ALA H 136 37.74 76.45 19.40
N PRO H 137 37.30 75.92 20.54
CA PRO H 137 35.86 75.97 20.87
C PRO H 137 35.42 77.39 21.20
N THR H 138 34.30 77.79 20.59
CA THR H 138 33.71 79.10 20.83
C THR H 138 32.55 78.93 21.81
N VAL H 139 32.74 79.41 23.03
CA VAL H 139 31.79 79.22 24.11
C VAL H 139 31.05 80.53 24.37
N SER H 140 29.74 80.44 24.57
CA SER H 140 28.93 81.60 24.92
C SER H 140 27.77 81.15 25.77
N ILE H 141 27.55 81.83 26.89
CA ILE H 141 26.48 81.50 27.82
C ILE H 141 25.37 82.53 27.67
N PHE H 142 24.13 82.07 27.80
CA PHE H 142 22.95 82.92 27.64
C PHE H 142 22.10 82.85 28.90
N PRO H 143 21.87 83.98 29.59
CA PRO H 143 20.95 83.98 30.71
C PRO H 143 19.52 83.94 30.24
N PRO H 144 18.56 83.70 31.14
CA PRO H 144 17.16 83.73 30.72
C PRO H 144 16.73 85.11 30.24
N SER H 145 15.65 85.14 29.48
CA SER H 145 15.14 86.37 28.91
C SER H 145 14.01 86.92 29.77
N SER H 146 13.46 88.05 29.34
CA SER H 146 12.37 88.68 30.08
C SER H 146 11.05 87.92 29.90
N GLU H 147 10.82 87.35 28.71
CA GLU H 147 9.58 86.62 28.48
C GLU H 147 9.52 85.36 29.33
N GLN H 148 10.64 84.67 29.48
CA GLN H 148 10.66 83.49 30.35
C GLN H 148 10.50 83.87 31.81
N LEU H 149 11.10 84.99 32.23
CA LEU H 149 10.86 85.50 33.58
C LEU H 149 9.41 85.88 33.76
N THR H 150 8.77 86.38 32.71
CA THR H 150 7.34 86.64 32.77
C THR H 150 6.55 85.34 32.96
N SER H 151 6.98 84.27 32.29
CA SER H 151 6.34 82.97 32.50
C SER H 151 6.69 82.40 33.87
N GLY H 152 7.93 82.58 34.30
CA GLY H 152 8.36 82.11 35.60
C GLY H 152 9.38 80.99 35.51
N GLY H 153 10.17 80.98 34.43
CA GLY H 153 11.18 79.96 34.23
C GLY H 153 12.58 80.54 34.15
N ALA H 154 13.55 79.65 34.13
CA ALA H 154 14.95 80.04 34.07
C ALA H 154 15.71 78.97 33.30
N SER H 155 16.12 79.30 32.08
CA SER H 155 16.85 78.37 31.21
C SER H 155 18.15 79.04 30.77
N VAL H 156 19.27 78.51 31.22
CA VAL H 156 20.59 79.01 30.84
C VAL H 156 21.16 78.08 29.79
N VAL H 157 21.46 78.62 28.61
CA VAL H 157 21.91 77.84 27.46
C VAL H 157 23.36 78.20 27.18
N CYS H 158 24.21 77.19 27.08
CA CYS H 158 25.65 77.36 26.90
C CYS H 158 26.06 76.69 25.59
N PHE H 159 26.31 77.49 24.57
CA PHE H 159 26.65 76.97 23.25
C PHE H 159 28.15 76.71 23.15
N LEU H 160 28.49 75.61 22.47
CA LEU H 160 29.89 75.25 22.22
C LEU H 160 29.98 74.85 20.75
N ASN H 161 30.47 75.77 19.92
CA ASN H 161 30.46 75.59 18.48
C ASN H 161 31.88 75.60 17.94
N ASN H 162 32.06 74.93 16.79
CA ASN H 162 33.29 74.96 16.02
C ASN H 162 34.48 74.46 16.86
N PHE H 163 34.41 73.19 17.24
CA PHE H 163 35.49 72.55 17.97
C PHE H 163 35.75 71.17 17.38
N TYR H 164 36.95 70.66 17.65
CA TYR H 164 37.37 69.35 17.14
C TYR H 164 38.54 68.87 17.98
N PRO H 165 38.57 67.60 18.40
CA PRO H 165 37.54 66.58 18.18
C PRO H 165 36.40 66.66 19.19
N LYS H 166 35.66 65.56 19.34
CA LYS H 166 34.54 65.51 20.26
C LYS H 166 34.97 65.46 21.72
N ASP H 167 36.28 65.37 21.99
CA ASP H 167 36.76 65.26 23.36
C ASP H 167 36.59 66.60 24.08
N ILE H 168 35.47 66.77 24.77
CA ILE H 168 35.19 68.01 25.48
C ILE H 168 34.14 67.72 26.54
N ASN H 169 34.19 68.46 27.64
CA ASN H 169 33.26 68.29 28.74
C ASN H 169 32.79 69.65 29.24
N VAL H 170 31.51 69.72 29.59
CA VAL H 170 30.87 70.94 30.07
C VAL H 170 30.54 70.75 31.54
N LYS H 171 30.89 71.73 32.36
CA LYS H 171 30.62 71.67 33.79
C LYS H 171 29.89 72.93 34.22
N TRP H 172 28.83 72.76 34.99
CA TRP H 172 28.01 73.84 35.49
C TRP H 172 28.33 74.09 36.96
N LYS H 173 28.52 75.36 37.31
CA LYS H 173 28.75 75.77 38.69
C LYS H 173 27.73 76.82 39.09
N ILE H 174 27.18 76.64 40.29
CA ILE H 174 26.22 77.57 40.87
C ILE H 174 26.82 78.06 42.19
N ASP H 175 27.26 79.32 42.21
CA ASP H 175 27.91 79.91 43.37
C ASP H 175 29.13 79.08 43.81
N GLY H 176 29.82 78.48 42.84
CA GLY H 176 30.95 77.63 43.14
C GLY H 176 30.60 76.17 43.37
N SER H 177 29.33 75.79 43.28
CA SER H 177 28.90 74.43 43.51
C SER H 177 28.57 73.75 42.18
N GLU H 178 29.10 72.55 42.00
CA GLU H 178 28.82 71.78 40.78
C GLU H 178 27.35 71.40 40.73
N ARG H 179 26.77 71.51 39.54
CA ARG H 179 25.36 71.17 39.34
C ARG H 179 25.23 70.21 38.18
N GLN H 180 24.47 69.12 38.38
CA GLN H 180 24.25 68.13 37.36
C GLN H 180 22.77 67.90 37.04
N ASN H 181 21.86 68.31 37.91
CA ASN H 181 20.43 68.14 37.66
C ASN H 181 19.91 69.26 36.77
N GLY H 182 19.14 68.91 35.76
CA GLY H 182 18.63 69.87 34.82
C GLY H 182 19.54 70.20 33.66
N VAL H 183 20.61 69.42 33.47
CA VAL H 183 21.55 69.64 32.39
C VAL H 183 21.13 68.82 31.20
N LEU H 184 20.98 69.47 30.04
CA LEU H 184 20.61 68.80 28.80
C LEU H 184 21.77 68.97 27.81
N ASN H 185 22.40 67.86 27.45
CA ASN H 185 23.57 67.88 26.59
C ASN H 185 23.21 67.25 25.24
N SER H 186 23.31 68.04 24.18
CA SER H 186 23.08 67.57 22.83
C SER H 186 24.23 67.99 21.93
N TRP H 187 24.49 67.20 20.90
CA TRP H 187 25.55 67.53 19.96
C TRP H 187 25.18 66.99 18.59
N THR H 188 25.62 67.69 17.55
CA THR H 188 25.30 67.35 16.18
C THR H 188 26.46 66.57 15.55
N ASP H 189 26.27 66.19 14.29
CA ASP H 189 27.30 65.47 13.55
C ASP H 189 28.31 66.46 12.97
N GLN H 190 29.33 65.92 12.32
CA GLN H 190 30.36 66.76 11.73
C GLN H 190 29.80 67.52 10.55
N ASP H 191 29.85 68.85 10.63
CA ASP H 191 29.37 69.69 9.53
C ASP H 191 30.28 69.54 8.32
N SER H 192 29.75 69.91 7.16
CA SER H 192 30.46 69.68 5.91
C SER H 192 31.36 70.84 5.50
N LYS H 193 30.87 72.07 5.60
CA LYS H 193 31.60 73.22 5.07
C LYS H 193 32.78 73.62 5.94
N ASP H 194 32.77 73.29 7.22
CA ASP H 194 33.86 73.66 8.13
C ASP H 194 34.48 72.48 8.86
N SER H 195 33.84 71.32 8.87
CA SER H 195 34.38 70.11 9.49
C SER H 195 34.63 70.33 10.99
N THR H 196 33.59 70.75 11.69
CA THR H 196 33.66 71.03 13.11
C THR H 196 32.50 70.34 13.82
N TYR H 197 32.51 70.45 15.15
CA TYR H 197 31.46 69.89 16.00
C TYR H 197 30.76 71.01 16.75
N SER H 198 29.56 70.70 17.25
CA SER H 198 28.80 71.64 18.05
C SER H 198 28.13 70.91 19.20
N MET H 199 27.92 71.61 20.30
CA MET H 199 27.32 71.02 21.49
C MET H 199 26.65 72.11 22.31
N SER H 200 25.41 71.84 22.73
CA SER H 200 24.64 72.78 23.54
C SER H 200 24.29 72.15 24.88
N SER H 201 24.44 72.93 25.94
CA SER H 201 24.10 72.51 27.29
C SER H 201 23.08 73.48 27.87
N THR H 202 21.91 72.98 28.22
CA THR H 202 20.82 73.80 28.75
C THR H 202 20.56 73.41 30.20
N LEU H 203 20.43 74.43 31.06
CA LEU H 203 20.07 74.24 32.46
C LEU H 203 18.75 74.93 32.71
N THR H 204 17.73 74.14 33.07
CA THR H 204 16.38 74.64 33.25
C THR H 204 16.04 74.67 34.74
N LEU H 205 15.64 75.85 35.22
CA LEU H 205 15.31 76.05 36.62
C LEU H 205 14.08 76.93 36.72
N THR H 206 13.57 77.06 37.94
CA THR H 206 12.42 77.92 38.20
C THR H 206 12.88 79.34 38.48
N LYS H 207 11.96 80.29 38.33
CA LYS H 207 12.29 81.68 38.59
C LYS H 207 12.55 81.94 40.07
N ASP H 208 11.88 81.19 40.96
CA ASP H 208 12.10 81.38 42.38
C ASP H 208 13.52 80.97 42.78
N GLU H 209 14.11 79.99 42.08
CA GLU H 209 15.48 79.60 42.35
C GLU H 209 16.49 80.54 41.72
N TYR H 210 16.12 81.26 40.65
CA TYR H 210 17.02 82.22 40.05
C TYR H 210 17.25 83.44 40.93
N GLU H 211 16.31 83.77 41.81
CA GLU H 211 16.42 84.95 42.65
C GLU H 211 17.11 84.67 43.98
N ARG H 212 17.48 83.41 44.25
CA ARG H 212 18.18 83.08 45.49
C ARG H 212 19.66 82.82 45.30
N HIS H 213 20.10 82.46 44.09
CA HIS H 213 21.49 82.23 43.81
C HIS H 213 22.14 83.46 43.19
N ASN H 214 23.46 83.47 43.16
CA ASN H 214 24.22 84.62 42.70
C ASN H 214 25.00 84.34 41.41
N SER H 215 25.83 83.32 41.41
CA SER H 215 26.74 83.05 40.30
C SER H 215 26.36 81.76 39.58
N TYR H 216 26.20 81.85 38.27
CA TYR H 216 25.97 80.70 37.41
C TYR H 216 27.12 80.62 36.42
N THR H 217 27.72 79.44 36.28
CA THR H 217 28.96 79.30 35.53
C THR H 217 28.89 78.09 34.61
N CYS H 218 29.20 78.30 33.33
CA CYS H 218 29.39 77.23 32.36
C CYS H 218 30.86 77.12 32.04
N GLU H 219 31.46 75.98 32.37
CA GLU H 219 32.87 75.73 32.10
C GLU H 219 33.01 74.60 31.08
N ALA H 220 33.93 74.79 30.14
CA ALA H 220 34.18 73.83 29.07
C ALA H 220 35.65 73.43 29.11
N THR H 221 35.90 72.13 29.11
CA THR H 221 37.26 71.59 29.15
C THR H 221 37.53 70.89 27.83
N HIS H 222 38.46 71.45 27.05
CA HIS H 222 38.79 70.93 25.73
C HIS H 222 40.29 70.75 25.63
N LYS H 223 40.70 69.83 24.75
CA LYS H 223 42.11 69.51 24.59
C LYS H 223 42.90 70.71 24.10
N THR H 224 42.29 71.52 23.24
CA THR H 224 42.95 72.69 22.67
C THR H 224 43.05 73.86 23.65
N SER H 225 42.75 73.65 24.93
CA SER H 225 42.82 74.71 25.92
C SER H 225 43.40 74.13 27.20
N THR H 226 44.49 74.72 27.70
CA THR H 226 45.08 74.26 28.94
C THR H 226 44.24 74.65 30.15
N SER H 227 43.48 75.75 30.05
CA SER H 227 42.61 76.19 31.13
C SER H 227 41.14 76.07 30.70
N PRO H 228 40.26 75.61 31.60
CA PRO H 228 38.85 75.50 31.25
C PRO H 228 38.22 76.86 30.99
N ILE H 229 37.53 76.97 29.86
CA ILE H 229 36.87 78.22 29.50
C ILE H 229 35.71 78.46 30.45
N VAL H 230 35.78 79.55 31.21
CA VAL H 230 34.81 79.87 32.23
C VAL H 230 33.93 81.00 31.73
N LYS H 231 32.62 80.84 31.83
CA LYS H 231 31.64 81.86 31.46
C LYS H 231 30.61 81.96 32.58
N SER H 232 30.70 83.01 33.39
CA SER H 232 29.82 83.19 34.53
C SER H 232 29.09 84.52 34.44
N PHE H 233 27.96 84.59 35.13
CA PHE H 233 27.17 85.82 35.21
C PHE H 233 26.49 85.87 36.57
N ASN H 234 26.33 87.08 37.09
CA ASN H 234 25.69 87.29 38.37
C ASN H 234 24.29 87.87 38.20
N ARG H 235 23.40 87.47 39.10
CA ARG H 235 22.02 87.95 39.07
C ARG H 235 21.93 89.40 39.54
N ASN H 236 22.38 89.66 40.77
CA ASN H 236 22.35 91.00 41.33
C ASN H 236 23.52 91.87 40.86
N GLU H 237 24.43 91.31 40.06
CA GLU H 237 25.57 92.05 39.53
C GLU H 237 26.45 92.64 40.63
N VAL I 21 10.51 49.59 -10.20
CA VAL I 21 9.93 49.18 -8.93
C VAL I 21 9.74 50.39 -8.03
N GLN I 22 8.90 50.24 -7.01
CA GLN I 22 8.65 51.32 -6.08
C GLN I 22 8.01 50.74 -4.82
N LEU I 23 8.34 51.33 -3.67
CA LEU I 23 7.84 50.89 -2.38
C LEU I 23 7.09 52.02 -1.71
N GLN I 24 6.04 51.68 -0.96
CA GLN I 24 5.28 52.64 -0.19
C GLN I 24 5.06 52.12 1.22
N GLN I 25 4.91 53.04 2.16
CA GLN I 25 4.68 52.72 3.56
C GLN I 25 3.55 53.61 4.09
N SER I 26 3.28 53.47 5.38
CA SER I 26 2.26 54.28 6.03
C SER I 26 2.86 55.60 6.51
N GLY I 27 1.98 56.50 6.93
CA GLY I 27 2.39 57.79 7.46
C GLY I 27 2.84 57.68 8.90
N ALA I 28 3.02 58.86 9.51
CA ALA I 28 3.41 58.92 10.91
C ALA I 28 2.30 58.37 11.81
N GLU I 29 2.69 57.75 12.91
CA GLU I 29 1.74 57.14 13.82
C GLU I 29 2.16 57.41 15.26
N VAL I 30 1.19 57.76 16.10
CA VAL I 30 1.39 57.94 17.53
C VAL I 30 0.27 57.22 18.27
N MET I 31 0.58 56.76 19.48
CA MET I 31 -0.38 55.99 20.25
C MET I 31 0.10 55.90 21.69
N LYS I 32 -0.85 55.73 22.62
CA LYS I 32 -0.51 55.57 24.02
C LYS I 32 0.15 54.22 24.26
N PRO I 33 1.03 54.13 25.25
CA PRO I 33 1.72 52.86 25.52
C PRO I 33 0.75 51.77 25.92
N GLY I 34 1.09 50.53 25.54
CA GLY I 34 0.28 49.38 25.82
C GLY I 34 -0.63 48.96 24.69
N ALA I 35 -0.85 49.82 23.71
CA ALA I 35 -1.77 49.55 22.62
C ALA I 35 -1.04 48.84 21.48
N SER I 36 -1.70 48.74 20.33
CA SER I 36 -1.15 48.06 19.16
C SER I 36 -1.13 49.01 17.97
N VAL I 37 -0.14 48.83 17.11
CA VAL I 37 0.02 49.63 15.91
C VAL I 37 0.25 48.69 14.73
N LYS I 38 -0.40 48.98 13.61
CA LYS I 38 -0.24 48.22 12.38
C LYS I 38 0.22 49.15 11.28
N ILE I 39 1.39 48.87 10.71
CA ILE I 39 1.94 49.65 9.62
C ILE I 39 1.87 48.83 8.34
N SER I 40 1.78 49.52 7.21
CA SER I 40 1.55 48.89 5.92
C SER I 40 2.77 49.05 5.02
N CYS I 41 2.93 48.10 4.10
CA CYS I 41 3.99 48.12 3.11
C CYS I 41 3.40 47.79 1.76
N LYS I 42 3.50 48.73 0.82
CA LYS I 42 2.95 48.58 -0.52
C LYS I 42 4.09 48.34 -1.51
N GLY I 43 3.88 47.41 -2.43
CA GLY I 43 4.89 47.10 -3.44
C GLY I 43 4.27 46.96 -4.81
N THR I 44 4.97 47.49 -5.80
CA THR I 44 4.52 47.41 -7.19
C THR I 44 5.74 47.40 -8.11
N GLY I 45 5.49 47.03 -9.36
CA GLY I 45 6.56 47.00 -10.35
C GLY I 45 7.34 45.71 -10.42
N TYR I 46 6.94 44.69 -9.67
CA TYR I 46 7.61 43.39 -9.72
C TYR I 46 6.60 42.34 -9.29
N THR I 47 7.06 41.09 -9.26
CA THR I 47 6.23 39.98 -8.79
C THR I 47 6.20 40.02 -7.26
N PHE I 48 5.13 40.60 -6.71
CA PHE I 48 5.08 40.85 -5.28
C PHE I 48 5.08 39.55 -4.48
N SER I 49 4.44 38.51 -4.99
CA SER I 49 4.25 37.27 -4.25
C SER I 49 5.28 36.22 -4.61
N SER I 50 6.52 36.63 -4.88
CA SER I 50 7.54 35.70 -5.33
C SER I 50 8.74 35.59 -4.42
N TYR I 51 9.05 36.60 -3.62
CA TYR I 51 10.23 36.52 -2.77
C TYR I 51 10.02 37.31 -1.50
N TRP I 52 10.98 37.17 -0.58
CA TRP I 52 10.82 37.61 0.80
C TRP I 52 10.75 39.13 0.90
N ILE I 53 10.16 39.59 2.00
CA ILE I 53 10.14 41.00 2.39
C ILE I 53 10.52 41.08 3.85
N GLU I 54 11.66 41.68 4.16
CA GLU I 54 12.16 41.81 5.52
C GLU I 54 12.19 43.27 5.92
N TRP I 55 11.97 43.52 7.20
CA TRP I 55 11.90 44.87 7.73
C TRP I 55 13.05 45.10 8.70
N VAL I 56 13.50 46.35 8.76
CA VAL I 56 14.65 46.74 9.56
C VAL I 56 14.21 47.77 10.59
N LYS I 57 14.61 47.55 11.84
CA LYS I 57 14.33 48.48 12.93
C LYS I 57 15.58 49.30 13.24
N GLN I 58 15.41 50.62 13.32
CA GLN I 58 16.51 51.54 13.60
C GLN I 58 16.12 52.47 14.72
N ARG I 59 16.70 52.26 15.90
CA ARG I 59 16.49 53.18 17.00
C ARG I 59 17.21 54.49 16.72
N PRO I 60 16.59 55.63 17.03
CA PRO I 60 17.24 56.93 16.74
C PRO I 60 18.58 57.12 17.42
N GLY I 61 18.96 56.25 18.34
CA GLY I 61 20.25 56.35 18.99
C GLY I 61 21.37 55.72 18.17
N HIS I 62 21.20 54.44 17.82
CA HIS I 62 22.25 53.69 17.16
C HIS I 62 21.71 52.35 16.72
N GLY I 63 22.46 51.68 15.86
CA GLY I 63 22.25 50.28 15.56
C GLY I 63 21.20 50.04 14.48
N LEU I 64 21.23 48.82 13.94
CA LEU I 64 20.22 48.32 13.03
C LEU I 64 19.89 46.89 13.43
N GLU I 65 18.62 46.63 13.73
CA GLU I 65 18.16 45.30 14.09
C GLU I 65 16.97 44.93 13.24
N ARG I 66 16.75 43.63 13.04
CA ARG I 66 15.63 43.21 12.23
C ARG I 66 14.41 42.92 13.09
N ILE I 67 13.29 42.69 12.42
CA ILE I 67 12.06 42.27 13.08
C ILE I 67 11.52 40.97 12.49
N GLY I 68 11.85 40.63 11.26
CA GLY I 68 11.35 39.41 10.65
C GLY I 68 11.01 39.60 9.18
N GLU I 69 10.83 38.49 8.47
CA GLU I 69 10.46 38.53 7.06
C GLU I 69 9.40 37.49 6.78
N ILE I 70 8.62 37.73 5.72
CA ILE I 70 7.55 36.83 5.33
C ILE I 70 7.54 36.69 3.81
N LEU I 71 6.93 35.60 3.37
CA LEU I 71 6.83 35.29 1.95
C LEU I 71 5.39 35.47 1.52
N PRO I 72 5.05 36.56 0.84
CA PRO I 72 3.62 36.87 0.58
C PRO I 72 2.89 35.80 -0.20
N GLY I 73 3.55 34.73 -0.64
CA GLY I 73 2.85 33.64 -1.27
C GLY I 73 2.29 32.66 -0.27
N SER I 74 3.16 32.17 0.60
CA SER I 74 2.78 31.23 1.65
C SER I 74 2.63 31.98 2.98
N GLY I 75 2.42 31.22 4.05
CA GLY I 75 2.42 31.81 5.36
C GLY I 75 3.71 31.51 6.11
N SER I 76 4.81 31.38 5.37
CA SER I 76 6.09 30.99 5.95
C SER I 76 6.70 32.22 6.62
N THR I 77 6.84 32.17 7.94
CA THR I 77 7.32 33.29 8.72
C THR I 77 8.47 32.85 9.60
N ASN I 78 9.30 33.81 9.98
CA ASN I 78 10.33 33.58 10.99
C ASN I 78 10.59 34.89 11.73
N TYR I 79 11.15 34.75 12.93
CA TYR I 79 11.38 35.90 13.78
C TYR I 79 12.76 35.78 14.42
N ASN I 80 13.36 36.92 14.71
CA ASN I 80 14.62 36.92 15.43
C ASN I 80 14.36 36.57 16.89
N GLU I 81 15.30 35.80 17.48
CA GLU I 81 15.08 35.24 18.80
C GLU I 81 14.92 36.31 19.88
N LYS I 82 15.23 37.56 19.57
CA LYS I 82 15.06 38.63 20.55
C LYS I 82 13.65 39.22 20.53
N PHE I 83 12.96 39.16 19.40
CA PHE I 83 11.65 39.76 19.23
C PHE I 83 10.55 38.72 19.04
N ARG I 84 10.66 37.58 19.71
CA ARG I 84 9.60 36.59 19.66
C ARG I 84 8.40 37.06 20.45
N GLY I 85 7.21 36.84 19.89
CA GLY I 85 5.98 37.28 20.51
C GLY I 85 5.78 38.77 20.57
N LYS I 86 6.67 39.55 19.95
CA LYS I 86 6.55 41.00 19.94
C LYS I 86 5.85 41.52 18.69
N ALA I 87 6.06 40.86 17.55
CA ALA I 87 5.44 41.27 16.30
C ALA I 87 4.85 40.06 15.60
N THR I 88 3.81 40.30 14.82
CA THR I 88 3.14 39.25 14.06
C THR I 88 2.82 39.82 12.68
N PHE I 89 3.44 39.26 11.65
CA PHE I 89 3.24 39.74 10.30
C PHE I 89 1.95 39.18 9.70
N THR I 90 1.55 39.78 8.58
CA THR I 90 0.41 39.32 7.81
C THR I 90 0.54 39.87 6.40
N ALA I 91 0.33 39.01 5.41
CA ALA I 91 0.46 39.37 4.02
C ALA I 91 -0.84 39.14 3.27
N ASP I 92 -1.01 39.87 2.18
CA ASP I 92 -2.18 39.73 1.33
C ASP I 92 -1.73 39.52 -0.11
N LYS I 93 -2.35 38.57 -0.79
CA LYS I 93 -1.97 38.25 -2.16
C LYS I 93 -2.74 39.08 -3.18
N SER I 94 -4.05 39.25 -2.98
CA SER I 94 -4.85 40.03 -3.92
C SER I 94 -4.40 41.49 -3.92
N SER I 95 -4.42 42.13 -2.76
CA SER I 95 -3.86 43.46 -2.58
C SER I 95 -2.41 43.31 -2.17
N LYS I 96 -1.51 43.93 -2.94
CA LYS I 96 -0.08 43.74 -2.74
C LYS I 96 0.40 44.51 -1.50
N THR I 97 0.05 44.01 -0.32
CA THR I 97 0.30 44.73 0.93
C THR I 97 0.74 43.75 2.00
N ALA I 98 1.74 44.14 2.79
CA ALA I 98 2.22 43.37 3.92
C ALA I 98 1.96 44.15 5.20
N TYR I 99 1.31 43.50 6.17
CA TYR I 99 0.95 44.11 7.44
C TYR I 99 1.77 43.50 8.57
N MET I 100 1.69 44.12 9.74
CA MET I 100 2.36 43.60 10.93
C MET I 100 1.58 44.02 12.17
N GLN I 101 0.97 43.04 12.83
CA GLN I 101 0.35 43.28 14.12
C GLN I 101 1.43 43.41 15.18
N LEU I 102 1.28 44.41 16.05
CA LEU I 102 2.26 44.70 17.08
C LEU I 102 1.70 44.38 18.45
N SER I 103 2.53 43.77 19.30
CA SER I 103 2.10 43.31 20.61
C SER I 103 2.05 44.48 21.59
N SER I 104 1.96 44.17 22.88
CA SER I 104 1.95 45.18 23.93
C SER I 104 3.16 46.09 23.81
N LEU I 105 2.93 47.37 23.54
CA LEU I 105 3.97 48.32 23.20
C LEU I 105 4.46 49.04 24.44
N THR I 106 5.77 49.19 24.56
CA THR I 106 6.40 49.93 25.64
C THR I 106 7.21 51.08 25.08
N SER I 107 7.54 52.05 25.94
CA SER I 107 8.21 53.26 25.51
C SER I 107 9.65 53.03 25.08
N GLU I 108 10.13 51.79 25.06
CA GLU I 108 11.48 51.47 24.62
C GLU I 108 11.55 51.13 23.14
N ASP I 109 10.40 51.03 22.46
CA ASP I 109 10.37 50.64 21.06
C ASP I 109 10.01 51.79 20.13
N SER I 110 10.00 53.02 20.65
CA SER I 110 9.73 54.19 19.82
C SER I 110 10.94 54.45 18.93
N ALA I 111 10.85 54.05 17.67
CA ALA I 111 11.97 54.18 16.74
C ALA I 111 11.42 54.37 15.33
N VAL I 112 12.27 54.16 14.34
CA VAL I 112 11.89 54.27 12.94
C VAL I 112 11.93 52.86 12.34
N TYR I 113 10.91 52.53 11.55
CA TYR I 113 10.79 51.21 10.95
C TYR I 113 10.92 51.31 9.43
N TYR I 114 11.56 50.31 8.84
CA TYR I 114 11.82 50.25 7.41
C TYR I 114 11.15 49.03 6.79
N CYS I 115 11.27 48.92 5.47
CA CYS I 115 10.83 47.75 4.72
C CYS I 115 11.74 47.61 3.51
N ALA I 116 11.97 46.37 3.08
CA ALA I 116 12.86 46.14 1.95
C ALA I 116 12.57 44.77 1.35
N ARG I 117 12.96 44.62 0.08
CA ARG I 117 12.84 43.36 -0.63
C ARG I 117 14.14 42.57 -0.50
N TYR I 118 14.02 41.25 -0.48
CA TYR I 118 15.19 40.41 -0.27
C TYR I 118 14.94 39.03 -0.87
N LEU I 119 16.02 38.36 -1.26
CA LEU I 119 15.96 37.00 -1.75
C LEU I 119 17.24 36.26 -1.34
N PRO I 120 17.14 35.20 -0.56
CA PRO I 120 18.34 34.57 -0.01
C PRO I 120 19.18 33.91 -1.08
N TYR I 121 20.46 33.74 -0.77
CA TYR I 121 21.42 32.95 -1.52
C TYR I 121 21.68 33.48 -2.93
N TYR I 122 21.12 34.63 -3.29
CA TYR I 122 21.29 35.16 -4.63
C TYR I 122 21.30 36.69 -4.54
N TYR I 123 21.16 37.33 -5.68
CA TYR I 123 21.06 38.78 -5.72
C TYR I 123 19.93 39.25 -4.81
N ALA I 124 20.20 40.26 -4.00
CA ALA I 124 19.27 40.63 -2.94
C ALA I 124 19.52 42.05 -2.47
N MET I 125 18.47 42.65 -1.89
CA MET I 125 18.52 43.95 -1.24
C MET I 125 19.03 45.03 -2.20
N ASP I 126 18.21 45.31 -3.22
CA ASP I 126 18.54 46.37 -4.16
C ASP I 126 17.65 47.59 -4.03
N TYR I 127 16.57 47.51 -3.25
CA TYR I 127 15.69 48.66 -3.04
C TYR I 127 15.21 48.65 -1.60
N TRP I 128 14.62 49.77 -1.20
CA TRP I 128 14.20 49.98 0.18
C TRP I 128 12.82 50.64 0.17
N GLY I 129 12.38 51.07 1.35
CA GLY I 129 11.24 51.91 1.50
C GLY I 129 11.64 53.37 1.61
N GLN I 130 10.76 54.17 2.22
CA GLN I 130 11.07 55.55 2.50
C GLN I 130 11.16 55.85 4.00
N GLY I 131 10.79 54.92 4.85
CA GLY I 131 10.96 55.12 6.28
C GLY I 131 9.64 55.46 6.94
N THR I 132 9.39 54.83 8.08
CA THR I 132 8.16 55.05 8.86
C THR I 132 8.56 55.40 10.28
N SER I 133 8.26 56.63 10.69
CA SER I 133 8.59 57.11 12.03
C SER I 133 7.37 56.89 12.93
N VAL I 134 7.56 56.09 13.98
CA VAL I 134 6.53 55.85 14.97
C VAL I 134 7.04 56.35 16.32
N THR I 135 6.21 57.12 17.01
CA THR I 135 6.57 57.73 18.28
C THR I 135 5.47 57.45 19.30
N VAL I 136 5.86 57.06 20.50
CA VAL I 136 4.92 56.68 21.56
C VAL I 136 5.29 57.44 22.82
N SER I 137 4.39 58.31 23.28
CA SER I 137 4.56 59.04 24.52
C SER I 137 3.20 59.50 25.00
N SER I 138 3.07 59.66 26.32
CA SER I 138 1.83 60.09 26.93
C SER I 138 1.68 61.59 26.71
N ALA I 139 0.99 61.95 25.63
CA ALA I 139 0.74 63.34 25.27
C ALA I 139 -0.35 63.37 24.21
N LYS I 140 -1.02 64.51 24.12
CA LYS I 140 -2.08 64.70 23.13
C LYS I 140 -1.71 65.74 22.09
N THR I 141 -1.45 66.98 22.52
CA THR I 141 -1.05 68.05 21.61
C THR I 141 -0.52 69.23 22.41
N THR I 142 0.66 69.73 22.05
CA THR I 142 1.23 70.90 22.71
C THR I 142 1.78 71.85 21.67
N PRO I 143 1.35 73.10 21.66
CA PRO I 143 1.83 74.05 20.66
C PRO I 143 3.28 74.42 20.92
N PRO I 144 4.04 74.75 19.88
CA PRO I 144 5.45 75.08 20.09
C PRO I 144 5.64 76.44 20.76
N SER I 145 6.82 76.69 21.30
CA SER I 145 6.95 77.90 22.12
C SER I 145 7.92 79.02 21.75
N VAL I 146 7.58 80.20 22.26
CA VAL I 146 8.45 81.36 22.18
C VAL I 146 9.06 81.76 23.52
N TYR I 147 10.39 81.83 23.50
CA TYR I 147 11.27 82.23 24.59
C TYR I 147 12.62 82.64 24.01
N PRO I 148 12.86 83.92 23.78
CA PRO I 148 14.16 84.34 23.22
C PRO I 148 15.30 84.07 24.18
N LEU I 149 16.51 84.22 23.66
CA LEU I 149 17.74 84.04 24.44
C LEU I 149 18.55 85.33 24.31
N ALA I 150 18.45 86.18 25.32
CA ALA I 150 19.17 87.45 25.36
C ALA I 150 20.59 87.24 25.89
N PRO I 151 21.55 88.03 25.42
CA PRO I 151 22.93 87.91 25.90
C PRO I 151 23.04 88.26 27.38
N GLY I 152 24.22 88.00 27.93
CA GLY I 152 24.47 88.32 29.32
C GLY I 152 24.53 89.81 29.58
N SER I 153 24.27 90.17 30.83
CA SER I 153 24.33 91.58 31.22
C SER I 153 25.77 92.05 31.37
N ALA I 154 26.59 91.26 32.08
CA ALA I 154 28.01 91.56 32.26
C ALA I 154 28.78 90.72 31.25
N ALA I 155 29.16 91.33 30.13
CA ALA I 155 29.87 90.64 29.07
C ALA I 155 30.72 91.64 28.30
N GLN I 156 31.87 91.17 27.82
CA GLN I 156 32.78 92.01 27.07
C GLN I 156 32.35 92.05 25.60
N THR I 157 32.16 93.25 25.07
CA THR I 157 31.73 93.42 23.68
C THR I 157 32.87 93.05 22.74
N ASN I 158 32.69 91.98 21.98
CA ASN I 158 33.66 91.51 21.02
C ASN I 158 33.25 91.93 19.61
N SER I 159 33.98 91.45 18.61
CA SER I 159 33.67 91.81 17.22
C SER I 159 32.41 91.14 16.73
N MET I 160 32.10 89.95 17.23
CA MET I 160 30.91 89.20 16.83
C MET I 160 30.13 88.79 18.06
N VAL I 161 28.90 88.31 17.82
CA VAL I 161 28.04 87.87 18.91
C VAL I 161 27.16 86.73 18.38
N THR I 162 26.92 85.75 19.24
CA THR I 162 26.05 84.64 18.91
C THR I 162 24.62 84.93 19.37
N LEU I 163 23.66 84.32 18.69
CA LEU I 163 22.25 84.56 18.97
C LEU I 163 21.61 83.31 19.58
N GLY I 164 20.38 83.48 20.02
CA GLY I 164 19.66 82.37 20.63
C GLY I 164 18.15 82.50 20.56
N CYS I 165 17.48 81.45 20.10
CA CYS I 165 16.03 81.41 20.04
C CYS I 165 15.59 80.06 20.57
N LEU I 166 14.99 80.04 21.75
CA LEU I 166 14.69 78.82 22.47
C LEU I 166 13.21 78.46 22.32
N VAL I 167 12.95 77.16 22.16
CA VAL I 167 11.60 76.63 22.02
C VAL I 167 11.42 75.49 23.01
N LYS I 168 10.35 75.55 23.80
CA LYS I 168 10.09 74.56 24.82
C LYS I 168 8.66 74.04 24.72
N GLY I 169 8.47 72.79 25.12
CA GLY I 169 7.14 72.24 25.26
C GLY I 169 6.35 72.15 23.98
N TYR I 170 6.76 71.28 23.06
CA TYR I 170 6.01 71.04 21.84
C TYR I 170 5.98 69.55 21.54
N PHE I 171 4.96 69.14 20.79
CA PHE I 171 4.75 67.74 20.46
C PHE I 171 3.69 67.65 19.38
N PRO I 172 3.85 66.78 18.38
CA PRO I 172 5.06 65.97 18.15
C PRO I 172 6.01 66.59 17.13
N GLU I 173 7.05 65.84 16.76
CA GLU I 173 7.97 66.27 15.74
C GLU I 173 7.30 66.26 14.36
N PRO I 174 7.85 67.00 13.38
CA PRO I 174 8.98 67.94 13.50
C PRO I 174 8.54 69.39 13.66
N VAL I 175 9.51 70.29 13.79
CA VAL I 175 9.27 71.73 13.79
C VAL I 175 10.36 72.39 12.95
N THR I 176 10.04 73.59 12.45
CA THR I 176 10.95 74.35 11.60
C THR I 176 11.22 75.70 12.27
N VAL I 177 12.40 75.82 12.87
CA VAL I 177 12.81 77.06 13.52
C VAL I 177 13.90 77.68 12.66
N THR I 178 13.55 78.75 11.95
CA THR I 178 14.47 79.44 11.06
C THR I 178 14.53 80.92 11.44
N TRP I 179 15.43 81.63 10.78
CA TRP I 179 15.57 83.07 10.95
C TRP I 179 14.70 83.77 9.92
N ASN I 180 14.93 85.07 9.69
CA ASN I 180 14.02 85.84 8.84
C ASN I 180 14.14 85.45 7.39
N SER I 181 13.34 84.47 6.97
CA SER I 181 13.27 84.01 5.58
C SER I 181 14.63 83.56 5.06
N GLY I 182 15.49 83.06 5.96
CA GLY I 182 16.80 82.62 5.55
C GLY I 182 17.82 83.72 5.37
N SER I 183 17.53 84.93 5.86
CA SER I 183 18.49 86.03 5.75
C SER I 183 19.80 85.70 6.46
N LEU I 184 19.69 85.11 7.66
CA LEU I 184 20.84 84.67 8.44
C LEU I 184 20.85 83.14 8.43
N SER I 185 21.53 82.56 7.44
CA SER I 185 21.63 81.13 7.30
C SER I 185 23.02 80.58 7.56
N SER I 186 24.07 81.39 7.44
CA SER I 186 25.43 80.94 7.64
C SER I 186 25.75 80.93 9.13
N GLY I 187 26.10 79.75 9.65
CA GLY I 187 26.41 79.60 11.05
C GLY I 187 25.26 79.20 11.94
N VAL I 188 24.17 78.68 11.37
CA VAL I 188 23.05 78.24 12.18
C VAL I 188 23.38 76.88 12.80
N HIS I 189 22.62 76.53 13.83
CA HIS I 189 22.79 75.24 14.51
C HIS I 189 21.44 74.72 14.94
N THR I 190 21.04 73.59 14.37
CA THR I 190 19.77 72.95 14.70
C THR I 190 20.07 71.59 15.31
N PHE I 191 19.74 71.43 16.58
CA PHE I 191 20.07 70.23 17.32
C PHE I 191 18.96 69.20 17.22
N PRO I 192 19.27 67.93 17.49
CA PRO I 192 18.21 66.93 17.60
C PRO I 192 17.32 67.18 18.81
N ALA I 193 16.18 66.50 18.83
CA ALA I 193 15.24 66.65 19.92
C ALA I 193 15.67 65.82 21.12
N VAL I 194 15.57 66.40 22.31
CA VAL I 194 15.89 65.71 23.55
C VAL I 194 14.78 65.98 24.56
N LEU I 195 14.30 64.92 25.20
CA LEU I 195 13.28 65.05 26.25
C LEU I 195 13.86 65.70 27.49
N GLN I 196 12.99 66.38 28.23
CA GLN I 196 13.30 66.86 29.57
C GLN I 196 12.47 66.12 30.62
N SER I 197 11.15 66.27 30.58
CA SER I 197 10.25 65.47 31.39
C SER I 197 9.32 64.63 30.50
N ASP I 198 8.62 65.27 29.57
CA ASP I 198 7.77 64.57 28.62
C ASP I 198 7.71 65.21 27.25
N LEU I 199 8.25 66.43 27.07
CA LEU I 199 8.12 67.17 25.82
C LEU I 199 9.51 67.47 25.25
N TYR I 200 9.52 68.23 24.16
CA TYR I 200 10.74 68.51 23.41
C TYR I 200 11.14 69.97 23.57
N THR I 201 12.45 70.21 23.61
CA THR I 201 12.99 71.54 23.81
C THR I 201 14.17 71.73 22.87
N LEU I 202 14.07 72.69 21.94
CA LEU I 202 15.14 72.99 21.01
C LEU I 202 15.49 74.47 21.06
N SER I 203 16.64 74.79 20.48
CA SER I 203 17.12 76.16 20.36
C SER I 203 17.95 76.27 19.10
N SER I 204 18.05 77.49 18.58
CA SER I 204 18.86 77.78 17.42
C SER I 204 19.82 78.91 17.74
N SER I 205 21.01 78.85 17.16
CA SER I 205 22.03 79.85 17.38
C SER I 205 22.73 80.15 16.07
N VAL I 206 23.34 81.34 16.01
CA VAL I 206 24.10 81.77 14.84
C VAL I 206 25.01 82.91 15.28
N THR I 207 26.18 83.00 14.66
CA THR I 207 27.16 84.01 14.98
C THR I 207 27.00 85.19 14.04
N VAL I 208 26.82 86.38 14.60
CA VAL I 208 26.71 87.61 13.81
C VAL I 208 27.68 88.64 14.36
N PRO I 209 28.23 89.51 13.52
CA PRO I 209 29.10 90.57 14.03
C PRO I 209 28.34 91.51 14.95
N SER I 210 29.03 91.98 16.00
CA SER I 210 28.40 92.87 16.96
C SER I 210 28.15 94.26 16.40
N SER I 211 28.76 94.61 15.26
CA SER I 211 28.58 95.92 14.66
C SER I 211 27.28 96.05 13.90
N THR I 212 26.49 94.98 13.78
CA THR I 212 25.25 94.98 13.02
C THR I 212 24.01 94.70 13.86
N TRP I 213 24.15 93.91 14.94
CA TRP I 213 23.00 93.54 15.74
C TRP I 213 22.22 94.73 16.30
N PRO I 214 22.84 95.77 16.88
CA PRO I 214 22.04 96.89 17.40
C PRO I 214 21.34 97.70 16.31
N SER I 215 21.59 97.35 15.04
CA SER I 215 21.03 98.09 13.92
C SER I 215 20.04 97.28 13.11
N GLU I 216 20.37 96.04 12.76
CA GLU I 216 19.52 95.24 11.90
C GLU I 216 18.42 94.54 12.70
N THR I 217 17.22 94.52 12.14
CA THR I 217 16.10 93.84 12.77
C THR I 217 16.15 92.36 12.42
N VAL I 218 16.33 91.52 13.44
CA VAL I 218 16.42 90.07 13.27
C VAL I 218 15.37 89.41 14.14
N THR I 219 14.66 88.44 13.58
CA THR I 219 13.58 87.76 14.28
C THR I 219 13.56 86.29 13.89
N CYS I 220 13.62 85.42 14.89
CA CYS I 220 13.55 83.98 14.64
C CYS I 220 12.10 83.56 14.46
N ASN I 221 11.87 82.67 13.49
CA ASN I 221 10.54 82.18 13.16
C ASN I 221 10.45 80.69 13.44
N VAL I 222 9.28 80.26 13.93
CA VAL I 222 9.03 78.86 14.26
C VAL I 222 7.83 78.40 13.45
N ALA I 223 7.99 77.29 12.74
CA ALA I 223 6.94 76.72 11.90
C ALA I 223 6.66 75.29 12.35
N HIS I 224 5.38 75.02 12.65
CA HIS I 224 4.94 73.69 13.07
C HIS I 224 3.79 73.26 12.19
N PRO I 225 4.04 72.40 11.20
CA PRO I 225 2.95 71.99 10.30
C PRO I 225 1.85 71.19 11.00
N ALA I 226 2.22 70.33 11.96
CA ALA I 226 1.23 69.48 12.60
C ALA I 226 0.23 70.29 13.43
N SER I 227 0.60 71.50 13.85
CA SER I 227 -0.31 72.35 14.60
C SER I 227 -0.68 73.63 13.87
N SER I 228 -0.12 73.85 12.68
CA SER I 228 -0.36 75.07 11.90
C SER I 228 -0.05 76.32 12.73
N THR I 229 1.18 76.37 13.22
CA THR I 229 1.63 77.43 14.11
C THR I 229 2.79 78.17 13.47
N LYS I 230 2.57 79.42 13.09
CA LYS I 230 3.57 80.27 12.46
C LYS I 230 3.74 81.49 13.35
N VAL I 231 4.72 81.44 14.25
CA VAL I 231 4.93 82.47 15.25
C VAL I 231 6.39 82.91 15.22
N ASP I 232 6.61 84.21 15.20
CA ASP I 232 7.94 84.80 15.30
C ASP I 232 7.96 85.81 16.43
N LYS I 233 9.15 86.08 16.95
CA LYS I 233 9.30 87.02 18.05
C LYS I 233 10.64 87.73 17.92
N LYS I 234 10.59 89.05 17.79
CA LYS I 234 11.80 89.85 17.63
C LYS I 234 12.64 89.81 18.90
N ILE I 235 13.94 89.64 18.72
CA ILE I 235 14.89 89.63 19.82
C ILE I 235 15.55 91.00 19.90
N VAL I 236 15.44 91.64 21.06
CA VAL I 236 16.00 92.97 21.27
C VAL I 236 17.01 92.92 22.40
N PRO I 237 18.08 93.72 22.37
CA PRO I 237 19.03 93.74 23.48
C PRO I 237 18.40 94.30 24.75
N ARG I 238 19.15 94.19 25.85
CA ARG I 238 18.69 94.70 27.13
C ARG I 238 19.09 96.16 27.31
C1 NAG J . -25.46 -11.60 -3.42
C2 NAG J . -26.61 -12.31 -2.77
C3 NAG J . -27.89 -12.01 -3.47
C4 NAG J . -28.05 -10.54 -3.67
C5 NAG J . -26.81 -10.02 -4.31
C6 NAG J . -26.93 -8.56 -4.57
C7 NAG J . -26.41 -14.46 -1.60
C8 NAG J . -26.08 -15.91 -1.61
N2 NAG J . -26.36 -13.72 -2.81
O3 NAG J . -28.91 -12.47 -2.67
O4 NAG J . -29.14 -10.27 -4.46
O5 NAG J . -25.75 -10.27 -3.48
O6 NAG J . -26.88 -7.88 -3.37
O7 NAG J . -26.74 -13.91 -0.57
C1 NAG J . -30.21 -9.72 -3.67
C2 NAG J . -31.15 -9.04 -4.60
C3 NAG J . -32.38 -8.57 -3.90
C4 NAG J . -32.97 -9.67 -3.11
C5 NAG J . -31.91 -10.27 -2.24
C6 NAG J . -32.47 -11.42 -1.46
C7 NAG J . -30.51 -7.85 -6.67
C8 NAG J . -30.99 -9.00 -7.49
N2 NAG J . -30.51 -7.94 -5.24
O3 NAG J . -33.29 -8.18 -4.86
O4 NAG J . -34.02 -9.20 -2.35
O5 NAG J . -30.89 -10.73 -3.03
O6 NAG J . -32.99 -12.34 -2.36
O7 NAG J . -29.99 -6.89 -7.23
C1 BMA J . -35.25 -9.81 -2.80
C2 BMA J . -36.23 -9.86 -1.61
C3 BMA J . -37.58 -10.39 -2.07
C4 BMA J . -38.08 -9.67 -3.33
C5 BMA J . -37.00 -9.72 -4.41
C6 BMA J . -37.41 -8.99 -5.67
O2 BMA J . -36.46 -8.55 -1.11
O3 BMA J . -38.56 -10.29 -1.04
O4 BMA J . -39.25 -10.30 -3.80
O5 BMA J . -35.81 -9.09 -3.89
O6 BMA J . -38.64 -9.56 -6.12
C1 NAG K . 22.21 24.98 -6.69
C2 NAG K . 23.02 26.07 -6.08
C3 NAG K . 23.47 27.04 -7.13
C4 NAG K . 24.14 26.29 -8.23
C5 NAG K . 23.23 25.21 -8.71
C6 NAG K . 23.88 24.44 -9.81
C7 NAG K . 22.83 26.92 -3.79
C8 NAG K . 22.02 27.55 -2.70
N2 NAG K . 22.25 26.72 -5.08
O3 NAG K . 24.37 27.89 -6.54
O4 NAG K . 24.42 27.15 -9.29
O5 NAG K . 22.95 24.37 -7.66
O6 NAG K . 24.98 23.80 -9.32
O7 NAG K . 23.97 26.57 -3.58
C1 NAG K . 25.84 27.39 -9.37
C2 NAG K . 26.10 27.81 -10.78
C3 NAG K . 27.50 28.29 -10.98
C4 NAG K . 27.85 29.29 -9.94
C5 NAG K . 27.55 28.73 -8.60
C6 NAG K . 27.90 29.70 -7.52
C7 NAG K . 25.13 26.93 -12.88
C8 NAG K . 24.43 28.22 -13.14
N2 NAG K . 25.86 26.71 -11.68
O3 NAG K . 27.56 28.90 -12.21
O4 NAG K . 29.18 29.66 -10.03
O5 NAG K . 26.20 28.43 -8.54
O6 NAG K . 27.12 30.82 -7.67
O7 NAG K . 24.99 26.00 -13.67
C1 BMA K . 29.28 31.01 -10.52
C2 BMA K . 30.54 31.66 -9.92
C3 BMA K . 30.77 33.04 -10.52
C4 BMA K . 30.70 33.01 -12.05
C5 BMA K . 29.38 32.37 -12.49
C6 BMA K . 29.26 32.26 -14.00
O2 BMA K . 31.68 30.87 -10.23
O3 BMA K . 32.03 33.58 -10.12
O4 BMA K . 30.76 34.33 -12.57
O5 BMA K . 29.32 31.05 -11.95
O6 BMA K . 30.33 31.48 -14.48
C1 NAG L . 31.94 -7.65 -21.18
C2 NAG L . 33.43 -7.81 -21.19
C3 NAG L . 33.97 -7.84 -22.58
C4 NAG L . 33.19 -8.79 -23.41
C5 NAG L . 31.74 -8.45 -23.30
C6 NAG L . 30.96 -9.36 -24.19
C7 NAG L . 35.06 -7.00 -19.54
C8 NAG L . 35.70 -5.88 -18.79
N2 NAG L . 34.00 -6.72 -20.46
O3 NAG L . 35.27 -8.29 -22.52
O4 NAG L . 33.59 -8.73 -24.73
O5 NAG L . 31.37 -8.60 -21.99
O6 NAG L . 31.30 -10.66 -23.93
O7 NAG L . 35.44 -8.15 -19.36
CAA Y01 M . 36.60 -11.71 13.93
CBA Y01 M . 36.45 -12.22 15.37
CAB Y01 M . 37.19 -13.54 15.52
CAN Y01 M . 37.05 -11.17 16.35
CAJ Y01 M . 36.60 -11.51 17.81
CAO Y01 M . 37.41 -10.65 18.82
CBB Y01 M . 38.28 -11.63 19.78
CAC Y01 M . 39.33 -12.38 18.87
CBE Y01 M . 38.95 -10.94 20.75
CAP Y01 M . 38.31 -9.49 21.06
CAQ Y01 M . 38.71 -9.20 22.81
CBG Y01 M . 39.52 -10.62 23.27
CBI Y01 M . 38.86 -11.75 22.25
CAE Y01 M . 37.33 -11.80 22.54
CAU Y01 M . 39.27 -12.91 22.41
CAS Y01 M . 39.49 -13.22 23.52
CBF Y01 M . 40.27 -12.11 24.32
CBD Y01 M . 39.62 -10.92 24.23
CAK Y01 M . 40.18 -10.01 24.92
CAI Y01 M . 40.40 -10.45 26.51
CAZ Y01 M . 40.88 -11.76 26.72
CAV Y01 M . 41.22 -12.29 28.17
CBH Y01 M . 40.44 -12.66 25.93
CAD Y01 M . 39.05 -13.09 26.42
CAT Y01 M . 41.41 -14.00 25.92
CAR Y01 M . 41.74 -14.51 27.30
CBC Y01 M . 42.20 -13.52 28.12
OAW Y01 M . 42.36 -14.07 29.50
CAA Y01 N . 32.53 -32.49 12.78
CBA Y01 N . 33.31 -31.16 12.79
CAB Y01 N . 32.69 -30.21 11.75
CAN Y01 N . 33.22 -30.50 14.20
CAJ Y01 N . 33.40 -31.58 15.30
CAO Y01 N . 33.02 -30.97 16.69
CBB Y01 N . 31.82 -31.83 17.39
CAC Y01 N . 30.96 -32.52 16.28
CBE Y01 N . 32.32 -32.78 18.25
CAP Y01 N . 33.78 -32.40 18.83
CAQ Y01 N . 33.82 -33.07 20.50
CBG Y01 N . 32.29 -33.81 20.68
CBI Y01 N . 31.35 -32.89 19.67
CAE Y01 N . 31.35 -31.45 20.22
CAU Y01 N . 30.15 -33.25 19.63
CAS Y01 N . 29.69 -33.62 20.64
CBF Y01 N . 30.65 -34.60 21.42
CBD Y01 N . 31.88 -34.04 21.55
CAK Y01 N . 32.66 -34.75 22.26
CAI Y01 N . 32.00 -35.20 23.72
CAZ Y01 N . 30.66 -35.60 23.69
CAV Y01 N . 29.94 -36.15 24.99
CBH Y01 N . 29.90 -34.96 22.90
CAD Y01 N . 29.52 -33.63 23.56
CAT Y01 N . 28.49 -35.78 22.59
CAR Y01 N . 27.79 -36.23 23.85
CBC Y01 N . 28.63 -36.95 24.65
OAW Y01 N . 27.92 -37.27 25.93
NA NA O . 15.00 -12.34 24.72
N1 NCT P . 11.66 -10.21 -39.96
C1 NCT P . 12.79 -10.45 -39.25
C2 NCT P . 13.33 -11.74 -39.08
C3 NCT P . 12.63 -12.80 -39.66
C4 NCT P . 11.47 -12.58 -40.39
C5 NCT P . 11.02 -11.27 -40.52
N2 NCT P . 15.44 -10.74 -38.39
C6 NCT P . 14.58 -11.97 -38.29
C7 NCT P . 14.44 -12.10 -36.80
C8 NCT P . 15.74 -11.65 -36.18
C9 NCT P . 16.31 -10.66 -37.18
C10 NCT P . 16.30 -11.07 -39.52
C1 NAG Q . 2.60 -31.31 -19.22
C2 NAG Q . 2.95 -32.77 -19.34
C3 NAG Q . 2.25 -33.43 -20.49
C4 NAG Q . 0.82 -33.04 -20.54
C5 NAG Q . 0.69 -31.56 -20.45
C6 NAG Q . -0.75 -31.17 -20.52
C7 NAG Q . 5.04 -33.99 -18.87
C8 NAG Q . 6.51 -34.16 -19.06
N2 NAG Q . 4.36 -32.90 -19.50
O3 NAG Q . 2.32 -34.79 -20.29
O4 NAG Q . 0.23 -33.50 -21.71
O5 NAG Q . 1.23 -31.15 -19.27
O6 NAG Q . -1.37 -31.55 -19.35
O7 NAG Q . 4.43 -34.76 -18.16
N1 NCT R . -15.76 -15.44 -32.99
C1 NCT R . -15.23 -16.30 -32.10
C2 NCT R . -15.65 -17.65 -31.98
C3 NCT R . -16.67 -18.08 -32.84
C4 NCT R . -17.23 -17.20 -33.76
C5 NCT R . -16.75 -15.89 -33.82
N2 NCT R . -13.53 -18.42 -31.02
C6 NCT R . -15.03 -18.58 -30.98
C7 NCT R . -15.28 -18.28 -29.55
C8 NCT R . -14.10 -18.79 -28.76
C9 NCT R . -12.98 -18.88 -29.75
C10 NCT R . -13.16 -19.46 -31.96
CAA Y01 S . -1.53 -35.12 21.95
CBA Y01 S . -0.06 -35.06 21.57
CAB Y01 S . 0.37 -33.60 21.32
CAN Y01 S . 0.81 -35.69 22.71
CAJ Y01 S . 1.00 -34.66 23.86
CAO Y01 S . 1.66 -35.37 25.09
CBB Y01 S . 0.85 -34.97 26.43
CAC Y01 S . -0.69 -35.17 26.15
CBE Y01 S . 1.22 -35.75 27.49
CAP Y01 S . 2.73 -36.32 27.37
CAQ Y01 S . 3.32 -36.46 29.07
CBG Y01 S . 1.99 -35.91 30.00
CBI Y01 S . 1.26 -34.84 28.95
CAE Y01 S . 2.29 -33.72 28.65
CAU Y01 S . 0.25 -34.28 29.41
CAS Y01 S . 0.29 -34.01 30.54
CBF Y01 S . 0.84 -35.19 31.43
CBD Y01 S . 2.05 -35.62 30.95
CAK Y01 S . 2.58 -36.51 31.67
CAI Y01 S . 2.64 -36.10 33.28
CAZ Y01 S . 1.49 -35.47 33.81
CAV Y01 S . 1.38 -35.12 35.34
CBH Y01 S . 0.89 -34.64 33.04
CAD Y01 S . 1.66 -33.32 33.06
CAT Y01 S . -0.65 -34.35 33.53
CAR Y01 S . -0.73 -33.95 35.00
CBC Y01 S . -0.11 -34.86 35.80
OAW Y01 S . -0.11 -34.35 37.20
CAA Y01 T . 23.06 -31.14 14.28
CBA Y01 T . 22.40 -31.45 15.62
CAB Y01 T . 21.46 -32.66 15.46
CAN Y01 T . 23.49 -31.78 16.68
CAJ Y01 T . 22.81 -32.20 18.01
CAO Y01 T . 23.70 -33.27 18.72
CBB Y01 T . 22.81 -34.16 19.74
CAC Y01 T . 21.35 -34.27 19.18
CBE Y01 T . 23.32 -35.42 19.89
CAP Y01 T . 24.89 -35.52 19.48
CAQ Y01 T . 25.58 -36.79 20.57
CBG Y01 T . 24.25 -37.27 21.50
CBI Y01 T . 23.31 -35.91 21.54
CAE Y01 T . 24.13 -34.80 22.24
CAU Y01 T . 22.26 -36.02 22.18
CAS Y01 T . 22.31 -36.68 23.14
CBF Y01 T . 23.11 -38.01 22.94
CBD Y01 T . 24.33 -37.76 22.38
CAK Y01 T . 25.05 -38.79 22.27
CAI Y01 T . 25.19 -39.64 23.69
CAZ Y01 T . 24.00 -39.80 24.42
CAV Y01 T . 23.96 -40.68 25.75
CBH Y01 T . 23.21 -38.81 24.45
CAD Y01 T . 23.72 -37.80 25.47
CAT Y01 T . 21.67 -39.25 24.88
CAR Y01 T . 21.64 -40.08 26.15
CBC Y01 T . 22.50 -41.14 26.09
OAW Y01 T . 22.51 -41.82 27.42
CAA Y01 U . -3.06 -29.06 24.14
CBA Y01 U . -2.85 -28.11 25.32
CAB Y01 U . -4.21 -27.55 25.78
CAN Y01 U . -2.17 -28.88 26.50
CAJ Y01 U . -2.32 -28.09 27.82
CAO Y01 U . -1.39 -28.72 28.91
CBB Y01 U . -1.80 -28.18 30.38
CAC Y01 U . -2.47 -26.77 30.26
CBE Y01 U . -2.66 -29.05 31.02
CAP Y01 U . -2.51 -30.57 30.47
CAQ Y01 U . -2.83 -31.62 31.91
CBG Y01 U . -3.20 -30.50 33.15
CBI Y01 U . -2.32 -29.17 32.69
CAE Y01 U . -0.82 -29.57 32.71
CAU Y01 U . -2.43 -28.20 33.46
CAS Y01 U . -2.50 -28.46 34.60
CBF Y01 U . -3.46 -29.65 34.91
CBD Y01 U . -3.16 -30.72 34.13
CAK Y01 U . -3.88 -31.73 34.39
CAI Y01 U . -3.84 -32.15 35.99
CAZ Y01 U . -3.95 -31.08 36.90
CAV Y01 U . -4.00 -31.33 38.46
CBH Y01 U . -3.36 -30.00 36.59
CAD Y01 U . -1.88 -30.13 36.93
CAT Y01 U . -3.96 -28.70 37.41
CAR Y01 U . -4.02 -28.93 38.90
CBC Y01 U . -4.64 -30.10 39.23
OAW Y01 U . -4.50 -30.33 40.70
CAA Y01 V . -7.31 -4.61 37.61
CBA Y01 V . -6.98 -6.04 37.18
CAB Y01 V . -5.51 -6.13 36.74
CAN Y01 V . -7.31 -7.04 38.33
CAJ Y01 V . -6.03 -7.70 38.90
CAO Y01 V . -6.42 -8.66 40.07
CBB Y01 V . -5.60 -8.23 41.41
CAC Y01 V . -5.79 -6.68 41.62
CBE Y01 V . -6.06 -8.90 42.51
CAP Y01 V . -6.74 -10.32 42.13
CAQ Y01 V . -6.40 -11.40 43.55
CBG Y01 V . -5.49 -10.40 44.59
CBI Y01 V . -4.77 -9.34 43.55
CAE Y01 V . -3.85 -10.16 42.61
CAU Y01 V . -4.05 -8.48 44.10
CAS Y01 V . -3.43 -8.86 45.01
CBF Y01 V . -4.23 -9.79 45.99
CBD Y01 V . -4.90 -10.76 45.32
CAK Y01 V . -5.54 -11.53 46.10
CAI Y01 V . -4.59 -12.15 47.32
CAZ Y01 V . -3.69 -11.26 47.91
CAV Y01 V . -2.76 -11.70 49.12
CBH Y01 V . -3.14 -10.41 47.14
CAD Y01 V . -2.02 -11.11 46.38
CAT Y01 V . -2.47 -9.13 47.97
CAR Y01 V . -1.58 -9.58 49.10
CBC Y01 V . -2.20 -10.48 49.92
OAW Y01 V . -1.22 -10.95 50.94
N1 NCT W . -5.86 30.51 -20.50
C1 NCT W . -5.90 30.46 -19.14
C2 NCT W . -5.83 31.61 -18.33
C3 NCT W . -5.71 32.84 -18.97
C4 NCT W . -5.67 32.92 -20.35
C5 NCT W . -5.76 31.73 -21.09
N2 NCT W . -7.16 30.83 -16.45
C6 NCT W . -5.88 31.51 -16.83
C7 NCT W . -4.90 30.60 -16.17
C8 NCT W . -5.50 30.16 -14.86
C9 NCT W . -6.99 30.29 -15.07
C10 NCT W . -8.08 31.97 -16.36
C1 NAG X . -13.97 22.48 4.73
C2 NAG X . -14.82 23.10 5.79
C3 NAG X . -15.61 24.25 5.26
C4 NAG X . -14.73 25.17 4.50
C5 NAG X . -13.97 24.39 3.49
C6 NAG X . -13.14 25.32 2.67
C7 NAG X . -15.90 22.00 7.71
C8 NAG X . -16.85 20.99 8.27
N2 NAG X . -15.71 22.10 6.31
O3 NAG X . -16.13 24.95 6.34
O4 NAG X . -15.46 26.18 3.90
O5 NAG X . -13.20 23.47 4.14
O6 NAG X . -12.37 26.10 3.51
O7 NAG X . -15.30 22.75 8.46
CAA Y01 Y . -4.11 2.39 32.45
CBA Y01 Y . -2.90 1.93 33.26
CAB Y01 Y . -2.43 3.08 34.17
CAN Y01 Y . -3.27 0.69 34.12
CAJ Y01 Y . -2.11 0.35 35.09
CAO Y01 Y . -2.48 -0.90 35.94
CBB Y01 Y . -2.15 -0.60 37.50
CAC Y01 Y . -2.72 0.81 37.87
CBE Y01 Y . -2.72 -1.54 38.33
CAP Y01 Y . -2.99 -2.95 37.57
CAQ Y01 Y . -2.82 -4.20 38.85
CBG Y01 Y . -2.40 -3.31 40.25
CBI Y01 Y . -1.65 -1.97 39.61
CAE Y01 Y . -0.39 -2.47 38.86
CAU Y01 Y . -1.26 -1.14 40.44
CAS Y01 Y . -0.86 -1.59 41.44
CBF Y01 Y . -1.74 -2.76 42.01
CBD Y01 Y . -1.95 -3.70 41.05
CAK Y01 Y . -2.56 -4.71 41.48
CAI Y01 Y . -1.88 -5.37 42.84
CAZ Y01 Y . -1.48 -4.45 43.82
CAV Y01 Y . -0.92 -4.93 45.22
CBH Y01 Y . -0.96 -3.36 43.41
CAD Y01 Y . 0.49 -3.63 43.04
CAT Y01 Y . -1.00 -2.17 44.57
CAR Y01 Y . -0.45 -2.64 45.90
CBC Y01 Y . -1.03 -3.80 46.31
OAW Y01 Y . -0.35 -4.25 47.56
CAA Y01 Z . 12.59 13.53 36.90
CBA Y01 Z . 12.51 12.94 38.32
CAB Y01 Z . 11.69 11.65 38.30
CAN Y01 Z . 13.96 12.66 38.83
CAJ Y01 Z . 14.62 11.56 37.97
CAO Y01 Z . 15.14 10.41 38.90
CBB Y01 Z . 16.72 10.11 38.64
CAC Y01 Z . 17.13 10.60 37.21
CBE Y01 Z . 17.51 10.72 39.57
CAP Y01 Z . 16.70 11.23 40.88
CAQ Y01 Z . 17.88 11.09 42.25
CBG Y01 Z . 19.27 10.44 41.51
CBI Y01 Z . 18.65 9.61 40.21
CAE Y01 Z . 17.74 8.49 40.78
CAU Y01 Z . 19.51 9.06 39.51
CAS Y01 Z . 20.40 8.57 40.08
CBF Y01 Z . 20.98 9.45 41.24
CBD Y01 Z . 19.99 9.95 42.01
CAK Y01 Z . 20.44 10.66 42.96
CAI Y01 Z . 21.56 9.85 43.88
CAZ Y01 Z . 22.51 9.09 43.17
CAV Y01 Z . 23.67 8.31 43.91
CBH Y01 Z . 22.09 8.50 42.12
CAD Y01 Z . 21.36 7.22 42.54
CAT Y01 Z . 23.33 8.07 41.11
CAR Y01 Z . 24.42 7.31 41.82
CBC Y01 Z . 24.85 7.98 42.93
OAW Y01 Z . 25.85 7.11 43.65
CAA Y01 AA . 40.64 -5.94 21.64
CBA Y01 AA . 39.56 -4.87 21.76
CAB Y01 AA . 38.17 -5.52 21.77
CAN Y01 AA . 39.78 -4.04 23.05
CAJ Y01 AA . 39.25 -4.83 24.28
CAO Y01 AA . 39.90 -4.29 25.58
CBB Y01 AA . 40.53 -5.53 26.42
CAC Y01 AA . 41.51 -6.32 25.47
CBE Y01 AA . 41.22 -5.10 27.53
CAP Y01 AA . 40.75 -3.64 28.02
CAQ Y01 AA . 41.03 -3.66 29.81
CBG Y01 AA . 41.60 -5.25 30.11
CBI Y01 AA . 40.91 -6.11 28.87
CAE Y01 AA . 39.37 -6.01 29.04
CAU Y01 AA . 41.19 -7.32 28.88
CAS Y01 AA . 41.25 -7.82 29.93
CBF Y01 AA . 42.04 -6.96 30.98
CBD Y01 AA . 41.59 -5.68 31.01
CAK Y01 AA . 42.20 -4.98 31.87
CAI Y01 AA . 42.21 -5.67 33.39
CAZ Y01 AA . 42.43 -7.05 33.43
CAV Y01 AA . 42.51 -7.83 34.81
CBH Y01 AA . 41.91 -7.74 32.50
CAD Y01 AA . 40.43 -7.94 32.81
CAT Y01 AA . 42.61 -9.25 32.36
CAR Y01 AA . 42.68 -9.98 33.68
CBC Y01 AA . 43.25 -9.21 34.66
OAW Y01 AA . 43.17 -9.95 35.95
CAA Y01 BA . 19.04 10.30 29.67
CBA Y01 BA . 20.38 9.73 30.14
CAB Y01 BA . 21.53 10.55 29.53
CAN Y01 BA . 20.47 9.80 31.70
CAJ Y01 BA . 21.62 8.86 32.19
CAO Y01 BA . 21.94 9.19 33.67
CBB Y01 BA . 23.52 8.95 33.96
CAC Y01 BA . 24.34 9.47 32.72
CBE Y01 BA . 23.95 9.63 35.08
CAP Y01 BA . 22.74 10.04 36.07
CAQ Y01 BA . 23.47 10.00 37.72
CBG Y01 BA . 25.09 9.55 37.42
CBI Y01 BA . 24.95 8.64 36.05
CAE Y01 BA . 24.04 7.42 36.40
CAU Y01 BA . 26.02 8.17 35.64
CAS Y01 BA . 26.79 7.83 36.46
CBF Y01 BA . 26.93 8.89 37.61
CBD Y01 BA . 25.71 9.19 38.13
CAK Y01 BA . 25.78 9.98 39.12
CAI Y01 BA . 26.85 9.48 40.29
CAZ Y01 BA . 28.08 8.99 39.82
CAV Y01 BA . 29.26 8.62 40.81
CBH Y01 BA . 28.05 8.28 38.75
CAD Y01 BA . 27.61 6.87 39.13
CAT Y01 BA . 29.52 8.20 38.01
CAR Y01 BA . 30.64 7.86 38.97
CBC Y01 BA . 30.65 8.67 40.07
OAW Y01 BA . 31.71 8.21 41.01
#